data_8UPX
#
_entry.id   8UPX
#
_cell.length_a   1.00
_cell.length_b   1.00
_cell.length_c   1.00
_cell.angle_alpha   90.00
_cell.angle_beta   90.00
_cell.angle_gamma   90.00
#
_symmetry.space_group_name_H-M   'P 1'
#
loop_
_entity.id
_entity.type
_entity.pdbx_description
1 polymer 'Spike glycoprotein,SARS-CoV-2 omicron spike with MERS RBD'
2 branched 2-acetamido-2-deoxy-beta-D-glucopyranose-(1-4)-2-acetamido-2-deoxy-beta-D-glucopyranose
3 non-polymer 2-acetamido-2-deoxy-beta-D-glucopyranose
#
_entity_poly.entity_id   1
_entity_poly.type   'polypeptide(L)'
_entity_poly.pdbx_seq_one_letter_code
;QCVNLTTRTQLPPAYTNSFTRGVYYPDKVFRSSVLHSTQDLFLPFFSNVTWFHVISGTNGTKRFDNPVLPFNDGVYFASI
EKSNIIRGWIFGTTLDSKTQSLLIVNNATNVVIKVCEFQFCNDPFLDHKNNKSWMESEFRVYSSANNCTFEYVSQPFLMD
LEGKQGNFKNLREFVFKNIDGYFKIYSKHTPIIVREPEDLPQGFSALEPLVDLPIGINITRFQTLLALHRSYLTPGDSSS
GWTAGAAAYYVGYLQPRTFLLKYNENGTITDAVDCALDPLSETKCTLKSFTVEKGIYQTSNFRVQPTESIVRFPQAEGVE
CDFSPLLSGTPPQVYNFKRLVFTNCNYNLTKLLSLFSVNDFTCSQISPAAIASNCYSSLILDYFSYPLSMKSDLSVSSAG
PISQFNYKQSFSNPTCLILATVPHNLTTITKPLKYSYINKCSRLLSDDRTEVPQLVNANQYSPCVSIVPSTVWEDGDYYR
KQLSPLEGGGWLVASGSTVAMTEQLQMGFGITVQYGTDTNSVCPKLCGPKKSTNLVKNKCVNFNFNGLKGTGVLTESNKK
FLPFQQFGRDIADTTDAVRDPQTLEILDITPCSFGGVSVITPGTNTSNQVAVLYQGVNCTEVPVAIHADQLTPTWRVYST
GSNVFQTRAGCLIGAEYVNNSYECDIPIGAGICASYQTQTKSHGSASSVASQSIIAYTMSLGAENSVAYSNNSIAIPTNF
TISVTTEILPVSMTKTSVDCTMYICGDSTECSNLLLQYGSFCTQLKRALTGIAVEQDKNTQEVFAQVKQIYKTPPIKYFG
GFNFSQILPDPSKPSKRSPIEDLLFNKVTLADAGFIKQYGDCLGDIAARDLICAQKFKGLTVLPPLLTDEMIAQYTSALL
AGTITSGWTFGAGPALQIPFPMQMAYRFNGIGVTQNVLYENQKLIANQFNSAIGKIQDSLSSTPSALGKLQDVVNHNAQA
LNTLVKQLSSKFGAISSVLNDIFSRLDPPEAEVQIDRLITGRLQSLQTYVTQQLIRAAEIRASANLAATKMSECVLGQSK
RVDFCGKGYHLMSFPQSAPHGVVFLHVTYVPAQEKNFTTAPAICHDGKAHFPREGVFVSNGTHWFVTQRNFYEPQIITTD
NTFVSGNCDVVIGIVNNTVYDPLQPELDSFKEELDKYFKNHTSPDVDLGDISGINASVVNIQKEIDRLNEVAKNLNESLI
DLQELGKYEQYIKGSGYIPEAPRDGQAYVRKDGEWVLLSTFLGHHHHHH
;
_entity_poly.pdbx_strand_id   A,B,C
#
loop_
_chem_comp.id
_chem_comp.type
_chem_comp.name
_chem_comp.formula
NAG D-saccharide, beta linking 2-acetamido-2-deoxy-beta-D-glucopyranose 'C8 H15 N O6'
#
# COMPACT_ATOMS: atom_id res chain seq x y z
N GLN A 1 19.85 64.58 -46.04
CA GLN A 1 20.13 63.31 -45.37
C GLN A 1 19.78 63.40 -43.89
N CYS A 2 20.49 64.25 -43.15
CA CYS A 2 20.33 64.39 -41.71
C CYS A 2 19.16 65.32 -41.42
N VAL A 3 17.95 64.80 -41.67
CA VAL A 3 16.72 65.54 -41.44
C VAL A 3 16.40 65.46 -39.95
N ASN A 4 16.62 66.56 -39.24
CA ASN A 4 16.33 66.65 -37.81
C ASN A 4 15.02 67.39 -37.53
N LEU A 5 14.05 67.28 -38.43
CA LEU A 5 12.73 67.87 -38.20
C LEU A 5 11.99 67.03 -37.18
N THR A 6 12.16 67.32 -35.89
CA THR A 6 11.58 66.47 -34.87
C THR A 6 10.07 66.67 -34.79
N THR A 7 9.65 67.85 -34.31
CA THR A 7 8.29 68.39 -34.48
C THR A 7 7.21 67.32 -34.47
N ARG A 8 7.27 66.39 -33.54
CA ARG A 8 6.37 65.25 -33.53
C ARG A 8 5.48 65.30 -32.31
N THR A 9 4.52 64.38 -32.26
CA THR A 9 3.52 64.35 -31.21
C THR A 9 4.13 63.74 -29.95
N GLN A 10 4.41 64.59 -28.97
CA GLN A 10 5.02 64.16 -27.70
C GLN A 10 4.03 63.57 -26.73
N LEU A 11 2.76 63.39 -27.11
CA LEU A 11 1.79 62.88 -26.17
C LEU A 11 2.14 61.43 -25.80
N PRO A 12 1.73 60.97 -24.62
CA PRO A 12 1.97 59.58 -24.25
C PRO A 12 1.29 58.65 -25.25
N PRO A 13 1.85 57.46 -25.45
CA PRO A 13 1.30 56.56 -26.47
C PRO A 13 -0.15 56.21 -26.20
N ALA A 14 -0.91 56.00 -27.27
CA ALA A 14 -2.31 55.60 -27.18
C ALA A 14 -2.39 54.08 -27.06
N TYR A 15 -2.09 53.59 -25.85
CA TYR A 15 -2.14 52.16 -25.58
C TYR A 15 -3.49 51.58 -25.97
N THR A 16 -3.48 50.65 -26.92
CA THR A 16 -4.70 50.03 -27.39
C THR A 16 -4.76 48.57 -26.93
N ASN A 17 -5.97 48.02 -26.93
CA ASN A 17 -6.19 46.67 -26.44
C ASN A 17 -5.79 45.65 -27.49
N SER A 18 -5.01 44.66 -27.07
CA SER A 18 -4.52 43.60 -27.95
C SER A 18 -5.50 42.44 -27.89
N PHE A 19 -6.38 42.36 -28.88
CA PHE A 19 -7.41 41.33 -28.91
C PHE A 19 -6.82 39.97 -29.27
N THR A 20 -6.48 39.17 -28.27
CA THR A 20 -6.01 37.78 -28.41
C THR A 20 -4.99 37.61 -29.55
N ARG A 21 -3.91 38.39 -29.46
CA ARG A 21 -2.80 38.28 -30.39
C ARG A 21 -1.53 37.91 -29.64
N GLY A 22 -0.57 37.36 -30.37
CA GLY A 22 0.74 37.09 -29.82
C GLY A 22 1.00 35.64 -29.49
N VAL A 23 0.49 34.73 -30.30
CA VAL A 23 0.68 33.30 -30.10
C VAL A 23 1.62 32.78 -31.19
N TYR A 24 2.69 32.12 -30.77
CA TYR A 24 3.71 31.64 -31.68
C TYR A 24 4.10 30.21 -31.33
N TYR A 25 4.62 29.49 -32.32
CA TYR A 25 4.94 28.08 -32.16
C TYR A 25 6.09 27.92 -31.20
N PRO A 26 5.94 27.15 -30.12
CA PRO A 26 7.02 27.03 -29.13
C PRO A 26 8.10 26.03 -29.50
N ASP A 27 7.93 25.24 -30.55
CA ASP A 27 8.91 24.21 -30.89
C ASP A 27 8.78 23.88 -32.38
N LYS A 28 9.43 22.78 -32.77
CA LYS A 28 9.49 22.34 -34.16
C LYS A 28 9.01 20.89 -34.22
N VAL A 29 7.86 20.64 -33.60
CA VAL A 29 7.36 19.29 -33.36
C VAL A 29 5.89 19.22 -33.76
N PHE A 30 5.51 18.08 -34.35
CA PHE A 30 4.15 17.87 -34.83
C PHE A 30 3.33 17.15 -33.77
N ARG A 31 2.16 17.71 -33.45
CA ARG A 31 1.17 17.07 -32.60
C ARG A 31 -0.20 17.24 -33.24
N SER A 32 -0.97 16.17 -33.29
CA SER A 32 -2.26 16.14 -33.99
C SER A 32 -3.38 15.89 -33.00
N SER A 33 -4.32 16.84 -32.92
CA SER A 33 -5.49 16.77 -32.05
C SER A 33 -5.09 16.51 -30.60
N VAL A 34 -4.30 17.43 -30.06
CA VAL A 34 -3.77 17.30 -28.71
C VAL A 34 -3.83 18.65 -28.00
N LEU A 35 -4.16 18.61 -26.71
CA LEU A 35 -4.09 19.79 -25.85
C LEU A 35 -2.76 19.75 -25.11
N HIS A 36 -1.95 20.79 -25.28
CA HIS A 36 -0.62 20.83 -24.70
C HIS A 36 -0.46 22.05 -23.80
N SER A 37 0.37 21.89 -22.77
CA SER A 37 0.67 22.96 -21.83
C SER A 37 2.13 23.36 -22.01
N THR A 38 2.37 24.64 -22.34
CA THR A 38 3.70 25.13 -22.63
C THR A 38 4.04 26.29 -21.71
N GLN A 39 5.23 26.25 -21.11
CA GLN A 39 5.75 27.34 -20.31
C GLN A 39 6.75 28.12 -21.16
N ASP A 40 6.22 29.00 -22.01
CA ASP A 40 7.01 29.83 -22.90
C ASP A 40 6.69 31.30 -22.61
N LEU A 41 7.17 32.19 -23.48
CA LEU A 41 7.05 33.62 -23.17
C LEU A 41 5.66 34.15 -23.51
N PHE A 42 5.33 34.25 -24.79
CA PHE A 42 4.03 34.75 -25.24
C PHE A 42 3.72 36.16 -24.77
N LEU A 43 2.66 36.74 -25.35
CA LEU A 43 1.91 37.98 -25.10
C LEU A 43 0.68 37.71 -24.26
N PRO A 44 0.44 38.50 -23.22
CA PRO A 44 -0.75 38.27 -22.38
C PRO A 44 -2.03 38.56 -23.14
N PHE A 45 -3.02 37.68 -22.95
CA PHE A 45 -4.32 37.86 -23.57
C PHE A 45 -4.96 39.14 -23.05
N PHE A 46 -5.52 39.93 -23.97
CA PHE A 46 -6.24 41.17 -23.62
C PHE A 46 -5.33 42.12 -22.84
N SER A 47 -4.26 42.57 -23.51
CA SER A 47 -3.26 43.43 -22.91
C SER A 47 -3.21 44.76 -23.65
N ASN A 48 -2.24 45.59 -23.28
CA ASN A 48 -2.05 46.91 -23.87
C ASN A 48 -0.83 46.90 -24.77
N VAL A 49 -0.97 47.44 -25.98
CA VAL A 49 0.10 47.54 -26.95
C VAL A 49 0.25 49.00 -27.38
N THR A 50 1.49 49.43 -27.55
CA THR A 50 1.78 50.78 -28.00
C THR A 50 1.42 50.94 -29.47
N TRP A 51 0.86 52.10 -29.81
CA TRP A 51 0.32 52.37 -31.14
C TRP A 51 1.07 53.55 -31.76
N PHE A 52 1.45 53.41 -33.03
CA PHE A 52 1.97 54.52 -33.81
C PHE A 52 1.30 54.54 -35.18
N HIS A 53 1.10 55.75 -35.69
CA HIS A 53 0.36 55.98 -36.92
C HIS A 53 1.18 56.87 -37.86
N VAL A 54 0.94 56.73 -39.16
CA VAL A 54 1.66 57.48 -40.18
C VAL A 54 0.67 57.87 -41.27
N ILE A 55 0.42 59.18 -41.41
CA ILE A 55 -0.41 59.69 -42.50
C ILE A 55 0.33 60.80 -43.24
N THR A 61 3.82 68.19 -40.00
CA THR A 61 2.97 67.15 -39.44
C THR A 61 3.33 65.79 -40.03
N LYS A 62 2.34 65.14 -40.63
CA LYS A 62 2.44 63.85 -41.33
C LYS A 62 2.71 62.68 -40.39
N ARG A 63 2.91 62.93 -39.10
CA ARG A 63 3.02 61.87 -38.09
C ARG A 63 4.11 60.86 -38.44
N PHE A 64 5.35 61.33 -38.49
CA PHE A 64 6.50 60.46 -38.72
C PHE A 64 7.04 59.93 -37.39
N ASP A 65 6.15 59.28 -36.65
CA ASP A 65 6.47 58.77 -35.31
C ASP A 65 7.27 57.49 -35.43
N ASN A 66 8.59 57.63 -35.51
CA ASN A 66 9.52 56.50 -35.57
C ASN A 66 10.55 56.64 -34.45
N PRO A 67 10.15 56.40 -33.20
CA PRO A 67 11.10 56.49 -32.09
C PRO A 67 11.86 55.19 -31.93
N VAL A 68 12.74 55.16 -30.94
CA VAL A 68 13.50 53.96 -30.59
C VAL A 68 12.85 53.32 -29.37
N LEU A 69 12.61 52.02 -29.45
CA LEU A 69 11.90 51.28 -28.42
C LEU A 69 12.76 50.15 -27.87
N PRO A 70 12.58 49.78 -26.61
CA PRO A 70 13.45 48.78 -26.00
C PRO A 70 13.17 47.37 -26.51
N PHE A 71 14.07 46.46 -26.14
CA PHE A 71 13.99 45.04 -26.50
C PHE A 71 14.45 44.26 -25.27
N ASN A 72 13.50 43.89 -24.41
CA ASN A 72 13.85 43.23 -23.16
C ASN A 72 14.07 41.74 -23.34
N ASP A 73 13.02 41.01 -23.70
CA ASP A 73 13.09 39.57 -23.93
C ASP A 73 12.46 39.13 -25.25
N GLY A 74 11.58 39.93 -25.84
CA GLY A 74 10.92 39.58 -27.08
C GLY A 74 9.97 40.69 -27.48
N VAL A 75 9.65 40.79 -28.76
CA VAL A 75 8.85 41.90 -29.25
C VAL A 75 7.80 41.39 -30.24
N TYR A 76 6.55 41.76 -30.00
CA TYR A 76 5.48 41.64 -30.98
C TYR A 76 5.39 42.92 -31.79
N PHE A 77 5.44 42.80 -33.11
CA PHE A 77 5.38 43.95 -34.01
C PHE A 77 4.33 43.68 -35.07
N ALA A 78 3.21 44.39 -35.02
CA ALA A 78 2.12 44.17 -35.97
C ALA A 78 1.91 45.45 -36.77
N SER A 79 2.13 45.38 -38.08
CA SER A 79 2.06 46.55 -38.94
C SER A 79 0.99 46.37 -40.00
N ILE A 80 0.09 47.34 -40.10
CA ILE A 80 -0.92 47.37 -41.15
C ILE A 80 -0.48 48.40 -42.19
N GLU A 81 -0.36 47.95 -43.43
CA GLU A 81 0.20 48.77 -44.49
C GLU A 81 -0.48 48.43 -45.81
N LYS A 82 -0.09 49.13 -46.87
CA LYS A 82 -0.69 48.94 -48.19
C LYS A 82 0.34 48.68 -49.28
N SER A 83 1.51 49.30 -49.22
CA SER A 83 2.48 49.24 -50.30
C SER A 83 3.88 48.96 -49.76
N ASN A 84 3.98 48.13 -48.73
CA ASN A 84 5.26 47.73 -48.14
C ASN A 84 6.08 48.96 -47.76
N ILE A 85 5.43 49.90 -47.08
CA ILE A 85 6.09 51.15 -46.71
C ILE A 85 7.17 50.90 -45.67
N ILE A 86 6.92 49.99 -44.73
CA ILE A 86 7.93 49.62 -43.75
C ILE A 86 9.04 48.84 -44.45
N ARG A 87 10.28 49.24 -44.22
CA ARG A 87 11.40 48.70 -44.97
C ARG A 87 12.46 48.02 -44.10
N GLY A 88 12.19 47.77 -42.83
CA GLY A 88 13.08 46.94 -42.06
C GLY A 88 13.26 47.45 -40.64
N TRP A 89 14.29 46.93 -39.99
CA TRP A 89 14.55 47.20 -38.58
C TRP A 89 16.05 47.22 -38.33
N ILE A 90 16.43 47.83 -37.20
CA ILE A 90 17.79 47.81 -36.70
C ILE A 90 17.76 47.32 -35.26
N PHE A 91 18.88 46.75 -34.82
CA PHE A 91 18.97 46.20 -33.47
C PHE A 91 20.38 46.39 -32.95
N GLY A 92 20.51 46.71 -31.66
CA GLY A 92 21.82 46.88 -31.07
C GLY A 92 21.70 47.38 -29.65
N THR A 93 22.85 47.77 -29.10
CA THR A 93 22.93 48.28 -27.74
C THR A 93 23.22 49.77 -27.68
N THR A 94 24.21 50.25 -28.44
CA THR A 94 24.59 51.66 -28.43
C THR A 94 24.34 52.37 -29.75
N LEU A 95 24.46 51.66 -30.88
CA LEU A 95 24.16 52.21 -32.20
C LEU A 95 25.00 53.44 -32.52
N ASP A 96 26.29 53.39 -32.15
CA ASP A 96 27.21 54.49 -32.43
C ASP A 96 28.54 53.95 -32.92
N SER A 97 28.51 52.88 -33.71
CA SER A 97 29.69 52.24 -34.29
C SER A 97 30.66 51.72 -33.23
N LYS A 98 30.18 51.53 -32.00
CA LYS A 98 31.00 50.99 -30.92
C LYS A 98 30.75 49.53 -30.66
N THR A 99 29.55 49.03 -30.98
CA THR A 99 29.20 47.63 -30.78
C THR A 99 28.53 47.09 -32.04
N GLN A 100 28.67 45.79 -32.26
CA GLN A 100 28.07 45.17 -33.43
C GLN A 100 26.55 45.28 -33.38
N SER A 101 25.94 45.57 -34.53
CA SER A 101 24.51 45.79 -34.63
C SER A 101 23.94 45.02 -35.80
N LEU A 102 22.71 44.56 -35.64
CA LEU A 102 21.98 43.86 -36.68
C LEU A 102 21.12 44.83 -37.48
N LEU A 103 20.97 44.54 -38.76
CA LEU A 103 20.21 45.41 -39.66
C LEU A 103 19.50 44.54 -40.69
N ILE A 104 18.17 44.63 -40.73
CA ILE A 104 17.35 43.94 -41.71
C ILE A 104 16.68 44.99 -42.58
N VAL A 105 16.84 44.87 -43.90
CA VAL A 105 16.30 45.84 -44.83
C VAL A 105 15.59 45.10 -45.95
N ASN A 106 14.46 45.65 -46.39
CA ASN A 106 13.74 45.17 -47.57
C ASN A 106 13.89 46.23 -48.64
N ASN A 107 14.95 46.12 -49.42
CA ASN A 107 15.25 47.09 -50.47
C ASN A 107 14.39 46.81 -51.70
N ALA A 108 14.71 47.44 -52.82
CA ALA A 108 14.01 47.22 -54.06
C ALA A 108 14.51 45.99 -54.81
N THR A 109 15.49 45.27 -54.27
CA THR A 109 16.03 44.09 -54.90
C THR A 109 15.73 42.82 -54.12
N ASN A 110 16.12 42.75 -52.86
CA ASN A 110 15.94 41.56 -52.05
C ASN A 110 16.15 41.90 -50.59
N VAL A 111 15.78 40.96 -49.72
CA VAL A 111 15.97 41.13 -48.28
C VAL A 111 17.45 41.06 -47.96
N VAL A 112 17.93 42.01 -47.17
CA VAL A 112 19.34 42.11 -46.80
C VAL A 112 19.42 42.02 -45.28
N ILE A 113 20.22 41.08 -44.78
CA ILE A 113 20.50 40.94 -43.36
C ILE A 113 21.99 41.15 -43.17
N LYS A 114 22.36 42.14 -42.36
CA LYS A 114 23.76 42.47 -42.16
C LYS A 114 24.02 42.71 -40.68
N VAL A 115 25.01 42.01 -40.13
CA VAL A 115 25.45 42.21 -38.76
C VAL A 115 26.82 42.86 -38.84
N CYS A 116 26.87 44.16 -38.52
CA CYS A 116 28.11 44.92 -38.60
C CYS A 116 28.07 46.06 -37.62
N GLU A 117 29.25 46.65 -37.36
CA GLU A 117 29.37 47.81 -36.48
C GLU A 117 28.98 49.09 -37.23
N PHE A 118 27.71 49.15 -37.61
CA PHE A 118 27.21 50.29 -38.37
C PHE A 118 27.16 51.54 -37.49
N GLN A 119 27.22 52.69 -38.15
CA GLN A 119 27.09 53.98 -37.49
C GLN A 119 25.85 54.66 -38.05
N PHE A 120 24.70 54.36 -37.46
CA PHE A 120 23.44 54.93 -37.92
C PHE A 120 23.38 56.42 -37.63
N CYS A 121 22.73 57.15 -38.52
CA CYS A 121 22.53 58.58 -38.37
C CYS A 121 21.25 58.85 -37.58
N ASN A 122 20.82 60.11 -37.56
CA ASN A 122 19.60 60.47 -36.83
C ASN A 122 18.37 59.82 -37.43
N ASP A 123 18.27 59.79 -38.76
CA ASP A 123 17.07 59.28 -39.40
C ASP A 123 17.40 58.43 -40.62
N PRO A 124 17.28 57.11 -40.53
CA PRO A 124 17.38 56.27 -41.73
C PRO A 124 16.07 56.17 -42.48
N PHE A 125 16.11 56.39 -43.80
CA PHE A 125 14.90 56.43 -44.60
C PHE A 125 15.27 56.35 -46.08
N LEU A 126 14.27 56.06 -46.91
CA LEU A 126 14.44 55.87 -48.34
C LEU A 126 13.76 56.99 -49.12
N ASP A 127 14.04 57.03 -50.41
CA ASP A 127 13.69 58.19 -51.24
C ASP A 127 13.38 57.71 -52.66
N HIS A 128 13.44 58.64 -53.62
CA HIS A 128 13.29 58.40 -55.05
C HIS A 128 11.83 58.15 -55.43
N LYS A 129 11.50 56.89 -55.79
CA LYS A 129 10.19 56.48 -56.27
C LYS A 129 9.58 57.48 -57.24
N ASN A 130 10.18 57.60 -58.42
CA ASN A 130 9.76 58.58 -59.41
C ASN A 130 8.32 58.34 -59.85
N ASN A 131 7.67 59.41 -60.33
CA ASN A 131 6.30 59.31 -60.81
C ASN A 131 6.23 58.45 -62.06
N LYS A 132 5.20 57.59 -62.11
CA LYS A 132 4.87 56.71 -63.23
C LYS A 132 5.93 55.65 -63.50
N SER A 133 7.01 55.61 -62.71
CA SER A 133 8.04 54.59 -62.84
C SER A 133 8.16 53.71 -61.61
N TRP A 134 8.10 54.30 -60.41
CA TRP A 134 8.01 53.57 -59.15
C TRP A 134 9.20 52.65 -58.95
N MET A 135 10.39 53.26 -58.85
CA MET A 135 11.63 52.52 -58.62
C MET A 135 12.44 53.20 -57.52
N GLU A 136 13.22 52.39 -56.82
CA GLU A 136 14.02 52.85 -55.68
C GLU A 136 15.50 52.72 -55.99
N SER A 137 16.25 53.80 -55.77
CA SER A 137 17.70 53.76 -55.98
C SER A 137 18.45 54.38 -54.80
N GLU A 138 17.80 55.28 -54.07
CA GLU A 138 18.46 55.97 -52.96
C GLU A 138 18.41 55.13 -51.70
N PHE A 139 19.53 55.06 -50.99
CA PHE A 139 19.67 54.23 -49.79
C PHE A 139 20.41 55.05 -48.73
N ARG A 140 19.65 55.60 -47.78
CA ARG A 140 20.20 56.39 -46.69
C ARG A 140 19.82 55.70 -45.38
N VAL A 141 20.65 54.75 -44.94
CA VAL A 141 20.39 54.01 -43.72
C VAL A 141 21.56 54.15 -42.76
N TYR A 142 22.74 53.72 -43.20
CA TYR A 142 23.94 53.76 -42.38
C TYR A 142 25.00 54.63 -43.05
N SER A 143 26.14 54.77 -42.39
CA SER A 143 27.26 55.56 -42.88
C SER A 143 28.51 54.73 -43.16
N SER A 144 28.79 53.73 -42.33
CA SER A 144 29.99 52.93 -42.50
C SER A 144 29.81 51.59 -41.80
N ALA A 145 30.68 50.65 -42.15
CA ALA A 145 30.69 49.32 -41.53
C ALA A 145 32.15 48.86 -41.49
N ASN A 146 32.79 49.08 -40.35
CA ASN A 146 34.24 48.88 -40.26
C ASN A 146 34.61 47.41 -40.08
N ASN A 147 34.17 46.80 -38.97
CA ASN A 147 34.57 45.45 -38.62
C ASN A 147 33.34 44.59 -38.38
N CYS A 148 33.28 43.45 -39.07
CA CYS A 148 32.23 42.46 -38.85
C CYS A 148 32.62 41.17 -39.56
N THR A 149 31.87 40.11 -39.28
CA THR A 149 32.12 38.81 -39.86
C THR A 149 30.88 38.14 -40.43
N PHE A 150 29.69 38.68 -40.22
CA PHE A 150 28.45 38.08 -40.67
C PHE A 150 27.79 38.97 -41.72
N GLU A 151 27.46 38.39 -42.86
CA GLU A 151 26.70 39.07 -43.90
C GLU A 151 25.91 38.03 -44.68
N TYR A 152 24.74 38.43 -45.16
CA TYR A 152 23.90 37.52 -45.92
C TYR A 152 22.94 38.34 -46.78
N VAL A 153 22.57 37.77 -47.92
CA VAL A 153 21.57 38.34 -48.82
C VAL A 153 20.57 37.24 -49.16
N SER A 154 19.28 37.56 -49.05
CA SER A 154 18.24 36.58 -49.34
C SER A 154 18.08 36.42 -50.85
N GLN A 155 17.11 35.60 -51.24
CA GLN A 155 16.88 35.32 -52.65
C GLN A 155 16.41 36.59 -53.37
N PRO A 156 16.81 36.78 -54.62
CA PRO A 156 16.40 37.98 -55.38
C PRO A 156 14.99 37.80 -55.94
N PHE A 157 14.08 38.65 -55.49
CA PHE A 157 12.70 38.67 -55.96
C PHE A 157 12.39 40.04 -56.54
N LEU A 158 11.19 40.18 -57.12
CA LEU A 158 10.78 41.41 -57.78
C LEU A 158 9.48 41.90 -57.17
N MET A 159 9.43 43.19 -56.85
CA MET A 159 8.22 43.85 -56.38
C MET A 159 7.94 45.05 -57.25
N ASP A 160 6.66 45.31 -57.53
CA ASP A 160 6.28 46.36 -58.45
C ASP A 160 6.40 47.76 -57.86
N LEU A 161 6.65 47.88 -56.55
CA LEU A 161 6.64 49.18 -55.86
C LEU A 161 5.32 49.91 -56.12
N GLU A 162 4.23 49.16 -56.12
CA GLU A 162 2.93 49.71 -56.46
C GLU A 162 2.45 50.67 -55.38
N GLY A 163 1.52 51.54 -55.76
CA GLY A 163 0.91 52.47 -54.83
C GLY A 163 -0.54 52.14 -54.54
N LYS A 164 -0.84 51.82 -53.28
CA LYS A 164 -2.18 51.44 -52.87
C LYS A 164 -2.75 52.49 -51.93
N GLN A 165 -3.94 53.01 -52.26
CA GLN A 165 -4.62 53.99 -51.43
C GLN A 165 -6.07 53.60 -51.15
N GLY A 166 -6.44 52.36 -51.40
CA GLY A 166 -7.79 51.88 -51.17
C GLY A 166 -7.92 51.17 -49.83
N ASN A 167 -8.68 50.07 -49.83
CA ASN A 167 -8.88 49.30 -48.61
C ASN A 167 -7.58 48.65 -48.16
N PHE A 168 -7.36 48.64 -46.85
CA PHE A 168 -6.18 47.98 -46.30
C PHE A 168 -6.29 46.48 -46.52
N LYS A 169 -5.24 45.88 -47.10
CA LYS A 169 -5.24 44.46 -47.40
C LYS A 169 -3.95 43.77 -46.97
N ASN A 170 -3.11 44.42 -46.17
CA ASN A 170 -1.83 43.87 -45.76
C ASN A 170 -1.62 44.10 -44.27
N LEU A 171 -1.61 43.02 -43.49
CA LEU A 171 -1.25 43.08 -42.08
C LEU A 171 -0.13 42.08 -41.84
N ARG A 172 1.04 42.56 -41.43
CA ARG A 172 2.21 41.74 -41.23
C ARG A 172 2.50 41.68 -39.73
N GLU A 173 2.50 40.47 -39.17
CA GLU A 173 2.68 40.26 -37.75
C GLU A 173 3.97 39.48 -37.52
N PHE A 174 4.85 40.04 -36.67
CA PHE A 174 6.17 39.48 -36.43
C PHE A 174 6.39 39.29 -34.94
N VAL A 175 7.09 38.22 -34.60
CA VAL A 175 7.56 37.95 -33.25
C VAL A 175 9.08 37.85 -33.31
N PHE A 176 9.75 38.69 -32.52
CA PHE A 176 11.20 38.76 -32.50
C PHE A 176 11.69 38.24 -31.16
N LYS A 177 12.62 37.27 -31.20
CA LYS A 177 13.21 36.73 -29.98
C LYS A 177 14.71 36.57 -30.18
N ASN A 178 15.43 36.51 -29.06
CA ASN A 178 16.88 36.32 -29.10
C ASN A 178 17.28 35.54 -27.86
N ILE A 179 17.66 34.27 -28.05
CA ILE A 179 18.02 33.40 -26.93
C ILE A 179 19.20 32.52 -27.33
N ASP A 180 20.12 32.32 -26.38
CA ASP A 180 21.30 31.46 -26.56
C ASP A 180 22.18 31.93 -27.71
N GLY A 181 22.14 33.22 -28.03
CA GLY A 181 22.88 33.75 -29.15
C GLY A 181 22.22 33.57 -30.49
N TYR A 182 21.04 32.99 -30.54
CA TYR A 182 20.29 32.81 -31.78
C TYR A 182 19.15 33.81 -31.84
N PHE A 183 19.04 34.51 -32.96
CA PHE A 183 17.97 35.46 -33.21
C PHE A 183 16.90 34.75 -34.05
N LYS A 184 15.67 34.76 -33.55
CA LYS A 184 14.56 34.04 -34.16
C LYS A 184 13.46 35.00 -34.54
N ILE A 185 13.01 34.90 -35.78
CA ILE A 185 11.93 35.73 -36.31
C ILE A 185 10.81 34.82 -36.78
N TYR A 186 9.61 35.03 -36.24
CA TYR A 186 8.40 34.38 -36.71
C TYR A 186 7.54 35.42 -37.39
N SER A 187 6.89 35.06 -38.48
CA SER A 187 6.17 36.04 -39.27
C SER A 187 4.87 35.45 -39.81
N LYS A 188 3.94 36.34 -40.13
CA LYS A 188 2.70 35.93 -40.78
C LYS A 188 2.11 37.12 -41.52
N HIS A 189 1.61 36.87 -42.73
CA HIS A 189 0.93 37.87 -43.55
C HIS A 189 -0.54 37.55 -43.61
N THR A 190 -1.38 38.58 -43.42
CA THR A 190 -2.84 38.42 -43.47
C THR A 190 -3.43 39.43 -44.43
N PRO A 191 -4.13 39.00 -45.48
CA PRO A 191 -5.01 39.93 -46.21
C PRO A 191 -6.36 40.01 -45.54
N ILE A 192 -6.77 41.20 -45.11
CA ILE A 192 -7.97 41.37 -44.30
C ILE A 192 -8.86 42.45 -44.90
N ILE A 193 -10.15 42.35 -44.62
CA ILE A 193 -11.12 43.38 -44.93
C ILE A 193 -11.35 44.14 -43.62
N VAL A 194 -10.64 45.25 -43.45
CA VAL A 194 -10.58 45.91 -42.15
C VAL A 194 -11.86 46.69 -41.87
N ARG A 195 -12.16 47.69 -42.70
CA ARG A 195 -13.38 48.49 -42.59
C ARG A 195 -13.55 49.09 -41.20
N GLU A 196 -12.44 49.33 -40.50
CA GLU A 196 -12.46 49.85 -39.15
C GLU A 196 -11.17 50.62 -38.91
N PRO A 197 -11.12 51.47 -37.87
CA PRO A 197 -9.90 52.26 -37.66
C PRO A 197 -8.70 51.44 -37.20
N GLU A 198 -8.37 50.39 -37.96
CA GLU A 198 -7.17 49.58 -37.73
C GLU A 198 -7.12 49.04 -36.30
N ASP A 199 -8.18 48.33 -35.91
CA ASP A 199 -8.32 47.82 -34.55
C ASP A 199 -8.05 46.32 -34.45
N LEU A 200 -7.17 45.79 -35.31
CA LEU A 200 -6.76 44.39 -35.28
C LEU A 200 -7.98 43.47 -35.29
N PRO A 201 -8.62 43.29 -36.45
CA PRO A 201 -9.85 42.49 -36.51
C PRO A 201 -9.73 41.17 -35.78
N GLN A 202 -10.83 40.76 -35.14
CA GLN A 202 -10.85 39.54 -34.35
C GLN A 202 -10.57 38.32 -35.20
N GLY A 203 -9.68 37.46 -34.72
CA GLY A 203 -9.33 36.24 -35.41
C GLY A 203 -8.15 35.53 -34.79
N PHE A 204 -7.97 34.25 -35.13
CA PHE A 204 -6.88 33.45 -34.62
C PHE A 204 -6.17 32.74 -35.77
N SER A 205 -4.85 32.87 -35.81
CA SER A 205 -4.03 32.19 -36.81
C SER A 205 -2.74 31.72 -36.16
N ALA A 206 -2.21 30.61 -36.69
CA ALA A 206 -0.99 30.01 -36.19
C ALA A 206 0.18 30.42 -37.07
N LEU A 207 1.21 31.02 -36.47
CA LEU A 207 2.39 31.44 -37.20
C LEU A 207 3.27 30.23 -37.49
N GLU A 208 4.46 30.48 -38.04
CA GLU A 208 5.42 29.42 -38.26
C GLU A 208 6.83 30.01 -38.15
N PRO A 209 7.73 29.37 -37.43
CA PRO A 209 9.13 29.79 -37.41
C PRO A 209 9.64 30.07 -38.82
N LEU A 210 10.30 31.21 -38.98
CA LEU A 210 10.74 31.65 -40.31
C LEU A 210 12.25 31.81 -40.41
N VAL A 211 12.86 32.52 -39.46
CA VAL A 211 14.28 32.87 -39.57
C VAL A 211 14.97 32.51 -38.25
N ASP A 212 16.13 31.86 -38.35
CA ASP A 212 16.95 31.52 -37.18
C ASP A 212 18.41 31.78 -37.55
N LEU A 213 19.01 32.81 -36.97
CA LEU A 213 20.38 33.19 -37.30
C LEU A 213 21.26 33.19 -36.05
N PRO A 214 22.44 32.57 -36.09
CA PRO A 214 23.34 32.56 -34.91
C PRO A 214 24.23 33.79 -34.86
N ILE A 215 23.62 34.95 -34.58
CA ILE A 215 24.38 36.20 -34.55
C ILE A 215 25.32 36.26 -33.36
N GLY A 216 24.85 35.82 -32.19
CA GLY A 216 25.68 35.87 -30.99
C GLY A 216 26.07 37.25 -30.56
N ILE A 217 25.17 38.23 -30.70
CA ILE A 217 25.45 39.60 -30.32
C ILE A 217 24.48 40.05 -29.24
N ASN A 218 24.63 41.29 -28.77
CA ASN A 218 23.79 41.85 -27.72
C ASN A 218 22.83 42.87 -28.32
N ILE A 219 21.54 42.71 -28.04
CA ILE A 219 20.49 43.59 -28.53
C ILE A 219 19.69 44.10 -27.34
N THR A 220 19.46 45.41 -27.30
CA THR A 220 18.70 46.00 -26.19
C THR A 220 17.58 46.90 -26.70
N ARG A 221 17.78 47.55 -27.85
CA ARG A 221 16.81 48.47 -28.41
C ARG A 221 16.61 48.15 -29.89
N PHE A 222 15.60 48.78 -30.48
CA PHE A 222 15.32 48.59 -31.89
C PHE A 222 14.56 49.81 -32.43
N GLN A 223 14.50 49.91 -33.74
CA GLN A 223 13.87 51.03 -34.41
C GLN A 223 13.33 50.54 -35.76
N THR A 224 12.34 51.25 -36.30
CA THR A 224 11.69 50.86 -37.54
C THR A 224 12.09 51.82 -38.66
N LEU A 225 12.37 51.25 -39.83
CA LEU A 225 12.76 52.01 -41.01
C LEU A 225 11.55 52.25 -41.89
N LEU A 226 11.34 53.50 -42.27
CA LEU A 226 10.21 53.90 -43.09
C LEU A 226 10.72 54.55 -44.37
N ALA A 227 9.99 54.34 -45.46
CA ALA A 227 10.32 54.94 -46.75
C ALA A 227 9.32 56.06 -47.04
N LEU A 228 9.86 57.24 -47.33
CA LEU A 228 9.02 58.40 -47.63
C LEU A 228 8.70 58.46 -49.12
N HIS A 229 7.53 59.00 -49.43
CA HIS A 229 7.06 59.12 -50.81
C HIS A 229 7.34 60.54 -51.31
N ARG A 230 8.24 60.67 -52.27
CA ARG A 230 8.64 61.95 -52.82
C ARG A 230 8.34 61.96 -54.31
N SER A 231 7.58 62.97 -54.75
CA SER A 231 7.17 63.09 -56.14
C SER A 231 6.81 64.55 -56.40
N TYR A 232 6.11 64.80 -57.51
CA TYR A 232 5.74 66.17 -57.87
C TYR A 232 4.83 66.80 -56.83
N LEU A 233 3.90 66.02 -56.27
CA LEU A 233 2.96 66.52 -55.27
C LEU A 233 3.57 66.64 -53.87
N THR A 234 4.90 66.58 -53.76
CA THR A 234 5.60 66.72 -52.49
C THR A 234 6.62 67.84 -52.65
N PRO A 235 6.18 69.10 -52.65
CA PRO A 235 7.11 70.21 -52.83
C PRO A 235 8.04 70.37 -51.63
N GLY A 236 9.25 70.84 -51.91
CA GLY A 236 10.26 71.07 -50.90
C GLY A 236 11.47 70.20 -51.10
N ASP A 237 12.44 70.39 -50.21
CA ASP A 237 13.69 69.65 -50.25
C ASP A 237 13.51 68.31 -49.54
N SER A 238 14.62 67.62 -49.25
CA SER A 238 14.57 66.34 -48.56
C SER A 238 13.99 66.46 -47.16
N SER A 239 13.97 67.67 -46.59
CA SER A 239 13.49 67.83 -45.23
C SER A 239 11.97 67.95 -45.16
N SER A 240 11.32 68.45 -46.21
CA SER A 240 9.89 68.70 -46.17
C SER A 240 9.16 68.07 -47.34
N GLY A 241 9.84 67.91 -48.47
CA GLY A 241 9.19 67.43 -49.68
C GLY A 241 9.02 65.92 -49.73
N TRP A 242 8.08 65.39 -48.96
CA TRP A 242 7.79 63.96 -48.98
C TRP A 242 6.35 63.73 -48.57
N THR A 243 5.85 62.54 -48.91
CA THR A 243 4.53 62.08 -48.48
C THR A 243 4.72 60.91 -47.52
N ALA A 244 3.99 60.94 -46.39
CA ALA A 244 4.14 59.90 -45.39
C ALA A 244 3.44 58.61 -45.82
N GLY A 245 2.20 58.72 -46.29
CA GLY A 245 1.45 57.54 -46.68
C GLY A 245 0.80 56.83 -45.52
N ALA A 246 -0.43 56.35 -45.71
CA ALA A 246 -1.16 55.72 -44.62
C ALA A 246 -0.51 54.41 -44.19
N ALA A 247 -0.26 54.28 -42.89
CA ALA A 247 0.32 53.07 -42.31
C ALA A 247 0.13 53.14 -40.81
N ALA A 248 0.17 51.97 -40.17
CA ALA A 248 0.07 51.92 -38.72
C ALA A 248 0.89 50.74 -38.21
N TYR A 249 1.37 50.85 -36.97
CA TYR A 249 2.03 49.71 -36.37
C TYR A 249 1.83 49.73 -34.86
N TYR A 250 1.97 48.54 -34.27
CA TYR A 250 1.76 48.32 -32.84
C TYR A 250 2.87 47.45 -32.29
N VAL A 251 3.28 47.76 -31.07
CA VAL A 251 4.40 47.11 -30.40
C VAL A 251 3.92 46.53 -29.08
N GLY A 252 4.29 45.28 -28.81
CA GLY A 252 3.98 44.66 -27.54
C GLY A 252 5.18 43.88 -27.04
N TYR A 253 5.15 43.57 -25.74
CA TYR A 253 6.26 42.89 -25.07
C TYR A 253 5.79 41.57 -24.48
N LEU A 254 6.61 40.54 -24.65
CA LEU A 254 6.31 39.20 -24.17
C LEU A 254 6.77 39.02 -22.73
N GLN A 255 5.96 38.31 -21.94
CA GLN A 255 6.36 38.01 -20.56
C GLN A 255 6.03 36.55 -20.26
N PRO A 256 6.90 35.83 -19.54
CA PRO A 256 6.72 34.40 -19.32
C PRO A 256 5.33 34.02 -18.84
N ARG A 257 4.63 33.17 -19.59
CA ARG A 257 3.22 32.89 -19.34
C ARG A 257 2.92 31.45 -19.70
N THR A 258 2.37 30.70 -18.76
CA THR A 258 1.93 29.34 -19.05
C THR A 258 0.71 29.39 -19.98
N PHE A 259 0.69 28.54 -20.99
CA PHE A 259 -0.33 28.59 -22.02
C PHE A 259 -0.83 27.19 -22.32
N LEU A 260 -2.09 27.09 -22.73
CA LEU A 260 -2.66 25.85 -23.22
C LEU A 260 -2.99 26.02 -24.69
N LEU A 261 -2.46 25.12 -25.53
CA LEU A 261 -2.60 25.20 -26.98
C LEU A 261 -3.34 23.97 -27.49
N LYS A 262 -4.24 24.18 -28.45
CA LYS A 262 -5.01 23.10 -29.05
C LYS A 262 -4.48 22.85 -30.46
N TYR A 263 -3.80 21.73 -30.65
CA TYR A 263 -3.31 21.31 -31.96
C TYR A 263 -4.38 20.48 -32.65
N ASN A 264 -4.73 20.86 -33.86
CA ASN A 264 -5.64 20.09 -34.68
C ASN A 264 -4.89 18.94 -35.36
N GLU A 265 -5.63 18.07 -36.06
CA GLU A 265 -5.00 16.98 -36.77
C GLU A 265 -4.08 17.45 -37.88
N ASN A 266 -4.28 18.67 -38.38
CA ASN A 266 -3.41 19.23 -39.40
C ASN A 266 -2.13 19.84 -38.83
N GLY A 267 -2.05 20.00 -37.51
CA GLY A 267 -0.86 20.53 -36.86
C GLY A 267 -0.90 22.01 -36.54
N THR A 268 -1.89 22.73 -37.04
CA THR A 268 -2.00 24.17 -36.78
C THR A 268 -2.72 24.42 -35.46
N ILE A 269 -2.24 25.44 -34.74
CA ILE A 269 -2.90 25.86 -33.51
C ILE A 269 -4.23 26.51 -33.86
N THR A 270 -5.31 25.99 -33.28
CA THR A 270 -6.64 26.54 -33.52
C THR A 270 -7.12 27.43 -32.38
N ASP A 271 -6.80 27.10 -31.14
CA ASP A 271 -7.21 27.91 -30.01
C ASP A 271 -6.17 27.81 -28.90
N ALA A 272 -6.18 28.80 -28.01
CA ALA A 272 -5.24 28.87 -26.92
C ALA A 272 -5.91 29.54 -25.73
N VAL A 273 -5.49 29.14 -24.53
CA VAL A 273 -6.00 29.66 -23.27
C VAL A 273 -4.83 30.13 -22.43
N ASP A 274 -4.96 31.32 -21.85
CA ASP A 274 -3.99 31.85 -20.91
C ASP A 274 -4.37 31.40 -19.50
N CYS A 275 -3.48 30.65 -18.85
CA CYS A 275 -3.79 30.03 -17.57
C CYS A 275 -3.57 30.96 -16.38
N ALA A 276 -3.50 32.28 -16.60
CA ALA A 276 -3.36 33.23 -15.50
C ALA A 276 -4.21 34.48 -15.73
N LEU A 277 -5.34 34.33 -16.42
CA LEU A 277 -6.19 35.47 -16.77
C LEU A 277 -7.45 35.54 -15.92
N ASP A 278 -8.19 34.45 -15.82
CA ASP A 278 -9.44 34.40 -15.10
C ASP A 278 -9.50 33.11 -14.30
N PRO A 279 -10.31 33.07 -13.23
CA PRO A 279 -10.55 31.78 -12.57
C PRO A 279 -11.11 30.71 -13.49
N LEU A 280 -11.96 31.11 -14.45
CA LEU A 280 -12.46 30.15 -15.42
C LEU A 280 -11.33 29.60 -16.29
N SER A 281 -10.39 30.47 -16.68
CA SER A 281 -9.23 30.01 -17.43
C SER A 281 -8.36 29.10 -16.58
N GLU A 282 -8.25 29.39 -15.28
CA GLU A 282 -7.54 28.48 -14.37
C GLU A 282 -8.19 27.11 -14.34
N THR A 283 -9.53 27.08 -14.27
CA THR A 283 -10.24 25.81 -14.27
C THR A 283 -10.02 25.05 -15.57
N LYS A 284 -10.10 25.75 -16.70
CA LYS A 284 -9.85 25.10 -17.99
C LYS A 284 -8.44 24.53 -18.06
N CYS A 285 -7.45 25.29 -17.59
CA CYS A 285 -6.08 24.82 -17.60
C CYS A 285 -5.89 23.61 -16.69
N THR A 286 -6.54 23.61 -15.53
CA THR A 286 -6.43 22.47 -14.63
C THR A 286 -7.06 21.21 -15.22
N LEU A 287 -8.25 21.34 -15.81
CA LEU A 287 -8.92 20.18 -16.38
C LEU A 287 -8.44 19.81 -17.77
N LYS A 288 -7.75 20.72 -18.46
CA LYS A 288 -7.26 20.50 -19.82
C LYS A 288 -8.39 20.00 -20.73
N SER A 289 -9.53 20.68 -20.67
CA SER A 289 -10.73 20.21 -21.32
C SER A 289 -11.40 21.21 -22.25
N PHE A 290 -11.11 22.50 -22.13
CA PHE A 290 -11.70 23.55 -22.96
C PHE A 290 -13.21 23.68 -22.74
N THR A 291 -13.76 22.88 -21.83
CA THR A 291 -15.19 22.91 -21.53
C THR A 291 -15.40 22.37 -20.12
N VAL A 292 -16.33 22.99 -19.39
CA VAL A 292 -16.58 22.63 -18.00
C VAL A 292 -18.09 22.54 -17.77
N GLU A 293 -18.46 21.78 -16.75
CA GLU A 293 -19.84 21.63 -16.33
C GLU A 293 -20.02 22.20 -14.93
N LYS A 294 -21.22 22.05 -14.38
CA LYS A 294 -21.52 22.59 -13.07
C LYS A 294 -20.71 21.87 -11.99
N GLY A 295 -20.48 22.58 -10.89
CA GLY A 295 -19.83 22.01 -9.74
C GLY A 295 -18.75 22.92 -9.19
N ILE A 296 -18.14 22.47 -8.10
CA ILE A 296 -17.06 23.20 -7.43
C ILE A 296 -15.73 22.64 -7.91
N TYR A 297 -14.70 23.47 -7.88
CA TYR A 297 -13.36 23.08 -8.29
C TYR A 297 -12.33 23.79 -7.42
N GLN A 298 -11.26 23.07 -7.11
CA GLN A 298 -10.14 23.62 -6.34
C GLN A 298 -8.97 23.85 -7.28
N THR A 299 -8.45 25.07 -7.28
CA THR A 299 -7.43 25.47 -8.25
C THR A 299 -6.08 25.77 -7.59
N SER A 300 -6.03 26.70 -6.64
CA SER A 300 -4.74 27.14 -6.10
C SER A 300 -4.95 27.58 -4.66
N ASN A 301 -3.97 28.32 -4.13
CA ASN A 301 -4.01 28.87 -2.78
C ASN A 301 -3.88 30.38 -2.87
N PHE A 302 -3.99 31.05 -1.71
CA PHE A 302 -3.98 32.50 -1.64
C PHE A 302 -3.09 32.99 -0.50
N ARG A 303 -1.89 32.42 -0.41
CA ARG A 303 -0.94 32.84 0.61
C ARG A 303 -0.59 34.32 0.47
N VAL A 304 -0.64 35.05 1.58
CA VAL A 304 -0.36 36.48 1.58
C VAL A 304 1.14 36.72 1.72
N GLN A 305 1.57 37.97 1.45
CA GLN A 305 2.97 38.36 1.51
C GLN A 305 3.27 39.09 2.81
N PRO A 306 4.53 39.02 3.29
CA PRO A 306 4.87 39.69 4.55
C PRO A 306 4.79 41.21 4.50
N THR A 307 4.77 41.80 3.31
CA THR A 307 4.78 43.27 3.12
C THR A 307 6.01 43.82 3.81
N GLU A 308 5.88 44.63 4.86
CA GLU A 308 7.03 45.24 5.50
C GLU A 308 7.75 44.23 6.39
N SER A 309 8.92 44.63 6.88
CA SER A 309 9.74 43.79 7.76
C SER A 309 10.18 44.61 8.95
N ILE A 310 9.99 44.07 10.15
CA ILE A 310 10.38 44.73 11.39
C ILE A 310 11.53 43.96 12.00
N VAL A 311 12.44 44.70 12.65
CA VAL A 311 13.64 44.14 13.26
C VAL A 311 13.75 44.65 14.68
N ARG A 312 13.96 43.75 15.63
CA ARG A 312 14.13 44.12 17.04
C ARG A 312 15.42 43.51 17.61
N CYS A 527 20.90 42.43 23.87
CA CYS A 527 21.98 42.09 22.94
C CYS A 527 21.50 42.19 21.49
N GLY A 528 21.00 43.36 21.11
CA GLY A 528 20.51 43.58 19.78
C GLY A 528 21.41 44.48 18.96
N PRO A 529 22.10 43.89 17.97
CA PRO A 529 23.01 44.68 17.15
C PRO A 529 22.33 45.31 15.95
N LYS A 530 23.13 45.96 15.10
CA LYS A 530 22.68 46.52 13.82
C LYS A 530 21.73 47.69 13.98
N LYS A 531 20.43 47.42 14.03
CA LYS A 531 19.42 48.46 14.00
C LYS A 531 18.36 48.21 15.08
N SER A 532 17.61 49.26 15.38
CA SER A 532 16.51 49.20 16.34
C SER A 532 15.30 49.88 15.73
N THR A 533 14.33 49.10 15.29
CA THR A 533 13.13 49.60 14.63
C THR A 533 12.00 49.75 15.64
N ASN A 534 10.80 50.01 15.13
CA ASN A 534 9.61 50.19 15.96
C ASN A 534 8.96 48.83 16.24
N LEU A 535 7.76 48.84 16.80
CA LEU A 535 6.98 47.64 17.06
C LEU A 535 5.71 47.69 16.22
N VAL A 536 5.39 46.57 15.57
CA VAL A 536 4.25 46.47 14.66
C VAL A 536 3.14 45.69 15.35
N LYS A 537 1.94 46.25 15.34
CA LYS A 537 0.76 45.62 15.91
C LYS A 537 0.22 44.56 14.96
N ASN A 538 -1.03 44.12 15.19
CA ASN A 538 -1.56 42.97 14.47
C ASN A 538 -1.60 43.23 12.96
N LYS A 539 -0.65 42.62 12.25
CA LYS A 539 -0.51 42.75 10.80
C LYS A 539 0.57 41.76 10.36
N CYS A 540 0.37 41.15 9.19
CA CYS A 540 1.33 40.20 8.67
C CYS A 540 2.64 40.92 8.35
N VAL A 541 3.71 40.57 9.07
CA VAL A 541 4.97 41.27 8.97
C VAL A 541 6.11 40.31 9.24
N ASN A 542 7.20 40.45 8.49
CA ASN A 542 8.42 39.70 8.75
C ASN A 542 9.10 40.24 10.01
N PHE A 543 9.66 39.34 10.82
CA PHE A 543 10.26 39.74 12.08
C PHE A 543 11.59 39.00 12.28
N ASN A 544 12.47 39.64 13.04
CA ASN A 544 13.73 39.05 13.47
C ASN A 544 13.97 39.34 14.94
N PHE A 545 12.95 39.06 15.76
CA PHE A 545 13.01 39.30 17.19
C PHE A 545 14.24 38.68 17.83
N ASN A 546 15.16 39.51 18.32
CA ASN A 546 16.39 39.05 18.97
C ASN A 546 17.11 38.00 18.11
N GLY A 547 17.20 38.27 16.82
CA GLY A 547 17.80 37.33 15.89
C GLY A 547 17.02 36.05 15.69
N LEU A 548 15.69 36.14 15.56
CA LEU A 548 14.83 35.00 15.28
C LEU A 548 14.03 35.31 14.02
N LYS A 549 14.56 34.87 12.88
CA LYS A 549 13.90 35.13 11.60
C LYS A 549 12.58 34.37 11.52
N GLY A 550 11.52 35.06 11.13
CA GLY A 550 10.22 34.42 10.98
C GLY A 550 9.24 35.37 10.32
N THR A 551 8.06 34.83 10.02
CA THR A 551 7.00 35.61 9.40
C THR A 551 5.67 35.24 10.05
N GLY A 552 4.90 36.25 10.41
CA GLY A 552 3.59 36.02 11.00
C GLY A 552 3.12 37.25 11.74
N VAL A 553 1.83 37.22 12.09
CA VAL A 553 1.22 38.30 12.84
C VAL A 553 1.77 38.29 14.26
N LEU A 554 2.27 39.45 14.71
CA LEU A 554 2.85 39.61 16.04
C LEU A 554 1.83 40.31 16.93
N THR A 555 0.93 39.51 17.50
CA THR A 555 -0.11 40.05 18.36
C THR A 555 0.36 40.10 19.80
N GLU A 556 -0.44 40.75 20.64
CA GLU A 556 -0.13 40.79 22.07
C GLU A 556 -0.44 39.45 22.71
N SER A 557 0.27 39.15 23.80
CA SER A 557 0.13 37.89 24.50
C SER A 557 0.04 38.15 26.00
N ASN A 558 -0.63 37.23 26.71
CA ASN A 558 -0.86 37.35 28.15
C ASN A 558 -0.50 36.04 28.85
N LYS A 559 0.65 35.49 28.52
CA LYS A 559 1.14 34.26 29.13
C LYS A 559 2.38 34.57 29.95
N LYS A 560 2.37 34.15 31.22
CA LYS A 560 3.51 34.40 32.10
C LYS A 560 4.74 33.65 31.61
N PHE A 561 5.90 34.23 31.85
CA PHE A 561 7.16 33.73 31.32
C PHE A 561 8.16 33.50 32.44
N LEU A 562 9.18 32.71 32.12
CA LEU A 562 10.30 32.42 33.02
C LEU A 562 11.40 33.46 32.84
N PRO A 563 11.87 34.12 33.90
CA PRO A 563 12.88 35.16 33.71
C PRO A 563 14.27 34.61 33.48
N PHE A 564 14.35 33.50 32.74
CA PHE A 564 15.61 33.03 32.17
C PHE A 564 15.46 32.54 30.74
N GLN A 565 14.23 32.34 30.25
CA GLN A 565 13.96 31.93 28.88
C GLN A 565 13.03 32.94 28.22
N GLN A 566 13.23 33.15 26.93
CA GLN A 566 12.40 34.07 26.17
C GLN A 566 11.69 33.43 24.99
N PHE A 567 11.96 32.16 24.71
CA PHE A 567 11.35 31.46 23.58
C PHE A 567 9.94 31.00 23.97
N GLY A 568 9.35 30.16 23.13
CA GLY A 568 8.04 29.60 23.40
C GLY A 568 7.65 28.57 22.37
N ARG A 569 7.07 27.46 22.79
CA ARG A 569 6.72 26.37 21.88
C ARG A 569 5.35 25.81 22.25
N ASP A 570 4.87 24.89 21.42
CA ASP A 570 3.58 24.25 21.62
C ASP A 570 3.72 22.75 21.52
N ILE A 571 2.58 22.04 21.43
CA ILE A 571 2.62 20.57 21.34
C ILE A 571 3.42 20.12 20.13
N ALA A 572 3.28 20.83 19.02
CA ALA A 572 3.98 20.48 17.79
C ALA A 572 5.42 20.98 17.76
N ASP A 573 5.89 21.64 18.83
CA ASP A 573 7.25 22.18 18.92
C ASP A 573 7.51 23.22 17.82
N THR A 574 6.60 24.19 17.73
CA THR A 574 6.75 25.32 16.82
C THR A 574 6.79 26.61 17.64
N THR A 575 7.66 27.52 17.25
CA THR A 575 7.80 28.78 17.97
C THR A 575 6.47 29.53 17.97
N ASP A 576 6.04 29.95 19.14
CA ASP A 576 4.72 30.55 19.29
C ASP A 576 4.74 31.89 20.01
N ALA A 577 5.61 32.05 21.01
CA ALA A 577 5.68 33.28 21.79
C ALA A 577 7.12 33.72 21.93
N VAL A 578 7.32 35.03 21.99
CA VAL A 578 8.64 35.62 22.19
C VAL A 578 8.51 36.70 23.25
N ARG A 579 9.66 37.17 23.74
CA ARG A 579 9.73 38.29 24.66
C ARG A 579 10.56 39.40 24.03
N ASP A 580 10.08 40.63 24.16
CA ASP A 580 10.74 41.77 23.56
C ASP A 580 12.12 41.97 24.20
N PRO A 581 13.18 42.09 23.40
CA PRO A 581 14.52 42.29 23.99
C PRO A 581 14.63 43.54 24.84
N GLN A 582 13.89 44.61 24.52
CA GLN A 582 14.02 45.87 25.23
C GLN A 582 12.84 46.14 26.16
N THR A 583 11.61 46.11 25.64
CA THR A 583 10.45 46.39 26.46
C THR A 583 10.02 45.22 27.33
N LEU A 584 10.52 44.01 27.06
CA LEU A 584 10.26 42.82 27.87
C LEU A 584 8.75 42.55 27.98
N GLU A 585 8.14 42.28 26.82
CA GLU A 585 6.71 41.99 26.75
C GLU A 585 6.49 40.70 25.97
N ILE A 586 5.44 39.98 26.32
CA ILE A 586 5.13 38.71 25.68
C ILE A 586 4.38 38.99 24.38
N LEU A 587 4.98 38.59 23.26
CA LEU A 587 4.39 38.77 21.93
C LEU A 587 4.06 37.40 21.35
N ASP A 588 2.80 37.20 20.98
CA ASP A 588 2.35 35.95 20.40
C ASP A 588 2.50 35.99 18.89
N ILE A 589 2.91 34.86 18.31
CA ILE A 589 3.16 34.72 16.89
C ILE A 589 2.05 33.85 16.29
N THR A 590 1.40 34.35 15.25
CA THR A 590 0.36 33.59 14.58
C THR A 590 0.63 33.53 13.08
N PRO A 591 0.15 32.50 12.40
CA PRO A 591 0.37 32.40 10.95
C PRO A 591 -0.40 33.48 10.19
N CYS A 592 -0.14 33.54 8.90
CA CYS A 592 -0.69 34.57 8.02
C CYS A 592 -1.65 33.93 7.03
N SER A 593 -2.95 34.15 7.25
CA SER A 593 -4.02 33.74 6.35
C SER A 593 -3.94 32.27 5.96
N PHE A 594 -3.60 31.99 4.70
CA PHE A 594 -3.49 30.64 4.15
C PHE A 594 -4.86 29.97 4.06
N GLY A 595 -4.99 28.95 3.22
CA GLY A 595 -6.24 28.20 3.17
C GLY A 595 -6.69 27.69 1.82
N GLY A 596 -6.30 28.33 0.73
CA GLY A 596 -6.68 27.87 -0.58
C GLY A 596 -7.91 28.60 -1.14
N VAL A 597 -8.10 28.46 -2.44
CA VAL A 597 -9.16 29.16 -3.16
C VAL A 597 -9.92 28.15 -4.03
N SER A 598 -11.24 28.31 -4.13
CA SER A 598 -12.07 27.45 -4.96
C SER A 598 -12.98 28.31 -5.82
N VAL A 599 -13.41 27.75 -6.96
CA VAL A 599 -14.23 28.46 -7.93
C VAL A 599 -15.45 27.61 -8.25
N ILE A 600 -16.63 28.23 -8.22
CA ILE A 600 -17.89 27.58 -8.56
C ILE A 600 -18.40 28.18 -9.86
N THR A 601 -18.74 27.31 -10.81
CA THR A 601 -19.22 27.71 -12.11
C THR A 601 -20.46 26.90 -12.48
N PRO A 602 -21.38 27.49 -13.23
CA PRO A 602 -22.57 26.74 -13.69
C PRO A 602 -22.40 26.05 -15.03
N GLY A 603 -21.19 25.94 -15.56
CA GLY A 603 -20.97 25.29 -16.83
C GLY A 603 -20.78 26.29 -17.96
N THR A 604 -19.76 26.06 -18.80
CA THR A 604 -19.51 26.96 -19.91
C THR A 604 -20.56 26.85 -21.01
N ASN A 605 -21.41 25.83 -20.97
CA ASN A 605 -22.48 25.68 -21.96
C ASN A 605 -23.59 26.70 -21.74
N THR A 606 -23.77 27.17 -20.51
CA THR A 606 -24.85 28.10 -20.17
C THR A 606 -24.39 29.53 -19.99
N SER A 607 -23.25 29.76 -19.34
CA SER A 607 -22.76 31.12 -19.12
C SER A 607 -21.28 31.05 -18.80
N ASN A 608 -20.66 32.24 -18.76
CA ASN A 608 -19.24 32.39 -18.49
C ASN A 608 -18.99 33.20 -17.23
N GLN A 609 -19.85 33.01 -16.22
CA GLN A 609 -19.70 33.68 -14.94
C GLN A 609 -19.33 32.65 -13.88
N VAL A 610 -18.49 33.06 -12.92
CA VAL A 610 -18.04 32.20 -11.84
C VAL A 610 -18.10 32.98 -10.54
N ALA A 611 -18.02 32.25 -9.43
CA ALA A 611 -17.89 32.85 -8.10
C ALA A 611 -16.70 32.19 -7.40
N VAL A 612 -16.06 32.95 -6.51
CA VAL A 612 -14.79 32.55 -5.92
C VAL A 612 -14.93 32.55 -4.41
N LEU A 613 -14.53 31.44 -3.77
CA LEU A 613 -14.66 31.32 -2.33
C LEU A 613 -13.32 30.95 -1.69
N TYR A 614 -13.08 31.52 -0.51
CA TYR A 614 -11.90 31.23 0.29
C TYR A 614 -12.37 30.61 1.60
N GLN A 615 -11.56 29.68 2.12
CA GLN A 615 -12.06 28.71 3.09
C GLN A 615 -12.04 29.19 4.55
N GLY A 616 -11.03 29.95 4.95
CA GLY A 616 -10.89 30.19 6.38
C GLY A 616 -10.60 31.60 6.84
N VAL A 617 -11.13 32.60 6.13
CA VAL A 617 -10.90 34.00 6.48
C VAL A 617 -12.18 34.80 6.31
N ASN A 618 -12.26 35.92 7.03
CA ASN A 618 -13.21 36.96 6.67
C ASN A 618 -12.86 37.51 5.29
N CYS A 619 -13.86 38.07 4.61
CA CYS A 619 -13.57 38.82 3.39
C CYS A 619 -13.03 40.21 3.69
N THR A 620 -12.80 40.57 4.96
CA THR A 620 -12.21 41.86 5.26
C THR A 620 -10.72 41.89 4.98
N GLU A 621 -10.03 40.76 5.14
CA GLU A 621 -8.60 40.66 4.92
C GLU A 621 -8.25 40.17 3.53
N VAL A 622 -9.24 39.79 2.72
CA VAL A 622 -9.02 39.24 1.39
C VAL A 622 -8.69 40.27 0.31
N PRO A 623 -9.25 41.53 0.30
CA PRO A 623 -9.21 42.34 -0.93
C PRO A 623 -7.83 42.53 -1.53
N VAL A 624 -6.90 43.09 -0.76
CA VAL A 624 -5.53 43.30 -1.25
C VAL A 624 -4.54 42.33 -0.61
N ALA A 625 -4.81 41.83 0.59
CA ALA A 625 -3.92 40.88 1.24
C ALA A 625 -4.32 39.45 0.84
N ILE A 626 -4.15 39.17 -0.45
CA ILE A 626 -4.42 37.85 -1.00
C ILE A 626 -3.23 37.31 -1.78
N HIS A 627 -2.87 38.00 -2.87
CA HIS A 627 -1.68 37.66 -3.68
C HIS A 627 -1.67 36.19 -4.09
N ALA A 628 -2.86 35.67 -4.42
CA ALA A 628 -3.14 34.29 -4.85
C ALA A 628 -1.96 33.32 -4.78
N ASP A 629 -1.56 32.80 -5.94
CA ASP A 629 -0.46 31.84 -6.02
C ASP A 629 0.87 32.59 -6.07
N GLN A 630 1.94 31.88 -6.45
CA GLN A 630 3.25 32.48 -6.61
C GLN A 630 3.18 33.75 -7.44
N LEU A 631 3.55 34.88 -6.83
CA LEU A 631 3.33 36.20 -7.40
C LEU A 631 1.89 36.34 -7.88
N THR A 632 1.69 36.53 -9.18
CA THR A 632 0.38 36.60 -9.82
C THR A 632 -0.58 37.48 -9.03
N PRO A 633 -0.43 38.81 -9.08
CA PRO A 633 -1.34 39.68 -8.34
C PRO A 633 -2.79 39.37 -8.68
N THR A 634 -3.64 39.35 -7.66
CA THR A 634 -4.97 38.77 -7.78
C THR A 634 -5.79 39.52 -8.82
N TRP A 635 -6.79 38.82 -9.34
CA TRP A 635 -7.75 39.44 -10.25
C TRP A 635 -8.66 40.34 -9.45
N ARG A 636 -8.30 41.62 -9.36
CA ARG A 636 -8.98 42.55 -8.47
C ARG A 636 -10.44 42.76 -8.86
N VAL A 637 -10.80 42.51 -10.11
CA VAL A 637 -12.20 42.63 -10.51
C VAL A 637 -13.07 41.68 -9.70
N TYR A 638 -12.62 40.43 -9.55
CA TYR A 638 -13.34 39.49 -8.69
C TYR A 638 -13.07 39.77 -7.22
N SER A 639 -11.88 40.28 -6.88
CA SER A 639 -11.63 40.66 -5.49
C SER A 639 -12.49 41.84 -5.07
N THR A 640 -12.79 42.74 -5.99
CA THR A 640 -13.71 43.84 -5.74
C THR A 640 -15.12 43.41 -6.15
N GLY A 641 -16.04 44.37 -6.21
CA GLY A 641 -17.42 44.07 -6.56
C GLY A 641 -18.28 43.83 -5.33
N SER A 642 -19.59 44.01 -5.53
CA SER A 642 -20.56 43.85 -4.45
C SER A 642 -20.85 42.36 -4.26
N ASN A 643 -21.91 42.07 -3.49
CA ASN A 643 -22.34 40.71 -3.21
C ASN A 643 -21.25 39.90 -2.50
N VAL A 644 -20.58 40.53 -1.55
CA VAL A 644 -19.62 39.83 -0.70
C VAL A 644 -20.39 39.14 0.41
N PHE A 645 -20.18 37.83 0.55
CA PHE A 645 -20.91 37.02 1.52
C PHE A 645 -19.93 36.28 2.41
N GLN A 646 -20.36 36.00 3.64
CA GLN A 646 -19.55 35.27 4.60
C GLN A 646 -20.33 34.05 5.07
N THR A 647 -19.77 32.87 4.87
CA THR A 647 -20.39 31.61 5.28
C THR A 647 -19.51 30.93 6.32
N ARG A 648 -20.07 29.91 6.96
CA ARG A 648 -19.34 29.18 7.99
C ARG A 648 -18.06 28.58 7.43
N ALA A 649 -18.00 28.33 6.13
CA ALA A 649 -16.82 27.77 5.47
C ALA A 649 -15.99 28.84 4.75
N GLY A 650 -15.96 30.07 5.27
CA GLY A 650 -15.08 31.10 4.76
C GLY A 650 -15.87 32.29 4.23
N CYS A 651 -15.37 32.87 3.13
CA CYS A 651 -16.09 33.97 2.52
C CYS A 651 -16.12 33.79 1.01
N LEU A 652 -17.28 34.13 0.42
CA LEU A 652 -17.58 33.87 -0.97
C LEU A 652 -17.92 35.17 -1.67
N ILE A 653 -17.39 35.34 -2.88
CA ILE A 653 -17.50 36.58 -3.64
C ILE A 653 -18.04 36.26 -5.03
N GLY A 654 -18.98 37.08 -5.49
CA GLY A 654 -19.53 36.94 -6.82
C GLY A 654 -20.91 36.33 -6.89
N ALA A 655 -21.52 36.00 -5.76
CA ALA A 655 -22.86 35.43 -5.72
C ALA A 655 -23.73 36.19 -4.73
N GLU A 656 -25.01 36.29 -5.05
CA GLU A 656 -25.96 37.03 -4.23
C GLU A 656 -26.71 36.09 -3.30
N TYR A 657 -27.13 36.62 -2.16
CA TYR A 657 -27.83 35.84 -1.14
C TYR A 657 -29.32 36.16 -1.19
N VAL A 658 -30.15 35.12 -1.07
CA VAL A 658 -31.59 35.26 -1.18
C VAL A 658 -32.24 34.68 0.06
N ASN A 659 -33.51 35.07 0.27
CA ASN A 659 -34.32 34.49 1.34
C ASN A 659 -34.68 33.04 1.08
N ASN A 660 -34.98 32.69 -0.17
CA ASN A 660 -35.69 31.45 -0.47
C ASN A 660 -34.82 30.23 -0.20
N SER A 661 -35.45 29.06 -0.28
CA SER A 661 -34.79 27.78 -0.04
C SER A 661 -35.25 26.79 -1.10
N TYR A 662 -34.29 26.09 -1.71
CA TYR A 662 -34.57 25.07 -2.71
C TYR A 662 -33.73 23.84 -2.44
N GLU A 663 -33.73 22.89 -3.36
CA GLU A 663 -32.83 21.75 -3.25
C GLU A 663 -31.43 22.14 -3.69
N CYS A 664 -30.44 21.45 -3.13
CA CYS A 664 -29.05 21.79 -3.41
C CYS A 664 -28.70 21.50 -4.87
N ASP A 665 -27.98 22.44 -5.48
CA ASP A 665 -27.52 22.31 -6.85
C ASP A 665 -26.00 22.21 -6.93
N ILE A 666 -25.29 23.20 -6.40
CA ILE A 666 -23.84 23.13 -6.25
C ILE A 666 -23.52 23.26 -4.77
N PRO A 667 -23.03 22.20 -4.12
CA PRO A 667 -22.84 22.25 -2.66
C PRO A 667 -21.65 23.13 -2.29
N ILE A 668 -21.92 24.18 -1.52
CA ILE A 668 -20.86 25.03 -0.99
C ILE A 668 -20.35 24.50 0.34
N GLY A 669 -21.25 24.21 1.27
CA GLY A 669 -20.87 23.60 2.53
C GLY A 669 -21.58 24.25 3.70
N ALA A 670 -21.56 23.55 4.84
CA ALA A 670 -22.16 24.03 6.09
C ALA A 670 -23.61 24.42 5.90
N GLY A 671 -24.33 23.65 5.07
CA GLY A 671 -25.72 23.89 4.81
C GLY A 671 -26.01 24.95 3.76
N ILE A 672 -24.98 25.55 3.17
CA ILE A 672 -25.15 26.57 2.14
C ILE A 672 -24.91 25.93 0.78
N CYS A 673 -25.81 26.20 -0.17
CA CYS A 673 -25.69 25.72 -1.53
C CYS A 673 -25.77 26.92 -2.47
N ALA A 674 -25.40 26.69 -3.73
CA ALA A 674 -25.42 27.74 -4.74
C ALA A 674 -26.00 27.21 -6.03
N SER A 675 -26.58 28.10 -6.83
CA SER A 675 -27.17 27.73 -8.10
C SER A 675 -27.13 28.94 -9.03
N TYR A 676 -27.65 28.75 -10.24
CA TYR A 676 -27.62 29.77 -11.28
C TYR A 676 -28.97 29.80 -11.97
N GLN A 677 -29.75 30.86 -11.75
CA GLN A 677 -31.07 30.97 -12.34
C GLN A 677 -31.42 32.45 -12.47
N THR A 678 -32.31 32.75 -13.41
CA THR A 678 -32.69 34.12 -13.70
C THR A 678 -33.49 34.74 -12.55
N SER A 691 -29.89 39.88 -16.32
CA SER A 691 -30.90 39.26 -15.46
C SER A 691 -30.36 37.98 -14.83
N GLN A 692 -29.51 37.28 -15.57
CA GLN A 692 -28.91 36.05 -15.08
C GLN A 692 -27.82 36.34 -14.06
N SER A 693 -27.83 35.59 -12.97
CA SER A 693 -26.82 35.74 -11.93
C SER A 693 -26.75 34.46 -11.11
N ILE A 694 -25.65 34.30 -10.39
CA ILE A 694 -25.44 33.15 -9.52
C ILE A 694 -25.90 33.52 -8.11
N ILE A 695 -26.75 32.68 -7.52
CA ILE A 695 -27.31 32.93 -6.21
C ILE A 695 -26.84 31.85 -5.24
N ALA A 696 -26.85 32.20 -3.95
CA ALA A 696 -26.52 31.27 -2.88
C ALA A 696 -27.63 31.30 -1.84
N TYR A 697 -27.99 30.12 -1.34
CA TYR A 697 -29.11 30.00 -0.42
C TYR A 697 -28.82 28.89 0.58
N THR A 698 -29.81 28.63 1.44
CA THR A 698 -29.76 27.53 2.38
C THR A 698 -30.68 26.43 1.89
N MET A 699 -30.15 25.21 1.76
CA MET A 699 -30.90 24.11 1.19
C MET A 699 -32.09 23.73 2.08
N SER A 700 -33.13 23.22 1.45
CA SER A 700 -34.34 22.78 2.13
C SER A 700 -34.40 21.26 2.10
N LEU A 701 -34.65 20.65 3.26
CA LEU A 701 -34.65 19.20 3.36
C LEU A 701 -35.77 18.57 2.55
N GLY A 702 -36.95 19.16 2.57
CA GLY A 702 -38.06 18.61 1.81
C GLY A 702 -39.32 19.42 2.04
N ALA A 703 -40.40 18.95 1.43
CA ALA A 703 -41.69 19.60 1.55
C ALA A 703 -42.22 19.45 2.98
N GLU A 704 -43.40 20.03 3.22
CA GLU A 704 -44.03 20.01 4.53
C GLU A 704 -45.30 19.19 4.46
N ASN A 705 -45.48 18.32 5.46
CA ASN A 705 -46.66 17.46 5.51
C ASN A 705 -46.96 17.11 6.96
N SER A 706 -48.25 16.95 7.26
CA SER A 706 -48.69 16.56 8.60
C SER A 706 -49.76 15.49 8.46
N VAL A 707 -49.64 14.43 9.27
CA VAL A 707 -50.58 13.33 9.26
C VAL A 707 -51.61 13.57 10.35
N ALA A 708 -52.89 13.42 10.01
CA ALA A 708 -53.99 13.71 10.92
C ALA A 708 -54.26 12.50 11.82
N TYR A 709 -53.32 12.27 12.74
CA TYR A 709 -53.48 11.21 13.73
C TYR A 709 -54.64 11.55 14.67
N SER A 710 -55.52 10.59 14.89
CA SER A 710 -56.70 10.80 15.73
C SER A 710 -56.90 9.60 16.63
N ASN A 711 -57.91 9.69 17.50
CA ASN A 711 -58.21 8.63 18.45
C ASN A 711 -58.63 7.35 17.72
N ASN A 712 -59.57 7.47 16.79
CA ASN A 712 -60.22 6.31 16.17
C ASN A 712 -60.39 6.52 14.67
N SER A 713 -59.33 6.95 13.99
CA SER A 713 -59.37 7.19 12.56
C SER A 713 -58.34 6.33 11.84
N ILE A 714 -58.74 5.77 10.69
CA ILE A 714 -57.86 4.98 9.84
C ILE A 714 -58.11 5.38 8.39
N ALA A 715 -57.11 5.11 7.55
CA ALA A 715 -57.20 5.41 6.12
C ALA A 715 -56.86 4.15 5.33
N ILE A 716 -57.71 3.81 4.37
CA ILE A 716 -57.60 2.58 3.59
C ILE A 716 -57.46 2.96 2.12
N PRO A 717 -56.44 2.47 1.41
CA PRO A 717 -56.34 2.76 -0.02
C PRO A 717 -57.44 2.05 -0.81
N THR A 718 -57.80 2.65 -1.94
CA THR A 718 -58.87 2.12 -2.79
C THR A 718 -58.42 1.88 -4.23
N ASN A 719 -57.13 1.97 -4.52
CA ASN A 719 -56.59 1.72 -5.85
C ASN A 719 -55.12 1.36 -5.70
N PHE A 720 -54.41 1.23 -6.82
CA PHE A 720 -53.01 0.85 -6.79
C PHE A 720 -52.31 1.33 -8.05
N THR A 721 -51.00 1.09 -8.10
CA THR A 721 -50.15 1.48 -9.22
C THR A 721 -48.98 0.51 -9.29
N ILE A 722 -48.59 0.13 -10.50
CA ILE A 722 -47.47 -0.75 -10.73
C ILE A 722 -46.29 0.09 -11.20
N SER A 723 -45.13 -0.07 -10.55
CA SER A 723 -43.97 0.75 -10.82
C SER A 723 -42.78 -0.12 -11.22
N VAL A 724 -41.96 0.39 -12.13
CA VAL A 724 -40.75 -0.28 -12.59
C VAL A 724 -39.59 0.69 -12.44
N THR A 725 -38.57 0.29 -11.69
CA THR A 725 -37.42 1.14 -11.44
C THR A 725 -36.13 0.41 -11.84
N THR A 726 -35.04 1.18 -11.98
CA THR A 726 -33.75 0.66 -12.37
C THR A 726 -32.80 0.61 -11.18
N GLU A 727 -31.76 -0.20 -11.33
CA GLU A 727 -30.64 -0.18 -10.37
C GLU A 727 -29.39 -0.67 -11.08
N ILE A 728 -28.33 0.14 -11.06
CA ILE A 728 -27.08 -0.15 -11.76
C ILE A 728 -26.06 -0.63 -10.75
N LEU A 729 -25.26 -1.64 -11.14
CA LEU A 729 -24.24 -2.14 -10.24
C LEU A 729 -23.00 -2.61 -11.00
N PRO A 730 -21.82 -2.07 -10.69
CA PRO A 730 -20.59 -2.61 -11.29
C PRO A 730 -20.28 -4.00 -10.78
N VAL A 731 -19.65 -4.81 -11.64
CA VAL A 731 -19.39 -6.20 -11.30
C VAL A 731 -17.91 -6.53 -11.44
N SER A 732 -17.20 -5.84 -12.34
CA SER A 732 -15.82 -6.21 -12.61
C SER A 732 -15.08 -5.02 -13.20
N MET A 733 -13.76 -5.08 -13.13
CA MET A 733 -12.86 -4.06 -13.65
C MET A 733 -11.93 -4.66 -14.69
N THR A 734 -11.10 -3.80 -15.28
CA THR A 734 -10.20 -4.25 -16.35
C THR A 734 -9.06 -5.08 -15.79
N LYS A 735 -8.72 -6.15 -16.50
CA LYS A 735 -7.60 -7.00 -16.15
C LYS A 735 -6.32 -6.48 -16.82
N THR A 736 -5.24 -6.46 -16.06
CA THR A 736 -3.98 -5.92 -16.55
C THR A 736 -2.81 -6.71 -15.98
N SER A 737 -1.67 -6.63 -16.67
CA SER A 737 -0.44 -7.25 -16.23
C SER A 737 0.73 -6.34 -16.62
N VAL A 738 1.85 -6.49 -15.91
CA VAL A 738 2.97 -5.58 -16.03
C VAL A 738 4.27 -6.34 -16.25
N ASP A 739 5.25 -5.64 -16.81
CA ASP A 739 6.60 -6.14 -17.03
C ASP A 739 7.58 -5.16 -16.41
N CYS A 740 8.53 -5.67 -15.62
CA CYS A 740 9.53 -4.80 -15.01
C CYS A 740 10.68 -4.52 -15.95
N THR A 741 11.30 -5.57 -16.50
CA THR A 741 12.60 -5.41 -17.14
C THR A 741 12.57 -4.39 -18.28
N MET A 742 11.40 -4.14 -18.86
CA MET A 742 11.29 -3.13 -19.89
C MET A 742 10.72 -1.81 -19.39
N TYR A 743 9.75 -1.84 -18.46
CA TYR A 743 9.22 -0.58 -17.93
C TYR A 743 10.29 0.19 -17.17
N ILE A 744 11.08 -0.50 -16.36
CA ILE A 744 12.09 0.17 -15.55
C ILE A 744 13.34 0.45 -16.37
N CYS A 745 13.93 -0.60 -16.94
CA CYS A 745 15.18 -0.47 -17.70
C CYS A 745 14.92 -0.30 -19.20
N GLY A 746 14.31 -1.29 -19.82
CA GLY A 746 14.08 -1.26 -21.25
C GLY A 746 15.18 -1.97 -22.00
N ASP A 747 15.75 -1.29 -23.00
CA ASP A 747 16.80 -1.88 -23.83
C ASP A 747 18.15 -1.96 -23.13
N SER A 748 18.34 -1.22 -22.04
CA SER A 748 19.62 -1.22 -21.36
C SER A 748 19.94 -2.60 -20.79
N THR A 749 21.21 -2.96 -20.85
CA THR A 749 21.68 -4.25 -20.33
C THR A 749 22.31 -4.14 -18.95
N GLU A 750 23.10 -3.09 -18.70
CA GLU A 750 23.66 -2.90 -17.36
C GLU A 750 22.57 -2.57 -16.35
N CYS A 751 21.49 -1.92 -16.78
CA CYS A 751 20.40 -1.60 -15.87
C CYS A 751 19.76 -2.86 -15.31
N SER A 752 19.62 -3.90 -16.13
CA SER A 752 19.07 -5.16 -15.64
C SER A 752 19.97 -5.78 -14.59
N ASN A 753 21.29 -5.75 -14.81
CA ASN A 753 22.22 -6.28 -13.81
C ASN A 753 22.14 -5.49 -12.52
N LEU A 754 22.02 -4.17 -12.61
CA LEU A 754 21.89 -3.35 -11.41
C LEU A 754 20.58 -3.65 -10.69
N LEU A 755 19.49 -3.84 -11.43
CA LEU A 755 18.19 -4.08 -10.82
C LEU A 755 18.11 -5.47 -10.21
N LEU A 756 18.93 -6.41 -10.69
CA LEU A 756 18.93 -7.76 -10.14
C LEU A 756 19.22 -7.75 -8.64
N GLN A 757 19.95 -6.75 -8.15
CA GLN A 757 20.33 -6.66 -6.75
C GLN A 757 19.20 -6.16 -5.85
N TYR A 758 18.05 -5.78 -6.40
CA TYR A 758 16.99 -5.18 -5.61
C TYR A 758 16.03 -6.19 -5.00
N GLY A 759 16.25 -7.49 -5.20
CA GLY A 759 15.45 -8.49 -4.53
C GLY A 759 14.27 -9.02 -5.32
N SER A 760 13.13 -9.20 -4.65
CA SER A 760 11.98 -9.86 -5.25
C SER A 760 10.76 -8.95 -5.26
N PHE A 761 10.92 -7.70 -5.66
CA PHE A 761 9.78 -6.78 -5.72
C PHE A 761 8.88 -7.12 -6.91
N CYS A 762 9.47 -7.43 -8.06
CA CYS A 762 8.70 -7.70 -9.26
C CYS A 762 7.92 -9.00 -9.16
N THR A 763 8.45 -10.00 -8.46
CA THR A 763 7.66 -11.20 -8.20
C THR A 763 6.40 -10.85 -7.40
N GLN A 764 6.54 -9.98 -6.40
CA GLN A 764 5.39 -9.54 -5.63
C GLN A 764 4.37 -8.81 -6.50
N LEU A 765 4.85 -7.89 -7.36
CA LEU A 765 3.93 -7.15 -8.22
C LEU A 765 3.20 -8.09 -9.18
N LYS A 766 3.93 -9.01 -9.79
CA LYS A 766 3.33 -9.96 -10.72
C LYS A 766 2.28 -10.83 -10.02
N ARG A 767 2.60 -11.29 -8.81
CA ARG A 767 1.65 -12.11 -8.07
C ARG A 767 0.38 -11.34 -7.73
N ALA A 768 0.53 -10.08 -7.30
CA ALA A 768 -0.65 -9.28 -6.97
C ALA A 768 -1.51 -9.05 -8.20
N LEU A 769 -0.89 -8.71 -9.33
CA LEU A 769 -1.68 -8.47 -10.55
C LEU A 769 -2.37 -9.74 -11.02
N THR A 770 -1.70 -10.88 -10.92
CA THR A 770 -2.33 -12.15 -11.28
C THR A 770 -3.52 -12.44 -10.38
N GLY A 771 -3.39 -12.18 -9.07
CA GLY A 771 -4.52 -12.38 -8.18
C GLY A 771 -5.71 -11.53 -8.54
N ILE A 772 -5.47 -10.26 -8.86
CA ILE A 772 -6.56 -9.37 -9.25
C ILE A 772 -7.22 -9.87 -10.55
N ALA A 773 -6.40 -10.29 -11.52
CA ALA A 773 -6.93 -10.73 -12.80
C ALA A 773 -7.81 -11.97 -12.62
N VAL A 774 -7.40 -12.89 -11.76
CA VAL A 774 -8.25 -14.06 -11.50
C VAL A 774 -9.52 -13.67 -10.76
N GLU A 775 -9.40 -12.72 -9.82
CA GLU A 775 -10.55 -12.31 -9.03
C GLU A 775 -11.65 -11.71 -9.89
N GLN A 776 -11.27 -10.98 -10.95
CA GLN A 776 -12.30 -10.39 -11.81
C GLN A 776 -13.16 -11.47 -12.47
N ASP A 777 -12.53 -12.50 -13.03
CA ASP A 777 -13.27 -13.59 -13.64
C ASP A 777 -14.12 -14.32 -12.60
N LYS A 778 -13.59 -14.50 -11.39
CA LYS A 778 -14.37 -15.11 -10.33
C LYS A 778 -15.62 -14.30 -10.03
N ASN A 779 -15.49 -12.96 -9.99
CA ASN A 779 -16.64 -12.10 -9.73
C ASN A 779 -17.71 -12.26 -10.80
N THR A 780 -17.30 -12.22 -12.06
CA THR A 780 -18.28 -12.35 -13.15
C THR A 780 -18.98 -13.71 -13.11
N GLN A 781 -18.21 -14.78 -12.89
CA GLN A 781 -18.80 -16.11 -12.81
C GLN A 781 -19.77 -16.22 -11.65
N GLU A 782 -19.41 -15.65 -10.51
CA GLU A 782 -20.29 -15.69 -9.35
C GLU A 782 -21.59 -14.95 -9.62
N VAL A 783 -21.52 -13.77 -10.22
CA VAL A 783 -22.72 -12.94 -10.39
C VAL A 783 -23.66 -13.55 -11.41
N PHE A 784 -23.12 -14.00 -12.56
CA PHE A 784 -24.02 -14.33 -13.66
C PHE A 784 -24.38 -15.82 -13.69
N ALA A 785 -23.39 -16.71 -13.62
CA ALA A 785 -23.61 -18.14 -13.80
C ALA A 785 -24.22 -18.71 -12.53
N GLN A 786 -25.55 -18.66 -12.45
CA GLN A 786 -26.28 -19.23 -11.31
C GLN A 786 -27.14 -20.43 -11.68
N VAL A 787 -27.44 -20.63 -12.96
CA VAL A 787 -28.23 -21.77 -13.41
C VAL A 787 -27.38 -22.58 -14.38
N LYS A 788 -27.47 -23.90 -14.27
CA LYS A 788 -26.68 -24.80 -15.11
C LYS A 788 -27.48 -25.36 -16.28
N GLN A 789 -28.66 -24.81 -16.55
CA GLN A 789 -29.45 -25.20 -17.71
C GLN A 789 -29.92 -23.94 -18.43
N ILE A 790 -30.09 -24.05 -19.74
CA ILE A 790 -30.47 -22.93 -20.59
C ILE A 790 -31.92 -23.12 -21.00
N TYR A 791 -32.81 -22.35 -20.40
CA TYR A 791 -34.23 -22.42 -20.73
C TYR A 791 -34.53 -21.58 -21.96
N LYS A 792 -35.58 -21.97 -22.68
CA LYS A 792 -35.98 -21.30 -23.92
C LYS A 792 -37.42 -20.85 -23.83
N THR A 793 -37.68 -19.63 -24.30
CA THR A 793 -39.04 -19.12 -24.34
C THR A 793 -39.84 -19.80 -25.46
N PRO A 794 -41.14 -20.00 -25.27
CA PRO A 794 -41.92 -20.70 -26.27
C PRO A 794 -41.99 -19.90 -27.56
N PRO A 795 -42.16 -20.57 -28.71
CA PRO A 795 -42.26 -19.83 -29.98
C PRO A 795 -43.47 -18.91 -30.06
N ILE A 796 -44.58 -19.27 -29.42
CA ILE A 796 -45.76 -18.42 -29.39
C ILE A 796 -45.70 -17.55 -28.15
N LYS A 797 -45.66 -16.24 -28.34
CA LYS A 797 -45.49 -15.28 -27.25
C LYS A 797 -46.85 -14.71 -26.86
N TYR A 798 -47.44 -15.27 -25.81
CA TYR A 798 -48.64 -14.72 -25.21
C TYR A 798 -48.65 -15.08 -23.73
N PHE A 799 -48.56 -14.07 -22.87
CA PHE A 799 -48.44 -14.28 -21.42
C PHE A 799 -49.57 -13.57 -20.68
N GLY A 800 -50.80 -13.68 -21.20
CA GLY A 800 -51.94 -13.07 -20.56
C GLY A 800 -52.15 -11.61 -20.87
N GLY A 801 -51.41 -11.02 -21.80
CA GLY A 801 -51.55 -9.62 -22.12
C GLY A 801 -50.38 -8.73 -21.77
N PHE A 802 -49.22 -9.31 -21.47
CA PHE A 802 -48.03 -8.56 -21.07
C PHE A 802 -47.04 -8.56 -22.24
N ASN A 803 -46.55 -7.38 -22.63
CA ASN A 803 -45.25 -7.31 -23.28
C ASN A 803 -44.11 -7.68 -22.34
N PHE A 804 -43.17 -8.46 -22.90
CA PHE A 804 -41.79 -8.57 -22.43
C PHE A 804 -40.82 -8.31 -23.58
N SER A 805 -41.32 -7.73 -24.67
CA SER A 805 -40.57 -7.57 -25.91
C SER A 805 -39.42 -6.56 -25.81
N GLN A 806 -39.38 -5.76 -24.74
CA GLN A 806 -38.30 -4.80 -24.55
C GLN A 806 -37.18 -5.36 -23.69
N ILE A 807 -37.25 -6.63 -23.28
CA ILE A 807 -36.21 -7.23 -22.46
C ILE A 807 -35.80 -8.57 -23.08
N LEU A 808 -36.61 -9.09 -24.01
CA LEU A 808 -36.29 -10.36 -24.65
C LEU A 808 -35.33 -10.16 -25.81
N PRO A 809 -34.57 -11.20 -26.17
CA PRO A 809 -33.60 -11.06 -27.27
C PRO A 809 -34.28 -10.74 -28.59
N ASP A 810 -33.55 -10.01 -29.44
CA ASP A 810 -34.05 -9.61 -30.75
C ASP A 810 -33.39 -10.47 -31.81
N PRO A 811 -34.10 -11.38 -32.47
CA PRO A 811 -33.44 -12.26 -33.45
C PRO A 811 -32.89 -11.53 -34.67
N SER A 812 -33.49 -10.40 -35.05
CA SER A 812 -33.09 -9.73 -36.29
C SER A 812 -31.64 -9.24 -36.22
N LYS A 813 -31.23 -8.68 -35.08
CA LYS A 813 -29.90 -8.11 -34.95
C LYS A 813 -28.85 -9.21 -35.04
N PRO A 814 -27.68 -8.92 -35.63
CA PRO A 814 -26.61 -9.92 -35.67
C PRO A 814 -26.17 -10.39 -34.30
N SER A 815 -26.13 -9.48 -33.33
CA SER A 815 -25.89 -9.82 -31.93
C SER A 815 -27.23 -9.83 -31.21
N LYS A 816 -27.58 -10.97 -30.62
CA LYS A 816 -28.91 -11.17 -30.05
C LYS A 816 -28.96 -10.52 -28.67
N ARG A 817 -29.37 -9.25 -28.65
CA ARG A 817 -29.54 -8.50 -27.42
C ARG A 817 -30.86 -7.76 -27.46
N SER A 818 -31.45 -7.56 -26.27
CA SER A 818 -32.70 -6.85 -26.16
C SER A 818 -32.50 -5.37 -26.48
N PRO A 819 -33.57 -4.66 -26.86
CA PRO A 819 -33.42 -3.22 -27.14
C PRO A 819 -32.86 -2.42 -25.97
N ILE A 820 -33.26 -2.75 -24.75
CA ILE A 820 -32.72 -2.05 -23.59
C ILE A 820 -31.24 -2.37 -23.41
N GLU A 821 -30.85 -3.61 -23.68
CA GLU A 821 -29.43 -3.96 -23.61
C GLU A 821 -28.62 -3.16 -24.64
N ASP A 822 -29.16 -3.00 -25.84
CA ASP A 822 -28.48 -2.20 -26.85
C ASP A 822 -28.38 -0.74 -26.42
N LEU A 823 -29.45 -0.20 -25.85
CA LEU A 823 -29.41 1.17 -25.35
C LEU A 823 -28.36 1.34 -24.27
N LEU A 824 -28.26 0.39 -23.35
CA LEU A 824 -27.25 0.44 -22.31
C LEU A 824 -25.84 0.35 -22.90
N PHE A 825 -25.67 -0.52 -23.90
CA PHE A 825 -24.34 -0.70 -24.49
CA PHE A 825 -24.34 -0.69 -24.50
C PHE A 825 -23.89 0.55 -25.24
N ASN A 826 -24.80 1.23 -25.94
CA ASN A 826 -24.42 2.38 -26.73
C ASN A 826 -23.99 3.57 -25.86
N LYS A 827 -24.55 3.71 -24.67
CA LYS A 827 -24.33 4.90 -23.86
C LYS A 827 -23.05 4.84 -23.03
N VAL A 828 -22.29 3.76 -23.11
CA VAL A 828 -21.02 3.65 -22.41
C VAL A 828 -19.92 3.59 -23.46
N THR A 829 -19.07 4.62 -23.48
CA THR A 829 -18.00 4.74 -24.48
C THR A 829 -16.70 4.27 -23.86
N LEU A 830 -16.24 3.08 -24.25
CA LEU A 830 -14.99 2.54 -23.76
C LEU A 830 -13.82 3.17 -24.50
N ALA A 831 -12.60 2.85 -24.04
CA ALA A 831 -11.38 3.37 -24.63
C ALA A 831 -10.63 2.36 -25.47
N ASP A 832 -10.79 1.06 -25.21
CA ASP A 832 -10.08 0.01 -25.92
C ASP A 832 -11.06 -0.72 -26.83
N ALA A 833 -10.85 -0.62 -28.14
CA ALA A 833 -11.65 -1.32 -29.13
C ALA A 833 -10.74 -2.29 -29.88
N GLY A 834 -11.00 -3.59 -29.72
CA GLY A 834 -10.16 -4.60 -30.31
C GLY A 834 -8.92 -4.85 -29.47
N PHE A 835 -8.56 -6.13 -29.28
CA PHE A 835 -7.46 -6.49 -28.41
C PHE A 835 -6.27 -7.09 -29.16
N ILE A 836 -6.38 -7.28 -30.47
CA ILE A 836 -5.25 -7.75 -31.28
C ILE A 836 -4.51 -6.51 -31.75
N LYS A 837 -3.59 -6.03 -30.92
CA LYS A 837 -2.79 -4.85 -31.23
C LYS A 837 -1.45 -5.27 -31.82
N GLN A 838 -1.54 -5.80 -33.05
CA GLN A 838 -0.35 -6.26 -33.76
C GLN A 838 0.53 -5.09 -34.19
N ASP A 850 -3.99 5.56 -30.97
CA ASP A 850 -4.65 4.79 -29.92
C ASP A 850 -3.85 4.86 -28.62
N LEU A 851 -4.51 5.31 -27.54
CA LEU A 851 -3.84 5.39 -26.24
C LEU A 851 -3.50 4.01 -25.70
N ILE A 852 -4.31 2.99 -26.02
CA ILE A 852 -4.04 1.65 -25.55
C ILE A 852 -2.74 1.12 -26.17
N CYS A 853 -2.53 1.39 -27.46
CA CYS A 853 -1.27 1.01 -28.10
C CYS A 853 -0.09 1.76 -27.48
N ALA A 854 -0.29 3.04 -27.15
CA ALA A 854 0.77 3.80 -26.50
C ALA A 854 1.14 3.19 -25.15
N GLN A 855 0.13 2.79 -24.38
CA GLN A 855 0.41 2.12 -23.11
C GLN A 855 1.12 0.78 -23.34
N LYS A 856 0.68 0.03 -24.37
CA LYS A 856 1.34 -1.23 -24.68
C LYS A 856 2.80 -1.03 -25.06
N PHE A 857 3.13 0.12 -25.63
CA PHE A 857 4.51 0.37 -26.04
C PHE A 857 5.47 0.47 -24.86
N LYS A 858 4.97 0.56 -23.62
CA LYS A 858 5.84 0.77 -22.46
C LYS A 858 5.72 -0.34 -21.42
N GLY A 859 5.29 -1.54 -21.83
CA GLY A 859 5.32 -2.70 -20.96
C GLY A 859 4.01 -3.08 -20.31
N LEU A 860 2.98 -2.25 -20.44
CA LEU A 860 1.68 -2.52 -19.84
C LEU A 860 0.76 -3.19 -20.85
N THR A 861 0.10 -4.25 -20.45
CA THR A 861 -0.79 -5.00 -21.33
C THR A 861 -2.14 -5.18 -20.66
N VAL A 862 -3.17 -5.37 -21.49
CA VAL A 862 -4.54 -5.56 -21.03
C VAL A 862 -5.00 -6.93 -21.52
N LEU A 863 -5.39 -7.80 -20.56
CA LEU A 863 -5.83 -9.15 -20.88
C LEU A 863 -7.32 -9.20 -21.16
N PRO A 864 -7.77 -10.11 -22.02
CA PRO A 864 -9.20 -10.18 -22.34
C PRO A 864 -9.96 -11.00 -21.32
N PRO A 865 -11.22 -10.64 -21.06
CA PRO A 865 -12.01 -11.42 -20.09
C PRO A 865 -12.33 -12.82 -20.60
N LEU A 866 -12.50 -13.74 -19.67
CA LEU A 866 -12.76 -15.13 -20.02
C LEU A 866 -14.13 -15.30 -20.67
N LEU A 867 -15.16 -14.69 -20.10
CA LEU A 867 -16.52 -14.78 -20.63
C LEU A 867 -16.73 -13.64 -21.61
N THR A 868 -16.88 -13.97 -22.89
CA THR A 868 -17.10 -12.95 -23.90
C THR A 868 -18.49 -12.34 -23.72
N ASP A 869 -18.75 -11.27 -24.47
CA ASP A 869 -19.96 -10.48 -24.27
C ASP A 869 -21.21 -11.17 -24.80
N GLU A 870 -21.12 -12.40 -25.30
CA GLU A 870 -22.30 -13.12 -25.80
C GLU A 870 -22.80 -14.17 -24.81
N MET A 871 -21.89 -14.85 -24.10
CA MET A 871 -22.33 -15.82 -23.10
C MET A 871 -23.06 -15.14 -21.95
N ILE A 872 -22.68 -13.91 -21.62
CA ILE A 872 -23.40 -13.16 -20.58
C ILE A 872 -24.83 -12.88 -21.02
N ALA A 873 -25.01 -12.47 -22.29
CA ALA A 873 -26.35 -12.26 -22.80
C ALA A 873 -27.15 -13.56 -22.83
N GLN A 874 -26.49 -14.67 -23.15
CA GLN A 874 -27.16 -15.96 -23.11
C GLN A 874 -27.63 -16.30 -21.69
N TYR A 875 -26.78 -16.02 -20.70
CA TYR A 875 -27.13 -16.28 -19.31
C TYR A 875 -28.34 -15.45 -18.89
N THR A 876 -28.34 -14.15 -19.22
CA THR A 876 -29.46 -13.31 -18.86
C THR A 876 -30.74 -13.76 -19.57
N SER A 877 -30.64 -14.16 -20.83
CA SER A 877 -31.81 -14.66 -21.54
C SER A 877 -32.35 -15.93 -20.90
N ALA A 878 -31.45 -16.83 -20.48
CA ALA A 878 -31.89 -18.04 -19.81
C ALA A 878 -32.60 -17.73 -18.49
N LEU A 879 -32.05 -16.79 -17.71
CA LEU A 879 -32.69 -16.41 -16.46
C LEU A 879 -34.07 -15.80 -16.71
N LEU A 880 -34.18 -14.94 -17.73
CA LEU A 880 -35.46 -14.31 -18.04
C LEU A 880 -36.49 -15.35 -18.46
N ALA A 881 -36.10 -16.28 -19.33
CA ALA A 881 -37.03 -17.31 -19.77
C ALA A 881 -37.47 -18.19 -18.62
N GLY A 882 -36.53 -18.55 -17.75
CA GLY A 882 -36.87 -19.37 -16.60
C GLY A 882 -37.83 -18.68 -15.65
N THR A 883 -37.59 -17.39 -15.38
CA THR A 883 -38.47 -16.68 -14.46
C THR A 883 -39.80 -16.29 -15.08
N ILE A 884 -39.90 -16.31 -16.41
CA ILE A 884 -41.19 -16.04 -17.05
C ILE A 884 -42.04 -17.31 -17.12
N THR A 885 -41.44 -18.42 -17.55
CA THR A 885 -42.22 -19.63 -17.80
C THR A 885 -42.35 -20.55 -16.58
N SER A 886 -41.67 -20.26 -15.47
CA SER A 886 -41.70 -21.18 -14.34
C SER A 886 -41.80 -20.48 -12.98
N GLY A 887 -42.07 -19.19 -12.93
CA GLY A 887 -42.16 -18.51 -11.64
C GLY A 887 -40.83 -18.51 -10.92
N TRP A 888 -40.86 -18.84 -9.64
CA TRP A 888 -39.64 -18.94 -8.83
C TRP A 888 -39.23 -20.37 -8.55
N THR A 889 -39.98 -21.36 -9.06
CA THR A 889 -39.71 -22.75 -8.74
C THR A 889 -38.42 -23.26 -9.36
N PHE A 890 -37.89 -22.58 -10.37
CA PHE A 890 -36.66 -23.03 -11.00
C PHE A 890 -35.42 -22.71 -10.18
N GLY A 891 -35.55 -21.88 -9.15
CA GLY A 891 -34.46 -21.56 -8.25
C GLY A 891 -34.39 -22.43 -7.01
N ALA A 892 -35.21 -23.47 -6.92
CA ALA A 892 -35.21 -24.39 -5.78
C ALA A 892 -35.12 -25.84 -6.22
N GLY A 893 -34.90 -26.11 -7.50
CA GLY A 893 -34.81 -27.46 -8.01
C GLY A 893 -35.29 -27.55 -9.44
N PRO A 894 -36.13 -28.54 -9.72
CA PRO A 894 -36.68 -28.67 -11.08
C PRO A 894 -37.64 -27.53 -11.39
N ALA A 895 -37.78 -27.26 -12.70
CA ALA A 895 -38.64 -26.17 -13.17
C ALA A 895 -40.04 -26.70 -13.40
N LEU A 896 -41.03 -25.96 -12.90
CA LEU A 896 -42.44 -26.33 -13.03
C LEU A 896 -43.17 -25.20 -13.74
N GLN A 897 -43.83 -25.52 -14.84
CA GLN A 897 -44.54 -24.51 -15.61
C GLN A 897 -45.81 -24.08 -14.89
N ILE A 898 -46.26 -22.87 -15.21
CA ILE A 898 -47.46 -22.29 -14.62
C ILE A 898 -47.89 -21.09 -15.47
N PRO A 899 -49.18 -20.91 -15.71
CA PRO A 899 -49.62 -19.72 -16.46
C PRO A 899 -49.22 -18.45 -15.76
N PHE A 900 -48.84 -17.44 -16.55
CA PHE A 900 -48.34 -16.19 -15.97
C PHE A 900 -49.37 -15.48 -15.09
N PRO A 901 -50.64 -15.32 -15.47
CA PRO A 901 -51.59 -14.67 -14.55
C PRO A 901 -51.72 -15.39 -13.23
N MET A 902 -51.60 -16.72 -13.19
CA MET A 902 -51.65 -17.42 -11.92
C MET A 902 -50.40 -17.13 -11.08
N GLN A 903 -49.25 -16.99 -11.72
CA GLN A 903 -48.05 -16.59 -10.99
C GLN A 903 -48.20 -15.18 -10.42
N MET A 904 -48.80 -14.27 -11.19
CA MET A 904 -49.10 -12.94 -10.67
C MET A 904 -50.08 -13.01 -9.50
N ALA A 905 -51.05 -13.93 -9.56
CA ALA A 905 -51.97 -14.09 -8.44
C ALA A 905 -51.22 -14.56 -7.19
N TYR A 906 -50.28 -15.49 -7.36
CA TYR A 906 -49.46 -15.92 -6.23
C TYR A 906 -48.66 -14.77 -5.65
N ARG A 907 -48.04 -13.97 -6.51
CA ARG A 907 -47.21 -12.86 -6.04
C ARG A 907 -48.05 -11.79 -5.37
N PHE A 908 -49.27 -11.54 -5.87
CA PHE A 908 -50.19 -10.63 -5.20
C PHE A 908 -50.59 -11.16 -3.84
N ASN A 909 -50.87 -12.47 -3.76
CA ASN A 909 -51.20 -13.08 -2.48
C ASN A 909 -50.03 -13.03 -1.50
N GLY A 910 -48.81 -12.92 -2.00
CA GLY A 910 -47.66 -12.84 -1.11
C GLY A 910 -47.61 -11.57 -0.29
N ILE A 911 -48.07 -10.45 -0.84
CA ILE A 911 -47.92 -9.15 -0.20
C ILE A 911 -49.15 -8.79 0.62
N GLY A 912 -50.04 -9.76 0.83
CA GLY A 912 -51.19 -9.56 1.68
C GLY A 912 -52.45 -9.09 1.01
N VAL A 913 -52.53 -9.15 -0.31
CA VAL A 913 -53.72 -8.78 -1.07
C VAL A 913 -54.32 -10.04 -1.66
N THR A 914 -55.63 -10.22 -1.48
CA THR A 914 -56.30 -11.40 -1.98
C THR A 914 -56.17 -11.51 -3.49
N GLN A 915 -56.38 -12.72 -4.01
CA GLN A 915 -56.09 -13.00 -5.41
C GLN A 915 -57.21 -12.64 -6.36
N ASN A 916 -58.40 -12.30 -5.88
CA ASN A 916 -59.46 -11.88 -6.79
C ASN A 916 -59.19 -10.49 -7.35
N VAL A 917 -58.38 -9.69 -6.68
CA VAL A 917 -58.05 -8.35 -7.18
C VAL A 917 -57.41 -8.44 -8.56
N LEU A 918 -56.45 -9.35 -8.72
CA LEU A 918 -55.84 -9.55 -10.03
C LEU A 918 -56.87 -10.05 -11.03
N TYR A 919 -57.47 -11.22 -10.77
CA TYR A 919 -58.41 -11.79 -11.72
C TYR A 919 -59.55 -10.85 -12.09
N GLU A 920 -59.74 -9.76 -11.36
CA GLU A 920 -60.74 -8.76 -11.72
C GLU A 920 -60.14 -7.48 -12.30
N ASN A 921 -58.82 -7.26 -12.17
CA ASN A 921 -58.19 -6.07 -12.74
C ASN A 921 -57.01 -6.42 -13.64
N GLN A 922 -57.08 -7.61 -14.26
CA GLN A 922 -55.96 -8.11 -15.06
C GLN A 922 -55.64 -7.20 -16.23
N LYS A 923 -56.65 -6.74 -16.96
CA LYS A 923 -56.41 -5.89 -18.12
C LYS A 923 -55.76 -4.57 -17.71
N LEU A 924 -56.27 -3.96 -16.64
CA LEU A 924 -55.70 -2.71 -16.16
C LEU A 924 -54.26 -2.89 -15.72
N ILE A 925 -53.97 -3.99 -15.04
CA ILE A 925 -52.60 -4.25 -14.57
C ILE A 925 -51.67 -4.48 -15.74
N ALA A 926 -52.12 -5.21 -16.76
CA ALA A 926 -51.28 -5.42 -17.93
C ALA A 926 -50.99 -4.11 -18.65
N ASN A 927 -52.00 -3.26 -18.80
CA ASN A 927 -51.78 -1.96 -19.43
C ASN A 927 -50.79 -1.12 -18.63
N GLN A 928 -50.93 -1.12 -17.31
CA GLN A 928 -50.00 -0.36 -16.46
C GLN A 928 -48.57 -0.87 -16.61
N PHE A 929 -48.40 -2.19 -16.64
CA PHE A 929 -47.05 -2.75 -16.78
C PHE A 929 -46.43 -2.38 -18.13
N ASN A 930 -47.21 -2.48 -19.22
CA ASN A 930 -46.67 -2.13 -20.53
C ASN A 930 -46.29 -0.65 -20.59
N SER A 931 -47.15 0.22 -20.05
CA SER A 931 -46.83 1.65 -20.03
C SER A 931 -45.57 1.91 -19.21
N ALA A 932 -45.42 1.21 -18.09
CA ALA A 932 -44.23 1.38 -17.25
C ALA A 932 -42.97 0.97 -18.00
N ILE A 933 -43.02 -0.13 -18.75
CA ILE A 933 -41.84 -0.57 -19.50
C ILE A 933 -41.46 0.46 -20.57
N GLY A 934 -42.46 0.93 -21.31
CA GLY A 934 -42.18 1.96 -22.30
C GLY A 934 -41.58 3.21 -21.66
N LYS A 935 -42.14 3.62 -20.53
CA LYS A 935 -41.67 4.84 -19.86
C LYS A 935 -40.25 4.68 -19.35
N ILE A 936 -39.91 3.52 -18.78
CA ILE A 936 -38.56 3.36 -18.25
C ILE A 936 -37.54 3.38 -19.37
N GLN A 937 -37.83 2.70 -20.49
CA GLN A 937 -36.90 2.77 -21.61
C GLN A 937 -36.73 4.20 -22.10
N ASP A 938 -37.85 4.92 -22.29
CA ASP A 938 -37.77 6.27 -22.82
C ASP A 938 -37.00 7.20 -21.87
N SER A 939 -37.25 7.08 -20.57
CA SER A 939 -36.59 7.96 -19.62
C SER A 939 -35.10 7.65 -19.52
N LEU A 940 -34.73 6.36 -19.56
CA LEU A 940 -33.31 6.02 -19.52
C LEU A 940 -32.58 6.47 -20.78
N SER A 941 -33.28 6.50 -21.93
CA SER A 941 -32.62 6.88 -23.17
C SER A 941 -32.11 8.33 -23.10
N SER A 942 -32.99 9.26 -22.76
CA SER A 942 -32.66 10.69 -22.82
C SER A 942 -32.32 11.22 -21.42
N THR A 943 -31.10 10.90 -20.98
CA THR A 943 -30.56 11.46 -19.74
C THR A 943 -29.04 11.22 -19.69
N PRO A 944 -28.26 12.25 -19.37
CA PRO A 944 -26.80 12.06 -19.31
C PRO A 944 -26.31 11.55 -17.96
N SER A 945 -27.07 11.84 -16.90
CA SER A 945 -26.60 11.53 -15.55
C SER A 945 -26.61 10.04 -15.28
N ALA A 946 -27.44 9.27 -15.98
CA ALA A 946 -27.51 7.84 -15.75
C ALA A 946 -26.25 7.14 -16.27
N LEU A 947 -26.03 5.93 -15.76
CA LEU A 947 -24.93 5.06 -16.20
C LEU A 947 -23.56 5.67 -15.92
N GLY A 948 -23.46 6.51 -14.88
CA GLY A 948 -22.18 7.06 -14.50
C GLY A 948 -21.31 6.11 -13.70
N LYS A 949 -21.95 5.19 -12.96
CA LYS A 949 -21.20 4.25 -12.15
C LYS A 949 -20.37 3.29 -13.02
N LEU A 950 -20.91 2.91 -14.18
CA LEU A 950 -20.16 2.07 -15.10
C LEU A 950 -19.09 2.85 -15.85
N GLN A 951 -19.28 4.16 -16.02
CA GLN A 951 -18.29 4.99 -16.69
C GLN A 951 -17.11 5.31 -15.79
N ASP A 952 -17.33 5.39 -14.47
CA ASP A 952 -16.26 5.71 -13.55
C ASP A 952 -15.16 4.66 -13.57
N VAL A 953 -15.50 3.39 -13.81
CA VAL A 953 -14.48 2.35 -13.85
C VAL A 953 -13.51 2.60 -15.00
N VAL A 954 -14.04 2.85 -16.20
CA VAL A 954 -13.21 3.11 -17.36
C VAL A 954 -12.39 4.38 -17.14
N ASN A 955 -13.02 5.43 -16.60
CA ASN A 955 -12.30 6.67 -16.37
C ASN A 955 -11.13 6.48 -15.41
N HIS A 956 -11.37 5.75 -14.31
CA HIS A 956 -10.31 5.53 -13.33
C HIS A 956 -9.18 4.70 -13.91
N ASN A 957 -9.50 3.65 -14.65
CA ASN A 957 -8.44 2.81 -15.22
C ASN A 957 -7.61 3.59 -16.24
N ALA A 958 -8.27 4.36 -17.10
CA ALA A 958 -7.54 5.16 -18.08
C ALA A 958 -6.66 6.20 -17.38
N GLN A 959 -7.18 6.85 -16.33
CA GLN A 959 -6.39 7.84 -15.62
C GLN A 959 -5.17 7.20 -14.97
N ALA A 960 -5.34 6.04 -14.34
CA ALA A 960 -4.21 5.38 -13.69
C ALA A 960 -3.14 4.98 -14.71
N LEU A 961 -3.56 4.40 -15.83
CA LEU A 961 -2.59 3.99 -16.85
C LEU A 961 -1.86 5.20 -17.43
N ASN A 962 -2.59 6.28 -17.71
CA ASN A 962 -1.96 7.47 -18.28
C ASN A 962 -0.98 8.10 -17.29
N THR A 963 -1.35 8.14 -16.00
CA THR A 963 -0.43 8.67 -15.00
C THR A 963 0.83 7.83 -14.91
N LEU A 964 0.68 6.50 -14.91
CA LEU A 964 1.85 5.62 -14.85
C LEU A 964 2.76 5.83 -16.05
N VAL A 965 2.16 5.98 -17.24
CA VAL A 965 2.97 6.18 -18.44
C VAL A 965 3.68 7.54 -18.39
N LYS A 966 2.95 8.59 -17.98
CA LYS A 966 3.53 9.93 -17.95
C LYS A 966 4.63 10.05 -16.92
N GLN A 967 4.57 9.26 -15.84
CA GLN A 967 5.57 9.37 -14.77
C GLN A 967 6.96 8.96 -15.20
N LEU A 968 7.11 8.33 -16.38
CA LEU A 968 8.43 7.90 -16.83
C LEU A 968 9.36 9.08 -17.10
N SER A 969 8.82 10.25 -17.43
CA SER A 969 9.63 11.42 -17.77
C SER A 969 9.80 12.31 -16.53
N SER A 970 10.60 11.81 -15.59
CA SER A 970 10.93 12.54 -14.37
C SER A 970 12.39 12.32 -14.03
N LYS A 971 13.05 13.39 -13.59
CA LYS A 971 14.47 13.31 -13.26
C LYS A 971 14.71 12.46 -12.02
N PHE A 972 13.82 12.55 -11.02
CA PHE A 972 14.00 11.93 -9.72
C PHE A 972 15.32 12.35 -9.08
N GLY A 973 15.69 13.61 -9.27
CA GLY A 973 16.91 14.14 -8.71
C GLY A 973 18.18 13.73 -9.42
N ALA A 974 18.08 13.07 -10.57
CA ALA A 974 19.25 12.63 -11.30
C ALA A 974 19.68 13.70 -12.31
N ILE A 975 20.77 13.42 -13.03
CA ILE A 975 21.29 14.39 -13.99
C ILE A 975 20.48 14.38 -15.27
N SER A 976 19.91 13.24 -15.65
CA SER A 976 19.12 13.15 -16.87
C SER A 976 18.13 12.00 -16.74
N SER A 977 17.13 12.01 -17.61
CA SER A 977 16.08 11.00 -17.61
C SER A 977 16.25 9.96 -18.70
N VAL A 978 17.38 9.97 -19.41
CA VAL A 978 17.65 9.03 -20.50
C VAL A 978 18.87 8.20 -20.10
N LEU A 979 18.72 6.88 -20.19
CA LEU A 979 19.81 5.98 -19.79
C LEU A 979 21.00 6.05 -20.75
N ASN A 980 20.80 6.52 -21.98
CA ASN A 980 21.92 6.67 -22.90
C ASN A 980 22.75 7.90 -22.56
N ASP A 981 22.11 9.00 -22.15
CA ASP A 981 22.83 10.23 -21.88
C ASP A 981 23.70 10.12 -20.63
N ILE A 982 23.32 9.28 -19.67
CA ILE A 982 24.13 9.11 -18.48
C ILE A 982 25.29 8.16 -18.74
N PHE A 983 25.09 7.14 -19.59
CA PHE A 983 26.13 6.19 -19.94
C PHE A 983 27.04 6.68 -21.07
N SER A 984 27.07 7.98 -21.34
CA SER A 984 27.87 8.52 -22.44
C SER A 984 29.00 9.42 -21.98
N ARG A 985 28.80 10.22 -20.94
CA ARG A 985 29.81 11.20 -20.54
C ARG A 985 30.38 10.95 -19.15
N LEU A 986 29.58 10.50 -18.20
CA LEU A 986 29.99 10.41 -16.81
C LEU A 986 30.48 9.00 -16.49
N ASP A 987 31.58 8.92 -15.75
CA ASP A 987 32.16 7.63 -15.40
C ASP A 987 31.24 6.86 -14.45
N PRO A 988 31.30 5.54 -14.45
CA PRO A 988 30.32 4.72 -13.72
C PRO A 988 30.26 5.03 -12.24
N PRO A 989 31.38 5.33 -11.54
CA PRO A 989 31.28 5.56 -10.09
C PRO A 989 30.21 6.56 -9.67
N GLU A 990 30.01 7.63 -10.43
CA GLU A 990 28.95 8.60 -10.14
C GLU A 990 27.68 8.36 -10.95
N ALA A 991 27.74 7.57 -12.01
CA ALA A 991 26.53 7.22 -12.74
C ALA A 991 25.67 6.25 -11.95
N GLU A 992 26.30 5.42 -11.11
CA GLU A 992 25.55 4.47 -10.30
C GLU A 992 24.57 5.18 -9.36
N VAL A 993 24.97 6.33 -8.81
CA VAL A 993 24.10 7.05 -7.90
C VAL A 993 22.83 7.51 -8.61
N GLN A 994 22.99 8.13 -9.79
CA GLN A 994 21.83 8.61 -10.53
C GLN A 994 20.94 7.46 -10.97
N ILE A 995 21.54 6.36 -11.43
CA ILE A 995 20.75 5.21 -11.85
C ILE A 995 19.99 4.62 -10.66
N ASP A 996 20.63 4.58 -9.49
CA ASP A 996 19.95 4.09 -8.29
C ASP A 996 18.77 4.96 -7.93
N ARG A 997 18.93 6.29 -8.00
CA ARG A 997 17.81 7.18 -7.71
C ARG A 997 16.67 6.97 -8.69
N LEU A 998 16.99 6.87 -9.98
CA LEU A 998 15.94 6.68 -10.99
C LEU A 998 15.20 5.36 -10.80
N ILE A 999 15.95 4.29 -10.54
CA ILE A 999 15.33 2.97 -10.33
C ILE A 999 14.46 2.97 -9.08
N THR A 1000 14.93 3.60 -8.00
CA THR A 1000 14.13 3.68 -6.79
C THR A 1000 12.84 4.44 -7.04
N GLY A 1001 12.90 5.55 -7.78
CA GLY A 1001 11.70 6.29 -8.09
C GLY A 1001 10.70 5.49 -8.91
N ARG A 1002 11.19 4.77 -9.92
CA ARG A 1002 10.29 3.96 -10.73
C ARG A 1002 9.67 2.82 -9.92
N LEU A 1003 10.46 2.23 -9.01
CA LEU A 1003 9.92 1.22 -8.11
C LEU A 1003 8.82 1.79 -7.24
N GLN A 1004 9.02 3.00 -6.71
CA GLN A 1004 7.98 3.65 -5.91
C GLN A 1004 6.71 3.87 -6.73
N SER A 1005 6.86 4.31 -7.98
CA SER A 1005 5.69 4.51 -8.84
C SER A 1005 4.92 3.20 -9.02
N LEU A 1006 5.65 2.11 -9.32
CA LEU A 1006 4.98 0.83 -9.50
C LEU A 1006 4.28 0.36 -8.23
N GLN A 1007 4.92 0.55 -7.08
CA GLN A 1007 4.31 0.13 -5.82
C GLN A 1007 3.03 0.90 -5.54
N THR A 1008 3.04 2.22 -5.77
CA THR A 1008 1.82 3.00 -5.57
C THR A 1008 0.71 2.55 -6.51
N TYR A 1009 1.05 2.29 -7.78
CA TYR A 1009 0.04 1.83 -8.72
C TYR A 1009 -0.57 0.51 -8.25
N VAL A 1010 0.26 -0.43 -7.80
CA VAL A 1010 -0.24 -1.73 -7.37
C VAL A 1010 -1.14 -1.59 -6.15
N THR A 1011 -0.74 -0.74 -5.20
CA THR A 1011 -1.55 -0.57 -3.99
C THR A 1011 -2.93 0.01 -4.32
N GLN A 1012 -2.96 1.05 -5.18
CA GLN A 1012 -4.24 1.61 -5.56
C GLN A 1012 -5.11 0.59 -6.29
N GLN A 1013 -4.49 -0.22 -7.15
CA GLN A 1013 -5.24 -1.26 -7.84
C GLN A 1013 -5.84 -2.26 -6.85
N LEU A 1014 -5.07 -2.62 -5.81
CA LEU A 1014 -5.59 -3.56 -4.81
C LEU A 1014 -6.79 -2.99 -4.08
N ILE A 1015 -6.73 -1.71 -3.71
CA ILE A 1015 -7.85 -1.09 -3.00
C ILE A 1015 -9.08 -1.04 -3.90
N ARG A 1016 -8.90 -0.64 -5.16
CA ARG A 1016 -10.02 -0.60 -6.09
C ARG A 1016 -10.62 -1.98 -6.30
N ALA A 1017 -9.77 -3.01 -6.36
CA ALA A 1017 -10.27 -4.38 -6.52
C ALA A 1017 -11.11 -4.79 -5.33
N ALA A 1018 -10.69 -4.43 -4.12
CA ALA A 1018 -11.48 -4.75 -2.93
C ALA A 1018 -12.86 -4.10 -2.99
N GLU A 1019 -12.90 -2.82 -3.36
CA GLU A 1019 -14.20 -2.13 -3.45
C GLU A 1019 -15.10 -2.77 -4.50
N ILE A 1020 -14.52 -3.11 -5.66
CA ILE A 1020 -15.29 -3.74 -6.73
C ILE A 1020 -15.81 -5.11 -6.27
N ARG A 1021 -15.00 -5.84 -5.50
CA ARG A 1021 -15.45 -7.13 -4.99
CA ARG A 1021 -15.43 -7.13 -4.98
C ARG A 1021 -16.63 -6.98 -4.05
N ALA A 1022 -16.60 -5.95 -3.19
CA ALA A 1022 -17.76 -5.73 -2.31
C ALA A 1022 -19.01 -5.46 -3.13
N SER A 1023 -18.88 -4.61 -4.16
CA SER A 1023 -20.03 -4.32 -5.02
C SER A 1023 -20.53 -5.59 -5.74
N ALA A 1024 -19.61 -6.43 -6.21
CA ALA A 1024 -19.99 -7.65 -6.90
C ALA A 1024 -20.72 -8.62 -5.97
N ASN A 1025 -20.27 -8.73 -4.73
CA ASN A 1025 -20.96 -9.59 -3.76
C ASN A 1025 -22.38 -9.07 -3.51
N LEU A 1026 -22.54 -7.75 -3.38
CA LEU A 1026 -23.88 -7.20 -3.21
C LEU A 1026 -24.76 -7.50 -4.42
N ALA A 1027 -24.20 -7.38 -5.63
CA ALA A 1027 -24.97 -7.66 -6.83
C ALA A 1027 -25.38 -9.13 -6.91
N ALA A 1028 -24.48 -10.04 -6.51
CA ALA A 1028 -24.82 -11.45 -6.50
C ALA A 1028 -25.94 -11.74 -5.51
N THR A 1029 -25.88 -11.13 -4.33
CA THR A 1029 -26.96 -11.31 -3.35
C THR A 1029 -28.28 -10.80 -3.91
N LYS A 1030 -28.28 -9.63 -4.54
CA LYS A 1030 -29.49 -9.09 -5.13
C LYS A 1030 -30.04 -10.01 -6.22
N MET A 1031 -29.16 -10.55 -7.05
CA MET A 1031 -29.60 -11.45 -8.12
C MET A 1031 -30.22 -12.71 -7.55
N SER A 1032 -29.62 -13.26 -6.49
CA SER A 1032 -30.15 -14.50 -5.93
C SER A 1032 -31.48 -14.26 -5.22
N GLU A 1033 -31.66 -13.11 -4.58
CA GLU A 1033 -32.83 -12.93 -3.73
C GLU A 1033 -33.99 -12.25 -4.46
N CYS A 1034 -33.74 -11.16 -5.18
CA CYS A 1034 -34.83 -10.43 -5.82
C CYS A 1034 -35.36 -11.16 -7.06
N VAL A 1035 -34.46 -11.74 -7.85
CA VAL A 1035 -34.86 -12.31 -9.14
C VAL A 1035 -35.41 -13.72 -8.96
N LEU A 1036 -34.61 -14.62 -8.40
CA LEU A 1036 -35.00 -16.02 -8.27
C LEU A 1036 -36.15 -16.24 -7.30
N GLY A 1037 -36.52 -15.23 -6.51
CA GLY A 1037 -37.63 -15.37 -5.59
C GLY A 1037 -38.39 -14.07 -5.40
N GLN A 1038 -39.11 -13.95 -4.30
CA GLN A 1038 -39.80 -12.72 -3.94
C GLN A 1038 -39.33 -12.27 -2.56
N SER A 1039 -39.01 -11.00 -2.42
CA SER A 1039 -38.36 -10.48 -1.22
C SER A 1039 -39.37 -9.78 -0.31
N LYS A 1040 -39.11 -9.85 0.98
CA LYS A 1040 -39.90 -9.14 1.98
C LYS A 1040 -39.09 -8.07 2.71
N ARG A 1041 -37.80 -7.95 2.43
CA ARG A 1041 -36.99 -6.92 3.06
C ARG A 1041 -37.34 -5.56 2.50
N VAL A 1042 -37.52 -4.57 3.38
CA VAL A 1042 -37.99 -3.26 2.97
C VAL A 1042 -36.88 -2.53 2.22
N ASP A 1043 -37.23 -1.94 1.07
CA ASP A 1043 -36.34 -1.09 0.28
C ASP A 1043 -35.08 -1.81 -0.17
N PHE A 1044 -35.11 -3.14 -0.25
CA PHE A 1044 -33.99 -3.89 -0.81
C PHE A 1044 -34.12 -4.02 -2.32
N CYS A 1045 -35.22 -4.62 -2.79
CA CYS A 1045 -35.49 -4.75 -4.21
C CYS A 1045 -36.56 -3.74 -4.58
N GLY A 1046 -36.12 -2.52 -4.86
CA GLY A 1046 -37.00 -1.45 -5.27
C GLY A 1046 -37.72 -0.81 -4.09
N LYS A 1047 -38.44 0.27 -4.39
CA LYS A 1047 -39.21 1.00 -3.40
C LYS A 1047 -40.68 0.61 -3.51
N GLY A 1048 -41.26 0.20 -2.39
CA GLY A 1048 -42.62 -0.29 -2.34
C GLY A 1048 -42.68 -1.76 -1.98
N TYR A 1049 -43.79 -2.39 -2.37
CA TYR A 1049 -43.99 -3.81 -2.14
C TYR A 1049 -43.52 -4.58 -3.37
N HIS A 1050 -42.53 -5.44 -3.19
CA HIS A 1050 -41.86 -6.08 -4.32
C HIS A 1050 -42.76 -7.11 -4.98
N LEU A 1051 -42.77 -7.09 -6.32
CA LEU A 1051 -43.45 -8.11 -7.10
C LEU A 1051 -42.47 -9.00 -7.85
N MET A 1052 -41.57 -8.44 -8.65
CA MET A 1052 -40.48 -9.25 -9.21
C MET A 1052 -39.36 -8.34 -9.69
N SER A 1053 -38.41 -8.93 -10.42
CA SER A 1053 -37.32 -8.18 -11.01
C SER A 1053 -36.85 -8.88 -12.28
N PHE A 1054 -36.19 -8.12 -13.15
CA PHE A 1054 -35.66 -8.62 -14.41
C PHE A 1054 -34.22 -8.16 -14.57
N PRO A 1055 -33.29 -9.05 -14.89
CA PRO A 1055 -31.89 -8.66 -15.05
C PRO A 1055 -31.51 -8.33 -16.49
N GLN A 1056 -30.53 -7.44 -16.61
CA GLN A 1056 -29.96 -7.08 -17.90
C GLN A 1056 -28.47 -6.87 -17.71
N SER A 1057 -27.71 -7.11 -18.77
CA SER A 1057 -26.26 -6.94 -18.73
C SER A 1057 -25.88 -5.54 -19.21
N ALA A 1058 -24.65 -5.15 -18.90
CA ALA A 1058 -24.12 -3.86 -19.32
C ALA A 1058 -22.61 -3.94 -19.27
N PRO A 1059 -21.90 -3.09 -20.04
CA PRO A 1059 -20.43 -3.15 -20.01
C PRO A 1059 -19.87 -2.95 -18.62
N HIS A 1060 -19.23 -4.01 -18.10
CA HIS A 1060 -18.67 -4.02 -16.75
C HIS A 1060 -19.74 -3.79 -15.68
N GLY A 1061 -20.92 -4.38 -15.86
CA GLY A 1061 -21.92 -4.25 -14.81
C GLY A 1061 -23.23 -4.90 -15.17
N VAL A 1062 -24.18 -4.78 -14.22
CA VAL A 1062 -25.49 -5.38 -14.33
C VAL A 1062 -26.54 -4.32 -14.01
N VAL A 1063 -27.74 -4.51 -14.54
CA VAL A 1063 -28.85 -3.59 -14.35
C VAL A 1063 -30.08 -4.40 -13.95
N PHE A 1064 -30.79 -3.95 -12.92
CA PHE A 1064 -31.99 -4.62 -12.45
C PHE A 1064 -33.19 -3.72 -12.70
N LEU A 1065 -34.28 -4.31 -13.20
CA LEU A 1065 -35.56 -3.64 -13.35
C LEU A 1065 -36.52 -4.25 -12.33
N HIS A 1066 -36.84 -3.49 -11.29
CA HIS A 1066 -37.69 -3.95 -10.20
C HIS A 1066 -39.13 -3.53 -10.46
N VAL A 1067 -40.05 -4.50 -10.38
CA VAL A 1067 -41.48 -4.28 -10.54
C VAL A 1067 -42.12 -4.41 -9.17
N THR A 1068 -42.78 -3.33 -8.74
CA THR A 1068 -43.33 -3.21 -7.39
C THR A 1068 -44.73 -2.64 -7.45
N TYR A 1069 -45.40 -2.65 -6.29
CA TYR A 1069 -46.82 -2.33 -6.14
C TYR A 1069 -46.97 -1.22 -5.12
N VAL A 1070 -47.72 -0.16 -5.45
CA VAL A 1070 -47.83 1.02 -4.59
C VAL A 1070 -49.29 1.44 -4.45
N PRO A 1071 -49.80 1.65 -3.23
CA PRO A 1071 -51.16 2.17 -3.09
C PRO A 1071 -51.28 3.58 -3.66
N ALA A 1072 -52.47 3.88 -4.21
CA ALA A 1072 -52.65 5.12 -4.96
C ALA A 1072 -53.66 6.07 -4.32
N GLN A 1073 -54.90 5.64 -4.10
CA GLN A 1073 -55.97 6.52 -3.66
C GLN A 1073 -56.51 6.01 -2.34
N GLU A 1074 -56.53 6.88 -1.33
CA GLU A 1074 -56.88 6.48 0.03
C GLU A 1074 -58.13 7.20 0.50
N LYS A 1075 -59.01 6.48 1.18
CA LYS A 1075 -60.16 7.04 1.86
C LYS A 1075 -60.07 6.66 3.34
N ASN A 1076 -60.74 7.41 4.17
CA ASN A 1076 -60.45 7.43 5.60
C ASN A 1076 -61.71 7.58 6.44
N PHE A 1077 -61.90 6.60 7.34
CA PHE A 1077 -63.18 6.17 7.91
C PHE A 1077 -63.11 6.24 9.44
N THR A 1078 -64.09 5.62 10.09
CA THR A 1078 -64.06 5.45 11.55
C THR A 1078 -63.76 4.00 11.90
N THR A 1079 -62.87 3.78 12.85
CA THR A 1079 -62.42 2.43 13.18
C THR A 1079 -62.62 2.12 14.65
N ALA A 1080 -62.69 0.83 14.96
CA ALA A 1080 -62.86 0.33 16.31
C ALA A 1080 -62.06 -0.95 16.49
N PRO A 1081 -61.60 -1.23 17.71
CA PRO A 1081 -60.80 -2.45 17.92
C PRO A 1081 -61.61 -3.74 17.91
N ALA A 1082 -62.82 -3.73 18.47
CA ALA A 1082 -63.59 -4.97 18.58
C ALA A 1082 -65.07 -4.63 18.62
N ILE A 1083 -65.90 -5.68 18.55
CA ILE A 1083 -67.35 -5.57 18.54
C ILE A 1083 -67.91 -6.43 19.65
N CYS A 1084 -68.78 -5.86 20.48
CA CYS A 1084 -69.46 -6.59 21.54
C CYS A 1084 -70.89 -6.88 21.10
N HIS A 1085 -71.28 -8.15 21.10
CA HIS A 1085 -72.56 -8.58 20.55
C HIS A 1085 -73.52 -9.05 21.63
N ASP A 1086 -73.15 -10.05 22.42
CA ASP A 1086 -74.00 -10.57 23.49
C ASP A 1086 -73.17 -10.78 24.76
N GLY A 1087 -72.39 -9.75 25.12
CA GLY A 1087 -71.42 -9.92 26.18
C GLY A 1087 -70.18 -10.65 25.75
N LYS A 1088 -69.92 -10.74 24.45
CA LYS A 1088 -68.73 -11.37 23.91
C LYS A 1088 -68.09 -10.41 22.92
N ALA A 1089 -66.77 -10.33 22.95
CA ALA A 1089 -66.01 -9.44 22.07
C ALA A 1089 -65.53 -10.23 20.85
N HIS A 1090 -65.87 -9.73 19.67
CA HIS A 1090 -65.49 -10.37 18.41
C HIS A 1090 -64.34 -9.59 17.79
N PHE A 1091 -63.22 -10.28 17.54
CA PHE A 1091 -62.04 -9.70 16.92
C PHE A 1091 -61.91 -10.18 15.47
N PRO A 1092 -61.38 -9.34 14.58
CA PRO A 1092 -61.24 -9.76 13.18
C PRO A 1092 -60.18 -10.84 13.04
N ARG A 1093 -60.36 -11.67 11.99
CA ARG A 1093 -59.38 -12.71 11.71
C ARG A 1093 -58.20 -12.16 10.92
N GLU A 1094 -58.45 -11.67 9.71
CA GLU A 1094 -57.41 -11.15 8.82
C GLU A 1094 -57.83 -9.82 8.24
N GLY A 1095 -58.48 -8.96 9.03
CA GLY A 1095 -58.95 -7.69 8.54
C GLY A 1095 -59.01 -6.61 9.60
N VAL A 1096 -59.81 -5.58 9.35
CA VAL A 1096 -59.94 -4.46 10.27
C VAL A 1096 -61.35 -3.89 10.13
N PHE A 1097 -61.91 -3.42 11.24
CA PHE A 1097 -63.27 -2.90 11.24
C PHE A 1097 -63.28 -1.45 10.77
N VAL A 1098 -64.20 -1.14 9.86
CA VAL A 1098 -64.35 0.22 9.34
C VAL A 1098 -65.82 0.61 9.38
N SER A 1099 -66.05 1.92 9.37
CA SER A 1099 -67.39 2.48 9.38
C SER A 1099 -67.40 3.68 8.46
N ASN A 1100 -68.38 3.68 7.54
CA ASN A 1100 -68.61 4.72 6.55
C ASN A 1100 -69.53 5.82 7.04
N GLY A 1101 -69.99 5.75 8.29
CA GLY A 1101 -70.89 6.74 8.83
C GLY A 1101 -72.07 6.14 9.56
N THR A 1102 -72.63 5.06 9.03
CA THR A 1102 -73.77 4.43 9.70
C THR A 1102 -73.58 2.94 9.94
N HIS A 1103 -72.93 2.22 9.02
CA HIS A 1103 -72.79 0.78 9.11
C HIS A 1103 -71.33 0.38 9.35
N TRP A 1104 -71.15 -0.84 9.85
CA TRP A 1104 -69.84 -1.37 10.17
C TRP A 1104 -69.52 -2.55 9.26
N PHE A 1105 -68.31 -2.56 8.72
CA PHE A 1105 -67.83 -3.63 7.86
C PHE A 1105 -66.45 -4.08 8.31
N VAL A 1106 -65.99 -5.19 7.73
CA VAL A 1106 -64.64 -5.69 7.94
C VAL A 1106 -63.93 -5.72 6.59
N THR A 1107 -62.75 -5.12 6.53
CA THR A 1107 -62.03 -4.91 5.28
C THR A 1107 -60.61 -5.47 5.41
N GLN A 1108 -60.08 -5.97 4.30
CA GLN A 1108 -58.66 -6.27 4.26
C GLN A 1108 -57.86 -4.99 4.35
N ARG A 1109 -56.64 -5.10 4.88
CA ARG A 1109 -55.89 -3.92 5.29
C ARG A 1109 -55.28 -3.14 4.13
N ASN A 1110 -55.22 -3.71 2.92
CA ASN A 1110 -54.52 -3.08 1.82
C ASN A 1110 -55.41 -2.71 0.64
N PHE A 1111 -56.73 -2.89 0.74
CA PHE A 1111 -57.63 -2.60 -0.36
C PHE A 1111 -59.03 -2.52 0.18
N TYR A 1112 -59.72 -1.41 -0.10
CA TYR A 1112 -61.07 -1.22 0.43
C TYR A 1112 -62.03 -2.19 -0.28
N GLU A 1113 -62.43 -3.23 0.43
CA GLU A 1113 -63.40 -4.22 -0.07
C GLU A 1113 -64.29 -4.62 1.08
N PRO A 1114 -65.31 -3.83 1.39
CA PRO A 1114 -66.10 -4.07 2.59
C PRO A 1114 -66.94 -5.35 2.50
N GLN A 1115 -67.20 -5.93 3.66
CA GLN A 1115 -67.97 -7.17 3.73
C GLN A 1115 -68.78 -7.18 5.02
N ILE A 1116 -69.83 -8.00 5.02
CA ILE A 1116 -70.71 -8.11 6.18
C ILE A 1116 -70.01 -8.89 7.28
N ILE A 1117 -70.10 -8.39 8.52
CA ILE A 1117 -69.54 -9.09 9.66
C ILE A 1117 -70.35 -10.35 9.92
N THR A 1118 -69.65 -11.48 10.07
CA THR A 1118 -70.31 -12.76 10.34
C THR A 1118 -69.53 -13.50 11.42
N THR A 1119 -70.10 -14.61 11.89
CA THR A 1119 -69.41 -15.43 12.87
C THR A 1119 -68.25 -16.19 12.26
N ASP A 1120 -68.34 -16.50 10.97
CA ASP A 1120 -67.23 -17.14 10.28
C ASP A 1120 -66.07 -16.19 10.05
N ASN A 1121 -66.33 -14.88 10.07
CA ASN A 1121 -65.33 -13.88 9.73
C ASN A 1121 -64.59 -13.34 10.96
N THR A 1122 -65.14 -13.49 12.15
CA THR A 1122 -64.55 -12.96 13.38
C THR A 1122 -64.50 -14.06 14.43
N PHE A 1123 -63.55 -13.96 15.35
CA PHE A 1123 -63.40 -14.93 16.42
C PHE A 1123 -63.66 -14.28 17.78
N VAL A 1124 -64.28 -15.03 18.67
CA VAL A 1124 -64.72 -14.52 19.96
C VAL A 1124 -63.64 -14.80 21.00
N SER A 1125 -63.49 -13.87 21.95
CA SER A 1125 -62.51 -14.04 23.02
C SER A 1125 -62.96 -13.24 24.23
N GLY A 1126 -63.44 -13.93 25.26
CA GLY A 1126 -63.80 -13.27 26.50
C GLY A 1126 -65.05 -12.42 26.38
N ASN A 1127 -65.18 -11.50 27.32
CA ASN A 1127 -66.30 -10.56 27.36
C ASN A 1127 -65.80 -9.14 27.10
N CYS A 1128 -66.75 -8.24 26.87
CA CYS A 1128 -66.46 -6.89 26.36
C CYS A 1128 -66.40 -5.85 27.46
N ASP A 1129 -65.86 -6.21 28.62
CA ASP A 1129 -65.70 -5.31 29.75
C ASP A 1129 -64.24 -4.87 29.88
N VAL A 1130 -63.31 -5.55 29.22
CA VAL A 1130 -61.89 -5.33 29.39
C VAL A 1130 -61.33 -4.40 28.31
N VAL A 1131 -61.73 -4.59 27.06
CA VAL A 1131 -61.19 -3.80 25.95
C VAL A 1131 -61.63 -2.35 26.08
N ILE A 1132 -60.83 -1.44 25.51
CA ILE A 1132 -61.04 -0.01 25.72
C ILE A 1132 -62.07 0.55 24.74
N GLY A 1133 -61.81 0.39 23.45
CA GLY A 1133 -62.66 0.99 22.44
C GLY A 1133 -63.75 0.09 21.92
N ILE A 1134 -64.33 -0.72 22.81
CA ILE A 1134 -65.39 -1.65 22.40
C ILE A 1134 -66.59 -0.84 21.87
N VAL A 1135 -67.30 -1.41 20.91
CA VAL A 1135 -68.48 -0.80 20.32
C VAL A 1135 -69.59 -1.84 20.19
N ASN A 1136 -70.75 -1.38 19.75
CA ASN A 1136 -71.97 -2.17 19.80
C ASN A 1136 -72.46 -2.43 18.38
N ASN A 1137 -72.70 -3.69 18.04
CA ASN A 1137 -73.18 -4.02 16.70
C ASN A 1137 -73.77 -5.43 16.69
N THR A 1138 -74.08 -5.95 15.51
CA THR A 1138 -74.72 -7.25 15.35
C THR A 1138 -73.93 -8.10 14.38
N VAL A 1139 -74.04 -9.42 14.54
CA VAL A 1139 -73.31 -10.39 13.74
C VAL A 1139 -74.32 -11.37 13.13
N TYR A 1140 -74.14 -11.66 11.83
CA TYR A 1140 -75.18 -12.34 11.07
C TYR A 1140 -75.40 -13.77 11.58
N ASP A 1141 -74.31 -14.53 11.75
CA ASP A 1141 -74.38 -15.97 12.07
C ASP A 1141 -75.13 -16.71 10.97
N PRO A 1142 -74.52 -16.90 9.81
CA PRO A 1142 -75.25 -17.39 8.63
C PRO A 1142 -75.70 -18.84 8.73
N LEU A 1143 -76.63 -19.13 9.63
CA LEU A 1143 -77.29 -20.43 9.65
C LEU A 1143 -78.79 -20.35 9.84
N GLN A 1144 -79.36 -19.18 10.12
CA GLN A 1144 -80.80 -19.06 10.32
C GLN A 1144 -81.61 -19.43 9.08
N PRO A 1145 -81.31 -18.94 7.87
CA PRO A 1145 -82.15 -19.32 6.72
C PRO A 1145 -82.16 -20.81 6.44
N GLU A 1146 -81.05 -21.50 6.66
CA GLU A 1146 -81.04 -22.95 6.47
C GLU A 1146 -81.77 -23.65 7.62
N LEU A 1147 -81.78 -23.06 8.81
CA LEU A 1147 -82.50 -23.65 9.93
C LEU A 1147 -84.00 -23.69 9.65
N ASP A 1148 -84.54 -22.63 9.06
CA ASP A 1148 -85.96 -22.57 8.73
C ASP A 1148 -86.27 -23.47 7.53
N GLN B 1 52.30 29.56 52.43
CA GLN B 1 52.70 28.64 53.49
C GLN B 1 51.48 27.97 54.13
N CYS B 2 51.65 26.73 54.59
CA CYS B 2 50.54 25.96 55.14
C CYS B 2 51.09 25.02 56.21
N VAL B 3 50.16 24.47 57.00
CA VAL B 3 50.51 23.58 58.10
C VAL B 3 49.55 22.39 58.09
N ASN B 4 50.07 21.21 58.40
CA ASN B 4 49.24 20.03 58.48
C ASN B 4 48.34 20.09 59.72
N LEU B 5 47.06 19.83 59.52
CA LEU B 5 46.08 19.87 60.60
C LEU B 5 45.98 18.51 61.29
N THR B 6 45.47 18.54 62.53
CA THR B 6 45.48 17.36 63.39
C THR B 6 44.14 17.30 64.13
N THR B 7 44.10 16.46 65.17
CA THR B 7 42.94 16.22 66.03
C THR B 7 41.64 16.13 65.23
N ARG B 8 41.60 15.16 64.33
CA ARG B 8 40.42 14.86 63.54
C ARG B 8 39.91 13.46 63.90
N THR B 9 38.58 13.33 63.96
CA THR B 9 37.95 12.06 64.29
C THR B 9 37.36 11.44 63.02
N GLN B 10 37.68 10.16 62.81
CA GLN B 10 37.26 9.45 61.61
C GLN B 10 35.91 8.79 61.84
N LEU B 11 34.98 9.00 60.90
CA LEU B 11 33.66 8.41 60.94
C LEU B 11 33.31 7.90 59.55
N PRO B 12 32.71 6.71 59.44
CA PRO B 12 32.32 6.22 58.12
C PRO B 12 31.24 7.10 57.50
N PRO B 13 31.23 7.24 56.17
CA PRO B 13 30.22 8.09 55.54
C PRO B 13 28.86 7.40 55.53
N ALA B 14 27.83 8.14 55.93
CA ALA B 14 26.48 7.61 55.93
C ALA B 14 25.86 7.73 54.55
N TYR B 15 24.76 7.00 54.35
CA TYR B 15 24.04 6.96 53.09
C TYR B 15 22.58 7.26 53.33
N THR B 16 21.95 8.01 52.43
CA THR B 16 20.54 8.34 52.59
C THR B 16 19.85 8.31 51.24
N ASN B 17 18.60 7.83 51.24
CA ASN B 17 17.83 7.72 50.01
C ASN B 17 17.30 9.08 49.58
N SER B 18 17.37 9.34 48.27
CA SER B 18 16.91 10.59 47.70
C SER B 18 15.45 10.46 47.25
N PHE B 19 14.62 11.41 47.67
CA PHE B 19 13.18 11.38 47.43
C PHE B 19 12.81 12.50 46.45
N THR B 20 12.77 12.15 45.16
CA THR B 20 12.33 13.07 44.10
C THR B 20 13.11 14.38 44.14
N ARG B 21 14.42 14.28 43.92
CA ARG B 21 15.30 15.44 44.00
C ARG B 21 16.25 15.43 42.81
N GLY B 22 16.64 16.63 42.38
CA GLY B 22 17.60 16.78 41.30
C GLY B 22 16.99 16.94 39.94
N VAL B 23 15.98 17.80 39.83
CA VAL B 23 15.29 18.07 38.57
C VAL B 23 15.45 19.56 38.24
N TYR B 24 15.87 19.84 37.02
CA TYR B 24 16.18 21.19 36.60
C TYR B 24 15.71 21.39 35.16
N TYR B 25 15.54 22.65 34.79
CA TYR B 25 15.16 22.98 33.41
C TYR B 25 16.35 22.72 32.50
N PRO B 26 16.23 21.84 31.50
CA PRO B 26 17.40 21.47 30.70
C PRO B 26 17.72 22.44 29.57
N ASP B 27 16.76 23.24 29.11
CA ASP B 27 16.97 24.11 27.95
C ASP B 27 16.46 25.51 28.28
N LYS B 28 16.55 26.39 27.28
CA LYS B 28 16.15 27.78 27.41
C LYS B 28 14.87 28.08 26.62
N VAL B 29 13.92 27.16 26.63
CA VAL B 29 12.67 27.29 25.88
C VAL B 29 11.51 27.07 26.84
N PHE B 30 10.50 27.93 26.76
CA PHE B 30 9.34 27.88 27.63
C PHE B 30 8.21 27.09 26.98
N ARG B 31 7.59 26.21 27.76
CA ARG B 31 6.47 25.40 27.29
C ARG B 31 5.38 25.41 28.36
N SER B 32 4.13 25.21 27.93
CA SER B 32 2.99 25.26 28.82
C SER B 32 2.06 24.09 28.56
N SER B 33 1.68 23.38 29.63
CA SER B 33 0.69 22.31 29.59
C SER B 33 1.06 21.23 28.58
N VAL B 34 2.25 20.65 28.76
CA VAL B 34 2.76 19.59 27.90
C VAL B 34 3.37 18.51 28.79
N LEU B 35 3.68 17.38 28.16
CA LEU B 35 4.38 16.27 28.80
C LEU B 35 5.60 15.98 27.93
N HIS B 36 6.76 16.54 28.31
CA HIS B 36 7.93 16.53 27.45
C HIS B 36 8.93 15.48 27.89
N SER B 37 9.46 14.73 26.92
CA SER B 37 10.45 13.69 27.17
C SER B 37 11.84 14.24 26.88
N THR B 38 12.67 14.30 27.91
CA THR B 38 14.01 14.87 27.80
C THR B 38 15.04 13.81 28.14
N GLN B 39 16.02 13.62 27.26
CA GLN B 39 17.09 12.64 27.45
C GLN B 39 18.37 13.40 27.80
N ASP B 40 18.57 13.65 29.09
CA ASP B 40 19.66 14.51 29.54
C ASP B 40 20.28 13.90 30.79
N LEU B 41 21.19 14.64 31.42
CA LEU B 41 21.86 14.16 32.62
C LEU B 41 21.05 14.57 33.85
N PHE B 42 20.60 13.59 34.61
CA PHE B 42 19.83 13.84 35.82
C PHE B 42 20.36 12.96 36.95
N LEU B 43 19.80 13.14 38.13
CA LEU B 43 20.08 12.26 39.26
C LEU B 43 19.07 11.11 39.25
N PRO B 44 19.51 9.86 39.17
CA PRO B 44 18.56 8.75 39.09
C PRO B 44 17.63 8.71 40.29
N PHE B 45 16.36 8.38 40.02
CA PHE B 45 15.35 8.38 41.08
C PHE B 45 15.61 7.26 42.08
N PHE B 46 15.40 7.58 43.36
CA PHE B 46 15.56 6.65 44.47
C PHE B 46 16.96 6.09 44.58
N SER B 47 17.92 6.68 43.87
CA SER B 47 19.32 6.41 44.15
C SER B 47 19.71 7.10 45.45
N ASN B 48 20.62 6.47 46.21
CA ASN B 48 21.02 6.99 47.51
C ASN B 48 22.29 7.82 47.36
N VAL B 49 22.47 8.78 48.28
CA VAL B 49 23.51 9.78 48.21
C VAL B 49 24.32 9.76 49.51
N THR B 50 25.53 10.32 49.44
CA THR B 50 26.45 10.30 50.56
C THR B 50 26.17 11.47 51.51
N TRP B 51 26.36 11.22 52.81
CA TRP B 51 26.02 12.15 53.87
C TRP B 51 27.30 12.60 54.58
N PHE B 52 27.40 13.89 54.86
CA PHE B 52 28.47 14.40 55.70
C PHE B 52 27.91 15.39 56.71
N HIS B 53 28.46 15.36 57.92
CA HIS B 53 28.01 16.18 59.04
C HIS B 53 29.18 16.98 59.58
N VAL B 54 28.89 18.19 60.07
CA VAL B 54 29.89 19.01 60.74
C VAL B 54 29.22 19.70 61.92
N ILE B 55 29.92 19.74 63.05
CA ILE B 55 29.40 20.40 64.24
C ILE B 55 30.51 21.23 64.89
N THR B 61 36.16 15.76 69.22
CA THR B 61 35.74 15.29 67.92
C THR B 61 35.65 16.44 66.92
N LYS B 62 34.62 17.27 67.09
CA LYS B 62 34.36 18.46 66.30
C LYS B 62 33.92 18.13 64.88
N ARG B 63 33.96 16.85 64.52
CA ARG B 63 33.45 16.33 63.26
C ARG B 63 33.96 17.15 62.06
N PHE B 64 35.27 17.10 61.87
CA PHE B 64 35.93 17.80 60.77
C PHE B 64 35.80 16.94 59.51
N ASP B 65 34.80 17.25 58.68
CA ASP B 65 34.52 16.50 57.45
C ASP B 65 34.85 17.40 56.26
N ASN B 66 36.06 17.26 55.74
CA ASN B 66 36.50 17.97 54.54
C ASN B 66 37.24 17.01 53.64
N PRO B 67 36.52 16.13 52.95
CA PRO B 67 37.17 15.15 52.10
C PRO B 67 37.40 15.63 50.66
N VAL B 68 37.91 14.76 49.81
CA VAL B 68 38.13 15.07 48.40
C VAL B 68 37.32 14.07 47.59
N LEU B 69 36.19 14.51 47.10
CA LEU B 69 35.23 13.79 46.28
C LEU B 69 35.57 13.96 44.80
N PRO B 70 35.20 13.00 43.95
CA PRO B 70 35.49 13.16 42.52
C PRO B 70 34.40 13.92 41.78
N PHE B 71 34.59 14.12 40.48
CA PHE B 71 33.67 14.88 39.64
C PHE B 71 33.58 14.15 38.30
N ASN B 72 32.59 13.27 38.17
CA ASN B 72 32.50 12.41 36.99
C ASN B 72 31.81 13.12 35.83
N ASP B 73 30.52 13.42 35.98
CA ASP B 73 29.74 14.00 34.89
C ASP B 73 28.78 15.07 35.39
N GLY B 74 29.16 15.77 36.45
CA GLY B 74 28.24 16.71 37.08
C GLY B 74 27.81 16.19 38.44
N VAL B 75 27.56 17.12 39.36
CA VAL B 75 27.39 16.78 40.77
C VAL B 75 26.16 17.48 41.32
N TYR B 76 25.36 16.75 42.08
CA TYR B 76 24.24 17.32 42.83
C TYR B 76 24.68 17.49 44.28
N PHE B 77 24.67 18.73 44.76
CA PHE B 77 25.14 19.07 46.09
C PHE B 77 24.01 19.73 46.86
N ALA B 78 23.60 19.10 47.96
CA ALA B 78 22.57 19.66 48.83
C ALA B 78 23.20 19.99 50.18
N SER B 79 22.70 21.06 50.80
CA SER B 79 23.26 21.53 52.06
C SER B 79 22.14 22.00 52.97
N ILE B 80 22.06 21.41 54.17
CA ILE B 80 21.21 21.90 55.23
C ILE B 80 22.09 22.73 56.17
N GLU B 81 21.72 24.00 56.33
CA GLU B 81 22.62 25.00 56.88
C GLU B 81 21.79 26.07 57.58
N LYS B 82 22.44 26.80 58.49
CA LYS B 82 21.76 27.83 59.25
C LYS B 82 22.53 29.16 59.23
N SER B 83 23.86 29.10 59.11
CA SER B 83 24.67 30.29 59.25
C SER B 83 25.79 30.36 58.21
N ASN B 84 25.55 29.80 57.03
CA ASN B 84 26.50 29.89 55.92
C ASN B 84 27.88 29.33 56.32
N ILE B 85 27.87 28.10 56.84
CA ILE B 85 29.13 27.45 57.21
C ILE B 85 29.93 27.08 55.97
N ILE B 86 29.26 26.52 54.97
CA ILE B 86 29.92 26.16 53.71
C ILE B 86 30.05 27.41 52.85
N ARG B 87 31.27 27.74 52.46
CA ARG B 87 31.54 28.97 51.72
C ARG B 87 32.10 28.73 50.34
N GLY B 88 33.19 27.96 50.21
CA GLY B 88 33.97 27.92 48.99
C GLY B 88 34.01 26.54 48.36
N TRP B 89 34.45 26.53 47.10
CA TRP B 89 34.34 25.38 46.22
C TRP B 89 35.56 25.37 45.31
N ILE B 90 36.42 24.36 45.44
CA ILE B 90 37.63 24.27 44.62
C ILE B 90 37.46 23.10 43.65
N PHE B 91 37.97 23.27 42.44
CA PHE B 91 37.90 22.27 41.38
C PHE B 91 39.25 22.20 40.69
N GLY B 92 39.68 21.00 40.35
CA GLY B 92 40.94 20.87 39.63
C GLY B 92 41.30 19.42 39.41
N THR B 93 42.46 19.24 38.78
CA THR B 93 42.99 17.91 38.46
C THR B 93 44.12 17.49 39.39
N THR B 94 45.07 18.39 39.64
CA THR B 94 46.20 18.11 40.51
C THR B 94 46.28 19.02 41.73
N LEU B 95 45.82 20.27 41.63
CA LEU B 95 45.81 21.21 42.74
C LEU B 95 47.22 21.45 43.30
N ASP B 96 48.21 21.45 42.42
CA ASP B 96 49.59 21.70 42.83
C ASP B 96 50.31 22.62 41.84
N SER B 97 49.57 23.51 41.19
CA SER B 97 50.05 24.49 40.22
C SER B 97 50.60 23.84 38.95
N LYS B 98 50.58 22.51 38.85
CA LYS B 98 51.03 21.87 37.61
C LYS B 98 50.00 22.01 36.50
N THR B 99 48.73 22.16 36.86
CA THR B 99 47.65 22.34 35.90
C THR B 99 46.68 23.38 36.42
N GLN B 100 45.93 23.97 35.49
CA GLN B 100 44.99 25.03 35.84
C GLN B 100 43.88 24.50 36.76
N SER B 101 43.44 25.37 37.68
CA SER B 101 42.41 25.01 38.64
C SER B 101 41.40 26.15 38.74
N LEU B 102 40.19 25.80 39.17
CA LEU B 102 39.10 26.74 39.32
C LEU B 102 38.71 26.86 40.78
N LEU B 103 38.27 28.05 41.18
CA LEU B 103 37.97 28.32 42.58
C LEU B 103 36.84 29.32 42.68
N ILE B 104 35.87 29.03 43.54
CA ILE B 104 34.80 29.96 43.89
C ILE B 104 34.84 30.20 45.39
N VAL B 105 34.91 31.45 45.80
CA VAL B 105 35.01 31.81 47.21
C VAL B 105 33.95 32.84 47.53
N ASN B 106 33.11 32.54 48.51
CA ASN B 106 32.12 33.49 49.03
C ASN B 106 32.65 34.13 50.32
N ASN B 107 33.67 34.97 50.13
CA ASN B 107 34.30 35.65 51.26
C ASN B 107 33.60 36.98 51.53
N ALA B 108 34.20 37.80 52.38
CA ALA B 108 33.57 39.06 52.78
C ALA B 108 33.53 40.07 51.63
N THR B 109 34.53 40.04 50.75
CA THR B 109 34.60 41.07 49.71
C THR B 109 33.55 40.85 48.63
N ASN B 110 33.63 39.73 47.92
CA ASN B 110 32.75 39.49 46.78
C ASN B 110 32.52 37.99 46.64
N VAL B 111 31.93 37.59 45.52
CA VAL B 111 31.89 36.20 45.10
C VAL B 111 33.01 36.05 44.07
N VAL B 112 34.17 35.62 44.54
CA VAL B 112 35.37 35.59 43.70
C VAL B 112 35.40 34.28 42.92
N ILE B 113 35.58 34.37 41.60
CA ILE B 113 35.83 33.21 40.76
C ILE B 113 37.20 33.37 40.13
N LYS B 114 38.06 32.38 40.32
CA LYS B 114 39.43 32.44 39.81
C LYS B 114 39.75 31.16 39.07
N VAL B 115 40.16 31.30 37.82
CA VAL B 115 40.74 30.22 37.04
C VAL B 115 42.23 30.51 36.96
N CYS B 116 42.98 29.88 37.87
CA CYS B 116 44.42 30.05 37.99
C CYS B 116 45.14 28.75 38.33
N GLU B 117 46.45 28.76 38.07
CA GLU B 117 47.36 27.67 38.42
C GLU B 117 47.71 27.80 39.90
N PHE B 118 46.77 27.41 40.76
CA PHE B 118 46.97 27.46 42.19
C PHE B 118 47.78 26.26 42.66
N GLN B 119 48.78 26.53 43.51
CA GLN B 119 49.49 25.46 44.20
C GLN B 119 48.79 25.22 45.53
N PHE B 120 47.68 24.49 45.46
CA PHE B 120 46.83 24.28 46.63
C PHE B 120 47.53 23.44 47.67
N CYS B 121 47.36 23.82 48.94
CA CYS B 121 47.93 23.06 50.03
C CYS B 121 47.22 21.72 50.19
N ASN B 122 47.89 20.80 50.89
CA ASN B 122 47.28 19.49 51.15
C ASN B 122 46.03 19.64 52.00
N ASP B 123 46.08 20.50 53.02
CA ASP B 123 44.93 20.78 53.88
C ASP B 123 44.77 22.30 53.98
N PRO B 124 44.16 22.93 52.98
CA PRO B 124 43.99 24.39 53.03
C PRO B 124 43.08 24.80 54.19
N PHE B 125 43.54 25.79 54.95
CA PHE B 125 42.78 26.25 56.10
C PHE B 125 41.56 27.06 55.65
N LEU B 126 40.64 27.24 56.60
CA LEU B 126 39.44 28.03 56.42
C LEU B 126 39.42 29.10 57.50
N ASP B 127 40.56 29.78 57.67
CA ASP B 127 40.90 30.55 58.87
C ASP B 127 39.75 31.39 59.40
N HIS B 128 39.33 32.39 58.63
CA HIS B 128 38.24 33.29 58.98
C HIS B 128 38.27 33.65 60.47
N LYS B 129 39.40 34.23 60.89
CA LYS B 129 39.61 34.58 62.29
C LYS B 129 38.52 35.51 62.78
N ASN B 130 37.72 35.04 63.72
CA ASN B 130 36.54 35.77 64.21
C ASN B 130 36.87 36.36 65.58
N ASN B 131 37.12 37.66 65.61
CA ASN B 131 37.24 38.41 66.85
C ASN B 131 35.85 38.74 67.38
N LYS B 132 35.76 39.71 68.29
CA LYS B 132 34.45 40.17 68.76
C LYS B 132 33.54 40.50 67.58
N SER B 133 34.10 41.09 66.52
CA SER B 133 33.43 41.20 65.24
C SER B 133 33.84 40.03 64.35
N TRP B 134 32.96 39.68 63.42
CA TRP B 134 33.12 38.47 62.61
C TRP B 134 33.47 38.84 61.18
N MET B 135 34.77 38.78 60.86
CA MET B 135 35.25 38.91 59.49
C MET B 135 36.32 37.85 59.26
N GLU B 136 37.01 37.93 58.12
CA GLU B 136 38.13 37.07 57.81
C GLU B 136 39.43 37.84 57.99
N SER B 137 40.38 37.24 58.72
CA SER B 137 41.66 37.88 58.98
C SER B 137 42.85 37.15 58.40
N GLU B 138 42.73 35.86 58.09
CA GLU B 138 43.82 35.09 57.52
C GLU B 138 43.32 34.29 56.34
N PHE B 139 44.22 34.04 55.38
CA PHE B 139 43.88 33.33 54.14
C PHE B 139 45.05 32.40 53.82
N ARG B 140 44.83 31.10 54.05
CA ARG B 140 45.85 30.09 53.79
C ARG B 140 45.33 29.01 52.85
N VAL B 141 44.38 29.37 51.98
CA VAL B 141 43.82 28.39 51.05
C VAL B 141 44.88 27.91 50.06
N TYR B 142 45.69 28.84 49.54
CA TYR B 142 46.76 28.49 48.61
C TYR B 142 47.99 29.31 48.97
N SER B 143 49.07 29.12 48.21
CA SER B 143 50.33 29.81 48.44
C SER B 143 50.61 30.87 47.38
N SER B 144 50.62 30.49 46.11
CA SER B 144 50.90 31.43 45.03
C SER B 144 50.37 30.88 43.72
N ALA B 145 50.20 31.78 42.75
CA ALA B 145 49.81 31.43 41.40
C ALA B 145 50.87 31.94 40.44
N ASN B 146 51.20 31.12 39.44
CA ASN B 146 52.29 31.47 38.53
C ASN B 146 51.83 32.48 37.47
N ASN B 147 50.92 32.06 36.59
CA ASN B 147 50.43 32.92 35.52
C ASN B 147 49.06 32.39 35.11
N CYS B 148 47.99 33.06 35.52
CA CYS B 148 46.69 32.51 35.23
C CYS B 148 45.94 33.25 34.13
N THR B 149 44.74 32.73 33.86
CA THR B 149 43.92 33.17 32.74
C THR B 149 42.74 34.02 33.19
N PHE B 150 41.92 33.54 34.13
CA PHE B 150 40.61 34.16 34.32
C PHE B 150 40.41 34.62 35.76
N GLU B 151 39.97 35.87 35.91
CA GLU B 151 39.54 36.38 37.21
C GLU B 151 38.20 37.09 37.04
N TYR B 152 37.25 36.81 37.93
CA TYR B 152 35.96 37.47 37.91
C TYR B 152 35.55 37.81 39.33
N VAL B 153 34.99 39.00 39.50
CA VAL B 153 34.48 39.48 40.78
C VAL B 153 33.05 39.94 40.57
N SER B 154 32.13 39.42 41.40
CA SER B 154 30.72 39.73 41.28
C SER B 154 30.41 41.05 42.00
N GLN B 155 29.13 41.34 42.16
CA GLN B 155 28.72 42.59 42.81
C GLN B 155 29.12 42.56 44.29
N PRO B 156 29.71 43.64 44.81
CA PRO B 156 30.11 43.66 46.22
C PRO B 156 28.90 43.83 47.13
N PHE B 157 28.73 42.91 48.07
CA PHE B 157 27.67 42.99 49.05
C PHE B 157 28.24 42.71 50.44
N LEU B 158 27.58 43.26 51.45
CA LEU B 158 28.00 43.04 52.83
C LEU B 158 27.45 41.72 53.35
N MET B 159 28.21 41.09 54.24
CA MET B 159 27.81 39.84 54.85
C MET B 159 28.13 39.89 56.35
N ASP B 160 27.32 39.19 57.13
CA ASP B 160 27.38 39.34 58.59
C ASP B 160 28.51 38.53 59.22
N LEU B 161 28.49 37.21 59.00
CA LEU B 161 29.40 36.22 59.59
C LEU B 161 29.19 36.05 61.10
N GLU B 162 28.22 36.74 61.69
CA GLU B 162 27.99 36.60 63.13
C GLU B 162 27.59 35.16 63.46
N GLY B 163 28.01 34.71 64.64
CA GLY B 163 27.82 33.33 65.03
C GLY B 163 26.39 32.98 65.39
N LYS B 164 25.51 32.97 64.40
CA LYS B 164 24.13 32.58 64.62
C LYS B 164 24.07 31.09 64.95
N GLN B 165 23.34 30.76 66.01
CA GLN B 165 23.19 29.39 66.47
C GLN B 165 21.72 29.04 66.64
N GLY B 166 20.91 29.41 65.66
CA GLY B 166 19.48 29.17 65.68
C GLY B 166 19.10 27.83 65.08
N ASN B 167 17.85 27.74 64.61
CA ASN B 167 17.36 26.53 64.01
C ASN B 167 17.75 26.45 62.54
N PHE B 168 17.63 25.24 61.97
CA PHE B 168 17.97 25.01 60.57
C PHE B 168 16.90 25.62 59.69
N LYS B 169 17.26 26.65 58.91
CA LYS B 169 16.31 27.30 58.03
C LYS B 169 16.89 27.57 56.64
N ASN B 170 17.93 26.84 56.24
CA ASN B 170 18.51 27.01 54.91
C ASN B 170 18.69 25.65 54.26
N LEU B 171 18.07 25.46 53.11
CA LEU B 171 18.27 24.25 52.29
C LEU B 171 18.69 24.72 50.90
N ARG B 172 19.92 24.41 50.53
CA ARG B 172 20.50 24.87 49.28
C ARG B 172 20.81 23.68 48.40
N GLU B 173 20.27 23.69 47.18
CA GLU B 173 20.50 22.61 46.23
C GLU B 173 21.17 23.16 44.98
N PHE B 174 22.21 22.48 44.52
CA PHE B 174 22.98 22.93 43.37
C PHE B 174 23.28 21.74 42.46
N VAL B 175 23.36 22.03 41.16
CA VAL B 175 23.71 21.04 40.15
C VAL B 175 24.83 21.60 39.29
N PHE B 176 25.91 20.83 39.14
CA PHE B 176 27.10 21.24 38.40
C PHE B 176 27.21 20.39 37.15
N LYS B 177 27.38 21.06 35.99
CA LYS B 177 27.66 20.38 34.74
C LYS B 177 28.89 21.01 34.10
N ASN B 178 29.59 20.21 33.29
CA ASN B 178 30.76 20.68 32.55
C ASN B 178 30.76 19.99 31.19
N ILE B 179 30.27 20.70 30.17
CA ILE B 179 30.11 20.14 28.83
C ILE B 179 30.79 21.05 27.82
N ASP B 180 31.69 20.49 27.02
CA ASP B 180 32.33 21.19 25.91
C ASP B 180 33.00 22.48 26.36
N GLY B 181 33.68 22.42 27.50
CA GLY B 181 34.38 23.58 28.02
C GLY B 181 33.49 24.62 28.64
N TYR B 182 32.20 24.34 28.80
CA TYR B 182 31.26 25.25 29.44
C TYR B 182 30.85 24.67 30.79
N PHE B 183 31.00 25.47 31.85
CA PHE B 183 30.73 25.07 33.21
C PHE B 183 29.43 25.75 33.64
N LYS B 184 28.45 24.95 34.04
CA LYS B 184 27.09 25.42 34.28
C LYS B 184 26.67 25.09 35.70
N ILE B 185 26.13 26.09 36.39
CA ILE B 185 25.62 25.97 37.76
C ILE B 185 24.13 26.27 37.74
N TYR B 186 23.34 25.29 38.18
CA TYR B 186 21.93 25.46 38.50
C TYR B 186 21.77 25.45 40.00
N SER B 187 20.79 26.20 40.52
CA SER B 187 20.70 26.37 41.97
C SER B 187 19.25 26.59 42.38
N LYS B 188 19.01 26.36 43.67
CA LYS B 188 17.72 26.66 44.30
C LYS B 188 17.92 26.74 45.80
N HIS B 189 17.55 27.87 46.40
CA HIS B 189 17.66 28.10 47.83
C HIS B 189 16.27 28.20 48.43
N THR B 190 16.02 27.50 49.54
CA THR B 190 14.73 27.56 50.20
C THR B 190 14.87 27.67 51.70
N PRO B 191 14.06 28.51 52.33
CA PRO B 191 14.00 28.53 53.80
C PRO B 191 13.12 27.40 54.32
N ILE B 192 13.75 26.39 54.93
CA ILE B 192 13.03 25.26 55.46
C ILE B 192 12.45 25.62 56.82
N ILE B 193 11.22 25.16 57.07
CA ILE B 193 10.52 25.45 58.32
C ILE B 193 11.19 24.69 59.46
N VAL B 194 10.84 25.05 60.69
CA VAL B 194 11.36 24.32 61.85
C VAL B 194 10.95 22.87 61.73
N ARG B 195 11.94 21.99 61.60
CA ARG B 195 11.70 20.59 61.29
C ARG B 195 12.81 19.75 61.89
N GLU B 196 12.54 18.45 62.03
CA GLU B 196 13.52 17.55 62.62
C GLU B 196 14.78 17.51 61.75
N PRO B 197 15.97 17.66 62.33
CA PRO B 197 17.22 17.75 61.53
C PRO B 197 17.87 16.39 61.30
N GLU B 198 17.23 15.57 60.46
CA GLU B 198 17.79 14.26 60.11
C GLU B 198 18.14 14.16 58.63
N ASP B 199 17.20 14.40 57.73
CA ASP B 199 17.43 14.18 56.31
C ASP B 199 16.62 15.20 55.51
N LEU B 200 16.64 15.05 54.19
CA LEU B 200 15.93 15.96 53.30
C LEU B 200 14.49 15.50 53.11
N PRO B 201 13.50 16.34 53.38
CA PRO B 201 12.10 15.93 53.25
C PRO B 201 11.71 15.58 51.81
N GLN B 202 10.48 15.13 51.63
CA GLN B 202 9.95 14.83 50.31
C GLN B 202 9.50 16.13 49.64
N GLY B 203 8.78 16.00 48.53
CA GLY B 203 8.30 17.14 47.79
C GLY B 203 9.00 17.26 46.44
N PHE B 204 8.77 18.40 45.78
CA PHE B 204 9.35 18.66 44.48
C PHE B 204 9.90 20.08 44.43
N SER B 205 10.89 20.28 43.57
CA SER B 205 11.49 21.58 43.34
C SER B 205 12.25 21.55 42.02
N ALA B 206 12.17 22.65 41.27
CA ALA B 206 12.88 22.79 40.02
C ALA B 206 13.98 23.84 40.17
N LEU B 207 15.14 23.55 39.62
CA LEU B 207 16.33 24.39 39.79
C LEU B 207 16.53 25.23 38.54
N GLU B 208 16.27 26.53 38.65
CA GLU B 208 16.46 27.43 37.53
C GLU B 208 17.94 27.60 37.23
N PRO B 209 18.34 27.61 35.96
CA PRO B 209 19.76 27.84 35.64
C PRO B 209 20.22 29.20 36.13
N LEU B 210 21.45 29.24 36.64
CA LEU B 210 21.99 30.48 37.18
C LEU B 210 23.22 30.96 36.44
N VAL B 211 24.26 30.13 36.31
CA VAL B 211 25.56 30.61 35.84
C VAL B 211 26.07 29.72 34.72
N ASP B 212 26.59 30.34 33.65
CA ASP B 212 27.31 29.65 32.59
C ASP B 212 28.64 30.35 32.39
N LEU B 213 29.72 29.58 32.37
CA LEU B 213 31.06 30.14 32.22
C LEU B 213 31.82 29.38 31.14
N PRO B 214 32.41 30.07 30.16
CA PRO B 214 33.23 29.41 29.14
C PRO B 214 34.67 29.21 29.58
N ILE B 215 34.86 28.46 30.67
CA ILE B 215 36.19 28.28 31.24
C ILE B 215 37.07 27.47 30.28
N GLY B 216 36.55 26.36 29.79
CA GLY B 216 37.32 25.55 28.84
C GLY B 216 38.47 24.78 29.43
N ILE B 217 38.40 24.43 30.71
CA ILE B 217 39.46 23.65 31.36
C ILE B 217 38.91 22.29 31.76
N ASN B 218 39.78 21.43 32.29
CA ASN B 218 39.42 20.08 32.68
C ASN B 218 39.31 20.00 34.20
N ILE B 219 38.22 19.43 34.68
CA ILE B 219 37.97 19.25 36.12
C ILE B 219 37.76 17.77 36.39
N THR B 220 38.46 17.25 37.39
CA THR B 220 38.36 15.85 37.77
C THR B 220 38.00 15.67 39.23
N ARG B 221 38.46 16.54 40.11
CA ARG B 221 38.21 16.45 41.54
C ARG B 221 37.72 17.79 42.07
N PHE B 222 36.87 17.74 43.08
CA PHE B 222 36.31 18.95 43.68
C PHE B 222 36.28 18.80 45.19
N GLN B 223 36.31 19.93 45.89
CA GLN B 223 36.34 19.94 47.34
C GLN B 223 35.57 21.14 47.86
N THR B 224 34.85 20.94 48.96
CA THR B 224 34.13 22.01 49.62
C THR B 224 34.98 22.61 50.75
N LEU B 225 34.60 23.81 51.18
CA LEU B 225 35.26 24.48 52.28
C LEU B 225 34.25 24.83 53.37
N LEU B 226 34.77 25.15 54.54
CA LEU B 226 33.99 25.36 55.75
C LEU B 226 34.33 26.72 56.32
N ALA B 227 33.65 27.10 57.40
CA ALA B 227 33.87 28.36 58.10
C ALA B 227 34.12 28.08 59.57
N LEU B 228 35.38 27.85 59.92
CA LEU B 228 35.75 27.61 61.31
C LEU B 228 35.88 28.92 62.06
N HIS B 229 35.33 28.96 63.27
CA HIS B 229 35.33 30.15 64.12
C HIS B 229 36.19 29.90 65.34
N ARG B 230 37.04 30.87 65.69
CA ARG B 230 37.95 30.76 66.82
C ARG B 230 37.74 31.93 67.76
N SER B 231 37.60 31.63 69.05
CA SER B 231 37.39 32.64 70.07
C SER B 231 38.14 32.21 71.33
N TYR B 232 37.83 32.83 72.45
CA TYR B 232 38.45 32.47 73.73
C TYR B 232 38.08 31.07 74.18
N LEU B 233 37.07 30.45 73.57
CA LEU B 233 36.66 29.09 73.89
C LEU B 233 37.44 28.04 73.12
N THR B 234 38.32 28.46 72.20
CA THR B 234 39.07 27.56 71.33
C THR B 234 40.56 27.79 71.52
N PRO B 235 41.15 27.21 72.56
CA PRO B 235 42.60 27.34 72.75
C PRO B 235 43.36 26.38 71.86
N GLY B 236 44.47 26.85 71.30
CA GLY B 236 45.30 26.03 70.46
C GLY B 236 46.11 26.87 69.50
N ASP B 237 46.87 26.17 68.66
CA ASP B 237 47.70 26.80 67.65
C ASP B 237 46.87 27.08 66.39
N SER B 238 47.55 27.38 65.29
CA SER B 238 46.87 27.82 64.07
C SER B 238 46.00 26.75 63.43
N SER B 239 46.09 25.49 63.87
CA SER B 239 45.27 24.44 63.27
C SER B 239 44.68 23.48 64.29
N SER B 240 44.50 23.90 65.54
CA SER B 240 43.95 23.02 66.58
C SER B 240 42.61 23.50 67.10
N GLY B 241 42.52 24.72 67.60
CA GLY B 241 41.32 25.22 68.25
C GLY B 241 40.45 26.02 67.30
N TRP B 242 39.21 25.54 67.12
CA TRP B 242 38.26 26.20 66.25
C TRP B 242 36.86 25.66 66.55
N THR B 243 35.85 26.42 66.11
CA THR B 243 34.45 26.03 66.22
C THR B 243 33.83 26.02 64.83
N ALA B 244 33.10 24.95 64.52
CA ALA B 244 32.49 24.78 63.19
C ALA B 244 31.02 25.17 63.17
N GLY B 245 30.21 24.53 64.01
CA GLY B 245 28.78 24.74 64.00
C GLY B 245 28.04 23.63 63.28
N ALA B 246 26.75 23.49 63.62
CA ALA B 246 25.94 22.38 63.11
C ALA B 246 25.53 22.65 61.67
N ALA B 247 25.87 21.71 60.78
CA ALA B 247 25.49 21.77 59.38
C ALA B 247 25.70 20.40 58.77
N ALA B 248 25.05 20.16 57.63
CA ALA B 248 25.24 18.88 56.96
C ALA B 248 25.11 19.08 55.45
N TYR B 249 25.72 18.16 54.70
CA TYR B 249 25.65 18.25 53.25
C TYR B 249 25.64 16.86 52.62
N TYR B 250 24.83 16.72 51.58
CA TYR B 250 24.62 15.48 50.86
C TYR B 250 25.16 15.62 49.44
N VAL B 251 25.82 14.56 48.96
CA VAL B 251 26.49 14.57 47.66
C VAL B 251 25.94 13.43 46.82
N GLY B 252 25.60 13.74 45.56
CA GLY B 252 25.14 12.71 44.63
C GLY B 252 25.70 12.97 43.25
N TYR B 253 25.69 11.92 42.44
CA TYR B 253 26.31 11.93 41.12
C TYR B 253 25.25 11.77 40.05
N LEU B 254 25.48 12.40 38.90
CA LEU B 254 24.52 12.42 37.81
C LEU B 254 24.82 11.33 36.78
N GLN B 255 23.77 10.89 36.09
CA GLN B 255 23.84 9.88 35.05
C GLN B 255 22.94 10.31 33.89
N PRO B 256 23.24 9.84 32.67
CA PRO B 256 22.37 10.16 31.53
C PRO B 256 21.11 9.31 31.56
N ARG B 257 19.96 9.98 31.71
CA ARG B 257 18.68 9.29 31.82
C ARG B 257 17.64 10.03 30.98
N THR B 258 16.55 9.32 30.67
CA THR B 258 15.41 9.87 29.97
C THR B 258 14.28 10.08 30.97
N PHE B 259 13.84 11.34 31.11
CA PHE B 259 12.80 11.71 32.04
C PHE B 259 11.60 12.25 31.27
N LEU B 260 10.45 12.25 31.93
CA LEU B 260 9.24 12.85 31.39
C LEU B 260 8.77 13.92 32.37
N LEU B 261 8.73 15.16 31.92
CA LEU B 261 8.41 16.31 32.76
C LEU B 261 7.03 16.85 32.39
N LYS B 262 6.21 17.11 33.40
CA LYS B 262 4.86 17.66 33.20
C LYS B 262 4.91 19.16 33.47
N TYR B 263 5.13 19.93 32.41
CA TYR B 263 5.08 21.38 32.53
C TYR B 263 3.69 21.83 32.96
N ASN B 264 3.63 22.68 33.97
CA ASN B 264 2.35 23.18 34.44
C ASN B 264 1.81 24.22 33.47
N GLU B 265 0.64 24.78 33.76
CA GLU B 265 0.10 25.75 32.82
C GLU B 265 0.59 27.22 33.09
N ASN B 266 1.65 27.41 33.90
CA ASN B 266 2.37 28.68 33.96
C ASN B 266 3.78 28.60 33.40
N GLY B 267 4.42 27.42 33.46
CA GLY B 267 5.73 27.24 32.87
C GLY B 267 6.73 26.51 33.73
N THR B 268 6.31 26.05 34.92
CA THR B 268 7.20 25.36 35.84
C THR B 268 6.92 23.86 35.83
N ILE B 269 7.93 23.09 36.23
CA ILE B 269 7.86 21.63 36.23
C ILE B 269 7.17 21.20 37.53
N THR B 270 5.88 20.91 37.45
CA THR B 270 5.14 20.49 38.64
C THR B 270 5.50 19.06 39.03
N ASP B 271 5.75 18.18 38.07
CA ASP B 271 6.04 16.79 38.36
C ASP B 271 6.96 16.22 37.29
N ALA B 272 7.66 15.14 37.66
CA ALA B 272 8.55 14.45 36.73
C ALA B 272 8.51 12.96 37.05
N VAL B 273 8.77 12.15 36.03
CA VAL B 273 8.75 10.70 36.18
C VAL B 273 9.93 10.10 35.41
N ASP B 274 10.58 9.11 36.01
CA ASP B 274 11.67 8.41 35.36
C ASP B 274 11.11 7.34 34.43
N CYS B 275 11.94 6.88 33.50
CA CYS B 275 11.52 5.89 32.51
C CYS B 275 12.36 4.62 32.56
N ALA B 276 13.10 4.40 33.65
CA ALA B 276 13.90 3.19 33.77
C ALA B 276 13.89 2.61 35.19
N LEU B 277 13.00 3.08 36.07
CA LEU B 277 13.04 2.63 37.46
C LEU B 277 12.31 1.30 37.63
N ASP B 278 11.01 1.27 37.34
CA ASP B 278 10.19 0.09 37.48
C ASP B 278 9.26 0.00 36.27
N PRO B 279 8.70 -1.19 35.99
CA PRO B 279 7.88 -1.33 34.78
C PRO B 279 6.71 -0.36 34.69
N LEU B 280 6.11 0.02 35.81
CA LEU B 280 5.04 1.01 35.77
C LEU B 280 5.53 2.34 35.23
N SER B 281 6.71 2.77 35.64
CA SER B 281 7.28 4.01 35.13
C SER B 281 7.54 3.92 33.64
N GLU B 282 8.02 2.78 33.16
CA GLU B 282 8.26 2.62 31.74
C GLU B 282 6.96 2.64 30.95
N THR B 283 5.90 2.03 31.50
CA THR B 283 4.59 2.09 30.86
C THR B 283 4.07 3.53 30.78
N LYS B 284 4.22 4.28 31.87
CA LYS B 284 3.82 5.68 31.86
C LYS B 284 4.61 6.46 30.82
N CYS B 285 5.92 6.19 30.72
CA CYS B 285 6.75 6.90 29.75
C CYS B 285 6.35 6.57 28.32
N THR B 286 6.08 5.29 28.02
CA THR B 286 5.75 4.91 26.66
C THR B 286 4.33 5.32 26.27
N LEU B 287 3.43 5.46 27.24
CA LEU B 287 2.09 5.95 26.95
C LEU B 287 1.98 7.46 27.08
N LYS B 288 3.02 8.14 27.57
CA LYS B 288 3.02 9.58 27.78
C LYS B 288 1.81 10.03 28.61
N SER B 289 1.54 9.29 29.69
CA SER B 289 0.45 9.62 30.58
C SER B 289 0.85 9.27 32.01
N PHE B 290 0.43 10.10 32.96
CA PHE B 290 0.71 9.85 34.36
C PHE B 290 -0.29 8.88 34.99
N THR B 291 -1.40 8.59 34.30
CA THR B 291 -2.38 7.61 34.76
C THR B 291 -2.66 6.65 33.61
N VAL B 292 -2.68 5.36 33.92
CA VAL B 292 -2.93 4.32 32.92
C VAL B 292 -4.15 3.51 33.36
N GLU B 293 -4.83 2.93 32.38
CA GLU B 293 -6.04 2.17 32.63
C GLU B 293 -5.74 0.67 32.67
N LYS B 294 -6.72 -0.09 33.16
CA LYS B 294 -6.54 -1.53 33.31
C LYS B 294 -6.29 -2.18 31.96
N GLY B 295 -5.35 -3.11 31.92
CA GLY B 295 -5.09 -3.85 30.71
C GLY B 295 -3.69 -4.43 30.70
N ILE B 296 -3.24 -4.76 29.49
CA ILE B 296 -1.91 -5.28 29.23
C ILE B 296 -1.29 -4.48 28.09
N TYR B 297 -0.07 -3.99 28.31
CA TYR B 297 0.64 -3.18 27.33
C TYR B 297 1.97 -3.84 27.02
N GLN B 298 2.59 -3.39 25.91
CA GLN B 298 3.91 -3.85 25.54
C GLN B 298 4.95 -2.79 25.90
N THR B 299 6.17 -3.25 26.19
CA THR B 299 7.25 -2.34 26.59
C THR B 299 8.52 -2.80 25.90
N SER B 300 9.66 -2.29 26.37
CA SER B 300 10.94 -2.61 25.76
C SER B 300 11.22 -4.10 25.83
N ASN B 301 11.87 -4.61 24.80
CA ASN B 301 12.16 -6.03 24.69
C ASN B 301 13.27 -6.43 25.65
N PHE B 302 13.63 -7.71 25.62
CA PHE B 302 14.68 -8.24 26.48
C PHE B 302 15.61 -9.13 25.67
N ARG B 303 16.85 -9.22 26.14
CA ARG B 303 17.88 -9.98 25.44
C ARG B 303 18.82 -10.60 26.46
N VAL B 304 19.40 -11.74 26.12
CA VAL B 304 20.36 -12.45 26.96
C VAL B 304 21.76 -12.13 26.46
N GLN B 305 22.60 -11.58 27.33
CA GLN B 305 23.93 -11.15 26.93
C GLN B 305 24.92 -12.30 26.96
N PRO B 306 25.96 -12.25 26.12
CA PRO B 306 27.00 -13.27 26.15
C PRO B 306 27.96 -13.06 27.32
N THR B 307 28.74 -14.10 27.62
CA THR B 307 29.64 -14.01 28.77
C THR B 307 31.13 -14.05 28.42
N GLU B 308 31.61 -15.12 27.80
CA GLU B 308 33.02 -15.23 27.44
C GLU B 308 33.22 -14.95 25.94
N SER B 309 34.44 -15.23 25.44
CA SER B 309 34.76 -15.00 24.04
C SER B 309 35.61 -16.16 23.53
N ILE B 310 35.02 -16.98 22.66
CA ILE B 310 35.75 -18.05 22.01
C ILE B 310 36.70 -17.48 20.96
N VAL B 311 37.89 -18.06 20.86
CA VAL B 311 38.82 -17.78 19.76
C VAL B 311 39.57 -19.06 19.43
N ARG B 312 39.48 -19.51 18.18
CA ARG B 312 40.21 -20.67 17.70
C ARG B 312 40.78 -20.40 16.32
N PHE B 313 41.44 -19.26 16.15
CA PHE B 313 41.91 -18.78 14.84
C PHE B 313 42.75 -19.79 14.07
N PRO B 314 43.88 -20.32 14.64
CA PRO B 314 44.92 -20.98 13.84
C PRO B 314 44.44 -21.95 12.76
N VAL B 319 53.33 -18.68 5.08
CA VAL B 319 53.58 -17.82 6.23
C VAL B 319 54.87 -17.02 6.01
N GLU B 320 54.80 -15.73 6.28
CA GLU B 320 55.93 -14.80 6.09
C GLU B 320 56.46 -14.90 4.66
N CYS B 321 55.60 -14.55 3.71
CA CYS B 321 55.94 -14.63 2.30
C CYS B 321 57.00 -13.59 1.95
N ASP B 322 57.66 -13.82 0.82
CA ASP B 322 58.83 -13.03 0.44
C ASP B 322 58.42 -11.72 -0.22
N PHE B 323 59.15 -10.66 0.12
CA PHE B 323 59.04 -9.37 -0.54
C PHE B 323 60.30 -9.04 -1.35
N SER B 324 61.21 -10.00 -1.48
CA SER B 324 62.51 -9.74 -2.09
C SER B 324 62.45 -9.23 -3.53
N PRO B 325 61.62 -9.77 -4.44
CA PRO B 325 61.68 -9.30 -5.83
C PRO B 325 61.45 -7.81 -6.01
N LEU B 326 60.66 -7.19 -5.13
CA LEU B 326 60.51 -5.73 -5.18
C LEU B 326 61.84 -5.04 -4.85
N LEU B 327 62.53 -5.52 -3.80
CA LEU B 327 63.79 -4.91 -3.40
C LEU B 327 64.94 -5.26 -4.35
N SER B 328 64.84 -6.38 -5.08
CA SER B 328 65.92 -6.86 -5.92
C SER B 328 65.66 -6.48 -7.37
N GLY B 329 66.68 -5.96 -8.04
CA GLY B 329 66.59 -5.62 -9.44
C GLY B 329 66.21 -4.17 -9.68
N THR B 330 66.47 -3.73 -10.90
CA THR B 330 66.17 -2.35 -11.29
C THR B 330 64.67 -2.18 -11.49
N PRO B 331 64.03 -1.22 -10.83
CA PRO B 331 62.61 -0.97 -11.05
C PRO B 331 62.37 -0.52 -12.48
N PRO B 332 61.51 -1.21 -13.22
CA PRO B 332 61.24 -0.85 -14.61
C PRO B 332 60.32 0.36 -14.70
N GLN B 333 59.98 0.70 -15.94
CA GLN B 333 59.16 1.88 -16.21
C GLN B 333 57.67 1.52 -16.10
N VAL B 334 56.81 2.49 -16.40
CA VAL B 334 55.38 2.33 -16.16
C VAL B 334 54.77 1.34 -17.13
N TYR B 335 55.18 1.38 -18.40
CA TYR B 335 54.62 0.46 -19.39
C TYR B 335 55.12 -0.97 -19.20
N ASN B 336 56.09 -1.19 -18.33
CA ASN B 336 56.62 -2.51 -18.04
C ASN B 336 56.62 -2.77 -16.54
N PHE B 337 55.49 -2.48 -15.90
CA PHE B 337 55.39 -2.62 -14.44
C PHE B 337 55.64 -4.07 -14.03
N LYS B 338 56.24 -4.25 -12.86
CA LYS B 338 56.59 -5.58 -12.36
C LYS B 338 55.58 -5.99 -11.30
N ARG B 339 54.92 -7.12 -11.52
CA ARG B 339 53.80 -7.55 -10.70
C ARG B 339 54.15 -8.80 -9.90
N LEU B 340 53.68 -8.85 -8.65
CA LEU B 340 53.86 -9.99 -7.76
C LEU B 340 52.49 -10.37 -7.19
N VAL B 341 52.18 -11.66 -7.22
CA VAL B 341 50.91 -12.18 -6.73
C VAL B 341 51.16 -12.93 -5.43
N PHE B 342 50.39 -12.61 -4.39
CA PHE B 342 50.55 -13.18 -3.07
C PHE B 342 49.34 -14.06 -2.74
N THR B 343 49.60 -15.20 -2.10
CA THR B 343 48.52 -16.10 -1.72
C THR B 343 48.99 -17.00 -0.59
N ASN B 344 48.08 -17.27 0.35
CA ASN B 344 48.32 -18.19 1.46
C ASN B 344 49.57 -17.82 2.25
N CYS B 345 49.76 -16.52 2.48
CA CYS B 345 50.92 -16.02 3.19
C CYS B 345 50.50 -14.94 4.18
N ASN B 346 51.44 -14.58 5.06
CA ASN B 346 51.26 -13.49 6.00
C ASN B 346 52.21 -12.37 5.62
N TYR B 347 51.66 -11.18 5.39
CA TYR B 347 52.43 -10.06 4.87
C TYR B 347 52.74 -9.06 5.99
N ASN B 348 53.59 -8.09 5.66
CA ASN B 348 53.94 -7.01 6.58
C ASN B 348 54.19 -5.77 5.73
N LEU B 349 53.27 -4.81 5.80
CA LEU B 349 53.34 -3.61 4.97
C LEU B 349 54.25 -2.54 5.57
N THR B 350 54.04 -2.22 6.85
CA THR B 350 54.81 -1.16 7.48
C THR B 350 56.29 -1.50 7.60
N LYS B 351 56.64 -2.79 7.63
CA LYS B 351 58.05 -3.16 7.60
C LYS B 351 58.69 -2.78 6.28
N LEU B 352 57.97 -3.02 5.17
CA LEU B 352 58.50 -2.67 3.85
C LEU B 352 58.49 -1.16 3.62
N LEU B 353 57.41 -0.49 4.03
CA LEU B 353 57.27 0.93 3.74
C LEU B 353 58.16 1.80 4.61
N SER B 354 58.50 1.34 5.82
CA SER B 354 59.38 2.11 6.69
C SER B 354 60.78 2.24 6.10
N LEU B 355 61.22 1.24 5.33
CA LEU B 355 62.51 1.33 4.66
C LEU B 355 62.52 2.49 3.66
N PHE B 356 61.44 2.66 2.93
CA PHE B 356 61.33 3.72 1.93
C PHE B 356 60.88 5.02 2.60
N SER B 357 60.72 6.07 1.79
CA SER B 357 60.18 7.34 2.25
C SER B 357 58.76 7.44 1.71
N VAL B 358 57.78 7.21 2.58
CA VAL B 358 56.37 7.18 2.18
C VAL B 358 55.91 8.60 1.89
N ASN B 359 55.84 8.96 0.62
CA ASN B 359 55.43 10.32 0.25
C ASN B 359 53.92 10.46 0.21
N ASP B 360 53.27 9.73 -0.68
CA ASP B 360 51.84 9.90 -0.94
C ASP B 360 51.13 8.55 -0.98
N PHE B 361 49.84 8.57 -0.64
CA PHE B 361 49.05 7.34 -0.53
C PHE B 361 47.60 7.70 -0.86
N THR B 362 47.14 7.29 -2.04
CA THR B 362 45.76 7.57 -2.46
C THR B 362 45.13 6.29 -3.01
N CYS B 363 43.89 6.02 -2.61
CA CYS B 363 43.27 4.74 -2.93
C CYS B 363 41.85 4.92 -3.44
N SER B 364 41.28 3.83 -3.92
CA SER B 364 39.90 3.76 -4.39
C SER B 364 39.29 2.44 -3.92
N GLN B 365 38.10 2.52 -3.31
CA GLN B 365 37.41 1.39 -2.70
C GLN B 365 38.20 0.75 -1.56
N ILE B 366 39.19 1.47 -1.03
CA ILE B 366 40.06 0.95 0.02
C ILE B 366 40.77 2.14 0.64
N SER B 367 41.26 1.97 1.86
CA SER B 367 41.99 3.00 2.57
C SER B 367 43.25 2.39 3.17
N PRO B 368 44.30 3.19 3.38
CA PRO B 368 45.49 2.66 4.06
C PRO B 368 45.19 2.14 5.46
N ALA B 369 44.21 2.72 6.15
CA ALA B 369 43.83 2.21 7.46
C ALA B 369 43.27 0.80 7.36
N ALA B 370 42.45 0.55 6.33
CA ALA B 370 41.84 -0.76 6.15
C ALA B 370 42.69 -1.72 5.31
N ILE B 371 43.77 -1.24 4.70
CA ILE B 371 44.61 -2.11 3.89
C ILE B 371 45.44 -3.04 4.74
N ALA B 372 45.61 -2.74 6.03
CA ALA B 372 46.36 -3.57 6.95
C ALA B 372 45.46 -4.28 7.95
N SER B 373 44.20 -4.49 7.58
CA SER B 373 43.24 -5.16 8.47
C SER B 373 42.47 -6.30 7.82
N ASN B 374 42.28 -6.30 6.51
CA ASN B 374 41.53 -7.37 5.86
C ASN B 374 42.37 -8.65 5.79
N CYS B 375 41.68 -9.76 5.52
CA CYS B 375 42.33 -11.06 5.41
C CYS B 375 43.17 -11.12 4.13
N TYR B 376 43.88 -12.24 3.97
CA TYR B 376 44.78 -12.41 2.84
C TYR B 376 44.03 -12.34 1.50
N SER B 377 42.86 -12.98 1.42
CA SER B 377 42.04 -13.04 0.22
C SER B 377 42.85 -13.25 -1.05
N SER B 378 42.97 -12.20 -1.87
CA SER B 378 43.79 -12.22 -3.07
C SER B 378 44.45 -10.85 -3.24
N LEU B 379 45.74 -10.87 -3.55
CA LEU B 379 46.59 -9.69 -3.36
C LEU B 379 47.59 -9.64 -4.50
N ILE B 380 47.63 -8.51 -5.23
CA ILE B 380 48.59 -8.34 -6.32
C ILE B 380 49.21 -6.95 -6.22
N LEU B 381 50.54 -6.89 -6.20
CA LEU B 381 51.27 -5.63 -6.05
C LEU B 381 52.12 -5.39 -7.29
N ASP B 382 51.96 -4.23 -7.91
CA ASP B 382 52.76 -3.84 -9.07
C ASP B 382 53.66 -2.67 -8.68
N TYR B 383 54.95 -2.81 -8.93
CA TYR B 383 55.90 -1.75 -8.65
C TYR B 383 56.54 -1.28 -9.95
N PHE B 384 56.86 0.01 -9.99
CA PHE B 384 57.47 0.63 -11.15
C PHE B 384 58.17 1.91 -10.73
N SER B 385 58.95 2.47 -11.65
CA SER B 385 59.66 3.72 -11.41
C SER B 385 58.77 4.90 -11.76
N TYR B 386 58.61 5.83 -10.81
CA TYR B 386 57.68 6.94 -11.01
C TYR B 386 58.09 8.14 -10.17
N PRO B 387 58.59 9.20 -10.80
CA PRO B 387 58.90 10.43 -10.05
C PRO B 387 57.64 11.15 -9.62
N LEU B 388 57.77 11.95 -8.57
CA LEU B 388 56.60 12.60 -7.97
C LEU B 388 56.06 13.75 -8.83
N SER B 389 56.85 14.25 -9.77
CA SER B 389 56.53 15.52 -10.44
C SER B 389 55.25 15.48 -11.26
N MET B 390 54.77 14.29 -11.67
CA MET B 390 53.47 14.16 -12.32
C MET B 390 52.49 13.36 -11.46
N LYS B 391 52.48 13.66 -10.16
CA LYS B 391 51.62 12.95 -9.21
C LYS B 391 50.16 12.93 -9.65
N SER B 392 49.68 14.04 -10.21
CA SER B 392 48.27 14.14 -10.59
C SER B 392 47.91 13.12 -11.67
N ASP B 393 48.88 12.69 -12.47
CA ASP B 393 48.58 11.71 -13.51
C ASP B 393 48.31 10.33 -12.94
N LEU B 394 48.96 9.97 -11.83
CA LEU B 394 48.77 8.66 -11.21
C LEU B 394 47.61 8.73 -10.24
N SER B 395 46.39 8.73 -10.81
CA SER B 395 45.17 8.73 -10.03
C SER B 395 44.16 7.83 -10.70
N VAL B 396 43.26 7.25 -9.89
CA VAL B 396 42.22 6.38 -10.42
C VAL B 396 41.26 7.18 -11.29
N SER B 397 40.89 8.38 -10.86
CA SER B 397 40.03 9.27 -11.63
C SER B 397 40.87 10.29 -12.40
N SER B 398 41.69 9.77 -13.32
CA SER B 398 42.58 10.59 -14.11
C SER B 398 42.52 10.15 -15.57
N ALA B 399 42.68 11.12 -16.47
CA ALA B 399 42.69 10.88 -17.90
C ALA B 399 44.07 11.11 -18.52
N GLY B 400 45.12 11.09 -17.69
CA GLY B 400 46.46 11.32 -18.17
C GLY B 400 47.00 10.14 -18.96
N PRO B 401 48.12 10.34 -19.66
CA PRO B 401 48.66 9.26 -20.49
C PRO B 401 49.01 8.01 -19.71
N ILE B 402 49.35 8.15 -18.43
CA ILE B 402 49.63 6.99 -17.59
C ILE B 402 48.43 6.05 -17.56
N SER B 403 47.22 6.62 -17.47
CA SER B 403 46.02 5.79 -17.51
C SER B 403 45.76 5.27 -18.91
N GLN B 404 45.88 6.14 -19.92
CA GLN B 404 45.44 5.77 -21.27
C GLN B 404 46.31 4.66 -21.87
N PHE B 405 47.63 4.80 -21.83
CA PHE B 405 48.50 3.87 -22.52
C PHE B 405 49.60 3.27 -21.65
N ASN B 406 49.62 3.56 -20.35
CA ASN B 406 50.69 3.04 -19.50
C ASN B 406 50.18 2.12 -18.40
N TYR B 407 49.21 2.55 -17.60
CA TYR B 407 48.78 1.74 -16.46
C TYR B 407 47.36 2.14 -16.08
N LYS B 408 46.40 1.26 -16.34
CA LYS B 408 45.02 1.42 -15.90
C LYS B 408 44.67 0.28 -14.95
N GLN B 409 43.87 0.60 -13.93
CA GLN B 409 43.48 -0.36 -12.92
C GLN B 409 42.00 -0.71 -13.04
N SER B 410 41.65 -1.88 -12.52
CA SER B 410 40.26 -2.32 -12.53
C SER B 410 39.41 -1.45 -11.62
N PHE B 411 38.21 -1.13 -12.08
CA PHE B 411 37.28 -0.31 -11.31
C PHE B 411 36.41 -1.12 -10.37
N SER B 412 36.44 -2.44 -10.45
CA SER B 412 35.61 -3.30 -9.61
C SER B 412 36.37 -3.91 -8.43
N ASN B 413 37.66 -3.58 -8.28
CA ASN B 413 38.46 -4.11 -7.19
C ASN B 413 39.14 -2.96 -6.46
N PRO B 414 39.29 -3.07 -5.14
CA PRO B 414 39.98 -2.01 -4.38
C PRO B 414 41.44 -1.89 -4.80
N THR B 415 41.89 -0.65 -4.97
CA THR B 415 43.23 -0.38 -5.49
C THR B 415 43.82 0.81 -4.75
N CYS B 416 44.99 0.61 -4.14
CA CYS B 416 45.76 1.69 -3.53
C CYS B 416 46.94 2.07 -4.42
N LEU B 417 47.39 3.31 -4.26
CA LEU B 417 48.53 3.85 -5.00
C LEU B 417 49.46 4.50 -4.00
N ILE B 418 50.70 4.02 -3.96
CA ILE B 418 51.71 4.51 -3.03
C ILE B 418 52.85 5.13 -3.85
N LEU B 419 53.09 6.42 -3.64
CA LEU B 419 54.25 7.11 -4.20
C LEU B 419 55.29 7.20 -3.10
N ALA B 420 56.41 6.50 -3.27
CA ALA B 420 57.42 6.40 -2.23
C ALA B 420 58.79 6.73 -2.81
N THR B 421 59.77 6.87 -1.91
CA THR B 421 61.14 7.20 -2.30
C THR B 421 62.11 6.38 -1.48
N VAL B 422 63.23 6.01 -2.08
CA VAL B 422 64.30 5.29 -1.39
C VAL B 422 65.45 6.25 -1.19
N PRO B 423 65.48 7.01 -0.08
CA PRO B 423 66.47 8.10 0.04
C PRO B 423 67.92 7.65 0.00
N HIS B 424 68.35 6.84 0.97
CA HIS B 424 69.72 6.36 0.99
C HIS B 424 69.89 4.91 1.43
N ASN B 425 68.96 4.33 2.18
CA ASN B 425 69.25 3.10 2.92
C ASN B 425 69.41 1.90 1.99
N LEU B 426 68.48 1.70 1.07
CA LEU B 426 68.43 0.48 0.28
C LEU B 426 69.27 0.65 -0.98
N THR B 427 70.50 0.16 -0.94
CA THR B 427 71.37 0.15 -2.11
C THR B 427 71.07 -1.02 -3.05
N THR B 428 70.33 -2.03 -2.58
CA THR B 428 69.96 -3.15 -3.43
C THR B 428 69.10 -2.73 -4.61
N ILE B 429 68.40 -1.60 -4.50
CA ILE B 429 67.57 -1.08 -5.58
C ILE B 429 68.45 -0.20 -6.47
N THR B 430 68.61 -0.61 -7.72
CA THR B 430 69.46 0.11 -8.68
C THR B 430 68.60 1.06 -9.50
N LYS B 431 68.98 2.33 -9.51
CA LYS B 431 68.24 3.32 -10.27
C LYS B 431 68.45 3.12 -11.78
N PRO B 432 67.43 3.40 -12.59
CA PRO B 432 67.57 3.25 -14.04
C PRO B 432 68.29 4.43 -14.67
N LEU B 433 68.38 4.45 -16.01
CA LEU B 433 68.99 5.57 -16.70
C LEU B 433 68.15 6.84 -16.54
N LYS B 434 66.84 6.73 -16.76
CA LYS B 434 65.92 7.84 -16.61
C LYS B 434 64.50 7.30 -16.54
N TYR B 435 63.59 8.12 -16.03
CA TYR B 435 62.19 7.72 -16.00
C TYR B 435 61.60 7.84 -17.40
N SER B 436 60.71 6.91 -17.74
CA SER B 436 60.11 6.87 -19.07
C SER B 436 58.64 6.53 -18.98
N TYR B 437 57.87 7.03 -19.94
CA TYR B 437 56.46 6.68 -20.05
C TYR B 437 56.03 6.83 -21.50
N ILE B 438 54.83 6.33 -21.79
CA ILE B 438 54.26 6.38 -23.14
C ILE B 438 53.10 7.37 -23.11
N ASN B 439 53.17 8.38 -23.97
CA ASN B 439 52.11 9.39 -24.04
C ASN B 439 51.23 9.25 -25.27
N LYS B 440 51.47 8.23 -26.11
CA LYS B 440 50.65 8.01 -27.29
C LYS B 440 50.80 6.57 -27.73
N CYS B 441 49.67 5.87 -27.89
CA CYS B 441 49.65 4.51 -28.38
C CYS B 441 48.41 4.37 -29.27
N SER B 442 48.61 4.39 -30.58
CA SER B 442 47.50 4.37 -31.52
C SER B 442 47.88 3.53 -32.74
N ARG B 443 46.85 3.09 -33.45
CA ARG B 443 46.99 2.27 -34.65
C ARG B 443 46.52 3.06 -35.85
N LEU B 444 47.30 3.01 -36.93
CA LEU B 444 46.90 3.58 -38.21
C LEU B 444 46.19 2.51 -39.03
N LEU B 445 45.02 2.85 -39.58
CA LEU B 445 44.24 1.90 -40.33
C LEU B 445 44.85 1.68 -41.72
N SER B 446 44.24 0.78 -42.49
CA SER B 446 44.78 0.45 -43.81
C SER B 446 44.64 1.59 -44.82
N ASP B 447 43.81 2.60 -44.52
CA ASP B 447 43.66 3.74 -45.40
C ASP B 447 44.75 4.79 -45.21
N ASP B 448 45.63 4.61 -44.22
CA ASP B 448 46.72 5.53 -43.92
C ASP B 448 46.23 6.94 -43.59
N ARG B 449 44.97 7.07 -43.15
CA ARG B 449 44.42 8.37 -42.81
C ARG B 449 43.77 8.36 -41.44
N THR B 450 43.25 7.20 -41.02
CA THR B 450 42.51 7.08 -39.78
C THR B 450 43.41 6.57 -38.67
N GLU B 451 43.42 7.27 -37.55
CA GLU B 451 44.19 6.89 -36.37
C GLU B 451 43.23 6.55 -35.24
N VAL B 452 43.35 5.35 -34.69
CA VAL B 452 42.50 4.88 -33.61
C VAL B 452 43.36 4.70 -32.36
N PRO B 453 43.11 5.42 -31.28
CA PRO B 453 43.92 5.24 -30.07
C PRO B 453 43.79 3.82 -29.53
N GLN B 454 44.89 3.30 -29.01
CA GLN B 454 44.96 1.95 -28.46
C GLN B 454 45.09 2.06 -26.94
N LEU B 455 43.94 2.13 -26.27
CA LEU B 455 43.92 2.24 -24.81
C LEU B 455 44.19 0.88 -24.18
N VAL B 456 45.09 0.85 -23.20
CA VAL B 456 45.43 -0.38 -22.52
C VAL B 456 44.33 -0.73 -21.52
N ASN B 457 43.99 -2.01 -21.44
CA ASN B 457 42.98 -2.47 -20.51
C ASN B 457 43.57 -2.61 -19.11
N ALA B 458 42.68 -2.80 -18.13
CA ALA B 458 43.11 -2.92 -16.75
C ALA B 458 43.88 -4.21 -16.52
N ASN B 459 44.94 -4.12 -15.71
CA ASN B 459 45.79 -5.26 -15.37
C ASN B 459 46.34 -5.94 -16.62
N GLN B 460 46.72 -5.13 -17.61
CA GLN B 460 47.25 -5.63 -18.87
C GLN B 460 48.39 -4.73 -19.33
N TYR B 461 49.24 -5.29 -20.19
CA TYR B 461 50.33 -4.53 -20.79
C TYR B 461 49.84 -3.80 -22.03
N SER B 462 50.43 -2.63 -22.28
CA SER B 462 50.03 -1.83 -23.43
C SER B 462 50.42 -2.55 -24.72
N PRO B 463 49.59 -2.46 -25.76
CA PRO B 463 49.95 -3.08 -27.05
C PRO B 463 51.18 -2.48 -27.69
N CYS B 464 51.57 -1.26 -27.30
CA CYS B 464 52.70 -0.57 -27.93
C CYS B 464 54.04 -0.89 -27.27
N VAL B 465 54.05 -1.72 -26.22
CA VAL B 465 55.30 -2.04 -25.53
C VAL B 465 56.22 -2.89 -26.40
N SER B 466 55.69 -3.51 -27.47
CA SER B 466 56.52 -4.34 -28.33
C SER B 466 57.55 -3.52 -29.07
N ILE B 467 57.26 -2.26 -29.36
CA ILE B 467 58.19 -1.39 -30.08
C ILE B 467 58.83 -0.35 -29.17
N VAL B 468 58.26 -0.05 -28.02
CA VAL B 468 58.84 0.89 -27.08
C VAL B 468 59.91 0.15 -26.26
N PRO B 469 61.15 0.63 -26.23
CA PRO B 469 62.18 -0.05 -25.45
C PRO B 469 61.88 0.04 -23.96
N SER B 470 62.68 -0.69 -23.17
CA SER B 470 62.48 -0.72 -21.73
C SER B 470 62.61 0.67 -21.13
N THR B 471 63.63 1.42 -21.55
CA THR B 471 63.81 2.81 -21.16
C THR B 471 63.85 3.66 -22.41
N VAL B 472 63.01 4.69 -22.47
CA VAL B 472 62.96 5.56 -23.64
C VAL B 472 64.25 6.38 -23.69
N TRP B 473 64.90 6.36 -24.86
CA TRP B 473 66.22 6.98 -24.97
C TRP B 473 66.16 8.50 -24.80
N GLU B 474 65.17 9.15 -25.40
CA GLU B 474 65.08 10.60 -25.37
C GLU B 474 63.62 11.03 -25.28
N ASP B 475 63.42 12.26 -24.81
CA ASP B 475 62.08 12.81 -24.69
C ASP B 475 61.44 12.98 -26.07
N GLY B 476 60.18 12.58 -26.17
CA GLY B 476 59.45 12.72 -27.41
C GLY B 476 59.82 11.73 -28.50
N ASP B 477 60.41 10.58 -28.14
CA ASP B 477 60.75 9.57 -29.13
C ASP B 477 59.50 8.97 -29.73
N TYR B 478 59.61 8.53 -30.98
CA TYR B 478 58.51 7.93 -31.70
C TYR B 478 58.96 6.63 -32.37
N TYR B 479 58.04 5.66 -32.42
CA TYR B 479 58.32 4.36 -32.99
C TYR B 479 57.16 3.93 -33.88
N ARG B 480 57.50 3.30 -35.01
CA ARG B 480 56.52 2.81 -35.96
C ARG B 480 56.72 1.31 -36.19
N LYS B 481 55.64 0.61 -36.49
CA LYS B 481 55.72 -0.81 -36.82
C LYS B 481 54.63 -1.15 -37.82
N GLN B 482 55.03 -1.68 -38.98
CA GLN B 482 54.06 -2.07 -39.98
C GLN B 482 53.26 -3.28 -39.49
N LEU B 483 51.96 -3.25 -39.74
CA LEU B 483 51.05 -4.30 -39.29
C LEU B 483 50.69 -5.22 -40.45
N SER B 484 50.78 -6.53 -40.21
CA SER B 484 50.45 -7.50 -41.23
C SER B 484 48.94 -7.48 -41.51
N PRO B 485 48.53 -7.89 -42.72
CA PRO B 485 47.09 -7.93 -43.02
C PRO B 485 46.30 -8.81 -42.07
N LEU B 486 46.89 -9.90 -41.57
CA LEU B 486 46.20 -10.75 -40.60
C LEU B 486 45.92 -9.99 -39.31
N GLU B 487 46.88 -9.17 -38.86
CA GLU B 487 46.69 -8.37 -37.65
C GLU B 487 45.74 -7.19 -37.86
N GLY B 488 45.39 -6.88 -39.11
CA GLY B 488 44.50 -5.77 -39.41
C GLY B 488 45.08 -4.75 -40.37
N GLY B 489 46.34 -4.86 -40.76
CA GLY B 489 46.93 -3.93 -41.69
C GLY B 489 47.25 -2.59 -41.06
N GLY B 490 47.71 -1.67 -41.90
CA GLY B 490 48.05 -0.34 -41.41
C GLY B 490 49.36 -0.33 -40.64
N TRP B 491 49.47 0.63 -39.73
CA TRP B 491 50.67 0.82 -38.93
C TRP B 491 50.32 1.02 -37.46
N LEU B 492 51.28 0.69 -36.60
CA LEU B 492 51.18 0.94 -35.17
C LEU B 492 52.20 2.02 -34.81
N VAL B 493 51.74 3.08 -34.18
CA VAL B 493 52.55 4.24 -33.86
C VAL B 493 52.54 4.45 -32.35
N ALA B 494 53.72 4.57 -31.76
CA ALA B 494 53.86 4.80 -30.33
C ALA B 494 54.77 6.00 -30.09
N SER B 495 54.50 6.72 -29.00
CA SER B 495 55.30 7.89 -28.63
C SER B 495 55.64 7.81 -27.15
N GLY B 496 56.92 7.97 -26.84
CA GLY B 496 57.40 7.90 -25.47
C GLY B 496 58.08 9.19 -25.07
N SER B 497 57.97 9.52 -23.78
CA SER B 497 58.57 10.70 -23.20
C SER B 497 59.39 10.30 -21.98
N THR B 498 60.35 11.14 -21.64
CA THR B 498 61.31 10.87 -20.57
C THR B 498 61.29 11.97 -19.52
N VAL B 499 61.58 11.57 -18.28
CA VAL B 499 61.71 12.46 -17.15
C VAL B 499 63.06 12.21 -16.51
N ALA B 500 63.79 13.29 -16.21
CA ALA B 500 65.14 13.19 -15.69
C ALA B 500 65.13 12.60 -14.29
N MET B 501 66.30 12.10 -13.88
CA MET B 501 66.45 11.43 -12.61
C MET B 501 66.37 12.41 -11.44
N THR B 502 66.16 11.86 -10.25
CA THR B 502 66.24 12.59 -9.00
C THR B 502 67.40 12.04 -8.16
N GLU B 503 67.76 12.78 -7.12
CA GLU B 503 68.83 12.33 -6.23
C GLU B 503 68.45 11.01 -5.56
N GLN B 504 67.21 10.89 -5.10
CA GLN B 504 66.71 9.69 -4.47
C GLN B 504 65.66 9.06 -5.37
N LEU B 505 65.79 7.75 -5.61
CA LEU B 505 64.91 7.07 -6.55
C LEU B 505 63.47 7.06 -6.02
N GLN B 506 62.56 7.62 -6.81
CA GLN B 506 61.15 7.65 -6.48
C GLN B 506 60.41 6.59 -7.29
N MET B 507 59.62 5.77 -6.60
CA MET B 507 58.91 4.68 -7.23
C MET B 507 57.42 4.74 -6.89
N GLY B 508 56.64 4.00 -7.66
CA GLY B 508 55.22 3.90 -7.43
C GLY B 508 54.78 2.46 -7.32
N PHE B 509 53.74 2.27 -6.51
CA PHE B 509 53.14 0.95 -6.28
C PHE B 509 51.65 1.03 -6.51
N GLY B 510 51.17 0.29 -7.50
CA GLY B 510 49.75 0.08 -7.69
C GLY B 510 49.37 -1.27 -7.11
N ILE B 511 48.62 -1.26 -6.02
CA ILE B 511 48.39 -2.47 -5.23
C ILE B 511 46.89 -2.76 -5.23
N THR B 512 46.52 -3.91 -5.80
CA THR B 512 45.12 -4.27 -6.00
C THR B 512 44.78 -5.47 -5.14
N VAL B 513 43.57 -5.45 -4.56
CA VAL B 513 43.10 -6.56 -3.73
C VAL B 513 41.75 -7.03 -4.22
N GLN B 514 41.41 -8.27 -3.86
CA GLN B 514 40.11 -8.83 -4.17
C GLN B 514 39.23 -8.79 -2.93
N GLY B 528 49.49 -10.92 10.13
CA GLY B 528 49.50 -10.64 11.55
C GLY B 528 50.03 -11.79 12.38
N PRO B 529 50.64 -11.48 13.53
CA PRO B 529 51.17 -12.54 14.40
C PRO B 529 50.08 -13.45 14.94
N LYS B 530 49.07 -12.87 15.59
CA LYS B 530 47.86 -13.57 16.00
C LYS B 530 48.14 -14.60 17.11
N LYS B 531 47.10 -15.16 17.71
CA LYS B 531 47.24 -16.12 18.79
C LYS B 531 45.93 -16.91 18.91
N SER B 532 45.83 -17.71 19.98
CA SER B 532 44.67 -18.57 20.20
C SER B 532 44.29 -18.55 21.67
N THR B 533 43.06 -18.99 21.96
CA THR B 533 42.53 -18.96 23.32
C THR B 533 41.87 -20.32 23.58
N ASN B 534 41.11 -20.45 24.66
CA ASN B 534 40.46 -21.70 25.06
C ASN B 534 39.17 -21.91 24.28
N LEU B 535 38.64 -23.13 24.37
CA LEU B 535 37.43 -23.53 23.68
C LEU B 535 36.37 -23.87 24.72
N VAL B 536 35.29 -23.09 24.74
CA VAL B 536 34.16 -23.31 25.64
C VAL B 536 32.96 -23.77 24.81
N LYS B 537 31.99 -24.38 25.48
CA LYS B 537 30.80 -24.88 24.82
C LYS B 537 29.57 -24.69 25.72
N ASN B 538 28.40 -24.80 25.10
CA ASN B 538 27.09 -24.88 25.74
C ASN B 538 26.65 -23.58 26.41
N LYS B 539 27.32 -22.46 26.15
CA LYS B 539 26.92 -21.18 26.68
C LYS B 539 26.99 -20.16 25.56
N CYS B 540 25.89 -19.43 25.34
CA CYS B 540 25.84 -18.52 24.19
C CYS B 540 26.75 -17.33 24.45
N VAL B 541 27.93 -17.35 23.85
CA VAL B 541 28.95 -16.34 24.04
C VAL B 541 29.50 -15.94 22.68
N ASN B 542 30.29 -14.86 22.68
CA ASN B 542 30.93 -14.44 21.44
C ASN B 542 31.83 -15.54 20.90
N PHE B 543 31.39 -16.15 19.81
CA PHE B 543 32.17 -17.19 19.13
C PHE B 543 33.02 -16.53 18.05
N ASN B 544 34.20 -17.13 17.80
CA ASN B 544 35.01 -16.62 16.71
C ASN B 544 35.69 -17.79 16.01
N PHE B 545 34.94 -18.85 15.70
CA PHE B 545 35.45 -20.00 14.99
C PHE B 545 36.01 -19.62 13.63
N ASN B 546 37.33 -19.79 13.47
CA ASN B 546 38.04 -19.54 12.23
C ASN B 546 37.68 -18.17 11.64
N GLY B 547 37.88 -17.15 12.46
CA GLY B 547 37.61 -15.79 12.03
C GLY B 547 36.18 -15.33 12.20
N LEU B 548 35.23 -16.13 11.71
CA LEU B 548 33.80 -15.81 11.75
C LEU B 548 33.35 -15.43 13.15
N LYS B 549 32.87 -14.21 13.33
CA LYS B 549 32.47 -13.72 14.65
C LYS B 549 30.94 -13.71 14.78
N GLY B 550 30.47 -13.30 15.95
CA GLY B 550 29.05 -13.24 16.25
C GLY B 550 28.79 -13.80 17.63
N THR B 551 27.55 -14.22 17.86
CA THR B 551 27.13 -14.79 19.13
C THR B 551 26.22 -16.00 18.85
N GLY B 552 26.08 -16.85 19.85
CA GLY B 552 25.19 -18.00 19.74
C GLY B 552 25.57 -19.13 20.66
N VAL B 553 24.55 -19.92 21.06
CA VAL B 553 24.75 -21.12 21.85
C VAL B 553 24.93 -22.29 20.91
N LEU B 554 25.71 -23.28 21.33
CA LEU B 554 26.06 -24.42 20.50
C LEU B 554 25.89 -25.72 21.29
N THR B 555 25.29 -26.71 20.64
CA THR B 555 25.11 -28.03 21.23
C THR B 555 25.66 -29.10 20.30
N GLU B 556 25.42 -30.37 20.61
CA GLU B 556 25.85 -31.46 19.76
C GLU B 556 24.97 -31.55 18.52
N SER B 557 25.45 -32.29 17.52
CA SER B 557 24.75 -32.37 16.24
C SER B 557 25.04 -33.72 15.59
N ASN B 558 24.16 -34.07 14.64
CA ASN B 558 24.28 -35.30 13.84
C ASN B 558 24.22 -34.89 12.37
N LYS B 559 25.38 -34.55 11.81
CA LYS B 559 25.45 -34.09 10.43
C LYS B 559 26.87 -34.34 9.94
N LYS B 560 27.02 -34.55 8.64
CA LYS B 560 28.32 -34.87 8.06
C LYS B 560 28.79 -33.74 7.15
N PHE B 561 29.90 -33.12 7.50
CA PHE B 561 30.64 -32.28 6.58
C PHE B 561 31.37 -33.18 5.58
N LEU B 562 32.24 -32.59 4.78
CA LEU B 562 33.08 -33.31 3.84
C LEU B 562 34.50 -32.77 3.98
N PRO B 563 35.51 -33.57 3.62
CA PRO B 563 36.89 -33.13 3.83
C PRO B 563 37.22 -31.80 3.18
N PHE B 564 36.53 -31.45 2.10
CA PHE B 564 36.65 -30.14 1.48
C PHE B 564 35.61 -29.15 1.98
N GLN B 565 34.76 -29.55 2.93
CA GLN B 565 33.71 -28.69 3.46
C GLN B 565 34.13 -28.14 4.82
N GLN B 566 33.96 -26.83 5.02
CA GLN B 566 34.46 -26.18 6.22
C GLN B 566 33.49 -25.19 6.86
N PHE B 567 32.29 -25.03 6.33
CA PHE B 567 31.43 -23.94 6.81
C PHE B 567 29.99 -24.24 6.40
N GLY B 568 29.06 -23.92 7.32
CA GLY B 568 27.66 -24.21 7.13
C GLY B 568 26.85 -22.97 6.76
N ARG B 569 25.60 -23.23 6.37
CA ARG B 569 24.68 -22.18 5.94
C ARG B 569 23.26 -22.68 6.16
N ASP B 570 22.28 -21.81 5.84
CA ASP B 570 20.89 -22.12 6.08
C ASP B 570 20.00 -21.67 4.94
N ILE B 571 18.69 -21.60 5.18
CA ILE B 571 17.71 -21.24 4.15
C ILE B 571 17.74 -19.74 3.90
N ALA B 572 18.34 -18.98 4.83
CA ALA B 572 18.29 -17.53 4.72
C ALA B 572 19.65 -16.87 4.99
N ASP B 573 20.72 -17.47 4.50
CA ASP B 573 22.07 -16.90 4.58
C ASP B 573 22.47 -16.61 6.03
N THR B 574 22.45 -17.68 6.84
CA THR B 574 22.85 -17.59 8.24
C THR B 574 23.59 -18.88 8.62
N THR B 575 24.70 -18.73 9.34
CA THR B 575 25.46 -19.90 9.77
C THR B 575 24.63 -20.78 10.69
N ASP B 576 24.71 -22.09 10.46
CA ASP B 576 24.06 -23.09 11.32
C ASP B 576 25.08 -23.91 12.08
N ALA B 577 25.98 -24.61 11.39
CA ALA B 577 26.96 -25.47 12.00
C ALA B 577 28.36 -24.95 11.69
N VAL B 578 29.33 -25.42 12.46
CA VAL B 578 30.73 -25.06 12.26
C VAL B 578 31.57 -26.30 12.49
N ARG B 579 32.74 -26.35 11.86
CA ARG B 579 33.75 -27.36 12.09
C ARG B 579 34.90 -26.71 12.85
N ASP B 580 35.34 -27.35 13.94
CA ASP B 580 36.47 -26.81 14.68
C ASP B 580 37.70 -26.75 13.78
N PRO B 581 38.34 -25.59 13.64
CA PRO B 581 39.59 -25.51 12.87
C PRO B 581 40.74 -26.34 13.45
N GLN B 582 40.62 -26.79 14.70
CA GLN B 582 41.70 -27.54 15.33
C GLN B 582 41.26 -28.96 15.66
N THR B 583 40.16 -29.08 16.41
CA THR B 583 39.66 -30.36 16.87
C THR B 583 39.01 -31.16 15.76
N LEU B 584 38.48 -30.49 14.73
CA LEU B 584 37.95 -31.13 13.52
C LEU B 584 36.76 -32.04 13.85
N GLU B 585 35.74 -31.41 14.44
CA GLU B 585 34.42 -31.99 14.59
C GLU B 585 33.40 -30.89 14.35
N ILE B 586 32.13 -31.26 14.37
CA ILE B 586 31.05 -30.33 14.04
C ILE B 586 30.29 -29.94 15.29
N LEU B 587 30.06 -28.64 15.45
CA LEU B 587 29.17 -28.03 16.43
C LEU B 587 28.12 -27.21 15.67
N ASP B 588 27.35 -26.40 16.39
CA ASP B 588 26.29 -25.63 15.74
C ASP B 588 26.34 -24.20 16.24
N ILE B 589 25.29 -23.43 15.97
CA ILE B 589 25.18 -22.04 16.36
C ILE B 589 23.71 -21.71 16.58
N THR B 590 23.41 -21.05 17.69
CA THR B 590 22.05 -20.63 18.02
C THR B 590 22.09 -19.39 18.91
N PRO B 591 21.74 -18.21 18.37
CA PRO B 591 21.77 -16.99 19.16
C PRO B 591 20.96 -17.10 20.45
N CYS B 592 21.33 -16.28 21.43
CA CYS B 592 20.70 -16.33 22.74
C CYS B 592 19.20 -16.05 22.65
N SER B 593 18.50 -16.41 23.72
CA SER B 593 17.05 -16.19 23.78
C SER B 593 16.73 -14.70 23.84
N PHE B 594 15.54 -14.36 23.40
CA PHE B 594 15.05 -12.98 23.40
C PHE B 594 13.52 -13.03 23.27
N GLY B 595 12.92 -11.87 23.14
CA GLY B 595 11.47 -11.77 23.01
C GLY B 595 10.98 -10.45 23.55
N GLY B 596 9.66 -10.28 23.47
CA GLY B 596 9.03 -9.07 23.97
C GLY B 596 8.77 -9.12 25.46
N VAL B 597 8.34 -7.98 25.99
CA VAL B 597 7.96 -7.85 27.39
C VAL B 597 6.63 -7.14 27.46
N SER B 598 5.71 -7.68 28.24
CA SER B 598 4.39 -7.09 28.44
C SER B 598 4.17 -6.81 29.92
N VAL B 599 3.53 -5.68 30.20
CA VAL B 599 3.20 -5.27 31.56
C VAL B 599 1.69 -5.29 31.72
N ILE B 600 1.22 -6.03 32.71
CA ILE B 600 -0.21 -6.18 33.01
C ILE B 600 -0.50 -5.38 34.27
N THR B 601 -1.40 -4.41 34.17
CA THR B 601 -1.72 -3.55 35.28
C THR B 601 -3.23 -3.41 35.46
N PRO B 602 -3.71 -3.31 36.69
CA PRO B 602 -5.14 -3.09 36.93
C PRO B 602 -5.56 -1.62 36.87
N GLY B 603 -4.67 -0.72 36.48
CA GLY B 603 -5.00 0.69 36.45
C GLY B 603 -4.41 1.44 37.63
N THR B 604 -3.74 2.57 37.36
CA THR B 604 -3.12 3.34 38.42
C THR B 604 -4.14 3.92 39.39
N ASN B 605 -5.40 4.03 38.98
CA ASN B 605 -6.43 4.55 39.87
C ASN B 605 -6.69 3.58 41.01
N THR B 606 -6.63 2.27 40.75
CA THR B 606 -6.92 1.28 41.78
C THR B 606 -5.69 1.00 42.64
N SER B 607 -4.60 0.55 42.01
CA SER B 607 -3.39 0.18 42.74
C SER B 607 -2.19 0.51 41.87
N ASN B 608 -1.00 0.11 42.33
CA ASN B 608 0.24 0.37 41.62
C ASN B 608 1.05 -0.91 41.39
N GLN B 609 0.43 -2.07 41.54
CA GLN B 609 1.10 -3.34 41.32
C GLN B 609 0.98 -3.74 39.85
N VAL B 610 2.02 -4.41 39.35
CA VAL B 610 2.06 -4.85 37.97
C VAL B 610 2.58 -6.28 37.90
N ALA B 611 2.29 -6.95 36.79
CA ALA B 611 2.84 -8.25 36.48
C ALA B 611 3.56 -8.18 35.14
N VAL B 612 4.56 -9.02 34.96
CA VAL B 612 5.42 -8.98 33.77
C VAL B 612 5.31 -10.32 33.06
N LEU B 613 5.04 -10.27 31.76
CA LEU B 613 4.96 -11.45 30.91
C LEU B 613 6.09 -11.40 29.89
N TYR B 614 6.90 -12.46 29.85
CA TYR B 614 8.00 -12.59 28.90
C TYR B 614 7.53 -13.52 27.78
N GLN B 615 7.24 -12.94 26.62
CA GLN B 615 6.61 -13.70 25.54
C GLN B 615 7.58 -14.74 24.98
N GLY B 616 7.14 -16.00 24.97
CA GLY B 616 7.86 -17.06 24.27
C GLY B 616 9.24 -17.36 24.78
N VAL B 617 9.42 -17.41 26.11
CA VAL B 617 10.71 -17.79 26.68
C VAL B 617 10.53 -18.54 27.98
N ASN B 618 10.97 -19.80 28.01
CA ASN B 618 11.07 -20.59 29.23
C ASN B 618 11.93 -19.85 30.24
N CYS B 619 11.33 -19.40 31.34
CA CYS B 619 12.10 -18.59 32.29
C CYS B 619 12.90 -19.43 33.28
N THR B 620 12.83 -20.75 33.21
CA THR B 620 13.86 -21.57 33.83
C THR B 620 15.18 -21.50 33.07
N GLU B 621 15.17 -20.87 31.88
CA GLU B 621 16.36 -20.78 31.04
C GLU B 621 16.78 -19.36 30.72
N VAL B 622 16.06 -18.35 31.22
CA VAL B 622 16.41 -16.96 30.94
C VAL B 622 17.58 -16.49 31.81
N PRO B 623 17.67 -16.84 33.11
CA PRO B 623 18.75 -16.15 33.82
C PRO B 623 20.12 -16.77 33.57
N THR B 634 17.94 -10.34 30.79
CA THR B 634 18.96 -9.40 31.25
C THR B 634 18.51 -7.95 31.00
N TRP B 635 17.93 -7.72 29.83
CA TRP B 635 17.42 -6.40 29.51
C TRP B 635 16.11 -6.13 30.27
N ARG B 636 15.73 -4.85 30.29
CA ARG B 636 14.58 -4.30 30.99
C ARG B 636 14.91 -4.55 32.47
N VAL B 637 14.06 -5.26 33.21
CA VAL B 637 14.32 -5.50 34.63
C VAL B 637 15.52 -6.43 34.78
N TYR B 638 16.47 -6.03 35.61
CA TYR B 638 17.60 -6.89 35.96
C TYR B 638 17.35 -7.73 37.21
N SER B 639 16.20 -7.58 37.85
CA SER B 639 15.87 -8.30 39.07
C SER B 639 14.60 -9.11 38.87
N THR B 640 14.68 -10.42 39.07
CA THR B 640 13.49 -11.26 39.01
C THR B 640 12.87 -11.34 40.41
N GLY B 641 11.92 -12.24 40.59
CA GLY B 641 11.24 -12.40 41.86
C GLY B 641 10.74 -13.81 42.04
N SER B 642 9.63 -13.95 42.77
CA SER B 642 9.01 -15.23 43.06
C SER B 642 7.61 -15.25 42.43
N ASN B 643 6.86 -16.32 42.74
CA ASN B 643 5.54 -16.56 42.15
C ASN B 643 5.63 -16.60 40.63
N VAL B 644 6.41 -17.56 40.14
CA VAL B 644 6.65 -17.73 38.71
C VAL B 644 5.70 -18.81 38.20
N PHE B 645 4.88 -18.44 37.21
CA PHE B 645 3.88 -19.34 36.64
C PHE B 645 4.26 -19.57 35.18
N GLN B 646 4.21 -20.82 34.73
CA GLN B 646 4.55 -21.16 33.35
C GLN B 646 3.27 -21.36 32.55
N THR B 647 3.13 -20.59 31.48
CA THR B 647 1.98 -20.66 30.57
C THR B 647 2.45 -21.09 29.19
N ARG B 648 1.52 -21.13 28.25
CA ARG B 648 1.83 -21.50 26.87
C ARG B 648 2.21 -20.30 26.00
N ALA B 649 2.12 -19.08 26.53
CA ALA B 649 2.47 -17.88 25.79
C ALA B 649 3.65 -17.14 26.41
N GLY B 650 4.48 -17.83 27.18
CA GLY B 650 5.55 -17.25 27.96
C GLY B 650 5.40 -17.69 29.39
N CYS B 651 5.98 -16.92 30.30
CA CYS B 651 5.80 -17.18 31.73
C CYS B 651 5.55 -15.87 32.47
N LEU B 652 4.71 -15.96 33.50
CA LEU B 652 4.22 -14.82 34.24
C LEU B 652 4.97 -14.69 35.55
N ILE B 653 5.41 -13.47 35.86
CA ILE B 653 6.16 -13.17 37.08
C ILE B 653 5.34 -12.22 37.92
N GLY B 654 5.07 -12.59 39.17
CA GLY B 654 4.36 -11.74 40.08
C GLY B 654 2.87 -11.96 40.17
N ALA B 655 2.36 -13.06 39.62
CA ALA B 655 0.94 -13.37 39.68
C ALA B 655 0.74 -14.78 40.19
N GLU B 656 -0.34 -14.97 40.94
CA GLU B 656 -0.65 -16.25 41.58
C GLU B 656 -1.71 -17.00 40.77
N TYR B 657 -1.53 -18.30 40.64
CA TYR B 657 -2.43 -19.15 39.88
C TYR B 657 -3.44 -19.81 40.81
N VAL B 658 -4.73 -19.67 40.50
CA VAL B 658 -5.80 -20.26 41.29
C VAL B 658 -6.51 -21.31 40.46
N ASN B 659 -7.45 -22.04 41.07
CA ASN B 659 -8.17 -23.11 40.39
C ASN B 659 -9.61 -22.74 40.06
N ASN B 660 -10.05 -21.54 40.42
CA ASN B 660 -11.41 -21.12 40.11
C ASN B 660 -11.52 -20.75 38.64
N SER B 661 -12.70 -20.29 38.23
CA SER B 661 -12.96 -19.90 36.85
C SER B 661 -13.93 -18.73 36.85
N TYR B 662 -13.48 -17.59 36.33
CA TYR B 662 -14.30 -16.40 36.20
C TYR B 662 -14.30 -15.96 34.75
N GLU B 663 -14.96 -14.84 34.48
CA GLU B 663 -14.90 -14.26 33.14
C GLU B 663 -13.56 -13.59 32.91
N CYS B 664 -13.17 -13.50 31.64
CA CYS B 664 -11.86 -12.95 31.31
C CYS B 664 -11.85 -11.44 31.51
N ASP B 665 -10.92 -10.96 32.34
CA ASP B 665 -10.77 -9.53 32.59
C ASP B 665 -9.64 -8.93 31.78
N ILE B 666 -8.42 -9.45 31.95
CA ILE B 666 -7.28 -9.03 31.14
C ILE B 666 -6.79 -10.25 30.35
N PRO B 667 -6.90 -10.26 29.03
CA PRO B 667 -6.56 -11.45 28.26
C PRO B 667 -5.05 -11.66 28.18
N ILE B 668 -4.59 -12.79 28.70
CA ILE B 668 -3.19 -13.17 28.59
C ILE B 668 -2.94 -14.00 27.34
N GLY B 669 -3.73 -15.06 27.14
CA GLY B 669 -3.60 -15.87 25.95
C GLY B 669 -3.59 -17.35 26.21
N ALA B 670 -3.83 -18.14 25.16
CA ALA B 670 -3.84 -19.60 25.25
C ALA B 670 -4.82 -20.09 26.31
N GLY B 671 -5.94 -19.36 26.46
CA GLY B 671 -6.94 -19.71 27.43
C GLY B 671 -6.70 -19.22 28.84
N ILE B 672 -5.63 -18.48 29.07
CA ILE B 672 -5.30 -17.95 30.40
C ILE B 672 -5.66 -16.47 30.44
N CYS B 673 -6.30 -16.05 31.52
CA CYS B 673 -6.63 -14.66 31.75
C CYS B 673 -6.11 -14.24 33.13
N ALA B 674 -6.13 -12.94 33.39
CA ALA B 674 -5.63 -12.40 34.65
C ALA B 674 -6.60 -11.35 35.17
N SER B 675 -6.55 -11.13 36.48
CA SER B 675 -7.44 -10.17 37.12
C SER B 675 -6.79 -9.68 38.42
N TYR B 676 -7.43 -8.68 39.03
CA TYR B 676 -6.98 -8.12 40.30
C TYR B 676 -8.10 -8.30 41.32
N GLN B 677 -7.81 -9.04 42.39
CA GLN B 677 -8.86 -9.38 43.34
C GLN B 677 -8.22 -9.74 44.68
N THR B 678 -9.06 -9.75 45.71
CA THR B 678 -8.63 -10.12 47.06
C THR B 678 -8.21 -11.59 47.12
N SER B 691 -4.39 -7.01 51.10
CA SER B 691 -4.71 -8.41 50.88
C SER B 691 -5.02 -8.68 49.41
N GLN B 692 -5.42 -7.64 48.69
CA GLN B 692 -5.69 -7.76 47.27
C GLN B 692 -4.40 -7.95 46.48
N SER B 693 -4.47 -8.75 45.42
CA SER B 693 -3.31 -9.02 44.59
C SER B 693 -3.78 -9.43 43.20
N ILE B 694 -2.81 -9.65 42.31
CA ILE B 694 -3.10 -10.02 40.93
C ILE B 694 -3.06 -11.54 40.83
N ILE B 695 -4.10 -12.11 40.20
CA ILE B 695 -4.22 -13.55 40.05
C ILE B 695 -4.38 -13.88 38.57
N ALA B 696 -4.03 -15.12 38.22
CA ALA B 696 -4.18 -15.65 36.88
C ALA B 696 -4.96 -16.95 36.93
N TYR B 697 -5.90 -17.11 36.01
CA TYR B 697 -6.79 -18.26 36.02
C TYR B 697 -7.10 -18.65 34.57
N THR B 698 -7.95 -19.67 34.43
CA THR B 698 -8.45 -20.12 33.14
C THR B 698 -9.89 -19.63 32.96
N MET B 699 -10.15 -18.95 31.85
CA MET B 699 -11.45 -18.36 31.62
C MET B 699 -12.53 -19.43 31.50
N SER B 700 -13.72 -19.10 31.95
CA SER B 700 -14.88 -19.98 31.85
C SER B 700 -15.79 -19.53 30.72
N LEU B 701 -16.57 -20.48 30.20
CA LEU B 701 -17.40 -20.22 29.03
C LEU B 701 -18.84 -19.86 29.39
N GLY B 702 -19.28 -20.14 30.60
CA GLY B 702 -20.62 -19.76 31.01
C GLY B 702 -21.20 -20.78 31.98
N ALA B 703 -22.45 -20.56 32.33
CA ALA B 703 -23.15 -21.43 33.25
C ALA B 703 -23.45 -22.78 32.59
N GLU B 704 -23.81 -23.75 33.41
CA GLU B 704 -24.09 -25.11 32.95
C GLU B 704 -25.54 -25.46 33.26
N ASN B 705 -26.27 -25.90 32.23
CA ASN B 705 -27.63 -26.40 32.43
C ASN B 705 -27.94 -27.40 31.35
N SER B 706 -28.91 -28.27 31.64
CA SER B 706 -29.36 -29.29 30.71
C SER B 706 -30.87 -29.15 30.51
N VAL B 707 -31.30 -29.28 29.27
CA VAL B 707 -32.73 -29.17 28.93
C VAL B 707 -33.38 -30.53 29.12
N ALA B 708 -34.52 -30.54 29.80
CA ALA B 708 -35.23 -31.79 30.11
C ALA B 708 -35.97 -32.27 28.88
N TYR B 709 -35.19 -32.73 27.90
CA TYR B 709 -35.77 -33.30 26.69
C TYR B 709 -36.45 -34.62 27.00
N SER B 710 -37.61 -34.85 26.38
CA SER B 710 -38.39 -36.05 26.67
C SER B 710 -39.24 -36.39 25.45
N ASN B 711 -39.80 -37.60 25.48
CA ASN B 711 -40.57 -38.11 24.34
C ASN B 711 -41.78 -37.22 24.06
N ASN B 712 -42.54 -36.86 25.09
CA ASN B 712 -43.82 -36.19 24.93
C ASN B 712 -43.97 -35.06 25.93
N SER B 713 -42.95 -34.21 26.05
CA SER B 713 -42.97 -33.09 26.99
C SER B 713 -42.66 -31.81 26.24
N ILE B 714 -43.48 -30.78 26.47
CA ILE B 714 -43.31 -29.48 25.81
C ILE B 714 -43.52 -28.37 26.84
N ALA B 715 -42.71 -27.33 26.75
CA ALA B 715 -42.78 -26.19 27.66
C ALA B 715 -43.28 -24.97 26.90
N ILE B 716 -44.34 -24.35 27.41
CA ILE B 716 -45.01 -23.22 26.77
C ILE B 716 -44.96 -22.04 27.73
N PRO B 717 -44.57 -20.85 27.28
CA PRO B 717 -44.56 -19.69 28.18
C PRO B 717 -45.96 -19.24 28.54
N THR B 718 -46.07 -18.58 29.69
CA THR B 718 -47.34 -18.06 30.18
C THR B 718 -47.34 -16.56 30.39
N ASN B 719 -46.23 -15.88 30.12
CA ASN B 719 -46.13 -14.44 30.37
C ASN B 719 -44.94 -13.91 29.57
N PHE B 720 -44.94 -12.60 29.34
CA PHE B 720 -43.97 -12.00 28.43
C PHE B 720 -43.27 -10.83 29.10
N THR B 721 -42.39 -10.18 28.32
CA THR B 721 -41.63 -9.03 28.78
C THR B 721 -41.18 -8.23 27.56
N ILE B 722 -41.33 -6.90 27.63
CA ILE B 722 -40.91 -6.01 26.56
C ILE B 722 -39.54 -5.46 26.90
N SER B 723 -38.60 -5.59 25.96
CA SER B 723 -37.21 -5.23 26.19
C SER B 723 -36.74 -4.21 25.17
N VAL B 724 -35.91 -3.25 25.62
CA VAL B 724 -35.39 -2.21 24.76
C VAL B 724 -33.88 -2.16 24.91
N THR B 725 -33.16 -2.24 23.79
CA THR B 725 -31.70 -2.25 23.77
C THR B 725 -31.20 -1.16 22.85
N THR B 726 -29.90 -0.85 22.96
CA THR B 726 -29.27 0.20 22.17
C THR B 726 -28.19 -0.40 21.27
N GLU B 727 -27.89 0.31 20.19
CA GLU B 727 -26.85 -0.13 19.27
C GLU B 727 -26.23 1.08 18.57
N ILE B 728 -24.91 1.19 18.63
CA ILE B 728 -24.17 2.35 18.12
C ILE B 728 -23.55 1.99 16.78
N LEU B 729 -23.53 2.94 15.85
CA LEU B 729 -22.90 2.70 14.56
C LEU B 729 -22.29 3.97 13.99
N PRO B 730 -20.99 3.96 13.67
CA PRO B 730 -20.38 5.13 13.02
C PRO B 730 -20.87 5.30 11.60
N VAL B 731 -20.83 6.55 11.12
CA VAL B 731 -21.32 6.85 9.78
C VAL B 731 -20.26 7.56 8.96
N SER B 732 -19.70 8.66 9.48
CA SER B 732 -18.78 9.49 8.72
C SER B 732 -17.59 9.88 9.57
N MET B 733 -16.48 10.18 8.91
CA MET B 733 -15.24 10.59 9.54
C MET B 733 -14.86 11.99 9.06
N THR B 734 -13.76 12.51 9.60
CA THR B 734 -13.37 13.89 9.35
C THR B 734 -12.81 14.06 7.94
N LYS B 735 -13.12 15.19 7.32
CA LYS B 735 -12.63 15.54 5.99
C LYS B 735 -11.39 16.41 6.11
N THR B 736 -10.35 16.08 5.35
CA THR B 736 -9.07 16.75 5.45
C THR B 736 -8.55 17.07 4.06
N SER B 737 -7.92 18.24 3.92
CA SER B 737 -7.28 18.66 2.69
C SER B 737 -5.84 19.05 2.97
N VAL B 738 -4.98 18.86 1.96
CA VAL B 738 -3.54 19.00 2.12
C VAL B 738 -3.01 19.99 1.09
N ASP B 739 -1.82 20.52 1.38
CA ASP B 739 -1.14 21.46 0.49
C ASP B 739 0.35 21.14 0.50
N CYS B 740 0.90 20.82 -0.68
CA CYS B 740 2.30 20.47 -0.77
C CYS B 740 3.21 21.69 -0.61
N THR B 741 2.86 22.79 -1.28
CA THR B 741 3.74 23.95 -1.34
C THR B 741 4.01 24.54 0.04
N MET B 742 3.17 24.24 1.03
CA MET B 742 3.40 24.69 2.39
C MET B 742 3.99 23.61 3.28
N TYR B 743 3.58 22.35 3.10
CA TYR B 743 4.03 21.29 3.99
C TYR B 743 5.50 20.94 3.74
N ILE B 744 5.87 20.77 2.46
CA ILE B 744 7.19 20.24 2.13
C ILE B 744 8.22 21.36 2.09
N CYS B 745 8.02 22.33 1.20
CA CYS B 745 9.03 23.35 0.95
C CYS B 745 8.84 24.61 1.79
N GLY B 746 7.73 24.73 2.51
CA GLY B 746 7.51 25.89 3.35
C GLY B 746 7.46 27.20 2.57
N ASP B 747 8.47 28.03 2.74
CA ASP B 747 8.53 29.35 2.10
C ASP B 747 9.78 29.51 1.24
N SER B 748 10.31 28.41 0.72
CA SER B 748 11.52 28.43 -0.09
C SER B 748 11.14 28.35 -1.57
N THR B 749 11.58 29.33 -2.35
CA THR B 749 11.30 29.32 -3.78
C THR B 749 12.16 28.28 -4.50
N GLU B 750 13.42 28.15 -4.09
CA GLU B 750 14.32 27.18 -4.71
C GLU B 750 13.84 25.76 -4.45
N CYS B 751 13.33 25.48 -3.25
CA CYS B 751 12.75 24.17 -2.98
C CYS B 751 11.57 23.90 -3.89
N SER B 752 10.73 24.91 -4.12
CA SER B 752 9.60 24.74 -5.04
C SER B 752 10.08 24.44 -6.45
N ASN B 753 11.11 25.16 -6.91
CA ASN B 753 11.63 24.92 -8.25
C ASN B 753 12.21 23.52 -8.38
N LEU B 754 12.91 23.05 -7.35
CA LEU B 754 13.43 21.68 -7.39
C LEU B 754 12.31 20.65 -7.33
N LEU B 755 11.24 20.93 -6.58
CA LEU B 755 10.11 20.01 -6.48
C LEU B 755 9.27 20.01 -7.75
N LEU B 756 9.40 21.03 -8.59
CA LEU B 756 8.65 21.06 -9.84
C LEU B 756 8.93 19.85 -10.71
N GLN B 757 10.11 19.23 -10.55
CA GLN B 757 10.38 17.99 -11.26
C GLN B 757 9.44 16.86 -10.81
N TYR B 758 8.98 16.91 -9.56
CA TYR B 758 8.01 15.95 -9.05
C TYR B 758 6.58 16.46 -9.22
N GLY B 759 6.22 16.80 -10.45
CA GLY B 759 4.92 17.37 -10.73
C GLY B 759 3.78 16.40 -10.86
N SER B 760 4.04 15.09 -10.77
CA SER B 760 3.01 14.07 -10.93
C SER B 760 2.76 13.30 -9.64
N PHE B 761 3.00 13.93 -8.50
CA PHE B 761 2.77 13.30 -7.20
C PHE B 761 1.68 13.97 -6.40
N CYS B 762 1.69 15.31 -6.31
CA CYS B 762 0.74 16.00 -5.46
C CYS B 762 -0.68 15.96 -6.02
N THR B 763 -0.81 15.89 -7.35
CA THR B 763 -2.14 15.83 -7.95
C THR B 763 -2.88 14.57 -7.50
N GLN B 764 -2.17 13.44 -7.43
CA GLN B 764 -2.81 12.19 -7.00
C GLN B 764 -3.28 12.29 -5.55
N LEU B 765 -2.45 12.86 -4.68
CA LEU B 765 -2.83 13.01 -3.28
C LEU B 765 -4.04 13.92 -3.13
N LYS B 766 -4.04 15.04 -3.86
CA LYS B 766 -5.18 15.95 -3.81
C LYS B 766 -6.45 15.27 -4.31
N ARG B 767 -6.35 14.50 -5.40
CA ARG B 767 -7.52 13.80 -5.93
C ARG B 767 -8.05 12.78 -4.95
N ALA B 768 -7.15 12.01 -4.31
CA ALA B 768 -7.60 11.01 -3.35
C ALA B 768 -8.28 11.65 -2.16
N LEU B 769 -7.71 12.74 -1.63
CA LEU B 769 -8.33 13.41 -0.49
C LEU B 769 -9.68 14.00 -0.87
N THR B 770 -9.80 14.56 -2.07
CA THR B 770 -11.09 15.07 -2.52
C THR B 770 -12.12 13.95 -2.64
N GLY B 771 -11.69 12.80 -3.16
CA GLY B 771 -12.61 11.68 -3.25
C GLY B 771 -13.12 11.23 -1.90
N ILE B 772 -12.23 11.14 -0.90
CA ILE B 772 -12.65 10.77 0.44
C ILE B 772 -13.61 11.82 1.02
N ALA B 773 -13.31 13.10 0.78
CA ALA B 773 -14.17 14.17 1.30
C ALA B 773 -15.57 14.09 0.72
N VAL B 774 -15.68 13.79 -0.58
CA VAL B 774 -17.00 13.63 -1.19
C VAL B 774 -17.70 12.39 -0.64
N GLU B 775 -16.94 11.31 -0.46
CA GLU B 775 -17.53 10.06 0.01
C GLU B 775 -18.15 10.21 1.40
N GLN B 776 -17.54 11.03 2.26
CA GLN B 776 -18.10 11.21 3.60
C GLN B 776 -19.51 11.80 3.54
N ASP B 777 -19.70 12.86 2.75
CA ASP B 777 -21.01 13.46 2.60
C ASP B 777 -21.99 12.50 1.95
N LYS B 778 -21.51 11.73 0.97
CA LYS B 778 -22.39 10.73 0.36
C LYS B 778 -22.87 9.72 1.39
N ASN B 779 -21.98 9.28 2.28
CA ASN B 779 -22.36 8.32 3.31
C ASN B 779 -23.42 8.90 4.24
N THR B 780 -23.21 10.14 4.70
CA THR B 780 -24.19 10.74 5.61
C THR B 780 -25.55 10.90 4.93
N GLN B 781 -25.56 11.37 3.68
CA GLN B 781 -26.83 11.54 2.98
C GLN B 781 -27.52 10.20 2.76
N GLU B 782 -26.77 9.16 2.42
CA GLU B 782 -27.37 7.84 2.23
C GLU B 782 -27.98 7.32 3.52
N VAL B 783 -27.28 7.50 4.64
CA VAL B 783 -27.75 6.93 5.89
C VAL B 783 -29.01 7.66 6.37
N PHE B 784 -29.01 8.99 6.33
CA PHE B 784 -30.07 9.73 7.00
C PHE B 784 -31.21 10.15 6.07
N ALA B 785 -30.89 10.78 4.94
CA ALA B 785 -31.91 11.35 4.06
C ALA B 785 -32.62 10.23 3.29
N GLN B 786 -33.54 9.57 3.97
CA GLN B 786 -34.34 8.50 3.37
C GLN B 786 -35.68 8.99 2.85
N VAL B 787 -36.44 9.70 3.67
CA VAL B 787 -37.75 10.23 3.29
C VAL B 787 -37.60 11.66 2.80
N LYS B 788 -38.40 12.01 1.79
CA LYS B 788 -38.35 13.34 1.20
C LYS B 788 -39.50 14.23 1.65
N GLN B 789 -40.15 13.87 2.77
CA GLN B 789 -41.22 14.66 3.35
C GLN B 789 -40.94 14.83 4.83
N ILE B 790 -41.34 15.97 5.37
CA ILE B 790 -41.10 16.31 6.77
C ILE B 790 -42.44 16.19 7.50
N TYR B 791 -42.62 15.09 8.23
CA TYR B 791 -43.83 14.86 9.00
C TYR B 791 -43.71 15.48 10.39
N LYS B 792 -44.86 15.72 11.02
CA LYS B 792 -44.89 16.29 12.36
C LYS B 792 -45.95 15.58 13.19
N THR B 793 -45.67 15.46 14.49
CA THR B 793 -46.63 14.87 15.40
C THR B 793 -47.76 15.86 15.71
N PRO B 794 -48.94 15.36 16.04
CA PRO B 794 -50.06 16.24 16.38
C PRO B 794 -49.77 17.02 17.66
N PRO B 795 -50.39 18.19 17.84
CA PRO B 795 -50.12 18.97 19.05
C PRO B 795 -50.49 18.26 20.34
N ILE B 796 -51.51 17.42 20.32
CA ILE B 796 -51.91 16.66 21.51
C ILE B 796 -51.16 15.34 21.51
N LYS B 797 -50.43 15.08 22.58
CA LYS B 797 -49.57 13.89 22.68
C LYS B 797 -50.25 12.87 23.60
N TYR B 798 -51.07 12.01 23.01
CA TYR B 798 -51.66 10.87 23.71
C TYR B 798 -51.71 9.70 22.75
N PHE B 799 -50.90 8.68 23.01
CA PHE B 799 -50.74 7.54 22.11
C PHE B 799 -51.16 6.24 22.79
N GLY B 800 -52.29 6.26 23.49
CA GLY B 800 -52.81 5.07 24.11
C GLY B 800 -52.19 4.72 25.45
N GLY B 801 -51.34 5.58 26.00
CA GLY B 801 -50.68 5.33 27.26
C GLY B 801 -49.17 5.29 27.17
N PHE B 802 -48.62 5.16 25.96
CA PHE B 802 -47.17 5.13 25.78
C PHE B 802 -46.60 6.53 25.97
N ASN B 803 -45.33 6.57 26.37
CA ASN B 803 -44.56 7.81 26.56
C ASN B 803 -43.38 7.87 25.61
N PHE B 804 -43.45 8.78 24.65
CA PHE B 804 -42.36 9.05 23.73
C PHE B 804 -41.63 10.36 24.04
N SER B 805 -41.78 10.86 25.27
CA SER B 805 -41.20 12.16 25.61
C SER B 805 -39.68 12.14 25.72
N GLN B 806 -39.08 10.96 25.84
CA GLN B 806 -37.63 10.83 25.95
C GLN B 806 -36.94 10.72 24.60
N ILE B 807 -37.69 10.70 23.49
CA ILE B 807 -37.09 10.63 22.17
C ILE B 807 -37.56 11.74 21.24
N LEU B 808 -38.70 12.37 21.48
CA LEU B 808 -39.17 13.44 20.62
C LEU B 808 -38.44 14.75 20.93
N PRO B 809 -38.35 15.66 19.96
CA PRO B 809 -37.61 16.90 20.19
C PRO B 809 -38.24 17.74 21.29
N ASP B 810 -37.38 18.49 21.99
CA ASP B 810 -37.79 19.35 23.09
C ASP B 810 -37.77 20.80 22.64
N PRO B 811 -38.92 21.46 22.52
CA PRO B 811 -38.93 22.85 22.02
C PRO B 811 -38.32 23.85 22.98
N SER B 812 -38.23 23.53 24.28
CA SER B 812 -37.73 24.51 25.24
C SER B 812 -36.27 24.85 25.00
N LYS B 813 -35.46 23.86 24.68
CA LYS B 813 -34.03 24.08 24.48
C LYS B 813 -33.78 24.94 23.24
N PRO B 814 -32.70 25.73 23.24
CA PRO B 814 -32.37 26.48 22.01
C PRO B 814 -32.09 25.58 20.83
N SER B 815 -31.50 24.40 21.06
CA SER B 815 -31.30 23.40 20.01
C SER B 815 -32.35 22.30 20.19
N LYS B 816 -33.10 22.04 19.12
CA LYS B 816 -34.21 21.09 19.18
C LYS B 816 -33.66 19.67 19.15
N ARG B 817 -33.27 19.19 20.34
CA ARG B 817 -32.69 17.86 20.47
C ARG B 817 -33.31 17.16 21.68
N SER B 818 -33.59 15.86 21.51
CA SER B 818 -34.18 15.07 22.56
C SER B 818 -33.16 14.82 23.68
N PRO B 819 -33.64 14.52 24.90
CA PRO B 819 -32.70 14.32 26.02
C PRO B 819 -31.66 13.24 25.79
N ILE B 820 -32.03 12.13 25.14
CA ILE B 820 -31.05 11.09 24.86
C ILE B 820 -30.00 11.59 23.89
N GLU B 821 -30.41 12.39 22.90
CA GLU B 821 -29.46 13.05 22.03
C GLU B 821 -28.56 14.00 22.80
N ASP B 822 -29.10 14.66 23.82
CA ASP B 822 -28.27 15.53 24.66
C ASP B 822 -27.21 14.73 25.39
N LEU B 823 -27.58 13.58 25.96
CA LEU B 823 -26.59 12.74 26.64
C LEU B 823 -25.55 12.24 25.66
N LEU B 824 -25.97 11.82 24.46
CA LEU B 824 -25.00 11.36 23.47
C LEU B 824 -24.06 12.47 23.06
N PHE B 825 -24.57 13.69 22.90
CA PHE B 825 -23.72 14.80 22.52
CA PHE B 825 -23.74 14.82 22.52
C PHE B 825 -22.72 15.16 23.62
N ASN B 826 -23.17 15.15 24.87
CA ASN B 826 -22.27 15.51 25.97
C ASN B 826 -21.24 14.43 26.25
N LYS B 827 -21.61 13.16 26.09
CA LYS B 827 -20.71 12.07 26.44
C LYS B 827 -19.56 11.89 25.45
N VAL B 828 -19.63 12.52 24.28
CA VAL B 828 -18.58 12.43 23.27
C VAL B 828 -17.82 13.75 23.29
N THR B 829 -16.55 13.70 23.73
CA THR B 829 -15.71 14.87 23.84
C THR B 829 -14.94 15.04 22.53
N LEU B 830 -15.39 15.97 21.69
CA LEU B 830 -14.74 16.22 20.42
C LEU B 830 -13.43 16.98 20.64
N ALA B 831 -12.76 17.31 19.53
CA ALA B 831 -11.52 18.05 19.57
C ALA B 831 -11.57 19.39 18.86
N ASP B 832 -12.41 19.54 17.83
CA ASP B 832 -12.51 20.76 17.05
C ASP B 832 -13.95 21.26 17.13
N ALA B 833 -14.20 22.18 18.07
CA ALA B 833 -15.51 22.80 18.22
C ALA B 833 -15.48 24.17 17.55
N GLY B 834 -15.63 24.17 16.23
CA GLY B 834 -15.55 25.40 15.45
C GLY B 834 -14.50 25.26 14.37
N PHE B 835 -14.91 25.54 13.13
CA PHE B 835 -14.06 25.37 11.96
C PHE B 835 -13.62 26.71 11.36
N ILE B 836 -13.45 27.72 12.21
CA ILE B 836 -12.99 29.04 11.80
C ILE B 836 -11.76 29.39 12.64
N LYS B 837 -10.67 29.76 11.98
CA LYS B 837 -9.45 30.15 12.67
C LYS B 837 -8.91 31.48 12.12
N ASP B 850 -3.11 24.87 21.20
CA ASP B 850 -4.23 24.32 20.43
C ASP B 850 -3.73 23.52 19.24
N LEU B 851 -4.15 22.26 19.15
CA LEU B 851 -3.76 21.42 18.01
C LEU B 851 -4.34 21.94 16.70
N ILE B 852 -5.50 22.61 16.76
CA ILE B 852 -6.16 23.08 15.55
C ILE B 852 -5.26 24.06 14.80
N CYS B 853 -4.70 25.03 15.53
CA CYS B 853 -3.79 25.98 14.89
C CYS B 853 -2.52 25.29 14.39
N ALA B 854 -2.03 24.31 15.15
CA ALA B 854 -0.83 23.59 14.73
C ALA B 854 -1.04 22.89 13.39
N GLN B 855 -2.18 22.24 13.20
CA GLN B 855 -2.49 21.68 11.89
C GLN B 855 -2.77 22.78 10.87
N LYS B 856 -3.28 23.93 11.33
CA LYS B 856 -3.66 24.99 10.41
C LYS B 856 -2.45 25.58 9.70
N PHE B 857 -1.38 25.88 10.44
CA PHE B 857 -0.24 26.54 9.83
C PHE B 857 0.81 25.57 9.30
N LYS B 858 0.39 24.35 8.92
CA LYS B 858 1.31 23.37 8.37
C LYS B 858 0.81 22.76 7.06
N GLY B 859 -0.04 23.48 6.33
CA GLY B 859 -0.55 22.98 5.07
C GLY B 859 -1.70 22.01 5.18
N LEU B 860 -2.30 21.85 6.36
CA LEU B 860 -3.40 20.94 6.58
C LEU B 860 -4.66 21.71 6.93
N THR B 861 -5.78 21.35 6.32
CA THR B 861 -7.04 22.02 6.54
C THR B 861 -8.12 21.00 6.83
N VAL B 862 -9.08 21.37 7.68
CA VAL B 862 -10.19 20.52 8.05
C VAL B 862 -11.46 21.18 7.53
N LEU B 863 -12.11 20.54 6.56
CA LEU B 863 -13.30 21.07 5.94
C LEU B 863 -14.54 20.77 6.77
N PRO B 864 -15.57 21.61 6.67
CA PRO B 864 -16.79 21.38 7.45
C PRO B 864 -17.75 20.47 6.70
N PRO B 865 -18.60 19.74 7.42
CA PRO B 865 -19.57 18.87 6.76
C PRO B 865 -20.65 19.65 6.03
N LEU B 866 -21.23 19.02 5.01
CA LEU B 866 -22.28 19.65 4.23
C LEU B 866 -23.53 19.88 5.06
N LEU B 867 -24.00 18.84 5.76
CA LEU B 867 -25.21 18.92 6.56
C LEU B 867 -24.85 19.34 7.98
N THR B 868 -25.31 20.51 8.39
CA THR B 868 -25.09 20.96 9.75
C THR B 868 -25.81 20.03 10.72
N ASP B 869 -25.42 20.13 12.00
CA ASP B 869 -25.96 19.23 13.01
C ASP B 869 -27.42 19.52 13.34
N GLU B 870 -27.97 20.63 12.85
CA GLU B 870 -29.38 20.96 13.08
C GLU B 870 -30.30 20.42 11.99
N MET B 871 -29.76 19.83 10.93
CA MET B 871 -30.57 19.20 9.89
C MET B 871 -30.73 17.71 10.10
N ILE B 872 -29.71 17.03 10.63
CA ILE B 872 -29.83 15.62 10.97
C ILE B 872 -30.89 15.43 12.05
N ALA B 873 -30.97 16.38 12.99
CA ALA B 873 -32.02 16.33 13.99
C ALA B 873 -33.40 16.42 13.35
N GLN B 874 -33.55 17.29 12.34
CA GLN B 874 -34.82 17.38 11.63
C GLN B 874 -35.14 16.08 10.92
N TYR B 875 -34.14 15.45 10.31
CA TYR B 875 -34.37 14.19 9.62
C TYR B 875 -34.85 13.11 10.58
N THR B 876 -34.17 12.99 11.73
CA THR B 876 -34.57 11.98 12.71
C THR B 876 -35.94 12.28 13.29
N SER B 877 -36.26 13.56 13.51
CA SER B 877 -37.58 13.93 14.01
C SER B 877 -38.66 13.56 13.00
N ALA B 878 -38.41 13.80 11.71
CA ALA B 878 -39.38 13.42 10.69
C ALA B 878 -39.58 11.91 10.66
N LEU B 879 -38.49 11.15 10.74
CA LEU B 879 -38.62 9.70 10.75
C LEU B 879 -39.41 9.22 11.96
N LEU B 880 -39.14 9.79 13.15
CA LEU B 880 -39.85 9.39 14.35
C LEU B 880 -41.34 9.70 14.24
N ALA B 881 -41.68 10.92 13.79
CA ALA B 881 -43.08 11.28 13.66
C ALA B 881 -43.79 10.38 12.67
N GLY B 882 -43.14 10.09 11.53
CA GLY B 882 -43.76 9.21 10.56
C GLY B 882 -43.98 7.80 11.10
N THR B 883 -42.99 7.27 11.82
CA THR B 883 -43.11 5.90 12.30
C THR B 883 -44.03 5.74 13.51
N ILE B 884 -44.32 6.83 14.23
CA ILE B 884 -45.25 6.73 15.35
C ILE B 884 -46.65 7.24 15.03
N THR B 885 -46.84 7.90 13.88
CA THR B 885 -48.18 8.34 13.50
C THR B 885 -48.77 7.60 12.30
N SER B 886 -47.96 6.82 11.56
CA SER B 886 -48.46 6.14 10.38
C SER B 886 -47.96 4.72 10.22
N GLY B 887 -47.27 4.16 11.21
CA GLY B 887 -46.81 2.78 11.10
C GLY B 887 -45.70 2.65 10.07
N TRP B 888 -45.69 1.52 9.37
CA TRP B 888 -44.72 1.28 8.31
C TRP B 888 -45.22 1.69 6.93
N THR B 889 -46.45 2.18 6.83
CA THR B 889 -47.02 2.49 5.53
C THR B 889 -46.41 3.72 4.88
N PHE B 890 -45.67 4.52 5.64
CA PHE B 890 -45.07 5.72 5.08
C PHE B 890 -43.78 5.45 4.30
N GLY B 891 -43.22 4.24 4.43
CA GLY B 891 -42.04 3.86 3.69
C GLY B 891 -42.30 3.14 2.38
N ALA B 892 -43.57 2.99 1.98
CA ALA B 892 -43.90 2.29 0.75
C ALA B 892 -45.01 3.00 -0.02
N GLY B 893 -45.08 4.33 0.08
CA GLY B 893 -46.11 5.08 -0.59
C GLY B 893 -46.62 6.22 0.27
N PRO B 894 -47.88 6.60 0.08
CA PRO B 894 -48.47 7.65 0.91
C PRO B 894 -48.62 7.21 2.35
N ALA B 895 -48.59 8.18 3.25
CA ALA B 895 -48.71 7.90 4.68
C ALA B 895 -50.19 7.79 5.05
N LEU B 896 -50.55 6.68 5.68
CA LEU B 896 -51.92 6.42 6.10
C LEU B 896 -51.95 6.28 7.62
N GLN B 897 -52.72 7.14 8.28
CA GLN B 897 -52.74 7.17 9.73
C GLN B 897 -53.47 5.96 10.30
N ILE B 898 -53.11 5.61 11.53
CA ILE B 898 -53.70 4.47 12.24
C ILE B 898 -53.39 4.63 13.73
N PRO B 899 -54.34 4.35 14.62
CA PRO B 899 -54.06 4.47 16.06
C PRO B 899 -52.93 3.57 16.51
N PHE B 900 -52.14 4.06 17.47
CA PHE B 900 -50.99 3.31 17.95
C PHE B 900 -51.38 1.98 18.62
N PRO B 901 -52.36 1.92 19.52
CA PRO B 901 -52.74 0.62 20.08
C PRO B 901 -53.27 -0.36 19.05
N MET B 902 -53.72 0.12 17.89
CA MET B 902 -54.11 -0.75 16.80
C MET B 902 -52.95 -1.08 15.87
N GLN B 903 -51.82 -0.40 16.01
CA GLN B 903 -50.60 -0.75 15.28
C GLN B 903 -49.76 -1.77 16.04
N MET B 904 -49.72 -1.64 17.37
CA MET B 904 -49.05 -2.65 18.17
C MET B 904 -49.73 -4.01 18.05
N ALA B 905 -51.05 -4.02 17.84
CA ALA B 905 -51.74 -5.28 17.58
C ALA B 905 -51.29 -5.91 16.27
N TYR B 906 -51.08 -5.07 15.24
CA TYR B 906 -50.55 -5.58 13.98
C TYR B 906 -49.16 -6.18 14.16
N ARG B 907 -48.32 -5.49 14.93
CA ARG B 907 -46.97 -6.03 15.18
C ARG B 907 -47.01 -7.34 15.96
N PHE B 908 -47.89 -7.41 16.98
CA PHE B 908 -48.05 -8.65 17.73
C PHE B 908 -48.50 -9.78 16.84
N ASN B 909 -49.46 -9.51 15.96
CA ASN B 909 -49.89 -10.53 14.99
C ASN B 909 -48.75 -10.92 14.06
N GLY B 910 -47.88 -9.96 13.74
CA GLY B 910 -46.74 -10.27 12.89
C GLY B 910 -45.76 -11.23 13.53
N ILE B 911 -45.47 -11.04 14.82
CA ILE B 911 -44.49 -11.91 15.47
C ILE B 911 -45.05 -13.29 15.81
N GLY B 912 -46.36 -13.49 15.71
CA GLY B 912 -46.96 -14.79 15.93
C GLY B 912 -47.89 -14.91 17.12
N VAL B 913 -48.29 -13.80 17.73
CA VAL B 913 -49.19 -13.79 18.88
C VAL B 913 -50.48 -13.09 18.47
N THR B 914 -51.61 -13.70 18.76
CA THR B 914 -52.90 -13.14 18.36
C THR B 914 -53.11 -11.78 19.00
N GLN B 915 -53.87 -10.93 18.30
CA GLN B 915 -54.01 -9.54 18.71
C GLN B 915 -54.79 -9.39 20.02
N ASN B 916 -55.69 -10.33 20.31
CA ASN B 916 -56.49 -10.22 21.53
C ASN B 916 -55.63 -10.30 22.78
N VAL B 917 -54.39 -10.75 22.66
CA VAL B 917 -53.46 -10.73 23.78
C VAL B 917 -53.11 -9.29 24.16
N LEU B 918 -52.90 -8.43 23.16
CA LEU B 918 -52.47 -7.06 23.44
C LEU B 918 -53.54 -6.27 24.18
N TYR B 919 -54.75 -6.23 23.63
CA TYR B 919 -55.78 -5.35 24.16
C TYR B 919 -56.10 -5.69 25.62
N GLU B 920 -56.36 -6.96 25.90
CA GLU B 920 -56.68 -7.38 27.26
C GLU B 920 -55.52 -7.15 28.22
N ASN B 921 -54.32 -6.93 27.69
CA ASN B 921 -53.14 -6.60 28.49
C ASN B 921 -52.51 -5.31 27.99
N GLN B 922 -53.33 -4.35 27.56
CA GLN B 922 -52.79 -3.12 27.00
C GLN B 922 -52.07 -2.29 28.05
N LYS B 923 -52.79 -1.89 29.10
CA LYS B 923 -52.23 -0.96 30.08
C LYS B 923 -50.90 -1.45 30.63
N LEU B 924 -50.86 -2.68 31.12
CA LEU B 924 -49.63 -3.25 31.65
C LEU B 924 -48.49 -3.10 30.66
N ILE B 925 -48.73 -3.49 29.40
CA ILE B 925 -47.68 -3.41 28.39
C ILE B 925 -47.14 -2.00 28.31
N ALA B 926 -48.03 -1.02 28.26
CA ALA B 926 -47.59 0.37 28.17
C ALA B 926 -46.61 0.68 29.28
N ASN B 927 -46.96 0.35 30.53
CA ASN B 927 -46.09 0.62 31.65
C ASN B 927 -44.70 0.04 31.40
N GLN B 928 -44.65 -1.24 31.02
CA GLN B 928 -43.37 -1.89 30.77
C GLN B 928 -42.54 -1.06 29.81
N PHE B 929 -43.13 -0.69 28.67
CA PHE B 929 -42.40 0.08 27.67
C PHE B 929 -41.79 1.32 28.32
N ASN B 930 -42.61 2.10 29.01
CA ASN B 930 -42.12 3.33 29.62
C ASN B 930 -40.92 3.05 30.50
N SER B 931 -41.05 2.05 31.37
CA SER B 931 -39.96 1.76 32.31
C SER B 931 -38.67 1.49 31.55
N ALA B 932 -38.75 0.68 30.48
CA ALA B 932 -37.55 0.35 29.73
C ALA B 932 -36.85 1.62 29.25
N ILE B 933 -37.62 2.55 28.69
CA ILE B 933 -37.02 3.78 28.16
C ILE B 933 -36.25 4.49 29.26
N GLY B 934 -36.86 4.59 30.45
CA GLY B 934 -36.20 5.28 31.54
C GLY B 934 -34.84 4.68 31.85
N LYS B 935 -34.76 3.35 31.84
CA LYS B 935 -33.50 2.71 32.18
C LYS B 935 -32.39 3.13 31.24
N ILE B 936 -32.72 3.31 29.95
CA ILE B 936 -31.71 3.72 28.99
C ILE B 936 -31.10 5.05 29.40
N GLN B 937 -31.94 5.98 29.86
CA GLN B 937 -31.44 7.30 30.24
C GLN B 937 -30.41 7.21 31.34
N ASP B 938 -30.49 6.17 32.19
CA ASP B 938 -29.50 5.96 33.24
C ASP B 938 -28.40 5.02 32.83
N SER B 939 -28.60 4.21 31.79
CA SER B 939 -27.57 3.25 31.38
C SER B 939 -26.44 3.92 30.62
N LEU B 940 -26.74 4.96 29.84
CA LEU B 940 -25.71 5.59 29.02
C LEU B 940 -24.76 6.43 29.89
N SER B 941 -25.29 7.10 30.91
CA SER B 941 -24.46 7.92 31.78
C SER B 941 -23.43 7.07 32.51
N SER B 942 -23.85 5.94 33.06
CA SER B 942 -22.93 5.01 33.70
C SER B 942 -22.21 4.17 32.65
N THR B 943 -21.24 3.38 33.11
CA THR B 943 -20.39 2.56 32.26
C THR B 943 -19.79 3.39 31.14
N PRO B 944 -18.82 4.25 31.44
CA PRO B 944 -18.31 5.19 30.43
C PRO B 944 -17.48 4.52 29.35
N SER B 945 -18.02 3.48 28.71
CA SER B 945 -17.35 2.82 27.60
C SER B 945 -18.30 2.43 26.48
N ALA B 946 -19.59 2.77 26.56
CA ALA B 946 -20.54 2.36 25.53
C ALA B 946 -20.33 3.13 24.23
N LEU B 947 -20.00 4.42 24.35
CA LEU B 947 -19.84 5.28 23.18
C LEU B 947 -18.45 5.16 22.54
N GLY B 948 -17.67 4.17 22.95
CA GLY B 948 -16.30 4.07 22.45
C GLY B 948 -16.22 3.99 20.93
N LYS B 949 -17.16 3.26 20.31
CA LYS B 949 -17.17 3.15 18.86
C LYS B 949 -17.21 4.52 18.19
N LEU B 950 -17.93 5.46 18.79
CA LEU B 950 -17.96 6.81 18.25
C LEU B 950 -16.75 7.62 18.70
N GLN B 951 -16.23 7.35 19.90
CA GLN B 951 -15.10 8.12 20.40
C GLN B 951 -13.82 7.81 19.62
N ASP B 952 -13.52 6.52 19.46
CA ASP B 952 -12.24 6.11 18.86
C ASP B 952 -11.99 6.81 17.55
N VAL B 953 -13.01 6.86 16.68
CA VAL B 953 -12.90 7.52 15.38
C VAL B 953 -12.22 8.87 15.55
N VAL B 954 -12.83 9.74 16.38
CA VAL B 954 -12.26 11.06 16.61
C VAL B 954 -10.78 10.95 16.96
N ASN B 955 -10.49 10.21 18.02
CA ASN B 955 -9.10 10.07 18.47
C ASN B 955 -8.20 9.65 17.32
N HIS B 956 -8.63 8.63 16.57
CA HIS B 956 -7.79 8.11 15.51
C HIS B 956 -7.35 9.23 14.59
N ASN B 957 -8.31 10.02 14.10
CA ASN B 957 -7.96 11.08 13.16
C ASN B 957 -6.92 11.99 13.77
N ALA B 958 -7.16 12.47 14.99
CA ALA B 958 -6.23 13.39 15.62
C ALA B 958 -4.83 12.78 15.65
N GLN B 959 -4.76 11.52 16.08
CA GLN B 959 -3.45 10.85 16.18
C GLN B 959 -2.71 10.96 14.87
N ALA B 960 -3.38 10.62 13.77
CA ALA B 960 -2.72 10.66 12.47
C ALA B 960 -2.11 12.02 12.22
N LEU B 961 -2.90 13.07 12.39
CA LEU B 961 -2.42 14.41 12.09
C LEU B 961 -1.17 14.71 12.91
N ASN B 962 -1.19 14.38 14.20
CA ASN B 962 -0.03 14.66 15.04
C ASN B 962 1.21 14.04 14.44
N THR B 963 1.13 12.76 14.08
CA THR B 963 2.29 12.07 13.53
C THR B 963 2.85 12.85 12.35
N LEU B 964 1.96 13.28 11.45
CA LEU B 964 2.42 13.99 10.26
C LEU B 964 3.22 15.22 10.65
N VAL B 965 2.69 16.02 11.57
CA VAL B 965 3.42 17.21 12.00
C VAL B 965 4.72 16.81 12.67
N LYS B 966 4.68 15.76 13.50
CA LYS B 966 5.88 15.31 14.18
C LYS B 966 6.90 14.73 13.21
N GLN B 967 6.52 14.51 11.96
CA GLN B 967 7.47 14.04 10.96
C GLN B 967 8.26 15.19 10.34
N LEU B 968 8.00 16.43 10.74
CA LEU B 968 8.70 17.58 10.18
C LEU B 968 9.96 17.96 10.98
N SER B 969 10.29 17.22 12.02
CA SER B 969 11.48 17.47 12.83
C SER B 969 12.50 16.35 12.66
N SER B 970 12.56 15.77 11.47
CA SER B 970 13.53 14.73 11.16
C SER B 970 14.30 15.13 9.91
N LYS B 971 15.63 15.06 9.98
CA LYS B 971 16.48 15.44 8.87
C LYS B 971 16.72 14.30 7.88
N PHE B 972 16.24 13.09 8.19
CA PHE B 972 16.31 11.95 7.27
C PHE B 972 17.74 11.69 6.80
N GLY B 973 18.70 11.83 7.71
CA GLY B 973 20.09 11.62 7.39
C GLY B 973 20.84 12.86 6.93
N ALA B 974 20.15 13.97 6.68
CA ALA B 974 20.81 15.20 6.29
C ALA B 974 21.46 15.85 7.51
N ILE B 975 22.27 16.88 7.25
CA ILE B 975 23.00 17.53 8.33
C ILE B 975 22.07 18.36 9.20
N SER B 976 20.94 18.82 8.66
CA SER B 976 20.01 19.64 9.42
C SER B 976 18.62 19.51 8.78
N SER B 977 17.61 19.95 9.53
CA SER B 977 16.22 19.86 9.09
C SER B 977 15.61 21.23 8.80
N VAL B 978 16.45 22.22 8.51
CA VAL B 978 15.99 23.57 8.16
C VAL B 978 16.48 23.89 6.76
N LEU B 979 15.57 24.30 5.88
CA LEU B 979 15.91 24.50 4.48
C LEU B 979 16.94 25.62 4.31
N ASN B 980 16.78 26.72 5.04
CA ASN B 980 17.72 27.82 4.93
C ASN B 980 19.11 27.41 5.41
N ASP B 981 19.18 26.64 6.49
CA ASP B 981 20.47 26.16 6.98
C ASP B 981 21.14 25.24 5.96
N ILE B 982 20.36 24.36 5.32
CA ILE B 982 20.93 23.49 4.29
C ILE B 982 21.43 24.30 3.12
N PHE B 983 20.67 25.31 2.70
CA PHE B 983 21.11 26.14 1.57
C PHE B 983 22.39 26.88 1.90
N SER B 984 22.48 27.47 3.08
CA SER B 984 23.67 28.22 3.47
C SER B 984 24.74 27.25 3.97
N ARG B 985 25.91 27.82 4.29
CA ARG B 985 27.05 27.12 4.90
C ARG B 985 27.71 26.09 3.98
N LEU B 986 27.21 25.90 2.76
CA LEU B 986 27.83 24.93 1.86
C LEU B 986 27.38 25.21 0.43
N ASP B 987 28.04 24.52 -0.50
CA ASP B 987 27.87 24.77 -1.94
C ASP B 987 26.59 24.08 -2.41
N PRO B 988 25.73 24.78 -3.14
CA PRO B 988 24.41 24.21 -3.52
C PRO B 988 24.49 22.88 -4.25
N PRO B 989 25.51 22.63 -5.09
CA PRO B 989 25.58 21.31 -5.74
C PRO B 989 25.56 20.13 -4.79
N GLU B 990 26.19 20.23 -3.62
CA GLU B 990 26.05 19.18 -2.62
C GLU B 990 24.94 19.47 -1.62
N ALA B 991 24.27 20.62 -1.72
CA ALA B 991 23.02 20.83 -0.99
C ALA B 991 21.85 20.15 -1.66
N GLU B 992 21.95 19.88 -2.97
CA GLU B 992 20.84 19.28 -3.70
C GLU B 992 20.53 17.88 -3.19
N VAL B 993 21.57 17.10 -2.83
CA VAL B 993 21.32 15.76 -2.33
C VAL B 993 20.58 15.81 -1.00
N GLN B 994 20.95 16.72 -0.11
CA GLN B 994 20.24 16.87 1.16
C GLN B 994 18.79 17.32 0.94
N ILE B 995 18.59 18.26 0.02
CA ILE B 995 17.24 18.74 -0.27
C ILE B 995 16.39 17.59 -0.81
N ASP B 996 16.96 16.80 -1.71
CA ASP B 996 16.21 15.67 -2.27
C ASP B 996 15.93 14.62 -1.20
N ARG B 997 16.85 14.41 -0.28
CA ARG B 997 16.61 13.48 0.83
C ARG B 997 15.42 13.93 1.66
N LEU B 998 15.39 15.23 2.01
CA LEU B 998 14.27 15.75 2.79
C LEU B 998 12.96 15.65 2.01
N ILE B 999 13.00 15.96 0.72
CA ILE B 999 11.78 15.90 -0.10
C ILE B 999 11.26 14.47 -0.18
N THR B 1000 12.16 13.50 -0.38
CA THR B 1000 11.73 12.10 -0.45
C THR B 1000 11.15 11.65 0.87
N GLY B 1001 11.76 12.03 2.00
CA GLY B 1001 11.19 11.66 3.29
C GLY B 1001 9.80 12.22 3.50
N ARG B 1002 9.62 13.51 3.19
CA ARG B 1002 8.31 14.13 3.37
C ARG B 1002 7.27 13.51 2.43
N LEU B 1003 7.66 13.20 1.19
CA LEU B 1003 6.74 12.58 0.25
C LEU B 1003 6.34 11.18 0.72
N GLN B 1004 7.29 10.42 1.28
CA GLN B 1004 6.95 9.11 1.83
C GLN B 1004 5.97 9.24 2.98
N SER B 1005 6.17 10.23 3.85
CA SER B 1005 5.24 10.45 4.96
C SER B 1005 3.84 10.75 4.43
N LEU B 1006 3.75 11.64 3.44
CA LEU B 1006 2.46 11.98 2.87
C LEU B 1006 1.78 10.78 2.24
N GLN B 1007 2.54 9.96 1.51
CA GLN B 1007 1.97 8.78 0.87
C GLN B 1007 1.44 7.80 1.90
N THR B 1008 2.20 7.57 2.98
CA THR B 1008 1.73 6.68 4.03
C THR B 1008 0.44 7.19 4.66
N TYR B 1009 0.39 8.50 4.93
CA TYR B 1009 -0.83 9.09 5.51
C TYR B 1009 -2.02 8.89 4.58
N VAL B 1010 -1.83 9.15 3.28
CA VAL B 1010 -2.94 9.01 2.33
C VAL B 1010 -3.42 7.58 2.25
N THR B 1011 -2.49 6.61 2.22
CA THR B 1011 -2.88 5.21 2.12
C THR B 1011 -3.68 4.78 3.35
N GLN B 1012 -3.21 5.15 4.54
CA GLN B 1012 -3.96 4.77 5.74
C GLN B 1012 -5.32 5.46 5.79
N GLN B 1013 -5.41 6.70 5.28
CA GLN B 1013 -6.70 7.36 5.20
C GLN B 1013 -7.65 6.62 4.27
N LEU B 1014 -7.13 6.12 3.14
CA LEU B 1014 -7.96 5.38 2.20
C LEU B 1014 -8.50 4.10 2.85
N ILE B 1015 -7.65 3.38 3.58
CA ILE B 1015 -8.11 2.15 4.22
C ILE B 1015 -9.18 2.44 5.28
N ARG B 1016 -8.95 3.47 6.09
CA ARG B 1016 -9.92 3.83 7.12
C ARG B 1016 -11.24 4.28 6.48
N ALA B 1017 -11.16 4.99 5.35
CA ALA B 1017 -12.36 5.40 4.65
C ALA B 1017 -13.16 4.19 4.16
N ALA B 1018 -12.46 3.17 3.65
CA ALA B 1018 -13.16 1.96 3.23
C ALA B 1018 -13.88 1.30 4.39
N GLU B 1019 -13.21 1.22 5.55
CA GLU B 1019 -13.86 0.63 6.73
C GLU B 1019 -15.10 1.41 7.14
N ILE B 1020 -14.98 2.75 7.17
CA ILE B 1020 -16.12 3.59 7.55
C ILE B 1020 -17.25 3.45 6.54
N ARG B 1021 -16.91 3.29 5.26
CA ARG B 1021 -17.95 3.10 4.24
CA ARG B 1021 -17.94 3.11 4.24
C ARG B 1021 -18.71 1.80 4.47
N ALA B 1022 -18.00 0.73 4.81
CA ALA B 1022 -18.70 -0.52 5.11
C ALA B 1022 -19.65 -0.35 6.30
N SER B 1023 -19.18 0.34 7.35
CA SER B 1023 -20.03 0.58 8.51
C SER B 1023 -21.27 1.41 8.14
N ALA B 1024 -21.08 2.43 7.30
CA ALA B 1024 -22.20 3.29 6.91
C ALA B 1024 -23.21 2.52 6.06
N ASN B 1025 -22.74 1.64 5.19
CA ASN B 1025 -23.66 0.81 4.41
C ASN B 1025 -24.48 -0.09 5.32
N LEU B 1026 -23.84 -0.69 6.32
CA LEU B 1026 -24.59 -1.51 7.28
C LEU B 1026 -25.62 -0.68 8.03
N ALA B 1027 -25.25 0.53 8.45
CA ALA B 1027 -26.19 1.39 9.16
C ALA B 1027 -27.38 1.76 8.29
N ALA B 1028 -27.13 2.07 7.01
CA ALA B 1028 -28.23 2.40 6.11
C ALA B 1028 -29.16 1.22 5.92
N THR B 1029 -28.61 0.01 5.78
CA THR B 1029 -29.44 -1.18 5.66
C THR B 1029 -30.29 -1.39 6.90
N LYS B 1030 -29.70 -1.23 8.08
CA LYS B 1030 -30.46 -1.37 9.32
C LYS B 1030 -31.58 -0.34 9.41
N MET B 1031 -31.30 0.90 9.02
CA MET B 1031 -32.34 1.92 9.05
C MET B 1031 -33.47 1.60 8.08
N SER B 1032 -33.13 1.11 6.89
CA SER B 1032 -34.16 0.77 5.91
C SER B 1032 -35.03 -0.39 6.39
N GLU B 1033 -34.43 -1.39 7.04
CA GLU B 1033 -35.19 -2.60 7.34
C GLU B 1033 -35.84 -2.59 8.71
N CYS B 1034 -35.06 -2.33 9.77
CA CYS B 1034 -35.62 -2.40 11.12
C CYS B 1034 -36.58 -1.25 11.40
N VAL B 1035 -36.25 -0.05 10.96
CA VAL B 1035 -37.05 1.13 11.32
C VAL B 1035 -38.28 1.24 10.43
N LEU B 1036 -38.08 1.35 9.11
CA LEU B 1036 -39.18 1.58 8.18
C LEU B 1036 -40.13 0.40 8.06
N GLY B 1037 -39.78 -0.75 8.60
CA GLY B 1037 -40.64 -1.93 8.53
C GLY B 1037 -40.44 -2.80 9.74
N GLN B 1038 -40.73 -4.09 9.59
CA GLN B 1038 -40.53 -5.08 10.65
C GLN B 1038 -39.82 -6.28 10.04
N SER B 1039 -38.68 -6.66 10.61
CA SER B 1039 -37.82 -7.67 10.04
C SER B 1039 -37.92 -8.97 10.83
N LYS B 1040 -37.95 -10.09 10.11
CA LYS B 1040 -37.95 -11.42 10.71
C LYS B 1040 -36.56 -12.03 10.80
N ARG B 1041 -35.52 -11.31 10.38
CA ARG B 1041 -34.16 -11.84 10.46
C ARG B 1041 -33.74 -11.95 11.93
N VAL B 1042 -33.15 -13.08 12.29
CA VAL B 1042 -32.84 -13.35 13.68
C VAL B 1042 -31.65 -12.50 14.12
N ASP B 1043 -31.80 -11.83 15.26
CA ASP B 1043 -30.75 -11.05 15.91
C ASP B 1043 -30.26 -9.89 15.06
N PHE B 1044 -30.93 -9.57 13.96
CA PHE B 1044 -30.53 -8.42 13.16
C PHE B 1044 -30.90 -7.10 13.83
N CYS B 1045 -32.11 -7.02 14.38
CA CYS B 1045 -32.59 -5.79 14.97
C CYS B 1045 -32.88 -5.97 16.46
N GLY B 1046 -31.95 -6.59 17.17
CA GLY B 1046 -32.06 -6.74 18.61
C GLY B 1046 -32.43 -8.16 18.99
N LYS B 1047 -31.97 -8.58 20.17
CA LYS B 1047 -32.25 -9.93 20.64
C LYS B 1047 -33.71 -10.07 21.03
N GLY B 1048 -34.28 -11.23 20.70
CA GLY B 1048 -35.70 -11.47 20.90
C GLY B 1048 -36.48 -11.39 19.61
N TYR B 1049 -37.79 -11.26 19.76
CA TYR B 1049 -38.69 -11.10 18.63
C TYR B 1049 -38.91 -9.62 18.36
N HIS B 1050 -38.45 -9.15 17.20
CA HIS B 1050 -38.41 -7.73 16.93
C HIS B 1050 -39.81 -7.14 16.85
N LEU B 1051 -39.99 -5.96 17.46
CA LEU B 1051 -41.24 -5.21 17.35
C LEU B 1051 -41.05 -3.89 16.63
N MET B 1052 -40.15 -3.02 17.10
CA MET B 1052 -39.97 -1.74 16.40
C MET B 1052 -38.70 -1.06 16.86
N SER B 1053 -38.16 -0.18 16.02
CA SER B 1053 -36.91 0.51 16.32
C SER B 1053 -37.11 2.02 16.19
N PHE B 1054 -36.27 2.76 16.94
CA PHE B 1054 -36.29 4.22 16.93
C PHE B 1054 -34.88 4.74 16.72
N PRO B 1055 -34.66 5.67 15.79
CA PRO B 1055 -33.30 6.20 15.57
C PRO B 1055 -33.03 7.47 16.36
N GLN B 1056 -31.75 7.69 16.63
CA GLN B 1056 -31.26 8.91 17.27
C GLN B 1056 -29.91 9.27 16.67
N SER B 1057 -29.66 10.57 16.56
CA SER B 1057 -28.40 11.03 16.00
C SER B 1057 -27.31 11.05 17.07
N ALA B 1058 -26.06 11.16 16.63
CA ALA B 1058 -24.93 11.31 17.52
C ALA B 1058 -23.75 11.81 16.71
N PRO B 1059 -22.78 12.50 17.34
CA PRO B 1059 -21.64 13.02 16.58
C PRO B 1059 -20.92 11.90 15.84
N HIS B 1060 -20.95 11.99 14.50
CA HIS B 1060 -20.32 11.02 13.62
C HIS B 1060 -20.93 9.63 13.77
N GLY B 1061 -22.24 9.56 14.00
CA GLY B 1061 -22.85 8.24 14.07
C GLY B 1061 -24.32 8.28 14.41
N VAL B 1062 -24.89 7.08 14.49
CA VAL B 1062 -26.31 6.89 14.75
C VAL B 1062 -26.47 5.87 15.87
N VAL B 1063 -27.58 5.97 16.60
CA VAL B 1063 -27.89 5.07 17.72
C VAL B 1063 -29.31 4.56 17.52
N PHE B 1064 -29.47 3.24 17.56
CA PHE B 1064 -30.75 2.60 17.38
C PHE B 1064 -31.25 2.06 18.71
N LEU B 1065 -32.52 2.33 19.03
CA LEU B 1065 -33.20 1.74 20.18
C LEU B 1065 -34.16 0.69 19.64
N HIS B 1066 -33.86 -0.58 19.91
CA HIS B 1066 -34.65 -1.70 19.44
C HIS B 1066 -35.59 -2.19 20.54
N VAL B 1067 -36.85 -2.37 20.20
CA VAL B 1067 -37.90 -2.82 21.12
C VAL B 1067 -38.36 -4.18 20.64
N THR B 1068 -38.23 -5.19 21.50
CA THR B 1068 -38.48 -6.59 21.19
C THR B 1068 -39.31 -7.23 22.30
N TYR B 1069 -39.78 -8.45 22.02
CA TYR B 1069 -40.70 -9.20 22.86
C TYR B 1069 -39.99 -10.49 23.30
N VAL B 1070 -40.06 -10.80 24.59
CA VAL B 1070 -39.33 -11.94 25.14
C VAL B 1070 -40.24 -12.76 26.05
N PRO B 1071 -40.36 -14.07 25.85
CA PRO B 1071 -41.14 -14.89 26.78
C PRO B 1071 -40.50 -14.92 28.17
N ALA B 1072 -41.34 -15.00 29.20
CA ALA B 1072 -40.87 -14.83 30.57
C ALA B 1072 -41.03 -16.08 31.43
N GLN B 1073 -42.23 -16.62 31.58
CA GLN B 1073 -42.50 -17.70 32.52
C GLN B 1073 -43.11 -18.87 31.78
N GLU B 1074 -42.49 -20.05 31.89
CA GLU B 1074 -42.91 -21.22 31.14
C GLU B 1074 -43.45 -22.30 32.07
N LYS B 1075 -44.56 -22.90 31.66
CA LYS B 1075 -45.10 -24.10 32.29
C LYS B 1075 -45.02 -25.24 31.29
N ASN B 1076 -44.78 -26.45 31.77
CA ASN B 1076 -44.44 -27.57 30.91
C ASN B 1076 -45.36 -28.75 31.12
N PHE B 1077 -45.88 -29.27 30.00
CA PHE B 1077 -46.99 -30.21 29.93
C PHE B 1077 -46.58 -31.41 29.09
N THR B 1078 -47.48 -32.39 29.03
CA THR B 1078 -47.40 -33.47 28.06
C THR B 1078 -48.11 -33.06 26.78
N THR B 1079 -47.80 -33.76 25.70
CA THR B 1079 -48.32 -33.38 24.39
C THR B 1079 -48.40 -34.60 23.49
N ALA B 1080 -49.22 -34.50 22.45
CA ALA B 1080 -49.42 -35.55 21.47
C ALA B 1080 -49.46 -34.93 20.07
N PRO B 1081 -49.05 -35.68 19.04
CA PRO B 1081 -49.07 -35.13 17.68
C PRO B 1081 -50.42 -35.14 17.00
N ALA B 1082 -51.34 -36.03 17.38
CA ALA B 1082 -52.62 -36.12 16.71
C ALA B 1082 -53.63 -36.77 17.64
N ILE B 1083 -54.91 -36.68 17.27
CA ILE B 1083 -56.02 -37.21 18.06
C ILE B 1083 -56.84 -38.14 17.19
N CYS B 1084 -57.07 -39.36 17.67
CA CYS B 1084 -57.92 -40.33 16.99
C CYS B 1084 -59.29 -40.33 17.68
N HIS B 1085 -60.34 -40.00 16.92
CA HIS B 1085 -61.67 -39.81 17.49
C HIS B 1085 -62.65 -40.87 17.01
N ASP B 1086 -62.85 -41.02 15.70
CA ASP B 1086 -63.78 -41.98 15.13
C ASP B 1086 -63.10 -42.78 14.03
N GLY B 1087 -61.87 -43.22 14.29
CA GLY B 1087 -61.06 -43.82 13.25
C GLY B 1087 -60.32 -42.83 12.39
N LYS B 1088 -60.49 -41.53 12.63
CA LYS B 1088 -59.81 -40.48 11.89
C LYS B 1088 -58.83 -39.77 12.80
N ALA B 1089 -57.82 -39.14 12.18
CA ALA B 1089 -56.77 -38.43 12.91
C ALA B 1089 -56.95 -36.94 12.69
N HIS B 1090 -57.01 -36.19 13.78
CA HIS B 1090 -57.18 -34.75 13.74
C HIS B 1090 -55.87 -34.04 14.04
N PHE B 1091 -55.46 -33.15 13.15
CA PHE B 1091 -54.25 -32.36 13.32
C PHE B 1091 -54.60 -30.91 13.59
N PRO B 1092 -53.81 -30.20 14.40
CA PRO B 1092 -54.12 -28.80 14.69
C PRO B 1092 -53.98 -27.92 13.47
N ARG B 1093 -54.77 -26.85 13.45
CA ARG B 1093 -54.68 -25.88 12.36
C ARG B 1093 -53.52 -24.93 12.57
N GLU B 1094 -53.46 -24.28 13.73
CA GLU B 1094 -52.41 -23.32 14.02
C GLU B 1094 -51.73 -23.52 15.37
N GLY B 1095 -52.36 -24.21 16.32
CA GLY B 1095 -51.83 -24.36 17.65
C GLY B 1095 -51.12 -25.70 17.86
N VAL B 1096 -51.18 -26.18 19.10
CA VAL B 1096 -50.51 -27.41 19.50
C VAL B 1096 -51.32 -28.02 20.63
N PHE B 1097 -51.35 -29.35 20.67
CA PHE B 1097 -52.08 -30.07 21.71
C PHE B 1097 -51.28 -30.10 23.01
N VAL B 1098 -51.98 -29.83 24.12
CA VAL B 1098 -51.38 -29.86 25.45
C VAL B 1098 -52.35 -30.55 26.39
N SER B 1099 -51.81 -30.98 27.55
CA SER B 1099 -52.62 -31.64 28.56
C SER B 1099 -52.11 -31.26 29.94
N ASN B 1100 -53.03 -31.08 30.88
CA ASN B 1100 -52.70 -30.72 32.25
C ASN B 1100 -52.90 -31.90 33.21
N GLY B 1101 -52.87 -33.13 32.69
CA GLY B 1101 -53.00 -34.33 33.48
C GLY B 1101 -54.31 -35.07 33.29
N THR B 1102 -55.38 -34.34 32.99
CA THR B 1102 -56.68 -34.98 32.83
C THR B 1102 -57.37 -34.67 31.52
N HIS B 1103 -57.25 -33.44 31.03
CA HIS B 1103 -57.95 -33.01 29.82
C HIS B 1103 -56.96 -32.57 28.76
N TRP B 1104 -57.42 -32.54 27.52
CA TRP B 1104 -56.61 -32.15 26.37
C TRP B 1104 -57.15 -30.86 25.77
N PHE B 1105 -56.26 -29.90 25.55
CA PHE B 1105 -56.61 -28.62 24.94
C PHE B 1105 -55.70 -28.37 23.74
N VAL B 1106 -56.05 -27.35 22.97
CA VAL B 1106 -55.21 -26.86 21.88
C VAL B 1106 -54.92 -25.39 22.13
N THR B 1107 -53.64 -25.03 22.12
CA THR B 1107 -53.24 -23.67 22.47
C THR B 1107 -52.19 -23.17 21.49
N GLN B 1108 -52.12 -21.85 21.36
CA GLN B 1108 -51.10 -21.26 20.50
C GLN B 1108 -49.72 -21.51 21.10
N ARG B 1109 -48.71 -21.42 20.23
CA ARG B 1109 -47.37 -21.88 20.56
C ARG B 1109 -46.53 -20.86 21.33
N ASN B 1110 -46.96 -19.60 21.42
CA ASN B 1110 -46.18 -18.57 22.08
C ASN B 1110 -46.82 -18.01 23.34
N PHE B 1111 -48.00 -18.49 23.72
CA PHE B 1111 -48.71 -17.96 24.88
C PHE B 1111 -49.72 -19.00 25.32
N TYR B 1112 -49.67 -19.40 26.59
CA TYR B 1112 -50.59 -20.41 27.08
C TYR B 1112 -52.00 -19.86 27.11
N GLU B 1113 -52.88 -20.44 26.29
CA GLU B 1113 -54.28 -20.01 26.21
C GLU B 1113 -55.11 -21.20 25.78
N PRO B 1114 -55.51 -22.06 26.72
CA PRO B 1114 -56.18 -23.31 26.34
C PRO B 1114 -57.58 -23.08 25.80
N GLN B 1115 -57.99 -23.98 24.91
CA GLN B 1115 -59.32 -23.95 24.33
C GLN B 1115 -59.80 -25.38 24.11
N ILE B 1116 -61.11 -25.55 23.99
CA ILE B 1116 -61.68 -26.85 23.72
C ILE B 1116 -61.34 -27.27 22.29
N ILE B 1117 -61.19 -28.57 22.08
CA ILE B 1117 -60.90 -29.10 20.76
C ILE B 1117 -62.23 -29.30 20.03
N THR B 1118 -62.43 -28.52 18.97
CA THR B 1118 -63.63 -28.62 18.13
C THR B 1118 -63.21 -28.84 16.68
N THR B 1119 -64.20 -29.03 15.81
CA THR B 1119 -63.90 -29.22 14.39
C THR B 1119 -63.46 -27.94 13.71
N ASP B 1120 -63.60 -26.79 14.36
CA ASP B 1120 -63.08 -25.54 13.82
C ASP B 1120 -61.60 -25.33 14.12
N ASN B 1121 -61.01 -26.15 14.99
CA ASN B 1121 -59.60 -26.04 15.32
C ASN B 1121 -58.72 -27.09 14.64
N THR B 1122 -59.29 -28.23 14.27
CA THR B 1122 -58.53 -29.36 13.77
C THR B 1122 -59.02 -29.78 12.39
N PHE B 1123 -58.09 -30.29 11.58
CA PHE B 1123 -58.42 -30.82 10.26
C PHE B 1123 -58.08 -32.30 10.20
N VAL B 1124 -58.87 -33.03 9.42
CA VAL B 1124 -58.78 -34.49 9.35
C VAL B 1124 -57.93 -34.89 8.16
N SER B 1125 -57.09 -35.91 8.35
CA SER B 1125 -56.28 -36.44 7.26
C SER B 1125 -55.97 -37.91 7.54
N GLY B 1126 -56.63 -38.81 6.82
CA GLY B 1126 -56.37 -40.23 6.95
C GLY B 1126 -56.96 -40.82 8.22
N ASN B 1127 -56.54 -42.05 8.49
CA ASN B 1127 -56.93 -42.77 9.69
C ASN B 1127 -55.80 -42.76 10.71
N CYS B 1128 -56.08 -43.27 11.91
CA CYS B 1128 -55.16 -43.20 13.04
C CYS B 1128 -54.37 -44.49 13.21
N ASP B 1129 -54.02 -45.15 12.12
CA ASP B 1129 -53.20 -46.37 12.16
C ASP B 1129 -51.80 -46.16 11.61
N VAL B 1130 -51.42 -44.94 11.26
CA VAL B 1130 -50.14 -44.69 10.59
C VAL B 1130 -49.27 -43.74 11.41
N VAL B 1131 -49.90 -42.88 12.21
CA VAL B 1131 -49.15 -41.92 13.03
C VAL B 1131 -48.57 -42.65 14.24
N ILE B 1132 -47.49 -42.10 14.78
CA ILE B 1132 -46.72 -42.82 15.79
C ILE B 1132 -47.34 -42.64 17.18
N GLY B 1133 -47.41 -41.40 17.64
CA GLY B 1133 -47.83 -41.15 19.02
C GLY B 1133 -49.24 -40.64 19.18
N ILE B 1134 -50.17 -41.16 18.38
CA ILE B 1134 -51.55 -40.71 18.44
C ILE B 1134 -52.19 -41.18 19.74
N VAL B 1135 -53.21 -40.45 20.21
CA VAL B 1135 -53.86 -40.73 21.48
C VAL B 1135 -55.38 -40.82 21.27
N ASN B 1136 -56.10 -40.96 22.39
CA ASN B 1136 -57.52 -41.30 22.41
C ASN B 1136 -58.26 -40.10 22.99
N ASN B 1137 -59.26 -39.56 22.27
CA ASN B 1137 -59.98 -38.39 22.81
C ASN B 1137 -61.22 -38.10 21.97
N THR B 1138 -61.89 -36.99 22.29
CA THR B 1138 -63.18 -36.61 21.74
C THR B 1138 -63.11 -35.20 21.16
N VAL B 1139 -63.94 -34.94 20.16
CA VAL B 1139 -64.02 -33.63 19.51
C VAL B 1139 -65.47 -33.16 19.54
N TYR B 1140 -65.67 -31.87 19.84
CA TYR B 1140 -67.00 -31.38 20.17
C TYR B 1140 -67.94 -31.48 18.96
N ASP B 1141 -67.53 -30.94 17.81
CA ASP B 1141 -68.39 -30.80 16.64
C ASP B 1141 -69.62 -29.97 17.01
N PRO B 1142 -69.46 -28.66 17.22
CA PRO B 1142 -70.55 -27.85 17.77
C PRO B 1142 -71.70 -27.62 16.81
N LEU B 1143 -72.41 -28.68 16.45
CA LEU B 1143 -73.60 -28.55 15.61
C LEU B 1143 -74.77 -29.35 16.19
N GLN B 1144 -74.46 -30.39 16.96
CA GLN B 1144 -75.51 -31.24 17.52
C GLN B 1144 -76.45 -30.48 18.44
N PRO B 1145 -76.00 -29.69 19.41
CA PRO B 1145 -76.97 -28.94 20.24
C PRO B 1145 -77.82 -27.97 19.46
N GLU B 1146 -77.29 -27.38 18.40
CA GLU B 1146 -78.06 -26.39 17.63
C GLU B 1146 -79.24 -27.04 16.91
N LEU B 1147 -79.04 -28.24 16.34
CA LEU B 1147 -80.09 -28.89 15.58
C LEU B 1147 -81.02 -29.71 16.44
N ASP B 1148 -80.56 -30.19 17.59
CA ASP B 1148 -81.39 -31.02 18.45
C ASP B 1148 -82.18 -30.17 19.44
N GLN C 1 64.16 -30.94 -27.81
CA GLN C 1 63.99 -31.11 -29.24
C GLN C 1 62.65 -31.78 -29.56
N CYS C 2 62.41 -32.05 -30.84
CA CYS C 2 61.13 -32.59 -31.28
C CYS C 2 61.34 -33.34 -32.59
N VAL C 3 60.34 -34.14 -32.95
CA VAL C 3 60.33 -34.89 -34.20
C VAL C 3 59.03 -34.62 -34.92
N ASN C 4 59.04 -34.82 -36.24
CA ASN C 4 57.88 -34.60 -37.09
C ASN C 4 57.14 -35.92 -37.30
N LEU C 5 55.84 -35.91 -37.00
CA LEU C 5 55.03 -37.11 -37.12
C LEU C 5 54.67 -37.39 -38.57
N THR C 6 54.47 -38.67 -38.87
CA THR C 6 54.05 -39.13 -40.20
C THR C 6 52.94 -40.14 -40.05
N THR C 7 52.21 -40.36 -41.15
CA THR C 7 51.13 -41.35 -41.22
C THR C 7 50.07 -41.08 -40.16
N ARG C 8 49.42 -39.93 -40.27
CA ARG C 8 48.31 -39.55 -39.40
C ARG C 8 47.09 -39.30 -40.28
N THR C 9 46.18 -40.28 -40.32
CA THR C 9 44.97 -40.17 -41.13
C THR C 9 43.88 -39.48 -40.31
N GLN C 10 43.30 -38.44 -40.88
CA GLN C 10 42.24 -37.69 -40.21
C GLN C 10 40.90 -38.41 -40.38
N LEU C 11 40.12 -38.41 -39.30
CA LEU C 11 38.82 -39.05 -39.28
C LEU C 11 37.76 -38.06 -38.81
N PRO C 12 36.53 -38.19 -39.28
CA PRO C 12 35.45 -37.32 -38.79
C PRO C 12 35.15 -37.62 -37.33
N PRO C 13 35.20 -36.62 -36.47
CA PRO C 13 34.95 -36.85 -35.04
C PRO C 13 33.53 -37.34 -34.81
N ALA C 14 33.38 -38.26 -33.85
CA ALA C 14 32.07 -38.78 -33.48
C ALA C 14 31.45 -37.89 -32.42
N TYR C 15 30.12 -37.75 -32.48
CA TYR C 15 29.38 -36.90 -31.56
C TYR C 15 28.38 -37.76 -30.80
N THR C 16 28.17 -37.42 -29.52
CA THR C 16 27.22 -38.16 -28.70
C THR C 16 26.52 -37.22 -27.73
N ASN C 17 25.24 -37.49 -27.48
CA ASN C 17 24.47 -36.69 -26.54
C ASN C 17 24.86 -37.01 -25.11
N SER C 18 24.96 -35.97 -24.29
CA SER C 18 25.32 -36.13 -22.87
C SER C 18 24.02 -36.17 -22.06
N PHE C 19 23.72 -37.32 -21.48
CA PHE C 19 22.45 -37.55 -20.80
C PHE C 19 22.56 -37.14 -19.34
N THR C 20 22.24 -35.88 -19.06
CA THR C 20 22.20 -35.34 -17.70
C THR C 20 23.48 -35.65 -16.93
N ARG C 21 24.59 -35.10 -17.42
CA ARG C 21 25.90 -35.42 -16.89
C ARG C 21 26.70 -34.14 -16.67
N GLY C 22 27.62 -34.19 -15.70
CA GLY C 22 28.52 -33.09 -15.45
C GLY C 22 27.98 -32.03 -14.50
N VAL C 23 27.62 -32.43 -13.28
CA VAL C 23 27.13 -31.53 -12.26
C VAL C 23 28.10 -31.57 -11.08
N TYR C 24 28.35 -30.41 -10.47
CA TYR C 24 29.27 -30.29 -9.36
C TYR C 24 28.71 -29.32 -8.33
N TYR C 25 29.28 -29.39 -7.13
CA TYR C 25 28.87 -28.51 -6.05
C TYR C 25 29.28 -27.08 -6.36
N PRO C 26 28.35 -26.16 -6.64
CA PRO C 26 28.74 -24.82 -7.10
C PRO C 26 29.46 -24.00 -6.05
N ASP C 27 28.86 -23.87 -4.88
CA ASP C 27 29.37 -23.01 -3.82
C ASP C 27 30.09 -23.86 -2.77
N LYS C 28 30.54 -23.20 -1.70
CA LYS C 28 31.37 -23.84 -0.67
C LYS C 28 30.75 -23.63 0.70
N VAL C 29 29.47 -23.96 0.81
CA VAL C 29 28.74 -24.02 2.07
C VAL C 29 27.89 -25.27 2.07
N PHE C 30 27.21 -25.54 3.18
CA PHE C 30 26.43 -26.75 3.36
C PHE C 30 24.94 -26.42 3.40
N ARG C 31 24.15 -27.26 2.72
CA ARG C 31 22.69 -27.15 2.73
C ARG C 31 22.10 -28.54 2.84
N SER C 32 20.82 -28.59 3.22
CA SER C 32 20.13 -29.86 3.41
C SER C 32 18.65 -29.67 3.18
N SER C 33 18.07 -30.58 2.38
CA SER C 33 16.63 -30.59 2.08
C SER C 33 16.17 -29.24 1.52
N VAL C 34 16.93 -28.74 0.54
CA VAL C 34 16.70 -27.40 0.00
C VAL C 34 16.81 -27.45 -1.52
N LEU C 35 15.88 -26.79 -2.20
CA LEU C 35 15.97 -26.58 -3.65
C LEU C 35 16.62 -25.21 -3.88
N HIS C 36 17.85 -25.21 -4.35
CA HIS C 36 18.62 -23.97 -4.49
C HIS C 36 18.87 -23.66 -5.96
N SER C 37 18.67 -22.40 -6.32
CA SER C 37 18.93 -21.92 -7.67
C SER C 37 20.30 -21.24 -7.71
N THR C 38 21.20 -21.76 -8.53
CA THR C 38 22.56 -21.24 -8.62
C THR C 38 22.90 -20.90 -10.06
N GLN C 39 23.52 -19.74 -10.26
CA GLN C 39 23.96 -19.28 -11.57
C GLN C 39 25.48 -19.47 -11.65
N ASP C 40 25.92 -20.41 -12.48
CA ASP C 40 27.34 -20.74 -12.53
C ASP C 40 27.67 -21.23 -13.93
N LEU C 41 28.81 -21.90 -14.08
CA LEU C 41 29.21 -22.50 -15.35
C LEU C 41 28.89 -23.99 -15.29
N PHE C 42 28.04 -24.45 -16.20
CA PHE C 42 27.63 -25.85 -16.23
C PHE C 42 27.63 -26.35 -17.66
N LEU C 43 27.68 -27.68 -17.80
CA LEU C 43 27.52 -28.31 -19.10
C LEU C 43 26.03 -28.39 -19.42
N PRO C 44 25.57 -27.84 -20.54
CA PRO C 44 24.13 -27.84 -20.83
C PRO C 44 23.57 -29.25 -20.91
N PHE C 45 22.34 -29.40 -20.43
CA PHE C 45 21.68 -30.70 -20.45
C PHE C 45 21.40 -31.14 -21.88
N PHE C 46 21.60 -32.44 -22.14
CA PHE C 46 21.34 -33.04 -23.44
C PHE C 46 22.14 -32.35 -24.54
N SER C 47 23.39 -32.01 -24.24
CA SER C 47 24.25 -31.36 -25.22
C SER C 47 25.06 -32.39 -25.99
N ASN C 48 25.78 -31.91 -27.01
CA ASN C 48 26.56 -32.77 -27.89
C ASN C 48 28.03 -32.68 -27.53
N VAL C 49 28.66 -33.83 -27.27
CA VAL C 49 30.05 -33.89 -26.87
C VAL C 49 30.82 -34.73 -27.88
N THR C 50 32.13 -34.49 -27.94
CA THR C 50 33.00 -35.18 -28.88
C THR C 50 33.54 -36.45 -28.27
N TRP C 51 33.60 -37.51 -29.07
CA TRP C 51 33.98 -38.83 -28.59
C TRP C 51 35.19 -39.29 -29.40
N PHE C 52 36.26 -39.66 -28.70
CA PHE C 52 37.45 -40.22 -29.32
C PHE C 52 37.66 -41.64 -28.81
N HIS C 53 38.01 -42.54 -29.71
CA HIS C 53 38.20 -43.96 -29.40
C HIS C 53 39.59 -44.38 -29.86
N VAL C 54 40.31 -45.07 -28.98
CA VAL C 54 41.65 -45.57 -29.29
C VAL C 54 41.61 -47.10 -29.24
N ILE C 55 41.95 -47.72 -30.36
CA ILE C 55 41.96 -49.18 -30.46
C ILE C 55 43.22 -49.65 -31.18
N THR C 61 46.60 -45.05 -40.02
CA THR C 61 45.40 -44.87 -39.22
C THR C 61 45.66 -45.16 -37.75
N LYS C 62 45.62 -46.44 -37.39
CA LYS C 62 45.87 -46.98 -36.06
C LYS C 62 44.81 -46.59 -35.04
N ARG C 63 43.83 -45.77 -35.42
CA ARG C 63 42.77 -45.32 -34.52
C ARG C 63 43.36 -44.71 -33.25
N PHE C 64 44.32 -43.81 -33.43
CA PHE C 64 44.93 -43.06 -32.34
C PHE C 64 44.75 -41.58 -32.65
N ASP C 65 43.94 -40.89 -31.85
CA ASP C 65 43.60 -39.50 -32.08
C ASP C 65 44.01 -38.67 -30.88
N ASN C 66 44.96 -37.76 -31.08
CA ASN C 66 45.32 -36.75 -30.08
C ASN C 66 45.33 -35.35 -30.71
N PRO C 67 44.17 -34.85 -31.14
CA PRO C 67 44.10 -33.42 -31.47
C PRO C 67 44.41 -32.56 -30.26
N VAL C 68 44.85 -31.34 -30.52
CA VAL C 68 45.11 -30.37 -29.46
C VAL C 68 43.88 -29.48 -29.39
N LEU C 69 42.96 -29.82 -28.51
CA LEU C 69 41.64 -29.19 -28.48
C LEU C 69 41.70 -27.79 -27.88
N PRO C 70 40.79 -26.90 -28.28
CA PRO C 70 40.72 -25.58 -27.65
C PRO C 70 40.19 -25.66 -26.23
N PHE C 71 40.46 -24.60 -25.47
CA PHE C 71 40.03 -24.47 -24.08
C PHE C 71 39.41 -23.08 -23.93
N ASN C 72 38.10 -22.97 -24.19
CA ASN C 72 37.46 -21.66 -24.20
C ASN C 72 37.18 -21.15 -22.79
N ASP C 73 36.32 -21.85 -22.06
CA ASP C 73 35.92 -21.43 -20.71
C ASP C 73 35.99 -22.54 -19.68
N GLY C 74 35.91 -23.80 -20.08
CA GLY C 74 35.96 -24.91 -19.15
C GLY C 74 35.82 -26.20 -19.92
N VAL C 75 36.22 -27.29 -19.28
CA VAL C 75 36.23 -28.59 -19.94
C VAL C 75 35.61 -29.63 -19.03
N TYR C 76 34.70 -30.42 -19.59
CA TYR C 76 34.22 -31.65 -18.97
C TYR C 76 34.88 -32.82 -19.70
N PHE C 77 35.71 -33.57 -18.97
CA PHE C 77 36.51 -34.65 -19.54
C PHE C 77 36.08 -35.96 -18.92
N ALA C 78 35.57 -36.87 -19.74
CA ALA C 78 35.15 -38.18 -19.27
C ALA C 78 35.99 -39.24 -19.97
N SER C 79 36.20 -40.36 -19.29
CA SER C 79 37.03 -41.43 -19.83
C SER C 79 36.46 -42.78 -19.44
N ILE C 80 36.24 -43.63 -20.44
CA ILE C 80 35.91 -45.03 -20.27
C ILE C 80 37.20 -45.81 -20.51
N GLU C 81 37.73 -46.43 -19.46
CA GLU C 81 39.06 -47.00 -19.56
C GLU C 81 39.21 -48.18 -18.60
N LYS C 82 40.18 -49.03 -18.92
CA LYS C 82 40.54 -50.16 -18.07
C LYS C 82 42.06 -50.22 -17.90
N SER C 83 42.79 -49.73 -18.89
CA SER C 83 44.24 -49.85 -18.93
C SER C 83 44.97 -48.67 -18.31
N ASN C 84 44.24 -47.68 -17.78
CA ASN C 84 44.85 -46.51 -17.14
C ASN C 84 45.78 -45.78 -18.10
N ILE C 85 45.20 -45.24 -19.17
CA ILE C 85 45.98 -44.61 -20.23
C ILE C 85 45.94 -43.09 -20.20
N ILE C 86 44.92 -42.48 -19.59
CA ILE C 86 44.90 -41.03 -19.46
C ILE C 86 45.99 -40.60 -18.49
N ARG C 87 46.76 -39.58 -18.88
CA ARG C 87 47.89 -39.15 -18.06
C ARG C 87 47.75 -37.72 -17.55
N GLY C 88 47.63 -36.73 -18.42
CA GLY C 88 47.72 -35.36 -17.97
C GLY C 88 47.54 -34.40 -19.13
N TRP C 89 47.75 -33.11 -18.85
CA TRP C 89 47.37 -32.08 -19.80
C TRP C 89 48.39 -30.96 -19.89
N ILE C 90 48.65 -30.50 -21.12
CA ILE C 90 49.38 -29.27 -21.39
C ILE C 90 48.36 -28.17 -21.62
N PHE C 91 48.67 -26.95 -21.15
CA PHE C 91 47.83 -25.78 -21.36
C PHE C 91 48.70 -24.66 -21.90
N GLY C 92 48.41 -24.22 -23.13
CA GLY C 92 49.17 -23.15 -23.75
C GLY C 92 48.26 -22.22 -24.53
N THR C 93 48.82 -21.06 -24.89
CA THR C 93 48.07 -20.07 -25.63
C THR C 93 48.81 -19.63 -26.90
N THR C 94 50.14 -19.57 -26.84
CA THR C 94 50.95 -19.18 -27.99
C THR C 94 51.96 -20.23 -28.40
N LEU C 95 52.46 -21.04 -27.47
CA LEU C 95 53.37 -22.15 -27.75
C LEU C 95 54.67 -21.70 -28.42
N ASP C 96 55.05 -20.43 -28.25
CA ASP C 96 56.30 -19.93 -28.81
C ASP C 96 57.01 -18.99 -27.85
N SER C 97 56.86 -19.22 -26.55
CA SER C 97 57.49 -18.45 -25.49
C SER C 97 57.06 -16.98 -25.47
N LYS C 98 56.04 -16.60 -26.24
CA LYS C 98 55.53 -15.24 -26.16
C LYS C 98 54.88 -14.99 -24.81
N THR C 99 54.14 -15.96 -24.29
CA THR C 99 53.55 -15.89 -22.97
C THR C 99 53.75 -17.23 -22.27
N GLN C 100 53.53 -17.23 -20.96
CA GLN C 100 53.80 -18.42 -20.15
C GLN C 100 52.86 -19.56 -20.50
N SER C 101 53.35 -20.78 -20.30
CA SER C 101 52.59 -22.00 -20.56
C SER C 101 52.64 -22.90 -19.34
N LEU C 102 51.54 -23.60 -19.10
CA LEU C 102 51.36 -24.47 -17.95
C LEU C 102 51.37 -25.94 -18.39
N LEU C 103 51.95 -26.80 -17.58
CA LEU C 103 51.89 -28.23 -17.83
C LEU C 103 51.60 -28.96 -16.53
N ILE C 104 50.59 -29.83 -16.56
CA ILE C 104 50.31 -30.77 -15.48
C ILE C 104 50.60 -32.16 -16.03
N VAL C 105 51.81 -32.66 -15.80
CA VAL C 105 52.25 -33.94 -16.33
C VAL C 105 52.20 -34.96 -15.21
N ASN C 106 51.37 -35.98 -15.37
CA ASN C 106 51.24 -37.05 -14.39
C ASN C 106 52.00 -38.25 -14.93
N ASN C 107 53.29 -38.30 -14.61
CA ASN C 107 54.16 -39.39 -15.04
C ASN C 107 53.94 -40.61 -14.15
N ALA C 108 54.80 -41.60 -14.28
CA ALA C 108 54.71 -42.81 -13.49
C ALA C 108 55.41 -42.69 -12.15
N THR C 109 56.00 -41.52 -11.83
CA THR C 109 56.71 -41.34 -10.58
C THR C 109 56.21 -40.13 -9.80
N ASN C 110 55.83 -39.06 -10.50
CA ASN C 110 55.49 -37.82 -9.82
C ASN C 110 54.54 -36.99 -10.69
N VAL C 111 53.61 -36.29 -10.03
CA VAL C 111 52.79 -35.28 -10.67
C VAL C 111 53.56 -33.97 -10.65
N VAL C 112 53.82 -33.40 -11.83
CA VAL C 112 54.60 -32.17 -11.95
C VAL C 112 53.71 -31.09 -12.55
N ILE C 113 53.58 -29.97 -11.84
CA ILE C 113 52.82 -28.82 -12.32
C ILE C 113 53.78 -27.65 -12.43
N LYS C 114 53.94 -27.11 -13.63
CA LYS C 114 54.89 -26.03 -13.79
C LYS C 114 54.43 -25.04 -14.86
N VAL C 115 54.76 -23.77 -14.64
CA VAL C 115 54.51 -22.72 -15.62
C VAL C 115 55.84 -22.08 -16.00
N CYS C 116 56.10 -21.98 -17.30
CA CYS C 116 57.35 -21.41 -17.78
C CYS C 116 57.15 -20.83 -19.17
N GLU C 117 58.11 -20.00 -19.58
CA GLU C 117 58.14 -19.45 -20.93
C GLU C 117 58.67 -20.49 -21.91
N PHE C 118 57.99 -21.64 -21.94
CA PHE C 118 58.45 -22.78 -22.71
C PHE C 118 58.32 -22.53 -24.22
N GLN C 119 59.18 -23.20 -24.98
CA GLN C 119 59.06 -23.26 -26.42
C GLN C 119 58.42 -24.58 -26.79
N PHE C 120 57.57 -24.57 -27.83
CA PHE C 120 56.83 -25.74 -28.24
C PHE C 120 57.08 -26.02 -29.72
N CYS C 121 57.03 -27.30 -30.07
CA CYS C 121 57.10 -27.73 -31.45
C CYS C 121 55.70 -28.05 -31.97
N ASN C 122 55.61 -28.41 -33.25
CA ASN C 122 54.32 -28.79 -33.81
C ASN C 122 53.77 -30.08 -33.22
N ASP C 123 54.64 -30.91 -32.64
CA ASP C 123 54.24 -32.20 -32.07
C ASP C 123 54.77 -32.31 -30.64
N PRO C 124 54.05 -31.74 -29.67
CA PRO C 124 54.46 -31.90 -28.27
C PRO C 124 53.89 -33.15 -27.62
N PHE C 125 54.76 -34.02 -27.10
CA PHE C 125 54.35 -35.26 -26.45
C PHE C 125 55.55 -35.82 -25.69
N LEU C 126 55.42 -37.08 -25.25
CA LEU C 126 56.51 -37.78 -24.59
C LEU C 126 56.65 -39.17 -25.19
N ASP C 127 57.87 -39.69 -25.17
CA ASP C 127 58.19 -41.01 -25.69
C ASP C 127 58.13 -42.05 -24.57
N HIS C 128 57.97 -43.30 -24.98
CA HIS C 128 57.83 -44.39 -24.04
C HIS C 128 58.40 -45.67 -24.64
N LYS C 129 58.98 -46.51 -23.79
CA LYS C 129 59.56 -47.78 -24.19
C LYS C 129 58.96 -48.90 -23.37
N ASN C 130 58.87 -50.09 -23.98
CA ASN C 130 58.29 -51.26 -23.33
C ASN C 130 59.28 -52.41 -23.37
N ASN C 131 59.62 -52.93 -22.20
CA ASN C 131 60.46 -54.12 -22.07
C ASN C 131 59.87 -55.03 -21.01
N LYS C 132 58.56 -55.27 -21.10
CA LYS C 132 57.71 -55.94 -20.13
C LYS C 132 57.49 -55.07 -18.88
N SER C 133 58.15 -53.92 -18.79
CA SER C 133 57.90 -52.93 -17.76
C SER C 133 57.80 -51.57 -18.43
N TRP C 134 56.79 -50.78 -18.05
CA TRP C 134 56.41 -49.58 -18.78
C TRP C 134 56.76 -48.35 -17.95
N MET C 135 57.70 -47.55 -18.44
CA MET C 135 58.04 -46.26 -17.85
C MET C 135 58.32 -45.26 -18.96
N GLU C 136 58.20 -43.99 -18.62
CA GLU C 136 58.53 -42.91 -19.55
C GLU C 136 60.04 -42.77 -19.70
N SER C 137 60.49 -42.50 -20.92
CA SER C 137 61.91 -42.38 -21.21
C SER C 137 62.33 -41.02 -21.77
N GLU C 138 61.43 -40.31 -22.44
CA GLU C 138 61.77 -39.01 -23.02
C GLU C 138 60.52 -38.14 -23.03
N PHE C 139 60.75 -36.83 -23.09
CA PHE C 139 59.66 -35.85 -23.03
C PHE C 139 60.04 -34.69 -23.95
N ARG C 140 59.42 -34.62 -25.12
CA ARG C 140 59.85 -33.73 -26.20
C ARG C 140 58.84 -32.64 -26.48
N VAL C 141 58.29 -32.04 -25.42
CA VAL C 141 57.38 -30.91 -25.56
C VAL C 141 58.18 -29.63 -25.62
N TYR C 142 59.03 -29.41 -24.60
CA TYR C 142 59.92 -28.26 -24.55
C TYR C 142 61.35 -28.74 -24.34
N SER C 143 62.29 -27.80 -24.38
CA SER C 143 63.70 -28.13 -24.20
C SER C 143 64.46 -27.16 -23.32
N SER C 144 63.83 -26.08 -22.85
CA SER C 144 64.52 -25.11 -22.02
C SER C 144 63.51 -24.32 -21.21
N ALA C 145 64.02 -23.65 -20.17
CA ALA C 145 63.18 -22.83 -19.29
C ALA C 145 64.02 -21.66 -18.83
N ASN C 146 63.86 -20.51 -19.50
CA ASN C 146 64.69 -19.35 -19.18
C ASN C 146 64.32 -18.75 -17.84
N ASN C 147 63.08 -18.28 -17.70
CA ASN C 147 62.61 -17.69 -16.45
C ASN C 147 61.29 -18.35 -16.07
N CYS C 148 61.21 -18.81 -14.83
CA CYS C 148 60.02 -19.49 -14.32
C CYS C 148 59.68 -18.95 -12.94
N THR C 149 58.40 -19.06 -12.58
CA THR C 149 57.92 -18.59 -11.29
C THR C 149 57.36 -19.72 -10.43
N PHE C 150 56.51 -20.58 -10.99
CA PHE C 150 55.88 -21.66 -10.25
C PHE C 150 56.26 -23.00 -10.86
N GLU C 151 56.90 -23.85 -10.04
CA GLU C 151 57.17 -25.24 -10.36
C GLU C 151 56.94 -26.06 -9.10
N TYR C 152 56.26 -27.19 -9.23
CA TYR C 152 55.90 -27.97 -8.07
C TYR C 152 55.81 -29.44 -8.43
N VAL C 153 56.22 -30.29 -7.50
CA VAL C 153 56.10 -31.75 -7.62
C VAL C 153 55.32 -32.26 -6.42
N SER C 154 54.28 -33.04 -6.69
CA SER C 154 53.38 -33.49 -5.64
C SER C 154 53.89 -34.79 -5.03
N GLN C 155 53.03 -35.46 -4.27
CA GLN C 155 53.42 -36.66 -3.53
C GLN C 155 53.92 -37.74 -4.49
N PRO C 156 55.01 -38.43 -4.15
CA PRO C 156 55.47 -39.53 -5.00
C PRO C 156 54.46 -40.65 -5.06
N PHE C 157 54.47 -41.36 -6.19
CA PHE C 157 53.58 -42.50 -6.42
C PHE C 157 54.20 -43.36 -7.52
N LEU C 158 53.45 -44.37 -7.96
CA LEU C 158 53.90 -45.24 -9.04
C LEU C 158 52.70 -45.97 -9.62
N MET C 159 52.73 -46.19 -10.94
CA MET C 159 51.74 -47.00 -11.62
C MET C 159 52.43 -47.97 -12.57
N ASP C 160 51.75 -49.08 -12.86
CA ASP C 160 52.30 -50.07 -13.77
C ASP C 160 52.35 -49.54 -15.20
N LEU C 161 51.26 -48.94 -15.66
CA LEU C 161 51.14 -48.41 -17.02
C LEU C 161 51.38 -49.47 -18.09
N GLU C 162 51.20 -50.74 -17.73
CA GLU C 162 51.48 -51.85 -18.64
C GLU C 162 50.26 -52.15 -19.50
N GLY C 163 50.52 -52.62 -20.72
CA GLY C 163 49.47 -52.94 -21.66
C GLY C 163 48.52 -54.01 -21.14
N LYS C 164 47.22 -53.74 -21.23
CA LYS C 164 46.20 -54.65 -20.74
C LYS C 164 45.19 -54.92 -21.85
N GLN C 165 44.56 -56.10 -21.79
CA GLN C 165 43.59 -56.54 -22.78
C GLN C 165 42.23 -56.80 -22.16
N GLY C 166 41.94 -56.15 -21.03
CA GLY C 166 40.69 -56.34 -20.32
C GLY C 166 39.56 -55.53 -20.91
N ASN C 167 38.42 -55.59 -20.20
CA ASN C 167 37.22 -54.87 -20.60
C ASN C 167 37.10 -53.57 -19.81
N PHE C 168 36.54 -52.55 -20.45
CA PHE C 168 36.40 -51.24 -19.82
C PHE C 168 35.54 -51.33 -18.57
N LYS C 169 36.06 -50.81 -17.46
CA LYS C 169 35.36 -50.88 -16.18
C LYS C 169 35.30 -49.53 -15.49
N ASN C 170 36.29 -48.68 -15.74
CA ASN C 170 36.45 -47.42 -15.01
C ASN C 170 35.84 -46.27 -15.80
N LEU C 171 34.99 -45.49 -15.12
CA LEU C 171 34.41 -44.26 -15.65
C LEU C 171 34.95 -43.10 -14.83
N ARG C 172 35.75 -42.25 -15.45
CA ARG C 172 36.36 -41.11 -14.77
C ARG C 172 35.79 -39.82 -15.33
N GLU C 173 35.33 -38.93 -14.44
CA GLU C 173 34.77 -37.65 -14.82
C GLU C 173 35.55 -36.53 -14.15
N PHE C 174 35.85 -35.48 -14.92
CA PHE C 174 36.60 -34.34 -14.41
C PHE C 174 36.03 -33.06 -14.98
N VAL C 175 36.01 -32.02 -14.15
CA VAL C 175 35.67 -30.67 -14.58
C VAL C 175 36.89 -29.79 -14.33
N PHE C 176 37.38 -29.15 -15.40
CA PHE C 176 38.54 -28.28 -15.36
C PHE C 176 38.09 -26.85 -15.62
N LYS C 177 38.40 -25.94 -14.71
CA LYS C 177 38.20 -24.52 -14.93
C LYS C 177 39.50 -23.76 -14.73
N ASN C 178 39.66 -22.68 -15.50
CA ASN C 178 40.80 -21.77 -15.38
C ASN C 178 40.24 -20.35 -15.41
N ILE C 179 40.03 -19.77 -14.23
CA ILE C 179 39.38 -18.47 -14.11
C ILE C 179 40.17 -17.58 -13.16
N ASP C 180 40.28 -16.30 -13.54
CA ASP C 180 40.87 -15.22 -12.74
C ASP C 180 42.05 -15.68 -11.88
N GLY C 181 43.05 -16.24 -12.56
CA GLY C 181 44.29 -16.59 -11.92
C GLY C 181 44.26 -17.84 -11.07
N TYR C 182 43.33 -18.75 -11.33
CA TYR C 182 43.17 -19.97 -10.54
C TYR C 182 42.77 -21.10 -11.47
N PHE C 183 43.19 -22.31 -11.11
CA PHE C 183 42.87 -23.52 -11.87
C PHE C 183 42.24 -24.53 -10.91
N LYS C 184 41.00 -24.92 -11.20
CA LYS C 184 40.23 -25.78 -10.31
C LYS C 184 39.90 -27.09 -11.01
N ILE C 185 40.11 -28.20 -10.29
CA ILE C 185 39.86 -29.54 -10.79
C ILE C 185 38.84 -30.21 -9.86
N TYR C 186 37.70 -30.61 -10.43
CA TYR C 186 36.71 -31.42 -9.75
C TYR C 186 36.76 -32.82 -10.35
N SER C 187 36.75 -33.84 -9.50
CA SER C 187 36.98 -35.20 -9.97
C SER C 187 35.94 -36.17 -9.41
N LYS C 188 35.76 -37.28 -10.12
CA LYS C 188 34.91 -38.36 -9.66
C LYS C 188 35.29 -39.63 -10.42
N HIS C 189 35.33 -40.75 -9.71
CA HIS C 189 35.65 -42.06 -10.28
C HIS C 189 34.57 -43.04 -9.91
N THR C 190 34.07 -43.77 -10.91
CA THR C 190 33.02 -44.77 -10.66
C THR C 190 33.35 -46.08 -11.35
N PRO C 191 32.95 -47.20 -10.76
CA PRO C 191 32.92 -48.47 -11.49
C PRO C 191 31.55 -48.70 -12.11
N ILE C 192 31.55 -49.19 -13.35
CA ILE C 192 30.30 -49.36 -14.08
C ILE C 192 30.03 -50.83 -14.34
N ILE C 193 28.88 -51.13 -14.94
CA ILE C 193 28.54 -52.49 -15.30
C ILE C 193 29.54 -53.01 -16.33
N VAL C 194 29.90 -54.30 -16.21
CA VAL C 194 30.89 -54.88 -17.11
C VAL C 194 30.40 -54.85 -18.55
N ARG C 195 29.11 -55.13 -18.77
CA ARG C 195 28.51 -55.10 -20.09
C ARG C 195 27.80 -53.76 -20.27
N GLU C 196 28.26 -52.97 -21.24
CA GLU C 196 27.72 -51.66 -21.54
C GLU C 196 27.49 -51.53 -23.03
N PRO C 197 26.59 -50.64 -23.46
CA PRO C 197 26.36 -50.46 -24.89
C PRO C 197 27.39 -49.55 -25.55
N GLU C 198 28.53 -49.35 -24.88
CA GLU C 198 29.60 -48.49 -25.37
C GLU C 198 29.11 -47.05 -25.55
N ASP C 199 28.55 -46.50 -24.47
CA ASP C 199 28.00 -45.15 -24.48
C ASP C 199 27.98 -44.62 -23.05
N LEU C 200 27.81 -43.31 -22.94
CA LEU C 200 27.71 -42.69 -21.62
C LEU C 200 26.43 -43.17 -20.93
N PRO C 201 26.52 -43.76 -19.75
CA PRO C 201 25.33 -44.35 -19.11
C PRO C 201 24.40 -43.27 -18.56
N GLN C 202 23.21 -43.72 -18.18
CA GLN C 202 22.22 -42.85 -17.56
C GLN C 202 22.57 -42.63 -16.10
N GLY C 203 21.64 -42.07 -15.34
CA GLY C 203 21.86 -41.85 -13.92
C GLY C 203 22.44 -40.48 -13.62
N PHE C 204 22.62 -40.23 -12.33
CA PHE C 204 23.07 -38.94 -11.83
C PHE C 204 24.27 -39.16 -10.92
N SER C 205 25.26 -38.28 -11.03
CA SER C 205 26.48 -38.40 -10.23
C SER C 205 27.03 -37.00 -9.96
N ALA C 206 26.98 -36.56 -8.70
CA ALA C 206 27.55 -35.28 -8.32
C ALA C 206 29.06 -35.37 -8.26
N LEU C 207 29.72 -34.25 -8.56
CA LEU C 207 31.17 -34.16 -8.63
C LEU C 207 31.67 -33.25 -7.52
N GLU C 208 32.72 -33.70 -6.82
CA GLU C 208 33.24 -32.98 -5.65
C GLU C 208 34.58 -32.35 -5.98
N PRO C 209 34.80 -31.09 -5.60
CA PRO C 209 36.09 -30.45 -5.90
C PRO C 209 37.25 -31.16 -5.24
N LEU C 210 38.36 -31.23 -5.97
CA LEU C 210 39.54 -31.96 -5.52
C LEU C 210 40.79 -31.09 -5.41
N VAL C 211 41.14 -30.34 -6.46
CA VAL C 211 42.45 -29.71 -6.53
C VAL C 211 42.32 -28.25 -6.95
N ASP C 212 43.21 -27.41 -6.43
CA ASP C 212 43.30 -26.01 -6.81
C ASP C 212 44.76 -25.61 -6.99
N LEU C 213 45.03 -24.81 -8.02
CA LEU C 213 46.37 -24.31 -8.31
C LEU C 213 46.33 -22.80 -8.54
N PRO C 214 47.24 -22.03 -7.93
CA PRO C 214 47.40 -20.59 -8.23
C PRO C 214 48.33 -20.34 -9.42
N ILE C 215 47.79 -20.48 -10.62
CA ILE C 215 48.58 -20.41 -11.84
C ILE C 215 48.71 -18.95 -12.30
N GLY C 216 47.58 -18.33 -12.60
CA GLY C 216 47.58 -16.93 -13.04
C GLY C 216 48.21 -16.69 -14.39
N ILE C 217 47.92 -17.53 -15.38
CA ILE C 217 48.39 -17.33 -16.75
C ILE C 217 47.20 -17.51 -17.69
N ASN C 218 47.34 -16.96 -18.90
CA ASN C 218 46.30 -17.02 -19.90
C ASN C 218 46.33 -18.36 -20.63
N ILE C 219 45.18 -19.03 -20.70
CA ILE C 219 45.05 -20.34 -21.32
C ILE C 219 43.97 -20.27 -22.39
N THR C 220 44.32 -20.67 -23.61
CA THR C 220 43.36 -20.74 -24.71
C THR C 220 43.34 -22.10 -25.41
N ARG C 221 44.24 -23.02 -25.07
CA ARG C 221 44.34 -24.29 -25.77
C ARG C 221 44.93 -25.32 -24.83
N PHE C 222 44.46 -26.57 -24.96
CA PHE C 222 44.92 -27.65 -24.10
C PHE C 222 45.12 -28.92 -24.91
N GLN C 223 45.93 -29.82 -24.37
CA GLN C 223 46.24 -31.07 -25.04
C GLN C 223 46.43 -32.17 -24.00
N THR C 224 46.21 -33.41 -24.42
CA THR C 224 46.30 -34.58 -23.55
C THR C 224 47.56 -35.36 -23.86
N LEU C 225 48.32 -35.71 -22.82
CA LEU C 225 49.53 -36.52 -22.99
C LEU C 225 49.15 -38.00 -23.03
N LEU C 226 49.50 -38.65 -24.13
CA LEU C 226 49.52 -40.11 -24.22
C LEU C 226 50.93 -40.55 -24.56
N ALA C 227 51.47 -41.47 -23.77
CA ALA C 227 52.82 -41.96 -24.00
C ALA C 227 52.89 -42.72 -25.32
N LEU C 228 54.05 -42.65 -25.98
CA LEU C 228 54.26 -43.42 -27.20
C LEU C 228 54.39 -44.89 -26.84
N HIS C 229 53.27 -45.63 -26.88
CA HIS C 229 53.22 -47.00 -26.39
C HIS C 229 53.98 -47.88 -27.38
N ARG C 230 55.31 -47.81 -27.32
CA ARG C 230 56.19 -48.56 -28.20
C ARG C 230 56.42 -49.94 -27.59
N SER C 231 55.52 -50.87 -27.89
CA SER C 231 55.66 -52.25 -27.45
C SER C 231 56.63 -52.97 -28.39
N TYR C 232 56.72 -54.30 -28.25
CA TYR C 232 57.58 -55.10 -29.12
C TYR C 232 57.07 -55.15 -30.56
N LEU C 233 55.82 -54.75 -30.80
CA LEU C 233 55.24 -54.73 -32.14
C LEU C 233 55.20 -53.33 -32.73
N THR C 234 56.20 -52.50 -32.42
CA THR C 234 56.24 -51.11 -32.86
C THR C 234 57.59 -50.82 -33.50
N PRO C 235 57.82 -51.29 -34.72
CA PRO C 235 59.07 -50.98 -35.43
C PRO C 235 59.01 -49.60 -36.07
N GLY C 236 59.77 -48.66 -35.53
CA GLY C 236 59.78 -47.32 -36.09
C GLY C 236 60.42 -46.33 -35.10
N ASP C 237 60.08 -45.07 -35.30
CA ASP C 237 60.61 -43.96 -34.52
C ASP C 237 59.45 -43.27 -33.79
N SER C 238 59.75 -42.12 -33.18
CA SER C 238 58.76 -41.35 -32.45
C SER C 238 57.71 -40.70 -33.36
N SER C 239 57.78 -40.93 -34.66
CA SER C 239 56.82 -40.32 -35.59
C SER C 239 55.61 -41.21 -35.82
N SER C 240 55.83 -42.49 -36.09
CA SER C 240 54.73 -43.40 -36.42
C SER C 240 54.80 -44.75 -35.74
N GLY C 241 55.86 -45.04 -34.96
CA GLY C 241 55.96 -46.33 -34.31
C GLY C 241 55.32 -46.37 -32.94
N TRP C 242 54.08 -46.85 -32.86
CA TRP C 242 53.34 -46.94 -31.61
C TRP C 242 52.07 -47.74 -31.86
N THR C 243 51.45 -48.17 -30.76
CA THR C 243 50.17 -48.88 -30.77
C THR C 243 49.25 -48.24 -29.75
N ALA C 244 47.96 -48.14 -30.09
CA ALA C 244 47.03 -47.39 -29.25
C ALA C 244 46.59 -48.20 -28.03
N GLY C 245 45.92 -49.33 -28.26
CA GLY C 245 45.40 -50.12 -27.16
C GLY C 245 43.89 -50.26 -27.20
N ALA C 246 43.21 -49.81 -26.14
CA ALA C 246 41.75 -49.83 -26.10
C ALA C 246 41.28 -48.88 -25.00
N ALA C 247 40.58 -47.82 -25.38
CA ALA C 247 40.01 -46.87 -24.43
C ALA C 247 39.13 -45.89 -25.19
N ALA C 248 38.36 -45.08 -24.45
CA ALA C 248 37.58 -44.03 -25.07
C ALA C 248 37.52 -42.83 -24.13
N TYR C 249 37.40 -41.64 -24.71
CA TYR C 249 37.24 -40.45 -23.88
C TYR C 249 36.39 -39.42 -24.60
N TYR C 250 35.63 -38.67 -23.81
CA TYR C 250 34.64 -37.72 -24.30
C TYR C 250 34.94 -36.34 -23.74
N VAL C 251 34.75 -35.33 -24.59
CA VAL C 251 35.07 -33.94 -24.26
C VAL C 251 33.82 -33.09 -24.47
N GLY C 252 33.49 -32.27 -23.48
CA GLY C 252 32.42 -31.31 -23.61
C GLY C 252 32.84 -29.96 -23.06
N TYR C 253 32.12 -28.93 -23.48
CA TYR C 253 32.46 -27.56 -23.12
C TYR C 253 31.36 -26.96 -22.25
N LEU C 254 31.77 -26.22 -21.22
CA LEU C 254 30.84 -25.61 -20.29
C LEU C 254 30.36 -24.26 -20.81
N GLN C 255 29.20 -23.84 -20.31
CA GLN C 255 28.60 -22.57 -20.66
C GLN C 255 27.97 -21.97 -19.41
N PRO C 256 27.82 -20.64 -19.36
CA PRO C 256 27.17 -20.03 -18.19
C PRO C 256 25.68 -20.26 -18.16
N ARG C 257 25.21 -21.07 -17.21
CA ARG C 257 23.81 -21.42 -17.09
C ARG C 257 23.35 -21.20 -15.65
N THR C 258 22.07 -21.48 -15.41
CA THR C 258 21.47 -21.43 -14.09
C THR C 258 20.73 -22.74 -13.84
N PHE C 259 20.96 -23.34 -12.68
CA PHE C 259 20.43 -24.66 -12.35
C PHE C 259 19.64 -24.59 -11.06
N LEU C 260 18.72 -25.54 -10.91
CA LEU C 260 18.00 -25.76 -9.67
C LEU C 260 18.41 -27.12 -9.11
N LEU C 261 19.15 -27.13 -8.02
CA LEU C 261 19.71 -28.33 -7.44
C LEU C 261 18.96 -28.72 -6.18
N LYS C 262 18.71 -30.03 -6.02
CA LYS C 262 18.01 -30.57 -4.87
C LYS C 262 19.02 -31.08 -3.86
N TYR C 263 18.83 -30.70 -2.60
CA TYR C 263 19.68 -31.12 -1.49
C TYR C 263 18.82 -31.96 -0.55
N ASN C 264 19.22 -33.21 -0.34
CA ASN C 264 18.46 -34.12 0.52
C ASN C 264 18.85 -33.88 1.98
N GLU C 265 18.37 -34.75 2.87
CA GLU C 265 18.69 -34.59 4.28
C GLU C 265 20.15 -34.89 4.58
N ASN C 266 20.79 -35.73 3.77
CA ASN C 266 22.22 -36.00 3.94
C ASN C 266 23.10 -34.89 3.39
N GLY C 267 22.53 -33.94 2.65
CA GLY C 267 23.32 -32.89 2.03
C GLY C 267 24.04 -33.31 0.77
N THR C 268 23.53 -34.32 0.08
CA THR C 268 24.14 -34.82 -1.16
C THR C 268 23.25 -34.46 -2.34
N ILE C 269 23.89 -34.04 -3.44
CA ILE C 269 23.14 -33.67 -4.64
C ILE C 269 22.46 -34.92 -5.19
N THR C 270 21.14 -34.86 -5.30
CA THR C 270 20.33 -35.97 -5.78
C THR C 270 19.72 -35.73 -7.15
N ASP C 271 19.31 -34.50 -7.45
CA ASP C 271 18.73 -34.18 -8.74
C ASP C 271 19.01 -32.73 -9.08
N ALA C 272 18.95 -32.42 -10.37
CA ALA C 272 19.17 -31.06 -10.85
C ALA C 272 18.27 -30.81 -12.06
N VAL C 273 17.85 -29.57 -12.21
CA VAL C 273 16.96 -29.15 -13.28
C VAL C 273 17.56 -27.96 -13.99
N ASP C 274 17.66 -28.04 -15.32
CA ASP C 274 18.11 -26.92 -16.12
C ASP C 274 16.98 -25.91 -16.28
N CYS C 275 17.34 -24.62 -16.24
CA CYS C 275 16.36 -23.55 -16.21
C CYS C 275 16.08 -22.95 -17.57
N ALA C 276 16.75 -23.42 -18.64
CA ALA C 276 16.56 -22.84 -19.95
C ALA C 276 16.54 -23.88 -21.06
N LEU C 277 16.06 -25.09 -20.78
CA LEU C 277 16.08 -26.17 -21.77
C LEU C 277 14.78 -26.23 -22.57
N ASP C 278 13.66 -26.47 -21.89
CA ASP C 278 12.35 -26.56 -22.52
C ASP C 278 11.35 -25.83 -21.63
N PRO C 279 10.19 -25.46 -22.18
CA PRO C 279 9.23 -24.67 -21.38
C PRO C 279 8.83 -25.32 -20.07
N LEU C 280 8.71 -26.64 -20.03
CA LEU C 280 8.35 -27.31 -18.78
C LEU C 280 9.43 -27.09 -17.72
N SER C 281 10.70 -27.19 -18.10
CA SER C 281 11.78 -26.92 -17.16
C SER C 281 11.75 -25.48 -16.67
N GLU C 282 11.45 -24.54 -17.57
CA GLU C 282 11.35 -23.14 -17.15
C GLU C 282 10.21 -22.93 -16.17
N THR C 283 9.08 -23.59 -16.41
CA THR C 283 7.96 -23.49 -15.47
C THR C 283 8.32 -24.08 -14.11
N LYS C 284 9.01 -25.22 -14.10
CA LYS C 284 9.47 -25.79 -12.84
C LYS C 284 10.48 -24.88 -12.16
N CYS C 285 11.25 -24.14 -12.95
CA CYS C 285 12.29 -23.26 -12.39
C CYS C 285 11.67 -22.03 -11.73
N THR C 286 10.68 -21.41 -12.39
CA THR C 286 10.10 -20.19 -11.84
C THR C 286 9.33 -20.47 -10.55
N LEU C 287 8.65 -21.61 -10.48
CA LEU C 287 7.89 -21.97 -9.28
C LEU C 287 8.79 -22.34 -8.11
N LYS C 288 10.08 -22.55 -8.34
CA LYS C 288 11.00 -23.04 -7.30
C LYS C 288 10.51 -24.35 -6.70
N SER C 289 9.88 -25.18 -7.52
CA SER C 289 9.38 -26.48 -7.09
C SER C 289 9.72 -27.52 -8.13
N PHE C 290 9.84 -28.78 -7.69
CA PHE C 290 10.21 -29.87 -8.56
C PHE C 290 9.02 -30.51 -9.26
N THR C 291 7.80 -30.18 -8.85
CA THR C 291 6.60 -30.68 -9.50
C THR C 291 5.63 -29.52 -9.70
N VAL C 292 4.83 -29.61 -10.76
CA VAL C 292 3.88 -28.56 -11.11
C VAL C 292 2.48 -29.16 -11.21
N GLU C 293 1.51 -28.40 -10.72
CA GLU C 293 0.11 -28.80 -10.74
C GLU C 293 -0.57 -28.27 -12.00
N LYS C 294 -1.74 -28.83 -12.30
CA LYS C 294 -2.47 -28.46 -13.51
C LYS C 294 -2.85 -26.98 -13.48
N GLY C 295 -2.67 -26.31 -14.60
CA GLY C 295 -3.01 -24.91 -14.71
C GLY C 295 -2.21 -24.25 -15.81
N ILE C 296 -2.30 -22.92 -15.84
CA ILE C 296 -1.59 -22.10 -16.80
C ILE C 296 -0.74 -21.09 -16.04
N TYR C 297 0.54 -21.01 -16.37
CA TYR C 297 1.49 -20.17 -15.64
C TYR C 297 2.19 -19.22 -16.60
N GLN C 298 2.68 -18.12 -16.05
CA GLN C 298 3.50 -17.16 -16.79
C GLN C 298 4.95 -17.40 -16.46
N THR C 299 5.79 -17.48 -17.49
CA THR C 299 7.20 -17.81 -17.33
C THR C 299 8.12 -16.64 -17.67
N SER C 300 8.01 -16.08 -18.87
CA SER C 300 8.92 -15.02 -19.29
C SER C 300 8.23 -14.22 -20.40
N ASN C 301 8.98 -13.30 -21.01
CA ASN C 301 8.53 -12.53 -22.15
C ASN C 301 9.48 -12.76 -23.32
N PHE C 302 9.02 -12.38 -24.51
CA PHE C 302 9.79 -12.52 -25.73
C PHE C 302 9.85 -11.19 -26.47
N ARG C 303 10.90 -11.03 -27.28
CA ARG C 303 11.11 -9.78 -28.00
C ARG C 303 11.90 -10.10 -29.27
N VAL C 304 11.34 -9.74 -30.42
CA VAL C 304 11.99 -10.00 -31.70
C VAL C 304 13.00 -8.88 -31.95
N GLN C 305 14.28 -9.24 -32.01
CA GLN C 305 15.31 -8.24 -32.25
C GLN C 305 15.27 -7.78 -33.71
N PRO C 306 15.72 -6.56 -33.97
CA PRO C 306 15.70 -6.04 -35.35
C PRO C 306 16.61 -6.84 -36.26
N THR C 307 16.23 -6.90 -37.54
CA THR C 307 16.98 -7.68 -38.52
C THR C 307 18.28 -7.00 -38.91
N GLU C 308 18.18 -5.81 -39.50
CA GLU C 308 19.35 -5.06 -39.98
C GLU C 308 19.31 -3.66 -39.39
N SER C 309 20.32 -2.86 -39.76
CA SER C 309 20.42 -1.46 -39.35
C SER C 309 20.61 -0.60 -40.58
N ILE C 310 19.84 0.49 -40.67
CA ILE C 310 19.90 1.39 -41.82
C ILE C 310 20.11 2.81 -41.32
N VAL C 311 20.68 3.63 -42.20
CA VAL C 311 20.88 5.06 -41.95
C VAL C 311 20.34 5.80 -43.16
N ARG C 312 19.29 6.60 -42.96
CA ARG C 312 18.67 7.36 -44.02
C ARG C 312 19.03 8.84 -43.85
N PHE C 313 19.87 9.34 -44.75
CA PHE C 313 20.29 10.73 -44.72
C PHE C 313 19.84 11.45 -45.98
N PRO C 314 19.49 12.73 -45.88
CA PRO C 314 19.02 13.53 -47.04
C PRO C 314 20.04 13.59 -48.17
N LYS C 530 28.26 10.45 -45.85
CA LYS C 530 26.95 10.34 -45.22
C LYS C 530 26.66 8.89 -44.83
N LYS C 531 27.39 7.96 -45.43
CA LYS C 531 27.28 6.52 -45.20
C LYS C 531 25.81 6.09 -45.07
N SER C 532 25.03 6.47 -46.08
CA SER C 532 23.60 6.21 -46.09
C SER C 532 23.31 4.76 -46.46
N THR C 533 22.05 4.37 -46.29
CA THR C 533 21.58 3.04 -46.65
C THR C 533 20.16 3.17 -47.19
N ASN C 534 19.76 2.18 -47.99
CA ASN C 534 18.45 2.21 -48.62
C ASN C 534 17.34 2.09 -47.58
N LEU C 535 16.19 2.66 -47.89
CA LEU C 535 15.05 2.62 -47.00
C LEU C 535 14.34 1.27 -47.09
N VAL C 536 13.97 0.73 -45.94
CA VAL C 536 13.31 -0.57 -45.84
C VAL C 536 12.07 -0.41 -44.96
N LYS C 537 10.95 -0.96 -45.41
CA LYS C 537 9.68 -0.86 -44.70
C LYS C 537 9.17 -2.24 -44.33
N ASN C 538 8.19 -2.26 -43.43
CA ASN C 538 7.52 -3.48 -42.96
C ASN C 538 8.47 -4.44 -42.27
N LYS C 539 9.64 -3.98 -41.87
CA LYS C 539 10.59 -4.78 -41.09
C LYS C 539 11.19 -3.87 -40.03
N CYS C 540 11.12 -4.29 -38.77
CA CYS C 540 11.57 -3.44 -37.67
C CYS C 540 13.09 -3.48 -37.60
N VAL C 541 13.71 -2.30 -37.79
CA VAL C 541 15.15 -2.16 -37.88
C VAL C 541 15.58 -0.98 -37.01
N ASN C 542 16.89 -0.75 -36.98
CA ASN C 542 17.47 0.41 -36.31
C ASN C 542 17.59 1.54 -37.32
N PHE C 543 16.91 2.66 -37.04
CA PHE C 543 16.91 3.81 -37.93
C PHE C 543 17.60 5.00 -37.27
N ASN C 544 18.33 5.76 -38.08
CA ASN C 544 19.00 6.98 -37.64
C ASN C 544 18.74 8.08 -38.66
N PHE C 545 18.22 9.21 -38.19
CA PHE C 545 17.90 10.35 -39.03
C PHE C 545 18.61 11.58 -38.49
N ASN C 546 19.70 11.98 -39.17
CA ASN C 546 20.45 13.21 -38.88
C ASN C 546 20.74 13.40 -37.39
N GLY C 547 20.90 12.30 -36.66
CA GLY C 547 21.24 12.36 -35.25
C GLY C 547 20.19 11.82 -34.31
N LEU C 548 19.00 11.43 -34.79
CA LEU C 548 17.96 10.84 -33.95
C LEU C 548 17.93 9.35 -34.21
N LYS C 549 18.10 8.55 -33.15
CA LYS C 549 18.21 7.11 -33.25
C LYS C 549 16.98 6.44 -32.66
N GLY C 550 16.54 5.35 -33.29
CA GLY C 550 15.41 4.59 -32.78
C GLY C 550 15.39 3.20 -33.35
N THR C 551 14.50 2.38 -32.81
CA THR C 551 14.33 0.99 -33.23
C THR C 551 12.85 0.71 -33.43
N GLY C 552 12.51 0.14 -34.58
CA GLY C 552 11.14 -0.21 -34.85
C GLY C 552 10.90 -0.37 -36.33
N VAL C 553 9.63 -0.68 -36.65
CA VAL C 553 9.19 -0.86 -38.03
C VAL C 553 8.63 0.46 -38.54
N LEU C 554 9.04 0.83 -39.75
CA LEU C 554 8.62 2.07 -40.40
C LEU C 554 7.60 1.74 -41.48
N THR C 555 6.49 2.46 -41.49
CA THR C 555 5.42 2.21 -42.43
C THR C 555 4.95 3.52 -43.04
N GLU C 556 4.37 3.43 -44.24
CA GLU C 556 3.79 4.62 -44.87
C GLU C 556 2.58 5.09 -44.06
N SER C 557 2.54 6.37 -43.76
CA SER C 557 1.52 6.96 -42.90
C SER C 557 0.52 7.75 -43.71
N ASN C 558 -0.56 8.16 -43.05
CA ASN C 558 -1.63 8.92 -43.70
C ASN C 558 -1.81 10.27 -43.02
N LYS C 559 -0.71 10.97 -42.75
CA LYS C 559 -0.79 12.26 -42.11
C LYS C 559 -1.40 13.29 -43.06
N LYS C 560 -1.85 14.41 -42.48
CA LYS C 560 -2.61 15.39 -43.22
C LYS C 560 -1.71 16.17 -44.18
N PHE C 561 -2.31 17.13 -44.88
CA PHE C 561 -1.68 17.79 -46.01
C PHE C 561 -0.76 18.94 -45.64
N LEU C 562 -0.70 19.31 -44.37
CA LEU C 562 0.02 20.53 -43.99
C LEU C 562 1.51 20.26 -43.84
N PRO C 563 2.37 20.98 -44.58
CA PRO C 563 3.81 20.73 -44.52
C PRO C 563 4.51 21.47 -43.38
N PHE C 564 5.84 21.49 -43.41
CA PHE C 564 6.76 22.29 -42.61
C PHE C 564 7.02 21.64 -41.24
N GLN C 565 6.34 20.56 -40.87
CA GLN C 565 6.58 19.91 -39.59
C GLN C 565 6.92 18.45 -39.82
N GLN C 566 7.98 17.98 -39.16
CA GLN C 566 8.54 16.64 -39.40
C GLN C 566 8.16 15.62 -38.33
N PHE C 567 8.51 15.88 -37.07
CA PHE C 567 8.45 14.88 -36.02
C PHE C 567 7.08 14.91 -35.35
N GLY C 568 6.31 13.83 -35.53
CA GLY C 568 5.07 13.67 -34.80
C GLY C 568 5.28 12.96 -33.47
N ARG C 569 4.43 13.29 -32.50
CA ARG C 569 4.52 12.72 -31.16
C ARG C 569 3.14 12.30 -30.67
N ASP C 570 3.15 11.34 -29.76
CA ASP C 570 1.94 10.83 -29.12
C ASP C 570 1.74 11.52 -27.77
N ILE C 571 0.78 11.01 -26.99
CA ILE C 571 0.52 11.58 -25.66
C ILE C 571 1.71 11.35 -24.75
N ALA C 572 2.39 10.21 -24.88
CA ALA C 572 3.52 9.85 -24.04
C ALA C 572 4.81 10.57 -24.43
N ASP C 573 4.73 11.57 -25.32
CA ASP C 573 5.90 12.34 -25.76
C ASP C 573 6.99 11.43 -26.34
N THR C 574 6.58 10.44 -27.12
CA THR C 574 7.50 9.55 -27.79
C THR C 574 7.32 9.66 -29.30
N THR C 575 8.41 9.48 -30.04
CA THR C 575 8.37 9.62 -31.48
C THR C 575 7.51 8.52 -32.10
N ASP C 576 6.57 8.92 -32.97
CA ASP C 576 5.71 7.98 -33.66
C ASP C 576 5.55 8.28 -35.14
N ALA C 577 6.15 9.37 -35.64
CA ALA C 577 6.11 9.69 -37.06
C ALA C 577 7.32 10.55 -37.39
N VAL C 578 8.04 10.19 -38.45
CA VAL C 578 9.22 10.93 -38.88
C VAL C 578 9.10 11.23 -40.36
N ARG C 579 9.70 12.35 -40.76
CA ARG C 579 9.66 12.79 -42.15
C ARG C 579 10.82 12.18 -42.92
N ASP C 580 10.49 11.47 -43.99
CA ASP C 580 11.51 10.98 -44.92
C ASP C 580 11.91 12.16 -45.79
N PRO C 581 13.18 12.59 -45.73
CA PRO C 581 13.60 13.79 -46.49
C PRO C 581 14.02 13.49 -47.91
N GLN C 582 14.34 12.21 -48.19
CA GLN C 582 14.74 11.84 -49.55
C GLN C 582 13.58 12.02 -50.52
N THR C 583 12.40 11.52 -50.15
CA THR C 583 11.20 11.67 -50.97
C THR C 583 10.19 12.62 -50.37
N LEU C 584 10.49 13.22 -49.21
CA LEU C 584 9.62 14.19 -48.55
C LEU C 584 8.25 13.59 -48.25
N GLU C 585 8.24 12.57 -47.39
CA GLU C 585 6.99 11.93 -47.00
C GLU C 585 7.01 11.73 -45.48
N ILE C 586 6.03 10.98 -44.98
CA ILE C 586 5.90 10.74 -43.55
C ILE C 586 5.78 9.24 -43.33
N LEU C 587 6.58 8.70 -42.40
CA LEU C 587 6.55 7.29 -42.04
C LEU C 587 6.32 7.16 -40.54
N ASP C 588 5.37 6.33 -40.15
CA ASP C 588 5.11 6.10 -38.74
C ASP C 588 5.94 4.91 -38.25
N ILE C 589 6.31 4.98 -36.96
CA ILE C 589 7.20 4.01 -36.34
C ILE C 589 6.42 3.24 -35.30
N THR C 590 6.60 1.92 -35.29
CA THR C 590 5.92 1.08 -34.30
C THR C 590 6.89 0.03 -33.76
N PRO C 591 6.79 -0.31 -32.48
CA PRO C 591 7.49 -1.51 -32.00
C PRO C 591 6.96 -2.75 -32.70
N CYS C 592 7.86 -3.70 -32.99
CA CYS C 592 7.49 -4.83 -33.84
C CYS C 592 6.94 -6.01 -33.05
N SER C 593 7.49 -6.31 -31.87
CA SER C 593 7.08 -7.47 -31.10
C SER C 593 6.84 -7.10 -29.66
N PHE C 594 5.95 -7.83 -29.01
CA PHE C 594 5.63 -7.59 -27.61
C PHE C 594 4.88 -8.80 -27.06
N GLY C 595 4.61 -8.75 -25.76
CA GLY C 595 3.80 -9.75 -25.10
C GLY C 595 4.61 -10.74 -24.29
N GLY C 596 3.92 -11.40 -23.36
CA GLY C 596 4.52 -12.44 -22.54
C GLY C 596 4.24 -13.83 -23.09
N VAL C 597 4.74 -14.82 -22.36
CA VAL C 597 4.60 -16.23 -22.74
C VAL C 597 3.96 -16.97 -21.58
N SER C 598 3.01 -17.85 -21.89
CA SER C 598 2.34 -18.67 -20.90
C SER C 598 2.49 -20.14 -21.26
N VAL C 599 2.63 -20.99 -20.25
CA VAL C 599 2.81 -22.43 -20.44
C VAL C 599 1.61 -23.14 -19.85
N ILE C 600 0.98 -23.99 -20.66
CA ILE C 600 -0.20 -24.74 -20.26
C ILE C 600 0.20 -26.19 -20.11
N THR C 601 0.01 -26.74 -18.92
CA THR C 601 0.41 -28.10 -18.60
C THR C 601 -0.71 -28.80 -17.86
N PRO C 602 -0.85 -30.12 -18.04
CA PRO C 602 -1.84 -30.89 -17.27
C PRO C 602 -1.31 -31.50 -15.98
N GLY C 603 -0.11 -31.15 -15.55
CA GLY C 603 0.45 -31.70 -14.33
C GLY C 603 1.48 -32.77 -14.59
N THR C 604 2.66 -32.65 -13.97
CA THR C 604 3.71 -33.64 -14.17
C THR C 604 3.32 -35.01 -13.62
N ASN C 605 2.33 -35.08 -12.73
CA ASN C 605 1.86 -36.35 -12.23
C ASN C 605 1.14 -37.18 -13.29
N THR C 606 0.79 -36.58 -14.42
CA THR C 606 0.11 -37.29 -15.50
C THR C 606 0.94 -37.38 -16.77
N SER C 607 1.45 -36.25 -17.26
CA SER C 607 2.24 -36.25 -18.49
C SER C 607 3.16 -35.05 -18.49
N ASN C 608 4.19 -35.13 -19.33
CA ASN C 608 5.18 -34.06 -19.50
C ASN C 608 5.03 -33.38 -20.87
N GLN C 609 3.79 -33.22 -21.32
CA GLN C 609 3.48 -32.55 -22.57
C GLN C 609 2.84 -31.20 -22.27
N VAL C 610 3.37 -30.14 -22.87
CA VAL C 610 2.93 -28.79 -22.58
C VAL C 610 2.62 -28.05 -23.86
N ALA C 611 1.84 -26.98 -23.73
CA ALA C 611 1.54 -26.08 -24.83
C ALA C 611 1.97 -24.67 -24.46
N VAL C 612 2.14 -23.82 -25.48
CA VAL C 612 2.68 -22.48 -25.27
C VAL C 612 1.69 -21.47 -25.84
N LEU C 613 1.60 -20.31 -25.20
CA LEU C 613 0.71 -19.25 -25.64
C LEU C 613 1.46 -17.93 -25.64
N TYR C 614 1.47 -17.26 -26.80
CA TYR C 614 2.01 -15.91 -26.92
C TYR C 614 0.86 -14.92 -26.95
N GLN C 615 0.90 -13.92 -26.07
CA GLN C 615 -0.29 -13.12 -25.80
C GLN C 615 -0.62 -12.14 -26.92
N GLY C 616 0.24 -11.15 -27.16
CA GLY C 616 -0.04 -10.25 -28.26
C GLY C 616 0.78 -10.56 -29.50
N VAL C 617 0.21 -11.32 -30.43
CA VAL C 617 0.92 -11.80 -31.61
C VAL C 617 -0.08 -12.19 -32.70
N ASN C 618 0.17 -11.75 -33.93
CA ASN C 618 -0.42 -12.35 -35.11
C ASN C 618 0.36 -13.63 -35.39
N CYS C 619 -0.24 -14.77 -35.05
CA CYS C 619 0.49 -16.04 -35.10
C CYS C 619 0.92 -16.41 -36.51
N THR C 620 0.32 -15.79 -37.53
CA THR C 620 0.70 -16.06 -38.91
C THR C 620 1.89 -15.22 -39.37
N GLU C 621 2.37 -14.27 -38.58
CA GLU C 621 3.43 -13.38 -39.03
C GLU C 621 4.69 -13.41 -38.19
N VAL C 622 4.59 -13.54 -36.86
CA VAL C 622 5.78 -13.52 -36.02
C VAL C 622 5.76 -14.66 -35.00
N PRO C 623 5.93 -15.91 -35.43
CA PRO C 623 6.05 -17.00 -34.45
C PRO C 623 7.48 -17.16 -33.96
N VAL C 624 8.12 -16.05 -33.61
CA VAL C 624 9.52 -16.06 -33.16
C VAL C 624 9.63 -15.45 -31.77
N TRP C 635 17.64 -12.95 -25.62
CA TRP C 635 16.89 -13.97 -26.34
C TRP C 635 16.86 -15.31 -25.62
N ARG C 636 15.70 -15.95 -25.65
CA ARG C 636 15.54 -17.34 -25.24
C ARG C 636 15.16 -18.15 -26.48
N VAL C 637 15.79 -19.30 -26.65
CA VAL C 637 15.71 -20.06 -27.90
C VAL C 637 15.27 -21.48 -27.56
N TYR C 638 13.96 -21.72 -27.61
CA TYR C 638 13.41 -23.08 -27.66
C TYR C 638 12.21 -23.13 -28.61
N SER C 639 12.22 -22.29 -29.64
CA SER C 639 11.03 -22.09 -30.46
C SER C 639 10.74 -23.31 -31.34
N THR C 640 9.45 -23.52 -31.58
CA THR C 640 8.96 -24.55 -32.48
C THR C 640 7.87 -23.96 -33.37
N GLY C 641 7.51 -24.69 -34.43
CA GLY C 641 6.58 -24.18 -35.40
C GLY C 641 5.51 -25.16 -35.86
N SER C 642 5.07 -26.04 -34.97
CA SER C 642 4.09 -27.06 -35.31
C SER C 642 2.82 -26.87 -34.48
N ASN C 643 1.67 -27.17 -35.10
CA ASN C 643 0.36 -27.08 -34.45
C ASN C 643 0.08 -25.68 -33.92
N VAL C 644 0.00 -24.73 -34.85
CA VAL C 644 -0.30 -23.34 -34.50
C VAL C 644 -1.80 -23.12 -34.59
N PHE C 645 -2.30 -22.21 -33.75
CA PHE C 645 -3.70 -21.84 -33.75
C PHE C 645 -3.82 -20.38 -33.34
N GLN C 646 -4.79 -19.69 -33.92
CA GLN C 646 -5.02 -18.28 -33.66
C GLN C 646 -6.22 -18.12 -32.74
N THR C 647 -6.12 -17.17 -31.81
CA THR C 647 -7.19 -16.88 -30.86
C THR C 647 -7.15 -15.40 -30.55
N ARG C 648 -8.29 -14.88 -30.08
CA ARG C 648 -8.33 -13.48 -29.68
C ARG C 648 -7.38 -13.19 -28.52
N ALA C 649 -6.97 -14.22 -27.78
CA ALA C 649 -5.99 -14.06 -26.71
C ALA C 649 -4.55 -14.19 -27.19
N GLY C 650 -4.32 -14.66 -28.41
CA GLY C 650 -2.98 -14.74 -28.96
C GLY C 650 -2.79 -16.01 -29.76
N CYS C 651 -1.54 -16.43 -29.88
CA CYS C 651 -1.18 -17.59 -30.67
C CYS C 651 -0.89 -18.78 -29.75
N LEU C 652 -1.56 -19.90 -30.02
CA LEU C 652 -1.43 -21.10 -29.21
C LEU C 652 -0.71 -22.18 -30.01
N ILE C 653 0.36 -22.72 -29.44
CA ILE C 653 1.22 -23.69 -30.12
C ILE C 653 1.23 -24.96 -29.30
N GLY C 654 0.98 -26.09 -29.97
CA GLY C 654 1.00 -27.38 -29.32
C GLY C 654 -0.35 -27.95 -28.94
N ALA C 655 -1.45 -27.31 -29.34
CA ALA C 655 -2.79 -27.79 -29.01
C ALA C 655 -3.60 -27.95 -30.28
N GLU C 656 -4.52 -28.91 -30.25
CA GLU C 656 -5.38 -29.23 -31.39
C GLU C 656 -6.80 -28.78 -31.08
N TYR C 657 -7.44 -28.13 -32.06
CA TYR C 657 -8.78 -27.61 -31.89
C TYR C 657 -9.82 -28.65 -32.30
N VAL C 658 -10.86 -28.80 -31.48
CA VAL C 658 -11.95 -29.72 -31.74
C VAL C 658 -13.26 -28.93 -31.77
N ASN C 659 -14.23 -29.47 -32.49
CA ASN C 659 -15.50 -28.79 -32.72
C ASN C 659 -16.53 -29.10 -31.64
N ASN C 660 -16.17 -29.87 -30.62
CA ASN C 660 -17.11 -30.23 -29.56
C ASN C 660 -17.23 -29.07 -28.57
N SER C 661 -17.86 -29.32 -27.43
CA SER C 661 -18.04 -28.29 -26.41
C SER C 661 -18.23 -28.98 -25.07
N TYR C 662 -17.30 -28.78 -24.15
CA TYR C 662 -17.35 -29.35 -22.82
C TYR C 662 -17.27 -28.23 -21.78
N GLU C 663 -17.42 -28.61 -20.51
CA GLU C 663 -16.99 -27.72 -19.44
C GLU C 663 -15.47 -27.64 -19.46
N CYS C 664 -14.94 -26.44 -19.27
CA CYS C 664 -13.53 -26.19 -19.55
C CYS C 664 -12.71 -26.20 -18.28
N ASP C 665 -11.51 -26.78 -18.37
CA ASP C 665 -10.64 -27.04 -17.23
C ASP C 665 -9.57 -25.97 -17.04
N ILE C 666 -8.74 -25.73 -18.04
CA ILE C 666 -7.69 -24.72 -17.95
C ILE C 666 -8.11 -23.53 -18.79
N PRO C 667 -8.51 -22.41 -18.17
CA PRO C 667 -9.02 -21.28 -18.95
C PRO C 667 -7.90 -20.56 -19.67
N ILE C 668 -8.10 -20.34 -20.98
CA ILE C 668 -7.17 -19.57 -21.79
C ILE C 668 -7.65 -18.14 -21.96
N GLY C 669 -8.88 -17.95 -22.40
CA GLY C 669 -9.46 -16.62 -22.50
C GLY C 669 -10.33 -16.46 -23.73
N ALA C 670 -11.11 -15.38 -23.74
CA ALA C 670 -12.00 -15.03 -24.84
C ALA C 670 -12.97 -16.17 -25.18
N GLY C 671 -13.39 -16.93 -24.17
CA GLY C 671 -14.29 -18.03 -24.38
C GLY C 671 -13.64 -19.32 -24.82
N ILE C 672 -12.31 -19.38 -24.89
CA ILE C 672 -11.58 -20.56 -25.31
C ILE C 672 -10.87 -21.14 -24.10
N CYS C 673 -11.03 -22.44 -23.88
CA CYS C 673 -10.33 -23.16 -22.83
C CYS C 673 -9.61 -24.36 -23.44
N ALA C 674 -8.88 -25.09 -22.60
CA ALA C 674 -8.11 -26.24 -23.05
C ALA C 674 -8.14 -27.34 -21.99
N SER C 675 -7.88 -28.56 -22.42
CA SER C 675 -7.82 -29.71 -21.54
C SER C 675 -6.88 -30.74 -22.16
N TYR C 676 -6.64 -31.83 -21.42
CA TYR C 676 -5.78 -32.90 -21.88
C TYR C 676 -6.56 -34.20 -21.89
N GLN C 677 -6.65 -34.84 -23.05
CA GLN C 677 -7.38 -36.10 -23.15
C GLN C 677 -7.01 -36.80 -24.46
N THR C 678 -7.53 -38.02 -24.61
CA THR C 678 -7.23 -38.85 -25.76
C THR C 678 -8.03 -38.41 -26.99
N SER C 691 -1.76 -41.05 -28.75
CA SER C 691 -2.75 -41.63 -27.84
C SER C 691 -3.57 -40.53 -27.16
N GLN C 692 -2.87 -39.61 -26.50
CA GLN C 692 -3.50 -38.50 -25.81
C GLN C 692 -2.77 -37.21 -26.15
N SER C 693 -3.47 -36.08 -26.04
CA SER C 693 -2.87 -34.80 -26.36
C SER C 693 -3.68 -33.68 -25.70
N ILE C 694 -3.18 -32.47 -25.82
CA ILE C 694 -3.85 -31.28 -25.33
C ILE C 694 -4.75 -30.73 -26.43
N ILE C 695 -6.03 -30.54 -26.12
CA ILE C 695 -6.98 -29.98 -27.08
C ILE C 695 -7.52 -28.67 -26.52
N ALA C 696 -7.93 -27.80 -27.43
CA ALA C 696 -8.49 -26.50 -27.10
C ALA C 696 -9.86 -26.36 -27.74
N TYR C 697 -10.85 -25.95 -26.95
CA TYR C 697 -12.23 -25.89 -27.41
C TYR C 697 -12.88 -24.64 -26.86
N THR C 698 -14.17 -24.48 -27.18
CA THR C 698 -15.00 -23.39 -26.70
C THR C 698 -15.87 -23.91 -25.56
N MET C 699 -15.91 -23.18 -24.46
CA MET C 699 -16.67 -23.62 -23.30
C MET C 699 -18.16 -23.68 -23.60
N SER C 700 -18.84 -24.60 -22.95
CA SER C 700 -20.29 -24.77 -23.09
C SER C 700 -20.96 -24.30 -21.81
N LEU C 701 -22.01 -23.48 -21.96
CA LEU C 701 -22.66 -22.88 -20.81
C LEU C 701 -23.41 -23.92 -19.98
N GLY C 702 -24.06 -24.87 -20.63
CA GLY C 702 -24.76 -25.91 -19.90
C GLY C 702 -25.73 -26.65 -20.80
N ALA C 703 -26.36 -27.66 -20.21
CA ALA C 703 -27.35 -28.45 -20.92
C ALA C 703 -28.56 -27.58 -21.28
N GLU C 704 -29.23 -27.93 -22.37
CA GLU C 704 -30.33 -27.14 -22.89
C GLU C 704 -31.64 -27.90 -22.78
N ASN C 705 -32.65 -27.25 -22.20
CA ASN C 705 -34.01 -27.76 -22.18
C ASN C 705 -34.97 -26.60 -22.36
N SER C 706 -36.17 -26.92 -22.83
CA SER C 706 -37.22 -25.92 -23.04
C SER C 706 -38.41 -26.29 -22.17
N VAL C 707 -38.81 -25.35 -21.30
CA VAL C 707 -39.96 -25.59 -20.45
C VAL C 707 -41.23 -25.60 -21.30
N ALA C 708 -42.05 -26.63 -21.12
CA ALA C 708 -43.29 -26.78 -21.88
C ALA C 708 -44.38 -25.86 -21.35
N TYR C 709 -44.12 -24.55 -21.46
CA TYR C 709 -45.11 -23.56 -21.06
C TYR C 709 -46.36 -23.70 -21.93
N SER C 710 -47.50 -23.89 -21.29
CA SER C 710 -48.75 -24.10 -21.98
C SER C 710 -49.76 -23.05 -21.57
N ASN C 711 -50.97 -23.19 -22.10
CA ASN C 711 -51.99 -22.16 -21.96
C ASN C 711 -52.64 -22.21 -20.59
N ASN C 712 -53.05 -23.40 -20.15
CA ASN C 712 -53.72 -23.60 -18.86
C ASN C 712 -53.23 -24.85 -18.16
N SER C 713 -51.96 -25.21 -18.33
CA SER C 713 -51.40 -26.42 -17.76
C SER C 713 -50.44 -26.07 -16.63
N ILE C 714 -50.34 -26.97 -15.65
CA ILE C 714 -49.47 -26.82 -14.49
C ILE C 714 -48.76 -28.13 -14.23
N ALA C 715 -47.67 -28.07 -13.46
CA ALA C 715 -46.93 -29.25 -13.06
C ALA C 715 -46.81 -29.26 -11.55
N ILE C 716 -47.14 -30.39 -10.92
CA ILE C 716 -47.13 -30.47 -9.47
C ILE C 716 -46.27 -31.65 -9.02
N PRO C 717 -45.41 -31.48 -8.02
CA PRO C 717 -44.59 -32.59 -7.53
C PRO C 717 -45.39 -33.57 -6.68
N THR C 718 -44.84 -34.78 -6.56
CA THR C 718 -45.47 -35.84 -5.79
C THR C 718 -44.53 -36.54 -4.81
N ASN C 719 -43.28 -36.10 -4.69
CA ASN C 719 -42.32 -36.71 -3.79
C ASN C 719 -41.45 -35.60 -3.22
N PHE C 720 -40.36 -35.98 -2.56
CA PHE C 720 -39.40 -34.99 -2.06
C PHE C 720 -38.09 -35.69 -1.74
N THR C 721 -37.06 -34.89 -1.53
CA THR C 721 -35.73 -35.36 -1.18
C THR C 721 -35.09 -34.39 -0.22
N ILE C 722 -34.40 -34.92 0.80
CA ILE C 722 -33.74 -34.11 1.80
C ILE C 722 -32.26 -34.04 1.44
N SER C 723 -31.74 -32.83 1.28
CA SER C 723 -30.37 -32.61 0.85
C SER C 723 -29.56 -31.98 1.98
N VAL C 724 -28.30 -32.39 2.07
CA VAL C 724 -27.36 -31.84 3.05
C VAL C 724 -26.14 -31.36 2.29
N THR C 725 -25.91 -30.04 2.31
CA THR C 725 -24.76 -29.43 1.64
C THR C 725 -23.84 -28.81 2.68
N THR C 726 -22.66 -28.37 2.23
CA THR C 726 -21.66 -27.80 3.12
C THR C 726 -21.18 -26.45 2.60
N GLU C 727 -20.70 -25.63 3.53
CA GLU C 727 -20.17 -24.32 3.19
C GLU C 727 -19.01 -24.01 4.12
N ILE C 728 -17.86 -23.63 3.55
CA ILE C 728 -16.62 -23.38 4.28
C ILE C 728 -16.38 -21.88 4.31
N LEU C 729 -16.01 -21.35 5.49
CA LEU C 729 -15.78 -19.92 5.60
C LEU C 729 -14.61 -19.60 6.52
N PRO C 730 -13.60 -18.87 6.02
CA PRO C 730 -12.52 -18.42 6.92
C PRO C 730 -13.04 -17.40 7.93
N VAL C 731 -12.44 -17.42 9.12
CA VAL C 731 -12.89 -16.56 10.21
C VAL C 731 -11.75 -15.69 10.74
N SER C 732 -10.51 -16.19 10.64
CA SER C 732 -9.40 -15.46 11.23
C SER C 732 -8.10 -15.90 10.59
N MET C 733 -7.06 -15.07 10.77
CA MET C 733 -5.72 -15.33 10.28
C MET C 733 -4.76 -15.38 11.47
N THR C 734 -3.46 -15.44 11.18
CA THR C 734 -2.45 -15.64 12.21
C THR C 734 -1.97 -14.30 12.77
N LYS C 735 -1.92 -14.20 14.09
CA LYS C 735 -1.39 -13.02 14.75
C LYS C 735 0.13 -12.98 14.62
N THR C 736 0.66 -11.77 14.41
CA THR C 736 2.10 -11.61 14.21
C THR C 736 2.57 -10.36 14.94
N SER C 737 3.86 -10.34 15.28
CA SER C 737 4.51 -9.19 15.89
C SER C 737 5.87 -8.98 15.24
N VAL C 738 6.35 -7.73 15.28
CA VAL C 738 7.59 -7.36 14.62
C VAL C 738 8.44 -6.60 15.62
N ASP C 739 9.74 -6.54 15.33
CA ASP C 739 10.69 -5.82 16.17
C ASP C 739 11.73 -5.17 15.26
N CYS C 740 11.75 -3.83 15.22
CA CYS C 740 12.70 -3.14 14.37
C CYS C 740 14.12 -3.21 14.90
N THR C 741 14.28 -3.18 16.21
CA THR C 741 15.62 -3.08 16.80
C THR C 741 16.48 -4.28 16.39
N MET C 742 15.91 -5.47 16.36
CA MET C 742 16.66 -6.65 15.99
C MET C 742 16.65 -6.92 14.49
N TYR C 743 15.52 -6.67 13.82
CA TYR C 743 15.42 -6.96 12.39
C TYR C 743 16.26 -5.98 11.58
N ILE C 744 16.10 -4.67 11.85
CA ILE C 744 16.73 -3.66 10.99
C ILE C 744 18.24 -3.70 11.12
N CYS C 745 18.74 -3.74 12.35
CA CYS C 745 20.17 -3.64 12.61
C CYS C 745 20.75 -4.92 13.19
N GLY C 746 20.20 -5.41 14.30
CA GLY C 746 20.73 -6.58 14.95
C GLY C 746 21.44 -6.26 16.24
N ASP C 747 22.70 -6.69 16.36
CA ASP C 747 23.51 -6.45 17.55
C ASP C 747 24.49 -5.30 17.36
N SER C 748 24.12 -4.28 16.60
CA SER C 748 24.96 -3.12 16.34
C SER C 748 24.34 -1.90 17.01
N THR C 749 25.10 -1.26 17.90
CA THR C 749 24.60 -0.06 18.58
C THR C 749 24.65 1.18 17.69
N GLU C 750 25.64 1.28 16.82
CA GLU C 750 25.73 2.44 15.93
C GLU C 750 24.55 2.48 14.96
N CYS C 751 24.16 1.33 14.42
CA CYS C 751 22.98 1.27 13.59
C CYS C 751 21.73 1.62 14.39
N SER C 752 21.68 1.24 15.67
CA SER C 752 20.55 1.62 16.51
C SER C 752 20.48 3.14 16.68
N ASN C 753 21.63 3.79 16.87
CA ASN C 753 21.65 5.25 16.95
C ASN C 753 21.20 5.88 15.65
N LEU C 754 21.69 5.36 14.51
CA LEU C 754 21.29 5.92 13.22
C LEU C 754 19.82 5.68 12.92
N LEU C 755 19.24 4.62 13.48
CA LEU C 755 17.80 4.41 13.37
C LEU C 755 17.02 5.37 14.28
N LEU C 756 17.53 5.60 15.49
CA LEU C 756 16.95 6.61 16.37
C LEU C 756 17.01 7.99 15.74
N GLN C 757 17.94 8.21 14.81
CA GLN C 757 17.98 9.47 14.07
C GLN C 757 16.65 9.73 13.36
N TYR C 758 16.00 8.68 12.86
CA TYR C 758 14.65 8.84 12.30
C TYR C 758 13.66 9.15 13.41
N GLY C 759 12.65 9.96 13.08
CA GLY C 759 11.69 10.39 14.07
C GLY C 759 10.87 9.27 14.66
N SER C 760 9.92 8.73 13.88
CA SER C 760 9.11 7.61 14.34
C SER C 760 8.64 6.85 13.10
N PHE C 761 9.29 5.73 12.81
CA PHE C 761 8.87 4.86 11.72
C PHE C 761 8.59 3.44 12.19
N CYS C 762 8.51 3.22 13.50
CA CYS C 762 8.19 1.90 14.04
C CYS C 762 7.10 1.91 15.10
N THR C 763 6.73 3.06 15.65
CA THR C 763 5.55 3.11 16.50
C THR C 763 4.29 2.78 15.70
N GLN C 764 4.19 3.30 14.48
CA GLN C 764 3.03 3.05 13.65
C GLN C 764 2.91 1.58 13.29
N LEU C 765 4.04 0.93 12.97
CA LEU C 765 4.00 -0.49 12.61
C LEU C 765 3.55 -1.34 13.79
N LYS C 766 4.10 -1.06 14.97
CA LYS C 766 3.68 -1.80 16.16
C LYS C 766 2.20 -1.58 16.46
N ARG C 767 1.73 -0.34 16.32
CA ARG C 767 0.32 -0.06 16.56
C ARG C 767 -0.58 -0.82 15.59
N ALA C 768 -0.21 -0.82 14.30
CA ALA C 768 -1.01 -1.53 13.31
C ALA C 768 -1.05 -3.03 13.57
N LEU C 769 0.11 -3.61 13.90
CA LEU C 769 0.13 -5.05 14.17
C LEU C 769 -0.66 -5.40 15.43
N THR C 770 -0.59 -4.55 16.45
CA THR C 770 -1.40 -4.78 17.65
C THR C 770 -2.89 -4.71 17.33
N GLY C 771 -3.28 -3.74 16.50
CA GLY C 771 -4.67 -3.65 16.10
C GLY C 771 -5.15 -4.90 15.37
N ILE C 772 -4.33 -5.40 14.44
CA ILE C 772 -4.69 -6.63 13.72
C ILE C 772 -4.79 -7.81 14.69
N ALA C 773 -3.84 -7.90 15.63
CA ALA C 773 -3.83 -9.01 16.58
C ALA C 773 -5.08 -9.02 17.44
N VAL C 774 -5.51 -7.86 17.93
CA VAL C 774 -6.73 -7.85 18.74
C VAL C 774 -7.97 -8.06 17.86
N GLU C 775 -7.92 -7.61 16.60
CA GLU C 775 -9.07 -7.79 15.72
C GLU C 775 -9.33 -9.26 15.43
N GLN C 776 -8.27 -10.07 15.33
CA GLN C 776 -8.47 -11.50 15.08
C GLN C 776 -9.26 -12.15 16.22
N ASP C 777 -8.87 -11.85 17.46
CA ASP C 777 -9.58 -12.40 18.61
C ASP C 777 -11.02 -11.89 18.66
N LYS C 778 -11.23 -10.62 18.33
CA LYS C 778 -12.59 -10.09 18.29
C LYS C 778 -13.43 -10.82 17.26
N ASN C 779 -12.84 -11.12 16.09
CA ASN C 779 -13.55 -11.86 15.05
C ASN C 779 -13.99 -13.23 15.56
N THR C 780 -13.06 -13.98 16.17
CA THR C 780 -13.40 -15.31 16.63
C THR C 780 -14.48 -15.26 17.72
N GLN C 781 -14.35 -14.32 18.66
CA GLN C 781 -15.34 -14.21 19.73
C GLN C 781 -16.71 -13.84 19.18
N GLU C 782 -16.74 -12.94 18.20
CA GLU C 782 -18.02 -12.53 17.63
C GLU C 782 -18.68 -13.69 16.88
N VAL C 783 -17.90 -14.48 16.14
CA VAL C 783 -18.49 -15.55 15.35
C VAL C 783 -19.00 -16.67 16.25
N PHE C 784 -18.21 -17.07 17.25
CA PHE C 784 -18.55 -18.29 17.98
C PHE C 784 -19.31 -18.05 19.28
N ALA C 785 -18.91 -17.05 20.07
CA ALA C 785 -19.52 -16.83 21.39
C ALA C 785 -20.89 -16.16 21.20
N GLN C 786 -21.86 -16.97 20.78
CA GLN C 786 -23.22 -16.48 20.56
C GLN C 786 -24.07 -16.59 21.82
N VAL C 787 -24.15 -17.77 22.42
CA VAL C 787 -25.00 -18.04 23.57
C VAL C 787 -24.13 -18.22 24.80
N LYS C 788 -24.48 -17.52 25.88
CA LYS C 788 -23.74 -17.62 27.13
C LYS C 788 -24.35 -18.68 28.06
N GLN C 789 -24.53 -19.88 27.51
CA GLN C 789 -24.99 -21.04 28.25
C GLN C 789 -24.30 -22.26 27.68
N ILE C 790 -24.29 -23.34 28.46
CA ILE C 790 -23.67 -24.60 28.05
C ILE C 790 -24.72 -25.68 28.21
N TYR C 791 -25.42 -25.99 27.12
CA TYR C 791 -26.42 -27.05 27.12
C TYR C 791 -25.76 -28.40 26.85
N LYS C 792 -26.31 -29.44 27.46
CA LYS C 792 -25.84 -30.80 27.26
C LYS C 792 -26.98 -31.67 26.75
N THR C 793 -26.67 -32.51 25.76
CA THR C 793 -27.66 -33.43 25.23
C THR C 793 -27.98 -34.51 26.26
N PRO C 794 -29.21 -35.01 26.27
CA PRO C 794 -29.58 -36.02 27.26
C PRO C 794 -28.77 -37.30 27.05
N PRO C 795 -28.58 -38.09 28.11
CA PRO C 795 -27.77 -39.32 27.97
C PRO C 795 -28.33 -40.31 26.97
N ILE C 796 -29.66 -40.40 26.85
CA ILE C 796 -30.28 -41.33 25.91
C ILE C 796 -30.45 -40.62 24.56
N LYS C 797 -29.80 -41.16 23.53
CA LYS C 797 -29.75 -40.52 22.22
C LYS C 797 -30.77 -41.18 21.30
N TYR C 798 -32.04 -40.81 21.50
CA TYR C 798 -33.12 -41.19 20.60
C TYR C 798 -33.91 -39.95 20.25
N PHE C 799 -33.99 -39.64 18.95
CA PHE C 799 -34.64 -38.43 18.46
C PHE C 799 -35.65 -38.77 17.37
N GLY C 800 -36.45 -39.81 17.61
CA GLY C 800 -37.46 -40.19 16.63
C GLY C 800 -36.93 -40.89 15.41
N GLY C 801 -35.78 -41.55 15.51
CA GLY C 801 -35.16 -42.21 14.38
C GLY C 801 -34.04 -41.44 13.74
N PHE C 802 -33.93 -40.15 14.03
CA PHE C 802 -32.82 -39.37 13.51
C PHE C 802 -31.54 -39.74 14.26
N ASN C 803 -30.40 -39.68 13.57
CA ASN C 803 -29.20 -40.30 14.10
C ASN C 803 -28.00 -39.36 13.95
N PHE C 804 -27.71 -38.62 15.01
CA PHE C 804 -26.79 -37.49 14.96
C PHE C 804 -25.40 -37.85 15.45
N SER C 805 -25.05 -39.14 15.47
CA SER C 805 -23.77 -39.52 16.05
C SER C 805 -22.58 -39.01 15.25
N GLN C 806 -22.78 -38.54 14.02
CA GLN C 806 -21.68 -38.08 13.19
C GLN C 806 -21.37 -36.60 13.36
N ILE C 807 -22.09 -35.90 14.24
CA ILE C 807 -21.77 -34.50 14.53
C ILE C 807 -21.66 -34.21 16.02
N LEU C 808 -22.13 -35.08 16.90
CA LEU C 808 -22.03 -34.88 18.33
C LEU C 808 -20.64 -35.30 18.82
N PRO C 809 -20.19 -34.74 19.95
CA PRO C 809 -18.84 -35.08 20.44
C PRO C 809 -18.68 -36.56 20.73
N ASP C 810 -17.46 -37.05 20.54
CA ASP C 810 -17.12 -38.44 20.78
C ASP C 810 -16.33 -38.55 22.07
N PRO C 811 -16.90 -39.14 23.13
CA PRO C 811 -16.15 -39.24 24.41
C PRO C 811 -14.97 -40.19 24.36
N SER C 812 -14.91 -41.09 23.38
CA SER C 812 -13.84 -42.09 23.34
C SER C 812 -12.48 -41.44 23.14
N LYS C 813 -12.39 -40.49 22.23
CA LYS C 813 -11.13 -39.82 21.94
C LYS C 813 -10.75 -38.88 23.08
N PRO C 814 -9.44 -38.63 23.29
CA PRO C 814 -9.03 -37.69 24.32
C PRO C 814 -9.46 -36.27 23.99
N SER C 815 -9.26 -35.86 22.74
CA SER C 815 -9.90 -34.65 22.24
C SER C 815 -11.40 -34.89 22.11
N LYS C 816 -12.19 -33.84 22.39
CA LYS C 816 -13.63 -33.96 22.45
C LYS C 816 -14.30 -33.58 21.13
N ARG C 817 -13.62 -33.81 20.02
CA ARG C 817 -14.11 -33.41 18.71
C ARG C 817 -15.01 -34.49 18.10
N SER C 818 -15.96 -34.04 17.29
CA SER C 818 -16.88 -34.95 16.62
C SER C 818 -16.14 -35.74 15.53
N PRO C 819 -16.70 -36.89 15.11
CA PRO C 819 -16.04 -37.68 14.07
C PRO C 819 -15.93 -36.97 12.72
N ILE C 820 -16.61 -35.84 12.52
CA ILE C 820 -16.44 -35.08 11.30
C ILE C 820 -15.37 -34.01 11.45
N GLU C 821 -15.28 -33.38 12.62
CA GLU C 821 -14.24 -32.37 12.84
C GLU C 821 -12.85 -32.98 12.73
N ASP C 822 -12.71 -34.28 13.00
CA ASP C 822 -11.41 -34.93 12.84
C ASP C 822 -10.95 -34.91 11.38
N LEU C 823 -11.88 -35.17 10.46
CA LEU C 823 -11.54 -35.09 9.05
C LEU C 823 -11.12 -33.68 8.66
N LEU C 824 -11.82 -32.67 9.17
CA LEU C 824 -11.47 -31.29 8.86
C LEU C 824 -10.13 -30.90 9.47
N PHE C 825 -9.74 -31.55 10.57
CA PHE C 825 -8.48 -31.23 11.21
CA PHE C 825 -8.47 -31.23 11.22
C PHE C 825 -7.29 -31.98 10.61
N ASN C 826 -7.51 -33.17 10.07
CA ASN C 826 -6.42 -33.95 9.48
C ASN C 826 -6.19 -33.65 8.02
N LYS C 827 -6.97 -32.75 7.41
CA LYS C 827 -6.80 -32.38 6.01
C LYS C 827 -6.19 -31.00 5.83
N VAL C 828 -5.87 -30.30 6.92
CA VAL C 828 -5.22 -29.00 6.86
C VAL C 828 -3.90 -29.10 7.60
N THR C 829 -2.81 -28.78 6.92
CA THR C 829 -1.46 -28.90 7.48
C THR C 829 -1.03 -27.52 7.95
N LEU C 830 -1.05 -27.31 9.26
CA LEU C 830 -0.65 -26.03 9.85
C LEU C 830 0.87 -25.94 9.88
N ALA C 831 1.39 -24.87 10.49
CA ALA C 831 2.82 -24.70 10.64
C ALA C 831 3.34 -25.33 11.92
N ASP C 832 2.70 -25.03 13.06
CA ASP C 832 3.09 -25.61 14.34
C ASP C 832 1.88 -25.59 15.25
N ALA C 833 1.24 -26.76 15.43
CA ALA C 833 0.12 -26.86 16.34
C ALA C 833 0.62 -26.71 17.77
N GLY C 834 0.08 -25.72 18.48
CA GLY C 834 0.58 -25.37 19.79
C GLY C 834 1.87 -24.57 19.69
N PHE C 835 2.39 -24.20 20.86
CA PHE C 835 3.62 -23.39 20.94
C PHE C 835 4.48 -23.97 22.06
N ILE C 836 5.36 -24.89 21.71
CA ILE C 836 6.28 -25.53 22.66
C ILE C 836 7.72 -25.13 22.43
N LYS C 837 8.00 -24.32 21.40
CA LYS C 837 9.36 -23.90 21.11
C LYS C 837 9.97 -23.15 22.28
N GLN C 838 9.43 -21.97 22.58
CA GLN C 838 9.88 -21.14 23.70
C GLN C 838 11.40 -20.93 23.69
N TYR C 839 11.99 -20.97 22.50
CA TYR C 839 13.44 -20.79 22.33
C TYR C 839 14.22 -21.78 23.17
N GLY C 840 13.70 -23.00 23.27
CA GLY C 840 14.36 -24.07 24.01
C GLY C 840 14.44 -25.34 23.20
N ASP C 841 13.80 -25.34 22.03
CA ASP C 841 13.81 -26.48 21.11
C ASP C 841 14.79 -26.31 19.97
N CYS C 842 14.95 -25.08 19.46
CA CYS C 842 15.88 -24.81 18.36
C CYS C 842 17.29 -24.76 18.94
N LEU C 843 17.80 -25.93 19.28
CA LEU C 843 19.13 -26.08 19.86
C LEU C 843 20.01 -26.90 18.94
N GLY C 844 21.20 -26.41 18.66
CA GLY C 844 22.12 -27.16 17.82
C GLY C 844 21.69 -27.15 16.36
N ASP C 845 21.81 -28.31 15.72
CA ASP C 845 21.42 -28.46 14.33
C ASP C 845 19.91 -28.36 14.12
N ILE C 846 19.13 -28.40 15.20
CA ILE C 846 17.68 -28.24 15.08
C ILE C 846 17.34 -26.88 14.49
N ALA C 847 18.06 -25.84 14.89
CA ALA C 847 17.86 -24.52 14.34
C ALA C 847 18.29 -24.49 12.87
N ALA C 848 17.80 -23.47 12.16
CA ALA C 848 18.12 -23.17 10.76
C ALA C 848 17.67 -24.26 9.79
N ARG C 849 17.11 -25.36 10.28
CA ARG C 849 16.45 -26.36 9.44
C ARG C 849 14.95 -26.24 9.50
N ASP C 850 14.39 -26.05 10.70
CA ASP C 850 12.99 -25.76 10.84
C ASP C 850 12.70 -24.34 10.39
N LEU C 851 11.62 -24.17 9.62
CA LEU C 851 11.22 -22.86 9.15
C LEU C 851 10.86 -21.94 10.31
N ILE C 852 10.20 -22.48 11.34
CA ILE C 852 9.74 -21.66 12.45
C ILE C 852 10.92 -21.06 13.20
N CYS C 853 11.96 -21.84 13.46
CA CYS C 853 13.14 -21.32 14.13
C CYS C 853 13.80 -20.22 13.31
N ALA C 854 13.91 -20.45 11.99
CA ALA C 854 14.55 -19.45 11.13
C ALA C 854 13.79 -18.13 11.14
N GLN C 855 12.46 -18.20 11.09
CA GLN C 855 11.68 -16.96 11.22
C GLN C 855 11.84 -16.33 12.59
N LYS C 856 11.83 -17.14 13.65
CA LYS C 856 11.90 -16.60 15.01
C LYS C 856 13.26 -16.00 15.32
N PHE C 857 14.29 -16.31 14.55
CA PHE C 857 15.63 -15.81 14.81
C PHE C 857 15.95 -14.53 14.05
N LYS C 858 14.95 -13.87 13.47
CA LYS C 858 15.14 -12.59 12.83
C LYS C 858 14.40 -11.44 13.51
N GLY C 859 13.45 -11.73 14.40
CA GLY C 859 12.72 -10.69 15.08
C GLY C 859 11.23 -10.75 14.86
N LEU C 860 10.78 -11.81 14.20
CA LEU C 860 9.36 -12.02 13.91
C LEU C 860 8.83 -13.17 14.77
N THR C 861 7.76 -12.90 15.51
CA THR C 861 7.16 -13.88 16.41
C THR C 861 5.69 -14.06 16.07
N VAL C 862 5.17 -15.24 16.42
CA VAL C 862 3.78 -15.60 16.19
C VAL C 862 3.13 -15.81 17.55
N LEU C 863 2.06 -15.05 17.82
CA LEU C 863 1.39 -15.11 19.11
C LEU C 863 0.27 -16.15 19.09
N PRO C 864 0.03 -16.84 20.19
CA PRO C 864 -1.03 -17.84 20.22
C PRO C 864 -2.40 -17.21 20.33
N PRO C 865 -3.44 -17.87 19.84
CA PRO C 865 -4.79 -17.30 19.96
C PRO C 865 -5.30 -17.36 21.39
N LEU C 866 -6.24 -16.45 21.69
CA LEU C 866 -6.80 -16.39 23.03
C LEU C 866 -7.65 -17.62 23.34
N LEU C 867 -8.48 -18.06 22.39
CA LEU C 867 -9.34 -19.21 22.56
C LEU C 867 -8.68 -20.43 21.95
N THR C 868 -8.39 -21.42 22.78
CA THR C 868 -7.75 -22.65 22.30
C THR C 868 -8.75 -23.46 21.49
N ASP C 869 -8.29 -24.62 21.01
CA ASP C 869 -9.14 -25.50 20.22
C ASP C 869 -10.07 -26.35 21.07
N GLU C 870 -9.93 -26.33 22.39
CA GLU C 870 -10.81 -27.06 23.29
C GLU C 870 -11.99 -26.22 23.75
N MET C 871 -12.06 -24.96 23.37
CA MET C 871 -13.19 -24.09 23.71
C MET C 871 -14.12 -23.82 22.54
N ILE C 872 -13.59 -23.73 21.32
CA ILE C 872 -14.43 -23.62 20.14
C ILE C 872 -15.27 -24.88 19.97
N ALA C 873 -14.67 -26.04 20.26
CA ALA C 873 -15.43 -27.29 20.22
C ALA C 873 -16.55 -27.29 21.25
N GLN C 874 -16.28 -26.76 22.45
CA GLN C 874 -17.33 -26.66 23.45
C GLN C 874 -18.46 -25.75 22.99
N TYR C 875 -18.10 -24.62 22.37
CA TYR C 875 -19.12 -23.70 21.87
C TYR C 875 -20.00 -24.37 20.81
N THR C 876 -19.38 -25.06 19.87
CA THR C 876 -20.15 -25.72 18.82
C THR C 876 -21.02 -26.84 19.38
N SER C 877 -20.50 -27.60 20.36
CA SER C 877 -21.30 -28.65 20.97
C SER C 877 -22.50 -28.07 21.72
N ALA C 878 -22.30 -26.94 22.41
CA ALA C 878 -23.41 -26.29 23.09
C ALA C 878 -24.47 -25.83 22.09
N LEU C 879 -24.03 -25.24 20.97
CA LEU C 879 -24.98 -24.81 19.95
C LEU C 879 -25.76 -25.99 19.39
N LEU C 880 -25.07 -27.10 19.12
CA LEU C 880 -25.74 -28.28 18.58
C LEU C 880 -26.75 -28.85 19.56
N ALA C 881 -26.36 -28.96 20.84
CA ALA C 881 -27.29 -29.49 21.83
C ALA C 881 -28.51 -28.59 21.98
N GLY C 882 -28.29 -27.28 22.00
CA GLY C 882 -29.41 -26.35 22.09
C GLY C 882 -30.34 -26.43 20.90
N THR C 883 -29.79 -26.57 19.70
CA THR C 883 -30.64 -26.58 18.50
C THR C 883 -31.30 -27.92 18.25
N ILE C 884 -30.81 -29.01 18.86
CA ILE C 884 -31.49 -30.30 18.70
C ILE C 884 -32.34 -30.68 19.91
N THR C 885 -32.27 -29.93 21.01
CA THR C 885 -33.14 -30.20 22.15
C THR C 885 -34.18 -29.13 22.41
N SER C 886 -34.07 -27.94 21.79
CA SER C 886 -35.01 -26.87 22.09
C SER C 886 -35.44 -26.06 20.86
N GLY C 887 -35.19 -26.55 19.64
CA GLY C 887 -35.59 -25.80 18.47
C GLY C 887 -34.84 -24.48 18.35
N TRP C 888 -35.54 -23.48 17.84
CA TRP C 888 -34.99 -22.13 17.73
C TRP C 888 -35.38 -21.23 18.89
N THR C 889 -36.11 -21.76 19.88
CA THR C 889 -36.58 -20.94 20.99
C THR C 889 -35.47 -20.51 21.94
N PHE C 890 -34.28 -21.10 21.83
CA PHE C 890 -33.18 -20.75 22.73
C PHE C 890 -32.39 -19.54 22.25
N GLY C 891 -32.64 -19.06 21.03
CA GLY C 891 -32.00 -17.87 20.53
C GLY C 891 -32.75 -16.58 20.74
N ALA C 892 -33.91 -16.64 21.40
CA ALA C 892 -34.75 -15.45 21.62
C ALA C 892 -35.29 -15.43 23.04
N GLY C 893 -34.50 -15.93 23.99
CA GLY C 893 -34.92 -15.98 25.37
C GLY C 893 -34.62 -17.31 26.02
N PRO C 894 -35.49 -17.73 26.95
CA PRO C 894 -35.27 -19.01 27.62
C PRO C 894 -35.42 -20.19 26.67
N ALA C 895 -34.75 -21.28 27.01
CA ALA C 895 -34.81 -22.48 26.19
C ALA C 895 -36.01 -23.32 26.59
N LEU C 896 -36.82 -23.70 25.59
CA LEU C 896 -38.03 -24.48 25.81
C LEU C 896 -37.94 -25.76 25.00
N GLN C 897 -38.06 -26.90 25.67
CA GLN C 897 -37.88 -28.17 25.00
C GLN C 897 -39.10 -28.53 24.16
N ILE C 898 -38.88 -29.39 23.17
CA ILE C 898 -39.92 -29.86 22.25
C ILE C 898 -39.42 -31.11 21.55
N PRO C 899 -40.24 -32.15 21.40
CA PRO C 899 -39.78 -33.36 20.70
C PRO C 899 -39.38 -33.07 19.27
N PHE C 900 -38.34 -33.79 18.81
CA PHE C 900 -37.82 -33.55 17.47
C PHE C 900 -38.84 -33.84 16.36
N PRO C 901 -39.60 -34.93 16.37
CA PRO C 901 -40.59 -35.14 15.31
C PRO C 901 -41.73 -34.13 15.32
N MET C 902 -41.75 -33.20 16.28
CA MET C 902 -42.67 -32.07 16.23
C MET C 902 -41.98 -30.78 15.77
N GLN C 903 -40.69 -30.63 16.09
CA GLN C 903 -39.92 -29.53 15.50
C GLN C 903 -39.83 -29.69 14.00
N MET C 904 -39.67 -30.92 13.51
CA MET C 904 -39.72 -31.17 12.08
C MET C 904 -41.06 -30.76 11.47
N ALA C 905 -42.16 -31.06 12.15
CA ALA C 905 -43.47 -30.66 11.64
C ALA C 905 -43.61 -29.15 11.63
N TYR C 906 -43.08 -28.48 12.65
CA TYR C 906 -43.11 -27.02 12.68
C TYR C 906 -42.35 -26.44 11.50
N ARG C 907 -41.16 -26.98 11.20
CA ARG C 907 -40.38 -26.46 10.08
C ARG C 907 -41.07 -26.76 8.74
N PHE C 908 -41.64 -27.97 8.59
CA PHE C 908 -42.37 -28.30 7.37
C PHE C 908 -43.53 -27.36 7.14
N ASN C 909 -44.28 -27.05 8.21
CA ASN C 909 -45.34 -26.05 8.10
C ASN C 909 -44.77 -24.68 7.79
N GLY C 910 -43.55 -24.40 8.24
CA GLY C 910 -42.91 -23.13 7.91
C GLY C 910 -42.63 -22.97 6.43
N ILE C 911 -42.12 -24.03 5.78
CA ILE C 911 -41.79 -23.92 4.37
C ILE C 911 -43.01 -23.96 3.46
N GLY C 912 -44.18 -24.36 3.97
CA GLY C 912 -45.39 -24.32 3.16
C GLY C 912 -46.02 -25.68 2.89
N VAL C 913 -45.69 -26.68 3.69
CA VAL C 913 -46.24 -28.02 3.55
C VAL C 913 -46.95 -28.39 4.85
N THR C 914 -48.16 -28.92 4.73
CA THR C 914 -48.92 -29.29 5.91
C THR C 914 -48.16 -30.35 6.72
N GLN C 915 -48.41 -30.35 8.03
CA GLN C 915 -47.59 -31.14 8.95
C GLN C 915 -47.91 -32.63 8.94
N ASN C 916 -49.04 -33.04 8.36
CA ASN C 916 -49.34 -34.47 8.33
C ASN C 916 -48.41 -35.24 7.42
N VAL C 917 -47.75 -34.55 6.47
CA VAL C 917 -46.80 -35.20 5.58
C VAL C 917 -45.66 -35.81 6.37
N LEU C 918 -45.11 -35.06 7.32
CA LEU C 918 -44.04 -35.59 8.16
C LEU C 918 -44.55 -36.73 9.04
N TYR C 919 -45.71 -36.56 9.66
CA TYR C 919 -46.21 -37.60 10.56
C TYR C 919 -46.54 -38.88 9.81
N GLU C 920 -46.72 -38.82 8.49
CA GLU C 920 -46.95 -40.02 7.70
C GLU C 920 -45.72 -40.51 6.96
N ASN C 921 -44.64 -39.72 6.88
CA ASN C 921 -43.43 -40.15 6.20
C ASN C 921 -42.20 -39.99 7.09
N GLN C 922 -42.39 -40.10 8.42
CA GLN C 922 -41.29 -39.92 9.35
C GLN C 922 -40.14 -40.91 9.10
N LYS C 923 -40.46 -42.19 8.91
CA LYS C 923 -39.41 -43.18 8.73
C LYS C 923 -38.61 -42.92 7.45
N LEU C 924 -39.31 -42.60 6.37
CA LEU C 924 -38.62 -42.31 5.11
C LEU C 924 -37.75 -41.07 5.24
N ILE C 925 -38.24 -40.02 5.91
CA ILE C 925 -37.46 -38.81 6.07
C ILE C 925 -36.22 -39.08 6.92
N ALA C 926 -36.37 -39.86 7.98
CA ALA C 926 -35.22 -40.20 8.83
C ALA C 926 -34.17 -40.98 8.05
N ASN C 927 -34.61 -41.95 7.24
CA ASN C 927 -33.66 -42.72 6.45
C ASN C 927 -32.94 -41.84 5.45
N GLN C 928 -33.67 -40.93 4.79
CA GLN C 928 -33.04 -40.02 3.84
C GLN C 928 -32.02 -39.12 4.52
N PHE C 929 -32.36 -38.60 5.70
CA PHE C 929 -31.42 -37.75 6.43
C PHE C 929 -30.15 -38.51 6.81
N ASN C 930 -30.31 -39.73 7.32
CA ASN C 930 -29.15 -40.51 7.70
C ASN C 930 -28.27 -40.83 6.49
N SER C 931 -28.90 -41.17 5.36
CA SER C 931 -28.14 -41.46 4.16
C SER C 931 -27.37 -40.23 3.68
N ALA C 932 -27.99 -39.05 3.74
CA ALA C 932 -27.30 -37.83 3.34
C ALA C 932 -26.11 -37.53 4.25
N ILE C 933 -26.28 -37.72 5.56
CA ILE C 933 -25.19 -37.47 6.50
C ILE C 933 -24.02 -38.42 6.22
N GLY C 934 -24.33 -39.71 6.01
CA GLY C 934 -23.28 -40.65 5.68
C GLY C 934 -22.58 -40.31 4.38
N LYS C 935 -23.35 -39.88 3.38
CA LYS C 935 -22.77 -39.53 2.09
C LYS C 935 -21.79 -38.38 2.22
N ILE C 936 -22.16 -37.32 2.96
CA ILE C 936 -21.25 -36.19 3.07
C ILE C 936 -20.03 -36.59 3.91
N GLN C 937 -20.23 -37.39 4.95
CA GLN C 937 -19.10 -37.86 5.74
C GLN C 937 -18.09 -38.59 4.87
N ASP C 938 -18.57 -39.47 3.98
CA ASP C 938 -17.65 -40.21 3.12
C ASP C 938 -17.02 -39.30 2.06
N SER C 939 -17.80 -38.39 1.47
CA SER C 939 -17.32 -37.60 0.34
C SER C 939 -16.39 -36.46 0.76
N LEU C 940 -16.41 -36.05 2.04
CA LEU C 940 -15.49 -35.01 2.46
C LEU C 940 -14.04 -35.45 2.39
N SER C 941 -13.77 -36.75 2.34
CA SER C 941 -12.41 -37.26 2.29
C SER C 941 -11.95 -37.51 0.84
N SER C 942 -12.69 -38.34 0.11
CA SER C 942 -12.35 -38.68 -1.27
C SER C 942 -12.73 -37.51 -2.18
N THR C 943 -11.89 -36.48 -2.14
CA THR C 943 -12.08 -35.26 -2.92
C THR C 943 -10.74 -34.57 -3.04
N PRO C 944 -10.44 -33.91 -4.18
CA PRO C 944 -9.09 -33.39 -4.39
C PRO C 944 -8.64 -32.40 -3.32
N SER C 945 -9.31 -31.25 -3.21
CA SER C 945 -9.01 -30.31 -2.13
C SER C 945 -10.19 -30.06 -1.21
N ALA C 946 -11.29 -29.51 -1.74
CA ALA C 946 -12.52 -29.25 -1.00
C ALA C 946 -12.31 -28.32 0.19
N LEU C 947 -11.08 -27.85 0.42
CA LEU C 947 -10.76 -27.03 1.57
C LEU C 947 -9.74 -25.95 1.23
N GLY C 948 -9.73 -25.48 -0.02
CA GLY C 948 -8.74 -24.50 -0.43
C GLY C 948 -8.87 -23.18 0.32
N LYS C 949 -10.07 -22.81 0.73
CA LYS C 949 -10.28 -21.54 1.41
C LYS C 949 -9.52 -21.49 2.73
N LEU C 950 -9.54 -22.59 3.49
CA LEU C 950 -8.85 -22.64 4.77
C LEU C 950 -7.36 -22.92 4.63
N GLN C 951 -6.90 -23.33 3.45
CA GLN C 951 -5.47 -23.54 3.21
C GLN C 951 -4.79 -22.28 2.68
N ASP C 952 -5.55 -21.44 1.97
CA ASP C 952 -4.96 -20.25 1.37
C ASP C 952 -4.44 -19.28 2.43
N VAL C 953 -5.11 -19.18 3.58
CA VAL C 953 -4.65 -18.27 4.63
C VAL C 953 -3.27 -18.69 5.14
N VAL C 954 -3.12 -19.99 5.42
CA VAL C 954 -1.83 -20.50 5.91
C VAL C 954 -0.76 -20.31 4.85
N ASN C 955 -1.06 -20.65 3.59
CA ASN C 955 -0.08 -20.52 2.53
C ASN C 955 0.35 -19.07 2.35
N HIS C 956 -0.60 -18.14 2.37
CA HIS C 956 -0.26 -16.74 2.20
C HIS C 956 0.59 -16.22 3.34
N ASN C 957 0.24 -16.58 4.58
CA ASN C 957 1.04 -16.13 5.72
C ASN C 957 2.47 -16.66 5.63
N ALA C 958 2.61 -17.96 5.34
CA ALA C 958 3.95 -18.54 5.24
C ALA C 958 4.75 -17.88 4.13
N GLN C 959 4.12 -17.65 2.98
CA GLN C 959 4.82 -17.03 1.85
C GLN C 959 5.26 -15.61 2.19
N ALA C 960 4.38 -14.83 2.82
CA ALA C 960 4.75 -13.46 3.18
C ALA C 960 5.89 -13.42 4.17
N LEU C 961 5.83 -14.26 5.20
CA LEU C 961 6.92 -14.28 6.18
C LEU C 961 8.23 -14.73 5.55
N ASN C 962 8.17 -15.74 4.68
CA ASN C 962 9.38 -16.23 4.01
C ASN C 962 9.99 -15.15 3.13
N THR C 963 9.16 -14.41 2.39
CA THR C 963 9.68 -13.33 1.55
C THR C 963 10.30 -12.23 2.40
N LEU C 964 9.65 -11.87 3.51
CA LEU C 964 10.20 -10.85 4.39
C LEU C 964 11.55 -11.27 4.95
N VAL C 965 11.69 -12.53 5.34
CA VAL C 965 12.96 -13.02 5.86
C VAL C 965 14.01 -13.01 4.76
N LYS C 966 13.67 -13.49 3.56
CA LYS C 966 14.63 -13.56 2.47
C LYS C 966 15.06 -12.19 1.96
N GLN C 967 14.27 -11.15 2.22
CA GLN C 967 14.62 -9.82 1.74
C GLN C 967 15.92 -9.29 2.36
N LEU C 968 16.40 -9.90 3.44
CA LEU C 968 17.60 -9.39 4.12
C LEU C 968 18.85 -9.55 3.27
N SER C 969 18.87 -10.53 2.34
CA SER C 969 20.08 -10.83 1.58
C SER C 969 20.36 -9.80 0.50
N SER C 970 19.44 -8.90 0.21
CA SER C 970 19.66 -7.91 -0.84
C SER C 970 20.68 -6.87 -0.39
N LYS C 971 21.32 -6.24 -1.37
CA LYS C 971 22.33 -5.22 -1.12
C LYS C 971 21.78 -3.80 -1.18
N PHE C 972 20.73 -3.56 -1.98
CA PHE C 972 20.13 -2.24 -2.15
C PHE C 972 21.15 -1.20 -2.62
N GLY C 973 22.12 -1.63 -3.41
CA GLY C 973 23.13 -0.73 -3.92
C GLY C 973 24.34 -0.53 -3.02
N ALA C 974 24.33 -1.08 -1.81
CA ALA C 974 25.47 -0.96 -0.93
C ALA C 974 26.58 -1.92 -1.35
N ILE C 975 27.79 -1.66 -0.84
CA ILE C 975 28.94 -2.47 -1.21
C ILE C 975 28.90 -3.86 -0.59
N SER C 976 28.19 -4.03 0.52
CA SER C 976 28.11 -5.33 1.16
C SER C 976 26.77 -5.45 1.89
N SER C 977 26.36 -6.70 2.13
CA SER C 977 25.10 -6.99 2.79
C SER C 977 25.28 -7.31 4.28
N VAL C 978 26.48 -7.17 4.82
CA VAL C 978 26.76 -7.46 6.22
C VAL C 978 27.02 -6.14 6.93
N LEU C 979 26.28 -5.90 8.02
CA LEU C 979 26.43 -4.65 8.76
C LEU C 979 27.80 -4.56 9.44
N ASN C 980 28.42 -5.69 9.73
CA ASN C 980 29.72 -5.69 10.40
C ASN C 980 30.88 -5.35 9.48
N ASP C 981 30.66 -5.39 8.17
CA ASP C 981 31.70 -5.03 7.20
C ASP C 981 31.54 -3.61 6.66
N ILE C 982 30.59 -2.84 7.20
CA ILE C 982 30.38 -1.46 6.80
C ILE C 982 30.79 -0.51 7.91
N PHE C 983 30.29 -0.73 9.13
CA PHE C 983 30.73 0.07 10.27
C PHE C 983 32.23 -0.09 10.48
N SER C 984 32.70 -1.34 10.55
CA SER C 984 34.13 -1.62 10.52
C SER C 984 34.57 -1.78 9.07
N ARG C 985 35.85 -2.10 8.88
CA ARG C 985 36.45 -2.32 7.56
C ARG C 985 36.39 -1.07 6.69
N LEU C 986 36.09 0.09 7.27
CA LEU C 986 35.89 1.30 6.49
C LEU C 986 35.94 2.49 7.44
N ASP C 987 35.65 3.67 6.92
CA ASP C 987 35.62 4.90 7.71
C ASP C 987 34.20 5.45 7.80
N PRO C 988 33.87 6.15 8.89
CA PRO C 988 32.50 6.64 9.10
C PRO C 988 31.98 7.49 7.94
N PRO C 989 32.73 8.51 7.47
CA PRO C 989 32.12 9.46 6.53
C PRO C 989 31.60 8.83 5.26
N GLU C 990 32.16 7.70 4.82
CA GLU C 990 31.65 7.01 3.65
C GLU C 990 30.82 5.77 3.99
N ALA C 991 30.92 5.26 5.23
CA ALA C 991 30.07 4.16 5.66
C ALA C 991 28.66 4.61 6.01
N GLU C 992 28.47 5.90 6.33
CA GLU C 992 27.14 6.40 6.63
C GLU C 992 26.20 6.21 5.44
N VAL C 993 26.70 6.43 4.22
CA VAL C 993 25.84 6.29 3.04
C VAL C 993 25.36 4.85 2.89
N GLN C 994 26.28 3.88 3.05
CA GLN C 994 25.90 2.48 2.94
C GLN C 994 24.89 2.09 4.01
N ILE C 995 25.14 2.51 5.25
CA ILE C 995 24.21 2.17 6.34
C ILE C 995 22.84 2.78 6.07
N ASP C 996 22.81 4.02 5.59
CA ASP C 996 21.55 4.68 5.27
C ASP C 996 20.80 3.93 4.17
N ARG C 997 21.51 3.50 3.13
CA ARG C 997 20.86 2.75 2.05
C ARG C 997 20.24 1.47 2.57
N LEU C 998 21.01 0.71 3.38
CA LEU C 998 20.47 -0.54 3.91
C LEU C 998 19.26 -0.31 4.80
N ILE C 999 19.34 0.71 5.67
CA ILE C 999 18.24 0.99 6.59
C ILE C 999 16.99 1.39 5.81
N THR C 1000 17.14 2.25 4.80
CA THR C 1000 15.98 2.67 4.01
C THR C 1000 15.35 1.49 3.28
N GLY C 1001 16.18 0.61 2.70
CA GLY C 1001 15.63 -0.54 2.00
C GLY C 1001 14.84 -1.45 2.93
N ARG C 1002 15.41 -1.76 4.10
CA ARG C 1002 14.73 -2.65 5.03
C ARG C 1002 13.45 -2.01 5.58
N LEU C 1003 13.48 -0.70 5.83
CA LEU C 1003 12.28 -0.02 6.29
C LEU C 1003 11.18 -0.06 5.24
N GLN C 1004 11.54 0.13 3.97
CA GLN C 1004 10.54 0.06 2.91
C GLN C 1004 9.95 -1.35 2.82
N SER C 1005 10.79 -2.38 2.98
CA SER C 1005 10.28 -3.74 2.98
C SER C 1005 9.27 -3.96 4.12
N LEU C 1006 9.60 -3.47 5.32
CA LEU C 1006 8.68 -3.60 6.44
C LEU C 1006 7.36 -2.88 6.17
N GLN C 1007 7.43 -1.68 5.58
CA GLN C 1007 6.21 -0.94 5.28
C GLN C 1007 5.33 -1.70 4.29
N THR C 1008 5.94 -2.27 3.26
CA THR C 1008 5.17 -3.06 2.30
C THR C 1008 4.49 -4.25 2.97
N TYR C 1009 5.22 -4.94 3.85
CA TYR C 1009 4.63 -6.08 4.56
C TYR C 1009 3.45 -5.64 5.41
N VAL C 1010 3.59 -4.52 6.12
CA VAL C 1010 2.51 -4.06 7.00
C VAL C 1010 1.27 -3.68 6.18
N THR C 1011 1.46 -2.99 5.06
CA THR C 1011 0.30 -2.61 4.24
C THR C 1011 -0.42 -3.84 3.69
N GLN C 1012 0.35 -4.82 3.20
CA GLN C 1012 -0.28 -6.05 2.71
C GLN C 1012 -1.06 -6.74 3.82
N GLN C 1013 -0.49 -6.78 5.03
CA GLN C 1013 -1.21 -7.39 6.16
C GLN C 1013 -2.49 -6.65 6.46
N LEU C 1014 -2.47 -5.32 6.38
CA LEU C 1014 -3.69 -4.55 6.65
C LEU C 1014 -4.79 -4.89 5.66
N ILE C 1015 -4.45 -4.97 4.38
CA ILE C 1015 -5.46 -5.28 3.36
C ILE C 1015 -6.03 -6.68 3.58
N ARG C 1016 -5.15 -7.65 3.83
CA ARG C 1016 -5.62 -9.01 4.04
C ARG C 1016 -6.49 -9.11 5.30
N ALA C 1017 -6.14 -8.36 6.34
CA ALA C 1017 -6.97 -8.32 7.55
C ALA C 1017 -8.35 -7.77 7.26
N ALA C 1018 -8.44 -6.73 6.43
CA ALA C 1018 -9.75 -6.19 6.08
C ALA C 1018 -10.60 -7.24 5.36
N GLU C 1019 -9.99 -7.97 4.41
CA GLU C 1019 -10.75 -9.00 3.69
C GLU C 1019 -11.23 -10.09 4.63
N ILE C 1020 -10.35 -10.52 5.54
CA ILE C 1020 -10.73 -11.57 6.50
C ILE C 1020 -11.84 -11.07 7.42
N ARG C 1021 -11.81 -9.78 7.77
CA ARG C 1021 -12.88 -9.22 8.60
CA ARG C 1021 -12.88 -9.21 8.60
C ARG C 1021 -14.21 -9.28 7.88
N ALA C 1022 -14.23 -8.96 6.59
CA ALA C 1022 -15.48 -9.07 5.83
C ALA C 1022 -15.99 -10.50 5.82
N SER C 1023 -15.09 -11.46 5.61
CA SER C 1023 -15.51 -12.86 5.63
C SER C 1023 -16.05 -13.28 6.99
N ALA C 1024 -15.42 -12.80 8.06
CA ALA C 1024 -15.87 -13.15 9.42
C ALA C 1024 -17.23 -12.55 9.71
N ASN C 1025 -17.49 -11.32 9.24
CA ASN C 1025 -18.81 -10.74 9.41
C ASN C 1025 -19.87 -11.55 8.69
N LEU C 1026 -19.58 -11.99 7.46
CA LEU C 1026 -20.54 -12.83 6.75
C LEU C 1026 -20.78 -14.14 7.51
N ALA C 1027 -19.71 -14.74 8.04
CA ALA C 1027 -19.87 -16.00 8.78
C ALA C 1027 -20.72 -15.79 10.03
N ALA C 1028 -20.52 -14.68 10.74
CA ALA C 1028 -21.32 -14.40 11.92
C ALA C 1028 -22.79 -14.22 11.57
N THR C 1029 -23.07 -13.52 10.47
CA THR C 1029 -24.45 -13.37 10.03
C THR C 1029 -25.08 -14.72 9.70
N LYS C 1030 -24.35 -15.58 8.99
CA LYS C 1030 -24.88 -16.89 8.66
C LYS C 1030 -25.14 -17.71 9.91
N MET C 1031 -24.24 -17.66 10.89
CA MET C 1031 -24.43 -18.39 12.13
C MET C 1031 -25.67 -17.89 12.88
N SER C 1032 -25.85 -16.57 12.93
CA SER C 1032 -27.00 -16.01 13.64
C SER C 1032 -28.31 -16.37 12.98
N GLU C 1033 -28.35 -16.40 11.64
CA GLU C 1033 -29.64 -16.54 10.97
C GLU C 1033 -29.99 -17.97 10.60
N CYS C 1034 -29.04 -18.72 10.03
CA CYS C 1034 -29.36 -20.07 9.57
C CYS C 1034 -29.50 -21.04 10.73
N VAL C 1035 -28.62 -20.95 11.72
CA VAL C 1035 -28.61 -21.94 12.80
C VAL C 1035 -29.67 -21.62 13.84
N LEU C 1036 -29.69 -20.40 14.35
CA LEU C 1036 -30.59 -19.99 15.42
C LEU C 1036 -32.02 -19.72 14.93
N GLY C 1037 -32.36 -20.13 13.72
CA GLY C 1037 -33.70 -19.91 13.22
C GLY C 1037 -33.88 -20.58 11.87
N GLN C 1038 -34.97 -20.21 11.21
CA GLN C 1038 -35.25 -20.69 9.86
C GLN C 1038 -35.32 -19.48 8.92
N SER C 1039 -34.64 -19.58 7.79
CA SER C 1039 -34.43 -18.46 6.88
C SER C 1039 -35.30 -18.62 5.64
N LYS C 1040 -35.98 -17.54 5.26
CA LYS C 1040 -36.77 -17.49 4.03
C LYS C 1040 -36.04 -16.83 2.88
N ARG C 1041 -34.78 -16.44 3.06
CA ARG C 1041 -34.01 -15.84 1.98
C ARG C 1041 -33.55 -16.90 1.00
N VAL C 1042 -33.70 -16.62 -0.29
CA VAL C 1042 -33.39 -17.60 -1.32
C VAL C 1042 -31.89 -17.76 -1.45
N ASP C 1043 -31.42 -19.00 -1.46
CA ASP C 1043 -30.03 -19.37 -1.71
C ASP C 1043 -29.08 -18.83 -0.64
N PHE C 1044 -29.59 -18.41 0.51
CA PHE C 1044 -28.73 -17.95 1.58
C PHE C 1044 -28.17 -19.12 2.38
N CYS C 1045 -29.04 -19.90 3.01
CA CYS C 1045 -28.63 -21.06 3.79
C CYS C 1045 -28.90 -22.31 2.95
N GLY C 1046 -27.99 -22.60 2.02
CA GLY C 1046 -28.11 -23.75 1.16
C GLY C 1046 -29.03 -23.49 -0.02
N LYS C 1047 -29.04 -24.45 -0.95
CA LYS C 1047 -29.85 -24.37 -2.15
C LYS C 1047 -31.12 -25.20 -1.98
N GLY C 1048 -32.26 -24.57 -2.22
CA GLY C 1048 -33.54 -25.19 -1.99
C GLY C 1048 -34.33 -24.48 -0.91
N TYR C 1049 -35.32 -25.20 -0.36
CA TYR C 1049 -36.12 -24.69 0.74
C TYR C 1049 -35.45 -25.07 2.06
N HIS C 1050 -35.07 -24.06 2.83
CA HIS C 1050 -34.23 -24.28 4.00
C HIS C 1050 -35.00 -24.96 5.12
N LEU C 1051 -34.35 -25.92 5.78
CA LEU C 1051 -34.90 -26.55 6.98
C LEU C 1051 -34.06 -26.21 8.21
N MET C 1052 -32.76 -26.48 8.20
CA MET C 1052 -31.90 -25.99 9.29
C MET C 1052 -30.44 -26.10 8.88
N SER C 1053 -29.54 -25.88 9.85
CA SER C 1053 -28.11 -26.03 9.63
C SER C 1053 -27.44 -26.44 10.94
N PHE C 1054 -26.24 -27.01 10.80
CA PHE C 1054 -25.42 -27.44 11.92
C PHE C 1054 -24.01 -26.89 11.75
N PRO C 1055 -23.41 -26.34 12.81
CA PRO C 1055 -22.06 -25.78 12.70
C PRO C 1055 -20.98 -26.77 13.12
N GLN C 1056 -19.81 -26.61 12.51
CA GLN C 1056 -18.61 -27.35 12.88
C GLN C 1056 -17.42 -26.40 12.77
N SER C 1057 -16.37 -26.70 13.53
CA SER C 1057 -15.17 -25.86 13.53
C SER C 1057 -14.12 -26.44 12.59
N ALA C 1058 -13.11 -25.62 12.29
CA ALA C 1058 -11.99 -26.06 11.48
C ALA C 1058 -10.84 -25.08 11.72
N PRO C 1059 -9.60 -25.49 11.46
CA PRO C 1059 -8.46 -24.58 11.69
C PRO C 1059 -8.61 -23.30 10.89
N HIS C 1060 -8.76 -22.19 11.62
CA HIS C 1060 -8.93 -20.85 11.04
C HIS C 1060 -10.22 -20.72 10.24
N GLY C 1061 -11.28 -21.43 10.64
CA GLY C 1061 -12.51 -21.30 9.89
C GLY C 1061 -13.65 -22.11 10.47
N VAL C 1062 -14.81 -21.97 9.83
CA VAL C 1062 -16.04 -22.63 10.24
C VAL C 1062 -16.66 -23.34 9.05
N VAL C 1063 -17.45 -24.36 9.34
CA VAL C 1063 -18.12 -25.17 8.32
C VAL C 1063 -19.60 -25.28 8.69
N PHE C 1064 -20.47 -25.09 7.71
CA PHE C 1064 -21.91 -25.18 7.92
C PHE C 1064 -22.46 -26.35 7.12
N LEU C 1065 -23.28 -27.18 7.75
CA LEU C 1065 -24.00 -28.25 7.08
C LEU C 1065 -25.47 -27.83 7.00
N HIS C 1066 -25.93 -27.58 5.78
CA HIS C 1066 -27.29 -27.07 5.54
C HIS C 1066 -28.20 -28.22 5.12
N VAL C 1067 -29.30 -28.38 5.84
CA VAL C 1067 -30.32 -29.39 5.54
C VAL C 1067 -31.52 -28.68 4.93
N THR C 1068 -31.86 -29.07 3.70
CA THR C 1068 -32.89 -28.43 2.89
C THR C 1068 -33.75 -29.49 2.23
N TYR C 1069 -34.82 -29.04 1.57
CA TYR C 1069 -35.90 -29.87 1.05
C TYR C 1069 -36.11 -29.56 -0.42
N VAL C 1070 -36.21 -30.59 -1.27
CA VAL C 1070 -36.29 -30.39 -2.71
C VAL C 1070 -37.37 -31.29 -3.33
N PRO C 1071 -38.32 -30.75 -4.11
CA PRO C 1071 -39.30 -31.61 -4.77
C PRO C 1071 -38.66 -32.49 -5.84
N ALA C 1072 -39.22 -33.69 -6.03
CA ALA C 1072 -38.57 -34.71 -6.83
C ALA C 1072 -39.32 -35.11 -8.09
N GLN C 1073 -40.57 -35.58 -7.99
CA GLN C 1073 -41.26 -36.20 -9.12
C GLN C 1073 -42.50 -35.40 -9.47
N GLU C 1074 -42.61 -34.99 -10.73
CA GLU C 1074 -43.66 -34.10 -11.19
C GLU C 1074 -44.77 -34.85 -11.91
N LYS C 1075 -45.89 -34.16 -12.10
CA LYS C 1075 -46.98 -34.69 -12.90
C LYS C 1075 -47.75 -33.52 -13.51
N ASN C 1076 -48.18 -33.68 -14.76
CA ASN C 1076 -48.95 -32.68 -15.46
C ASN C 1076 -50.38 -32.61 -14.93
N PHE C 1077 -50.97 -31.41 -15.03
CA PHE C 1077 -52.36 -31.20 -14.63
C PHE C 1077 -52.91 -30.01 -15.40
N THR C 1078 -54.24 -29.92 -15.43
CA THR C 1078 -54.94 -28.80 -16.04
C THR C 1078 -55.52 -27.92 -14.94
N THR C 1079 -55.41 -26.60 -15.10
CA THR C 1079 -55.80 -25.65 -14.07
C THR C 1079 -56.95 -24.77 -14.55
N ALA C 1080 -57.42 -23.93 -13.64
CA ALA C 1080 -58.49 -22.96 -13.88
C ALA C 1080 -58.49 -21.93 -12.75
N PRO C 1081 -58.62 -20.64 -13.06
CA PRO C 1081 -58.54 -19.63 -12.00
C PRO C 1081 -59.69 -19.66 -11.00
N ALA C 1082 -60.88 -20.09 -11.42
CA ALA C 1082 -62.03 -20.07 -10.52
C ALA C 1082 -63.07 -21.06 -11.02
N ILE C 1083 -64.08 -21.29 -10.18
CA ILE C 1083 -65.18 -22.21 -10.48
C ILE C 1083 -66.49 -21.44 -10.40
N CYS C 1084 -67.23 -21.38 -11.50
CA CYS C 1084 -68.53 -20.73 -11.53
C CYS C 1084 -69.58 -21.80 -11.28
N HIS C 1085 -70.12 -21.83 -10.06
CA HIS C 1085 -71.02 -22.90 -9.65
C HIS C 1085 -72.49 -22.53 -9.88
N ASP C 1086 -72.96 -21.47 -9.22
CA ASP C 1086 -74.37 -21.09 -9.22
C ASP C 1086 -74.50 -19.59 -9.45
N GLY C 1087 -73.79 -19.09 -10.45
CA GLY C 1087 -73.69 -17.66 -10.66
C GLY C 1087 -72.66 -16.98 -9.81
N LYS C 1088 -71.91 -17.73 -9.01
CA LYS C 1088 -70.87 -17.19 -8.14
C LYS C 1088 -69.53 -17.83 -8.48
N ALA C 1089 -68.47 -17.06 -8.36
CA ALA C 1089 -67.12 -17.52 -8.66
C ALA C 1089 -66.42 -17.86 -7.35
N HIS C 1090 -65.92 -19.09 -7.25
CA HIS C 1090 -65.24 -19.57 -6.06
C HIS C 1090 -63.73 -19.59 -6.30
N PHE C 1091 -62.98 -18.93 -5.42
CA PHE C 1091 -61.52 -18.90 -5.48
C PHE C 1091 -60.94 -19.77 -4.37
N PRO C 1092 -59.78 -20.40 -4.60
CA PRO C 1092 -59.19 -21.24 -3.56
C PRO C 1092 -58.68 -20.40 -2.38
N ARG C 1093 -58.66 -21.02 -1.21
CA ARG C 1093 -58.14 -20.33 -0.03
C ARG C 1093 -56.61 -20.40 0.03
N GLU C 1094 -56.06 -21.61 0.11
CA GLU C 1094 -54.61 -21.80 0.23
C GLU C 1094 -54.09 -22.83 -0.75
N GLY C 1095 -54.83 -23.15 -1.80
CA GLY C 1095 -54.44 -24.20 -2.73
C GLY C 1095 -54.54 -23.76 -4.17
N VAL C 1096 -54.79 -24.74 -5.03
CA VAL C 1096 -54.88 -24.53 -6.48
C VAL C 1096 -55.80 -25.59 -7.05
N PHE C 1097 -56.58 -25.21 -8.06
CA PHE C 1097 -57.50 -26.15 -8.71
C PHE C 1097 -56.76 -26.94 -9.77
N VAL C 1098 -57.00 -28.26 -9.80
CA VAL C 1098 -56.39 -29.17 -10.77
C VAL C 1098 -57.45 -30.17 -11.23
N SER C 1099 -57.08 -30.99 -12.22
CA SER C 1099 -57.97 -31.99 -12.79
C SER C 1099 -57.12 -33.02 -13.52
N ASN C 1100 -57.46 -34.31 -13.39
CA ASN C 1100 -56.65 -35.24 -14.16
C ASN C 1100 -57.08 -35.23 -15.62
N GLY C 1101 -58.31 -34.80 -15.88
CA GLY C 1101 -58.89 -34.93 -17.20
C GLY C 1101 -60.39 -35.10 -17.15
N THR C 1102 -60.92 -35.57 -16.01
CA THR C 1102 -62.35 -35.76 -15.82
C THR C 1102 -62.91 -34.96 -14.66
N HIS C 1103 -62.39 -35.15 -13.45
CA HIS C 1103 -62.90 -34.48 -12.25
C HIS C 1103 -61.95 -33.36 -11.83
N TRP C 1104 -62.46 -32.50 -10.95
CA TRP C 1104 -61.70 -31.35 -10.45
C TRP C 1104 -61.43 -31.51 -8.96
N PHE C 1105 -60.29 -30.99 -8.52
CA PHE C 1105 -59.87 -31.06 -7.13
C PHE C 1105 -59.16 -29.76 -6.76
N VAL C 1106 -58.97 -29.55 -5.47
CA VAL C 1106 -58.15 -28.46 -4.95
C VAL C 1106 -57.04 -29.06 -4.11
N THR C 1107 -55.80 -28.71 -4.42
CA THR C 1107 -54.63 -29.30 -3.79
C THR C 1107 -53.64 -28.23 -3.38
N GLN C 1108 -52.83 -28.52 -2.37
CA GLN C 1108 -51.78 -27.61 -1.97
C GLN C 1108 -50.73 -27.51 -3.06
N ARG C 1109 -49.96 -26.42 -3.01
CA ARG C 1109 -49.07 -26.08 -4.12
C ARG C 1109 -47.81 -26.94 -4.15
N ASN C 1110 -47.26 -27.30 -3.00
CA ASN C 1110 -45.96 -27.95 -2.92
C ASN C 1110 -46.02 -29.47 -2.88
N PHE C 1111 -47.22 -30.05 -2.88
CA PHE C 1111 -47.36 -31.49 -2.75
C PHE C 1111 -48.71 -31.89 -3.32
N TYR C 1112 -48.74 -32.97 -4.09
CA TYR C 1112 -49.99 -33.42 -4.71
C TYR C 1112 -50.81 -34.15 -3.67
N GLU C 1113 -51.95 -33.58 -3.29
CA GLU C 1113 -52.87 -34.19 -2.34
C GLU C 1113 -54.27 -33.71 -2.67
N PRO C 1114 -54.93 -34.35 -3.64
CA PRO C 1114 -56.23 -33.83 -4.10
C PRO C 1114 -57.32 -34.00 -3.05
N GLN C 1115 -58.26 -33.08 -3.08
CA GLN C 1115 -59.39 -33.09 -2.16
C GLN C 1115 -60.62 -32.56 -2.87
N ILE C 1116 -61.80 -32.97 -2.37
CA ILE C 1116 -63.05 -32.58 -3.00
C ILE C 1116 -63.30 -31.10 -2.79
N ILE C 1117 -63.71 -30.41 -3.85
CA ILE C 1117 -64.05 -29.00 -3.75
C ILE C 1117 -65.29 -28.84 -2.87
N THR C 1118 -65.23 -27.90 -1.93
CA THR C 1118 -66.31 -27.70 -0.99
C THR C 1118 -66.30 -26.25 -0.52
N THR C 1119 -67.37 -25.84 0.15
CA THR C 1119 -67.47 -24.46 0.63
C THR C 1119 -66.55 -24.18 1.80
N ASP C 1120 -65.69 -25.11 2.20
CA ASP C 1120 -64.69 -24.86 3.23
C ASP C 1120 -63.30 -24.65 2.67
N ASN C 1121 -63.06 -25.01 1.39
CA ASN C 1121 -61.80 -24.75 0.73
C ASN C 1121 -61.82 -23.49 -0.12
N THR C 1122 -62.99 -23.00 -0.49
CA THR C 1122 -63.13 -21.90 -1.44
C THR C 1122 -63.88 -20.73 -0.80
N PHE C 1123 -63.61 -19.53 -1.30
CA PHE C 1123 -64.34 -18.34 -0.89
C PHE C 1123 -64.93 -17.66 -2.10
N VAL C 1124 -66.09 -17.03 -1.91
CA VAL C 1124 -66.90 -16.48 -3.00
C VAL C 1124 -66.57 -15.01 -3.18
N SER C 1125 -66.56 -14.57 -4.44
CA SER C 1125 -66.35 -13.15 -4.73
C SER C 1125 -66.92 -12.84 -6.11
N GLY C 1126 -67.99 -12.04 -6.16
CA GLY C 1126 -68.52 -11.58 -7.42
C GLY C 1126 -69.35 -12.63 -8.15
N ASN C 1127 -69.47 -12.44 -9.46
CA ASN C 1127 -70.20 -13.34 -10.33
C ASN C 1127 -69.30 -13.73 -11.50
N CYS C 1128 -69.60 -14.89 -12.09
CA CYS C 1128 -68.70 -15.52 -13.07
C CYS C 1128 -68.92 -14.93 -14.46
N ASP C 1129 -68.59 -13.64 -14.59
CA ASP C 1129 -68.56 -13.01 -15.89
C ASP C 1129 -67.41 -12.02 -16.07
N VAL C 1130 -66.45 -11.98 -15.15
CA VAL C 1130 -65.34 -11.04 -15.25
C VAL C 1130 -64.02 -11.80 -15.34
N VAL C 1131 -63.98 -13.03 -14.80
CA VAL C 1131 -62.78 -13.84 -14.85
C VAL C 1131 -62.63 -14.44 -16.24
N ILE C 1132 -61.38 -14.60 -16.68
CA ILE C 1132 -61.11 -14.99 -18.06
C ILE C 1132 -61.33 -16.49 -18.26
N GLY C 1133 -60.56 -17.31 -17.55
CA GLY C 1133 -60.58 -18.74 -17.80
C GLY C 1133 -61.43 -19.54 -16.83
N ILE C 1134 -62.54 -18.97 -16.38
CA ILE C 1134 -63.39 -19.67 -15.42
C ILE C 1134 -64.07 -20.85 -16.10
N VAL C 1135 -64.41 -21.86 -15.29
CA VAL C 1135 -65.02 -23.09 -15.78
C VAL C 1135 -66.27 -23.37 -14.96
N ASN C 1136 -66.93 -24.49 -15.26
CA ASN C 1136 -68.14 -24.90 -14.58
C ASN C 1136 -67.89 -26.18 -13.79
N ASN C 1137 -68.39 -26.21 -12.55
CA ASN C 1137 -68.33 -27.42 -11.74
C ASN C 1137 -69.34 -27.30 -10.61
N THR C 1138 -69.28 -28.23 -9.67
CA THR C 1138 -70.22 -28.31 -8.56
C THR C 1138 -69.47 -28.30 -7.23
N VAL C 1139 -69.97 -27.53 -6.27
CA VAL C 1139 -69.35 -27.39 -4.96
C VAL C 1139 -70.19 -28.16 -3.93
N TYR C 1140 -69.51 -28.80 -2.98
CA TYR C 1140 -70.15 -29.79 -2.12
C TYR C 1140 -71.22 -29.17 -1.24
N ASP C 1141 -70.88 -28.09 -0.52
CA ASP C 1141 -71.75 -27.53 0.51
C ASP C 1141 -72.06 -28.59 1.56
N PRO C 1142 -71.09 -28.93 2.42
CA PRO C 1142 -71.24 -30.11 3.27
C PRO C 1142 -72.24 -29.94 4.41
N LEU C 1143 -73.46 -29.57 4.08
CA LEU C 1143 -74.52 -29.47 5.09
C LEU C 1143 -75.78 -30.23 4.70
N GLN C 1144 -76.12 -30.26 3.41
CA GLN C 1144 -77.35 -30.94 2.98
C GLN C 1144 -77.32 -32.44 3.26
N PRO C 1145 -76.29 -33.20 2.91
CA PRO C 1145 -76.33 -34.64 3.21
C PRO C 1145 -76.43 -34.94 4.70
N GLU C 1146 -75.80 -34.13 5.55
CA GLU C 1146 -75.91 -34.35 6.99
C GLU C 1146 -77.30 -34.00 7.50
N LEU C 1147 -77.92 -32.97 6.91
CA LEU C 1147 -79.28 -32.60 7.29
C LEU C 1147 -80.29 -33.69 6.91
N ASP C 1148 -79.97 -34.48 5.90
CA ASP C 1148 -80.85 -35.55 5.44
C ASP C 1148 -81.00 -36.64 6.50
C1 NAG D . -40.82 -41.49 -4.04
C2 NAG D . -39.88 -41.70 -2.86
C3 NAG D . -40.49 -42.68 -1.84
C4 NAG D . -41.07 -43.90 -2.55
C5 NAG D . -42.03 -43.48 -3.65
C6 NAG D . -43.45 -43.96 -3.42
C7 NAG D . -37.47 -42.05 -2.59
C8 NAG D . -36.21 -42.61 -3.22
N2 NAG D . -38.58 -42.18 -3.31
O3 NAG D . -41.50 -42.02 -1.10
O4 NAG D . -40.03 -44.69 -3.10
O5 NAG D . -42.09 -42.05 -3.73
O6 NAG D . -44.33 -42.87 -3.20
O7 NAG D . -37.45 -41.53 -1.49
C1 NAG D . -39.43 -45.48 -2.06
C2 NAG D . -39.43 -46.96 -2.49
C3 NAG D . -38.00 -47.48 -2.66
C4 NAG D . -37.16 -47.25 -1.42
C5 NAG D . -37.45 -45.88 -0.82
C6 NAG D . -36.20 -45.15 -0.38
C7 NAG D . -41.49 -47.94 -1.57
C8 NAG D . -42.08 -48.82 -0.51
N2 NAG D . -40.16 -47.78 -1.53
O3 NAG D . -37.40 -46.85 -3.78
O4 NAG D . -37.43 -48.26 -0.45
O5 NAG D . -38.09 -45.07 -1.79
O6 NAG D . -35.05 -45.65 -1.03
O7 NAG D . -42.19 -47.39 -2.42
C1 NAG E . -57.47 3.18 -10.49
C2 NAG E . -58.88 3.70 -10.77
C3 NAG E . -59.22 3.54 -12.25
C4 NAG E . -58.15 4.18 -13.11
C5 NAG E . -56.78 3.62 -12.74
C6 NAG E . -55.64 4.28 -13.49
C7 NAG E . -61.08 3.49 -9.68
C8 NAG E . -61.95 2.64 -8.81
N2 NAG E . -59.86 3.00 -9.95
O3 NAG E . -60.48 4.13 -12.52
O4 NAG E . -58.43 3.93 -14.49
O5 NAG E . -56.54 3.84 -11.36
O6 NAG E . -54.41 4.12 -12.80
O7 NAG E . -61.45 4.58 -10.12
C1 NAG E . -58.44 5.17 -15.24
C2 NAG E . -58.13 4.89 -16.70
C3 NAG E . -58.73 5.96 -17.57
C4 NAG E . -60.25 5.86 -17.54
C5 NAG E . -60.76 5.71 -16.11
C6 NAG E . -61.39 4.36 -15.82
C7 NAG E . -56.10 3.64 -17.28
C8 NAG E . -54.61 3.70 -17.46
N2 NAG E . -56.70 4.78 -16.91
O3 NAG E . -58.25 5.82 -18.90
O4 NAG E . -60.83 7.01 -18.14
O5 NAG E . -59.73 5.92 -15.12
O6 NAG E . -62.20 3.93 -16.91
O7 NAG E . -56.73 2.60 -17.44
C1 NAG F . -45.81 -4.79 -27.33
C2 NAG F . -47.08 -4.54 -28.15
C3 NAG F . -46.73 -4.37 -29.65
C4 NAG F . -45.58 -3.40 -29.85
C5 NAG F . -44.42 -3.77 -28.94
C6 NAG F . -43.28 -2.78 -28.98
C7 NAG F . -47.81 -6.88 -28.36
C8 NAG F . -48.94 -7.84 -28.12
N2 NAG F . -48.05 -5.61 -27.97
O3 NAG F . -47.89 -3.97 -30.37
O4 NAG F . -45.10 -3.40 -31.20
O5 NAG F . -44.87 -3.78 -27.59
O6 NAG F . -43.76 -1.46 -28.79
O7 NAG F . -46.76 -7.23 -28.85
C1 NAG F . -45.41 -2.13 -31.81
C2 NAG F . -44.30 -1.69 -32.78
C3 NAG F . -44.69 -0.40 -33.48
C4 NAG F . -46.04 -0.54 -34.16
C5 NAG F . -47.09 -1.01 -33.15
C6 NAG F . -48.43 -1.32 -33.81
C7 NAG F . -41.88 -1.93 -32.59
C8 NAG F . -40.67 -1.70 -31.73
N2 NAG F . -43.04 -1.53 -32.08
O3 NAG F . -43.70 -0.07 -34.45
O4 NAG F . -46.46 0.71 -34.69
O5 NAG F . -46.65 -2.23 -32.53
O6 NAG F . -48.36 -2.46 -34.64
O7 NAG F . -41.79 -2.47 -33.69
C1 NAG G . -72.77 3.18 4.35
C2 NAG G . -73.67 4.14 3.56
C3 NAG G . -75.12 3.67 3.60
C4 NAG G . -75.23 2.21 3.16
C5 NAG G . -74.27 1.34 3.96
C6 NAG G . -74.25 -0.10 3.50
C7 NAG G . -73.46 6.55 3.26
C8 NAG G . -73.35 7.88 3.95
N2 NAG G . -73.55 5.49 4.06
O3 NAG G . -75.91 4.49 2.75
O4 NAG G . -76.56 1.76 3.35
O5 NAG G . -72.94 1.84 3.86
O6 NAG G . -74.34 -0.19 2.08
O7 NAG G . -73.45 6.46 2.03
C1 NAG G . -77.18 1.42 2.09
C2 NAG G . -78.55 0.78 2.36
C3 NAG G . -79.24 0.44 1.05
C4 NAG G . -79.32 1.67 0.16
C5 NAG G . -77.93 2.28 -0.03
C6 NAG G . -77.96 3.58 -0.80
C7 NAG G . -79.26 -0.69 4.19
C8 NAG G . -78.98 -1.96 4.95
N2 NAG G . -78.42 -0.41 3.19
O3 NAG G . -80.55 -0.06 1.32
O4 NAG G . -79.85 1.31 -1.11
O5 NAG G . -77.36 2.58 1.25
O6 NAG G . -79.01 4.43 -0.36
O7 NAG G . -80.20 0.04 4.47
C1 NAG H . -73.60 -1.67 24.29
C2 NAG H . -73.75 -0.23 24.80
C3 NAG H . -73.64 -0.19 26.32
C4 NAG H . -74.63 -1.16 26.95
C5 NAG H . -74.37 -2.56 26.39
C6 NAG H . -75.32 -3.61 26.92
C7 NAG H . -73.08 1.81 23.59
C8 NAG H . -74.53 2.16 23.56
N2 NAG H . -72.76 0.65 24.20
O3 NAG H . -73.90 1.13 26.78
O4 NAG H . -74.47 -1.16 28.36
O5 NAG H . -74.53 -2.53 24.97
O6 NAG H . -76.66 -3.31 26.56
O7 NAG H . -72.22 2.53 23.10
C1 NAG H . -75.71 -0.79 28.99
C2 NAG H . -75.54 -0.89 30.52
C3 NAG H . -76.81 -0.45 31.26
C4 NAG H . -77.26 0.92 30.76
C5 NAG H . -77.38 0.93 29.24
C6 NAG H . -77.74 2.28 28.68
C7 NAG H . -75.67 -3.40 30.85
C8 NAG H . -77.01 -3.47 30.16
N2 NAG H . -75.07 -2.20 30.96
O3 NAG H . -76.54 -0.40 32.66
O4 NAG H . -78.52 1.24 31.33
O5 NAG H . -76.13 0.55 28.64
O6 NAG H . -78.58 2.18 27.54
O7 NAG H . -75.14 -4.42 31.29
C1 NAG I . -46.70 -11.16 34.05
C2 NAG I . -47.81 -11.28 35.09
C3 NAG I . -48.13 -9.92 35.66
C4 NAG I . -46.88 -9.25 36.21
C5 NAG I . -45.80 -9.21 35.13
C6 NAG I . -44.48 -8.69 35.65
C7 NAG I . -49.63 -12.93 35.04
C8 NAG I . -50.84 -13.43 34.30
N2 NAG I . -49.00 -11.88 34.49
O3 NAG I . -49.11 -10.07 36.70
O4 NAG I . -47.17 -7.93 36.64
O5 NAG I . -45.55 -10.54 34.64
O6 NAG I . -44.22 -9.13 36.97
O7 NAG I . -49.23 -13.46 36.07
C1 NAG I . -47.19 -7.88 38.08
C2 NAG I . -47.07 -6.42 38.50
C3 NAG I . -46.98 -6.31 40.01
C4 NAG I . -47.44 -7.59 40.72
C5 NAG I . -48.58 -8.34 40.00
C6 NAG I . -49.94 -7.72 40.23
C7 NAG I . -46.02 -4.85 36.93
C8 NAG I . -44.74 -4.31 36.39
N2 NAG I . -45.92 -5.79 37.87
O3 NAG I . -47.76 -5.21 40.45
O4 NAG I . -46.35 -8.47 40.96
O5 NAG I . -48.40 -8.41 38.57
O6 NAG I . -50.14 -7.39 41.60
O7 NAG I . -47.12 -4.45 36.53
C1 NAG J . -43.93 10.92 30.34
C2 NAG J . -44.90 11.24 31.47
C3 NAG J . -44.57 12.60 32.10
C4 NAG J . -43.09 12.70 32.45
C5 NAG J . -42.23 12.29 31.27
C6 NAG J . -40.77 12.16 31.64
C7 NAG J . -46.77 12.03 30.06
C8 NAG J . -48.22 11.89 29.75
N2 NAG J . -46.28 11.22 31.01
O3 NAG J . -45.36 12.78 33.27
O4 NAG J . -42.74 14.03 32.83
O5 NAG J . -42.62 11.00 30.81
O6 NAG J . -40.60 11.21 32.68
O7 NAG J . -46.06 12.85 29.47
C1 NAG J . -42.51 13.98 34.26
C2 NAG J . -41.38 14.91 34.64
C3 NAG J . -41.10 14.80 36.13
C4 NAG J . -42.24 14.14 36.90
C5 NAG J . -43.64 14.42 36.34
C6 NAG J . -44.20 15.75 36.78
C7 NAG J . -39.39 15.55 33.35
C8 NAG J . -38.18 15.06 32.59
N2 NAG J . -40.18 14.60 33.87
O3 NAG J . -40.86 16.10 36.66
O4 NAG J . -42.02 12.73 36.99
O5 NAG J . -43.69 14.40 34.91
O6 NAG J . -43.39 16.36 37.77
O7 NAG J . -39.63 16.74 33.48
C1 NAG K . -56.92 -30.08 34.23
C2 NAG K . -57.28 -30.14 35.71
C3 NAG K . -58.78 -30.40 35.88
C4 NAG K . -59.60 -29.40 35.08
C5 NAG K . -59.13 -29.38 33.63
C6 NAG K . -59.81 -28.31 32.81
C7 NAG K . -55.70 -30.87 37.44
C8 NAG K . -54.96 -32.04 38.03
N2 NAG K . -56.50 -31.15 36.40
O3 NAG K . -59.12 -30.32 37.26
O4 NAG K . -60.97 -29.77 35.12
O5 NAG K . -57.72 -29.10 33.57
O6 NAG K . -59.85 -27.07 33.50
O7 NAG K . -55.57 -29.74 37.86
C1 NAG K . -61.75 -28.72 35.74
C2 NAG K . -63.20 -29.21 35.85
C3 NAG K . -64.05 -28.15 36.54
C4 NAG K . -63.43 -27.76 37.88
C5 NAG K . -61.98 -27.33 37.68
C6 NAG K . -61.26 -27.03 38.98
C7 NAG K . -64.55 -30.57 34.32
C8 NAG K . -65.02 -30.74 32.91
N2 NAG K . -63.74 -29.52 34.54
O3 NAG K . -65.36 -28.65 36.75
O4 NAG K . -64.16 -26.67 38.46
O5 NAG K . -61.24 -28.39 37.05
O6 NAG K . -62.10 -26.33 39.88
O7 NAG K . -64.89 -31.33 35.22
C1 NAG L . -57.85 -45.64 21.12
C2 NAG L . -56.92 -46.70 21.74
C3 NAG L . -56.86 -47.94 20.83
C4 NAG L . -58.26 -48.49 20.61
C5 NAG L . -59.11 -47.40 19.96
C6 NAG L . -60.54 -47.83 19.67
C7 NAG L . -54.81 -46.52 23.01
C8 NAG L . -55.43 -47.46 24.00
N2 NAG L . -55.59 -46.18 21.96
O3 NAG L . -56.02 -48.93 21.40
O4 NAG L . -58.20 -49.62 19.75
O5 NAG L . -59.15 -46.25 20.81
O6 NAG L . -61.29 -48.02 20.86
O7 NAG L . -53.69 -46.06 23.16
C1 NAG L . -58.39 -50.87 20.46
C2 NAG L . -58.16 -52.00 19.45
C3 NAG L . -58.30 -53.37 20.12
C4 NAG L . -57.39 -53.45 21.34
C5 NAG L . -57.67 -52.28 22.28
C6 NAG L . -56.76 -52.26 23.48
C7 NAG L . -60.32 -51.95 18.10
C8 NAG L . -61.14 -52.11 19.35
N2 NAG L . -58.97 -51.90 18.23
O3 NAG L . -57.96 -54.39 19.18
O4 NAG L . -57.60 -54.68 22.03
O5 NAG L . -57.51 -51.04 21.59
O6 NAG L . -57.11 -53.28 24.41
O7 NAG L . -60.84 -51.86 16.99
C1 NAG M . -25.78 -43.72 13.96
C2 NAG M . -26.28 -45.18 13.99
C3 NAG M . -25.16 -46.12 14.40
C4 NAG M . -23.94 -45.95 13.51
C5 NAG M . -23.50 -44.48 13.48
C6 NAG M . -22.39 -44.23 12.48
C7 NAG M . -27.43 -45.38 16.18
C8 NAG M . -28.75 -45.61 16.85
N2 NAG M . -27.45 -45.37 14.84
O3 NAG M . -25.65 -47.45 14.31
O4 NAG M . -22.90 -46.74 14.06
O5 NAG M . -24.59 -43.63 13.11
O6 NAG M . -22.64 -44.93 11.27
O7 NAG M . -26.42 -45.14 16.84
C1 NAG M . -22.62 -47.90 13.24
C2 NAG M . -21.10 -48.12 13.27
C3 NAG M . -20.74 -49.33 12.42
C4 NAG M . -21.53 -50.56 12.87
C5 NAG M . -23.03 -50.24 12.88
C6 NAG M . -23.87 -51.37 13.43
C7 NAG M . -19.42 -46.36 13.53
C8 NAG M . -18.79 -45.15 12.91
N2 NAG M . -20.39 -46.94 12.81
O3 NAG M . -19.35 -49.60 12.56
O4 NAG M . -21.30 -51.63 11.99
O5 NAG M . -23.29 -49.09 13.70
O6 NAG M . -23.64 -51.57 14.83
O7 NAG M . -19.09 -46.78 14.63
C1 NAG N . -59.59 -38.48 -11.80
C2 NAG N . -59.64 -39.86 -12.46
C3 NAG N . -61.00 -40.50 -12.21
C4 NAG N . -61.28 -40.59 -10.72
C5 NAG N . -61.15 -39.20 -10.07
C6 NAG N . -61.28 -39.25 -8.56
C7 NAG N . -58.54 -40.59 -14.52
C8 NAG N . -58.36 -40.32 -15.98
N2 NAG N . -59.37 -39.76 -13.88
O3 NAG N . -61.00 -41.80 -12.80
O4 NAG N . -62.60 -41.09 -10.54
O5 NAG N . -59.88 -38.61 -10.38
O6 NAG N . -60.72 -40.44 -8.02
O7 NAG N . -57.96 -41.51 -13.96
C1 NAG N . -62.53 -42.41 -9.96
C2 NAG N . -63.94 -43.01 -9.84
C3 NAG N . -63.86 -44.42 -9.26
C4 NAG N . -62.90 -45.28 -10.07
C5 NAG N . -61.54 -44.59 -10.20
C6 NAG N . -60.58 -45.35 -11.10
C7 NAG N . -66.09 -41.98 -9.25
C8 NAG N . -66.81 -41.08 -8.29
N2 NAG N . -64.79 -42.16 -9.01
O3 NAG N . -65.15 -45.01 -9.26
O4 NAG N . -62.71 -46.53 -9.42
O5 NAG N . -61.71 -43.29 -10.78
O6 NAG N . -61.17 -46.54 -11.60
O7 NAG N . -66.65 -42.50 -10.21
C1 NAG O . -71.11 -22.69 -17.79
C2 NAG O . -71.10 -22.70 -19.31
C3 NAG O . -71.86 -21.49 -19.86
C4 NAG O . -73.26 -21.44 -19.26
C5 NAG O . -73.19 -21.48 -17.73
C6 NAG O . -74.55 -21.56 -17.08
C7 NAG O . -69.27 -23.63 -20.67
C8 NAG O . -70.24 -24.69 -21.08
N2 NAG O . -69.74 -22.71 -19.82
O3 NAG O . -71.94 -21.58 -21.28
O4 NAG O . -73.91 -20.24 -19.67
O5 NAG O . -72.47 -22.65 -17.32
O6 NAG O . -75.30 -22.67 -17.56
O7 NAG O . -68.12 -23.61 -21.07
C1 NAG O . -75.04 -20.54 -20.51
C2 NAG O . -75.36 -19.30 -21.36
C3 NAG O . -76.49 -19.58 -22.35
C4 NAG O . -76.19 -20.84 -23.16
C5 NAG O . -75.87 -22.00 -22.23
C6 NAG O . -75.48 -23.26 -22.97
C7 NAG O . -76.59 -17.86 -19.67
C8 NAG O . -77.59 -18.96 -19.40
N2 NAG O . -75.60 -18.10 -20.56
O3 NAG O . -76.65 -18.47 -23.22
O4 NAG O . -77.31 -21.17 -23.98
O5 NAG O . -74.77 -21.66 -21.38
O6 NAG O . -74.30 -23.84 -22.42
O7 NAG O . -76.66 -16.78 -19.08
C1 NAG P . -14.97 38.08 11.07
C2 NAG P . -15.12 36.66 11.64
C3 NAG P . -15.58 36.72 13.10
C4 NAG P . -14.68 37.63 13.92
C5 NAG P . -14.59 39.00 13.26
C6 NAG P . -13.64 39.93 13.97
C7 NAG P . -16.18 34.56 10.94
C8 NAG P . -17.22 33.93 10.06
N2 NAG P . -16.07 35.89 10.85
O3 NAG P . -15.58 35.41 13.66
O4 NAG P . -15.21 37.79 15.24
O5 NAG P . -14.09 38.84 11.93
O6 NAG P . -14.20 41.24 14.12
O7 NAG P . -15.50 33.90 11.72
C1 NAG Q . -34.24 37.50 4.30
C2 NAG Q . -34.35 38.97 3.84
C3 NAG Q . -34.13 39.91 5.01
C4 NAG Q . -35.08 39.56 6.16
C5 NAG Q . -34.91 38.09 6.53
C6 NAG Q . -35.90 37.64 7.60
C7 NAG Q . -33.73 39.91 1.66
C8 NAG Q . -32.62 40.13 0.67
N2 NAG Q . -33.40 39.25 2.78
O3 NAG Q . -34.38 41.25 4.60
O4 NAG Q . -34.80 40.38 7.30
O5 NAG Q . -35.15 37.26 5.39
O6 NAG Q . -37.08 37.11 7.02
O7 NAG Q . -34.86 40.32 1.45
C1 NAG R . -59.48 10.26 23.02
C2 NAG R . -59.46 9.14 24.06
C3 NAG R . -59.34 9.74 25.46
C4 NAG R . -58.14 10.67 25.54
C5 NAG R . -58.20 11.71 24.42
C6 NAG R . -56.97 12.60 24.38
C7 NAG R . -60.73 7.25 23.17
C8 NAG R . -62.04 6.51 23.19
N2 NAG R . -60.65 8.32 23.95
O3 NAG R . -59.20 8.69 26.42
O4 NAG R . -58.12 11.33 26.79
O5 NAG R . -58.29 11.06 23.15
O6 NAG R . -57.31 13.93 24.02
O7 NAG R . -59.79 6.86 22.48
C1 NAG S . -59.32 12.16 6.81
C2 NAG S . -59.19 12.94 5.49
C3 NAG S . -58.71 14.35 5.77
C4 NAG S . -59.62 15.02 6.80
C5 NAG S . -59.79 14.13 8.04
C6 NAG S . -60.75 14.71 9.06
C7 NAG S . -58.58 12.17 3.25
C8 NAG S . -57.57 11.44 2.42
N2 NAG S . -58.30 12.27 4.56
O3 NAG S . -58.70 15.10 4.57
O4 NAG S . -59.07 16.26 7.19
O5 NAG S . -60.26 12.81 7.67
O6 NAG S . -60.66 16.12 9.05
O7 NAG S . -59.60 12.64 2.75
C1 NAG T . 23.34 2.69 48.89
C2 NAG T . 22.89 1.23 48.80
C3 NAG T . 24.04 0.32 49.21
C4 NAG T . 25.28 0.64 48.37
C5 NAG T . 25.59 2.14 48.33
C6 NAG T . 26.63 2.49 47.30
C7 NAG T . 21.60 1.17 50.93
C8 NAG T . 20.30 0.77 51.55
N2 NAG T . 21.70 0.96 49.61
O3 NAG T . 23.65 -1.03 49.02
O4 NAG T . 26.42 -0.02 48.94
O5 NAG T . 24.42 2.90 47.98
O6 NAG T . 27.76 1.62 47.39
O7 NAG T . 22.51 1.67 51.60
C1 NAG U . 11.47 -25.44 30.35
C2 NAG U . 10.47 -26.36 29.64
C3 NAG U . 10.33 -27.68 30.39
C4 NAG U . 11.70 -28.31 30.62
C5 NAG U . 12.63 -27.33 31.31
C6 NAG U . 14.03 -27.84 31.47
C7 NAG U . 8.33 -25.99 28.50
C8 NAG U . 7.04 -25.24 28.51
N2 NAG U . 9.18 -25.72 29.50
O3 NAG U . 9.51 -28.56 29.65
O4 NAG U . 11.57 -29.48 31.42
O5 NAG U . 12.72 -26.12 30.53
O6 NAG U . 14.13 -28.74 32.57
O7 NAG U . 8.59 -26.83 27.64
C1 NAG V . -0.14 30.65 37.82
C2 NAG V . -1.41 30.70 36.98
C3 NAG V . -2.63 31.08 37.82
C4 NAG V . -2.32 31.13 39.32
C5 NAG V . -1.37 30.01 39.80
C6 NAG V . -2.07 28.70 40.03
C7 NAG V . -1.10 32.84 35.65
C8 NAG V . -0.94 33.65 36.90
N2 NAG V . -1.31 31.51 35.77
O3 NAG V . -3.66 30.13 37.58
O4 NAG V . -1.83 32.41 39.70
O5 NAG V . -0.30 29.74 38.87
O6 NAG V . -1.40 27.65 39.34
O7 NAG V . -1.04 33.37 34.54
C1 NAG W . -5.38 -26.84 41.97
C2 NAG W . -5.10 -26.94 43.47
C3 NAG W . -3.75 -27.62 43.71
C4 NAG W . -3.70 -28.96 42.98
C5 NAG W . -4.03 -28.77 41.51
C6 NAG W . -4.11 -30.08 40.74
C7 NAG W . -6.20 -25.16 44.76
C8 NAG W . -6.06 -23.80 45.35
N2 NAG W . -5.13 -25.63 44.11
O3 NAG W . -3.56 -27.82 45.10
O4 NAG W . -2.40 -29.52 43.10
O5 NAG W . -5.31 -28.14 41.37
O6 NAG W . -5.45 -30.40 40.41
O7 NAG W . -7.24 -25.82 44.86
C1 NAG X . -39.61 -43.03 24.08
C2 NAG X . -39.85 -43.70 22.74
C3 NAG X . -39.20 -45.09 22.69
C4 NAG X . -38.30 -45.34 23.90
C5 NAG X . -37.52 -44.12 24.41
C6 NAG X . -36.18 -43.94 23.72
C7 NAG X . -42.30 -44.35 22.96
C8 NAG X . -42.03 -45.11 24.24
N2 NAG X . -41.27 -43.75 22.34
O3 NAG X . -38.44 -45.21 21.49
O4 NAG X . -39.05 -45.91 24.97
O5 NAG X . -38.23 -42.88 24.27
O6 NAG X . -35.41 -45.13 23.78
O7 NAG X . -43.43 -44.29 22.50
C1 NAG Y . -41.05 -30.32 33.27
C2 NAG Y . -40.32 -29.41 34.26
C3 NAG Y . -39.56 -30.25 35.28
C4 NAG Y . -40.51 -31.24 35.95
C5 NAG Y . -41.30 -32.04 34.90
C6 NAG Y . -42.36 -32.93 35.52
C7 NAG Y . -39.50 -27.16 33.71
C8 NAG Y . -38.49 -26.37 32.93
N2 NAG Y . -39.42 -28.49 33.58
O3 NAG Y . -38.97 -29.40 36.25
O4 NAG Y . -39.78 -32.13 36.78
O5 NAG Y . -41.95 -31.16 33.97
O6 NAG Y . -41.79 -33.91 36.38
O7 NAG Y . -40.34 -26.63 34.42
C1 NAG Z . -3.31 -11.29 -38.65
C2 NAG Z . -4.74 -10.90 -38.30
C3 NAG Z . -5.67 -11.22 -39.45
C4 NAG Z . -5.17 -10.57 -40.74
C5 NAG Z . -3.72 -10.97 -41.00
C6 NAG Z . -3.12 -10.28 -42.20
C7 NAG Z . -5.99 -11.03 -36.19
C8 NAG Z . -6.34 -11.88 -35.00
N2 NAG Z . -5.17 -11.59 -37.09
O3 NAG Z . -6.98 -10.74 -39.15
O4 NAG Z . -5.97 -10.97 -41.85
O5 NAG Z . -2.92 -10.63 -39.86
O6 NAG Z . -4.12 -9.73 -43.04
O7 NAG Z . -6.42 -9.89 -36.32
C1 NAG AA . 22.41 -41.01 4.24
C2 NAG AA . 22.64 -41.12 5.75
C3 NAG AA . 21.50 -41.87 6.42
C4 NAG AA . 21.13 -43.14 5.66
C5 NAG AA . 20.93 -42.85 4.17
C6 NAG AA . 19.56 -43.22 3.66
C7 NAG AA . 24.76 -41.34 6.97
C8 NAG AA . 24.35 -40.13 7.75
N2 NAG AA . 23.91 -41.76 6.03
O3 NAG AA . 20.36 -41.02 6.52
O4 NAG AA . 22.15 -44.11 5.81
O5 NAG AA . 21.09 -41.44 3.93
O6 NAG AA . 19.35 -42.74 2.34
O7 NAG AA . 25.83 -41.90 7.19
C1 NAG BA . -54.83 -20.06 -25.49
C2 NAG BA . -55.74 -19.15 -24.69
C3 NAG BA . -55.86 -17.78 -25.36
C4 NAG BA . -55.64 -17.85 -26.87
C5 NAG BA . -54.33 -18.56 -27.23
C6 NAG BA . -53.24 -17.61 -27.66
C7 NAG BA . -57.58 -20.00 -23.30
C8 NAG BA . -58.94 -20.63 -23.30
N2 NAG BA . -57.05 -19.76 -24.51
O3 NAG BA . -54.92 -16.89 -24.78
O4 NAG BA . -56.72 -18.52 -27.50
O5 NAG BA . -53.82 -19.29 -26.11
O6 NAG BA . -53.73 -16.63 -28.56
O7 NAG BA . -56.98 -19.73 -22.26
C1 NAG CA . -46.57 -32.37 -19.79
C2 NAG CA . -45.33 -33.27 -19.85
C3 NAG CA . -44.35 -32.77 -20.91
C4 NAG CA . -45.05 -32.60 -22.25
C5 NAG CA . -46.27 -31.70 -22.09
C6 NAG CA . -47.08 -31.56 -23.36
C7 NAG CA . -44.33 -34.52 -17.99
C8 NAG CA . -43.66 -34.41 -16.65
N2 NAG CA . -44.69 -33.36 -18.56
O3 NAG CA . -43.28 -33.69 -21.04
O4 NAG CA . -44.16 -32.02 -23.20
O5 NAG CA . -47.15 -32.24 -21.10
O6 NAG CA . -47.51 -32.83 -23.84
O7 NAG CA . -44.52 -35.60 -18.54
#